data_5VJH
#
_entry.id   5VJH
#
loop_
_entity.id
_entity.type
_entity.pdbx_description
1 polymer 'Heat shock protein 104'
2 polymer 'FITC casein'
3 non-polymer 'PHOSPHOTHIOPHOSPHORIC ACID-ADENYLATE ESTER'
#
loop_
_entity_poly.entity_id
_entity_poly.type
_entity_poly.pdbx_seq_one_letter_code
_entity_poly.pdbx_strand_id
1 'polypeptide(L)'
;MNDQTQFTERALTILTLAQKLASDHQHPQLQPIHILAAFIETPEDGSVPYLQNLIEKGRYDYDLFKKVVNRNLVRIPQQQ
PAPAEITPSYALGKVLQDAAKIQKQQKDSFIAQDHILFALFNDSSIQQIFKEAQVDIEAIKQQALELRGNTRIDSRGADT
NTPLEYLSKYAIDMTEQARQGKLDPVIGREEEIRSTIRVLARRIKSNPCLIGEPGIGKTAIIEGVAQRIIDDDVPTILQG
AKLFSLDLAALTAGAKYKGDFEERFKGVLKEIEESKTLIVLFIDEIHMLMGNGKDDAANILKPALSRGQLKVIGATTNNE
YRSIVEKDGAFERRFQKIEVAEPSVRQTVAILRGLQPKYEIHHGVRILDSALVTAAQLAKRYLPYRRLPDSALDLVDISC
AGVAVARDSKPEELDSKERQLQLIQVEIKALERDEDADSTTKDRLKLARQKEASLQEELEPLRQRYNEEKHGHEELTQAK
KKLDELENKALDAERRYDTATAADLRYFAIPDIKKQIEKLEDQVAEEERRAGANSMIQNVVDSDTISETAARLTGIPVKK
LSESENEKLIHMERDLSSEVVGQMDAIKAVSNAVRLSRSGLANPRQPASFLFLGLSGSGKTELAKKVAGFLFNDEDMMIR
VDCSELSEKYAVSKLLGTTAGYVGYDEGGFLTNQLQYKPYSVLLFDEVEKAHPDVLTVMLQMLDDGRITSGQGKTIDCSN
CIVIMTSNLGAEFINSQQGSKIQESTKNLVMGAVRQHFRPEFLNRISSIVIFNKLSRKAIHKIVDIRLKEIEERFEQNDK
HYKLNLTQEAKDFLAKYGYSDDMGARPLNRLIQNEILNKLALRILKNEIKDKETVNVVLKKGKSRDENVPEEAEECLEVL
PNHEATIGADTLGDDDNEDSMEIDDDLD
;
A,B,C,D,E,F
2 'polypeptide(L)'
;(UNK)(UNK)(UNK)(UNK)(UNK)(UNK)(UNK)(UNK)(UNK)(UNK)(UNK)(UNK)(UNK)(UNK)(UNK)(UNK)
(UNK)(UNK)(UNK)(UNK)(UNK)(UNK)(UNK)(UNK)(UNK)(UNK)
;
P
#
# COMPACT_ATOMS: atom_id res chain seq x y z
N GLU A 165 1.12 40.92 6.52
CA GLU A 165 -0.32 40.83 6.80
C GLU A 165 -0.89 39.58 6.16
N TYR A 166 -0.30 38.43 6.42
CA TYR A 166 -0.77 37.21 5.79
C TYR A 166 -2.15 36.82 6.27
N LEU A 167 -2.51 37.18 7.49
CA LEU A 167 -3.83 36.82 7.94
C LEU A 167 -4.88 37.55 7.12
N SER A 168 -4.54 38.70 6.54
CA SER A 168 -5.52 39.42 5.76
C SER A 168 -5.81 38.71 4.44
N LYS A 169 -4.99 37.71 4.10
CA LYS A 169 -5.17 36.99 2.87
C LYS A 169 -5.64 35.58 3.13
N TYR A 170 -5.18 34.99 4.23
CA TYR A 170 -5.51 33.61 4.48
C TYR A 170 -6.45 33.33 5.60
N ALA A 171 -7.00 34.33 6.26
CA ALA A 171 -7.90 33.99 7.32
C ALA A 171 -9.05 34.97 7.46
N ILE A 172 -10.15 34.45 7.98
CA ILE A 172 -11.32 35.27 8.18
C ILE A 172 -11.34 35.88 9.55
N ASP A 173 -11.40 37.20 9.62
CA ASP A 173 -11.36 37.81 10.93
C ASP A 173 -12.71 37.71 11.58
N MET A 174 -12.87 36.61 12.31
CA MET A 174 -14.14 36.24 12.90
C MET A 174 -14.53 37.23 13.93
N THR A 175 -13.54 37.78 14.62
CA THR A 175 -13.82 38.75 15.66
C THR A 175 -14.42 40.00 15.08
N GLU A 176 -13.84 40.51 14.02
CA GLU A 176 -14.41 41.72 13.50
C GLU A 176 -15.76 41.41 12.86
N GLN A 177 -15.91 40.24 12.25
CA GLN A 177 -17.23 39.97 11.72
C GLN A 177 -18.24 39.95 12.85
N ALA A 178 -17.85 39.40 14.01
CA ALA A 178 -18.77 39.37 15.12
C ALA A 178 -19.15 40.78 15.51
N ARG A 179 -18.16 41.66 15.57
CA ARG A 179 -18.40 43.04 15.95
C ARG A 179 -19.39 43.69 15.03
N GLN A 180 -19.27 43.38 13.74
CA GLN A 180 -20.09 43.95 12.71
C GLN A 180 -21.45 43.29 12.58
N GLY A 181 -21.73 42.25 13.35
CA GLY A 181 -23.01 41.58 13.27
C GLY A 181 -23.13 40.68 12.05
N LYS A 182 -22.00 40.25 11.50
CA LYS A 182 -22.02 39.40 10.31
C LYS A 182 -22.06 37.91 10.59
N LEU A 183 -22.13 37.53 11.85
CA LEU A 183 -22.17 36.12 12.19
C LEU A 183 -23.56 35.72 12.66
N ASP A 184 -23.94 34.49 12.40
CA ASP A 184 -25.24 33.98 12.85
C ASP A 184 -25.28 33.89 14.39
N PRO A 185 -26.44 34.14 15.03
CA PRO A 185 -26.66 33.93 16.45
C PRO A 185 -26.37 32.48 16.72
N VAL A 186 -25.85 32.15 17.87
CA VAL A 186 -25.54 30.76 18.14
C VAL A 186 -26.47 30.10 19.12
N ILE A 187 -27.01 28.97 18.71
CA ILE A 187 -28.00 28.27 19.52
C ILE A 187 -27.63 26.86 19.97
N GLY A 188 -27.74 26.63 21.28
CA GLY A 188 -27.52 25.30 21.86
C GLY A 188 -26.09 24.89 22.17
N ARG A 189 -25.14 25.78 21.96
CA ARG A 189 -23.75 25.41 22.18
C ARG A 189 -23.08 26.08 23.35
N GLU A 190 -23.84 26.54 24.33
CA GLU A 190 -23.21 27.25 25.43
C GLU A 190 -22.08 26.48 26.09
N GLU A 191 -22.23 25.19 26.32
CA GLU A 191 -21.16 24.47 26.99
C GLU A 191 -19.96 24.27 26.07
N GLU A 192 -20.20 24.11 24.77
CA GLU A 192 -19.08 23.93 23.86
C GLU A 192 -18.28 25.23 23.84
N ILE A 193 -18.99 26.33 23.90
CA ILE A 193 -18.37 27.63 23.91
C ILE A 193 -17.60 27.80 25.19
N ARG A 194 -18.22 27.45 26.31
CA ARG A 194 -17.51 27.57 27.57
C ARG A 194 -16.28 26.69 27.58
N SER A 195 -16.39 25.50 27.02
CA SER A 195 -15.27 24.60 26.98
C SER A 195 -14.17 25.11 26.09
N THR A 196 -14.53 25.69 24.97
CA THR A 196 -13.52 26.20 24.07
C THR A 196 -12.77 27.30 24.80
N ILE A 197 -13.51 28.17 25.44
CA ILE A 197 -12.91 29.23 26.18
C ILE A 197 -12.07 28.71 27.32
N ARG A 198 -12.58 27.73 28.04
CA ARG A 198 -11.87 27.16 29.15
C ARG A 198 -10.51 26.72 28.71
N VAL A 199 -10.46 26.05 27.59
CA VAL A 199 -9.18 25.59 27.16
C VAL A 199 -8.31 26.77 26.76
N LEU A 200 -8.85 27.74 26.05
CA LEU A 200 -8.04 28.87 25.65
C LEU A 200 -7.50 29.66 26.83
N ALA A 201 -8.24 29.64 27.93
CA ALA A 201 -7.84 30.35 29.13
C ALA A 201 -6.58 29.74 29.76
N ARG A 202 -6.26 28.49 29.39
CA ARG A 202 -5.12 27.78 29.94
C ARG A 202 -3.82 28.47 29.62
N ARG A 203 -2.85 28.26 30.49
CA ARG A 203 -1.53 28.80 30.28
C ARG A 203 -0.76 28.07 29.18
N ILE A 204 -0.78 26.73 29.26
CA ILE A 204 0.00 25.85 28.40
C ILE A 204 -0.80 24.98 27.46
N LYS A 205 -0.40 24.92 26.20
CA LYS A 205 -1.10 24.10 25.22
C LYS A 205 -2.56 24.36 25.19
N SER A 206 -2.91 25.61 25.13
CA SER A 206 -4.28 26.01 25.18
C SER A 206 -4.89 25.87 23.80
N ASN A 207 -5.01 24.63 23.37
CA ASN A 207 -5.40 24.36 22.01
C ASN A 207 -6.54 23.38 21.91
N PRO A 208 -7.79 23.80 22.08
CA PRO A 208 -8.93 22.94 22.03
C PRO A 208 -9.14 22.48 20.63
N CYS A 209 -9.87 21.41 20.44
CA CYS A 209 -10.24 20.97 19.10
C CYS A 209 -11.69 20.51 19.02
N LEU A 210 -12.44 21.03 18.04
CA LEU A 210 -13.86 20.70 17.90
C LEU A 210 -14.03 19.48 17.03
N ILE A 211 -14.27 18.37 17.68
CA ILE A 211 -14.30 17.09 17.03
C ILE A 211 -15.71 16.61 16.78
N GLY A 212 -15.99 16.26 15.52
CA GLY A 212 -17.34 15.85 15.15
C GLY A 212 -17.60 16.01 13.66
N GLU A 213 -18.77 15.58 13.24
CA GLU A 213 -19.15 15.60 11.85
C GLU A 213 -19.25 16.99 11.25
N PRO A 214 -18.99 17.17 9.96
CA PRO A 214 -19.14 18.42 9.28
C PRO A 214 -20.60 18.68 9.24
N GLY A 215 -20.98 19.93 9.29
CA GLY A 215 -22.38 20.26 9.21
C GLY A 215 -23.09 20.30 10.57
N ILE A 216 -22.42 20.01 11.69
CA ILE A 216 -23.14 20.04 12.95
C ILE A 216 -23.07 21.37 13.71
N GLY A 217 -22.55 22.42 13.09
CA GLY A 217 -22.48 23.72 13.73
C GLY A 217 -21.13 23.99 14.41
N LYS A 218 -20.08 23.30 14.01
CA LYS A 218 -18.80 23.57 14.65
C LYS A 218 -18.43 25.03 14.44
N THR A 219 -18.74 25.58 13.28
CA THR A 219 -18.44 26.98 13.07
C THR A 219 -19.23 27.80 14.05
N ALA A 220 -20.43 27.34 14.40
CA ALA A 220 -21.29 28.11 15.26
C ALA A 220 -20.62 28.26 16.59
N ILE A 221 -19.93 27.23 17.01
CA ILE A 221 -19.28 27.30 18.29
C ILE A 221 -18.25 28.41 18.24
N ILE A 222 -17.50 28.46 17.15
CA ILE A 222 -16.47 29.46 17.01
C ILE A 222 -17.06 30.83 16.94
N GLU A 223 -18.14 30.95 16.20
CA GLU A 223 -18.80 32.23 16.06
C GLU A 223 -19.30 32.68 17.42
N GLY A 224 -19.74 31.72 18.21
CA GLY A 224 -20.22 31.96 19.56
C GLY A 224 -19.11 32.55 20.36
N VAL A 225 -17.94 31.92 20.32
CA VAL A 225 -16.82 32.42 21.06
C VAL A 225 -16.46 33.81 20.58
N ALA A 226 -16.45 34.01 19.28
CA ALA A 226 -16.12 35.33 18.77
C ALA A 226 -17.05 36.36 19.36
N GLN A 227 -18.32 36.03 19.47
CA GLN A 227 -19.25 36.95 20.03
C GLN A 227 -18.94 37.17 21.50
N ARG A 228 -18.47 36.13 22.19
CA ARG A 228 -18.16 36.30 23.61
C ARG A 228 -17.07 37.33 23.74
N ILE A 229 -16.12 37.32 22.79
CA ILE A 229 -15.05 38.29 22.86
C ILE A 229 -15.60 39.68 22.67
N ILE A 230 -16.45 39.84 21.70
CA ILE A 230 -17.01 41.16 21.44
C ILE A 230 -17.77 41.71 22.63
N ASP A 231 -18.48 40.85 23.32
CA ASP A 231 -19.26 41.27 24.45
C ASP A 231 -18.52 41.22 25.78
N ASP A 232 -17.22 40.92 25.75
CA ASP A 232 -16.38 40.84 26.94
C ASP A 232 -16.88 39.83 27.99
N ASP A 233 -17.33 38.67 27.52
CA ASP A 233 -17.80 37.55 28.36
C ASP A 233 -16.73 36.48 28.39
N VAL A 234 -15.53 36.95 28.20
CA VAL A 234 -14.30 36.20 28.05
C VAL A 234 -13.28 36.40 29.19
N PRO A 235 -12.62 35.35 29.66
CA PRO A 235 -11.59 35.37 30.67
C PRO A 235 -10.53 36.38 30.36
N THR A 236 -10.02 37.00 31.38
CA THR A 236 -9.07 38.09 31.28
C THR A 236 -8.07 38.03 30.14
N ILE A 237 -7.27 36.99 30.07
CA ILE A 237 -6.20 36.98 29.09
C ILE A 237 -6.70 36.88 27.66
N LEU A 238 -7.95 36.52 27.50
CA LEU A 238 -8.53 36.33 26.20
C LEU A 238 -9.37 37.52 25.77
N GLN A 239 -9.56 38.49 26.66
CA GLN A 239 -10.48 39.58 26.37
C GLN A 239 -10.06 40.42 25.17
N GLY A 240 -8.78 40.61 25.00
CA GLY A 240 -8.27 41.41 23.89
C GLY A 240 -7.93 40.55 22.69
N ALA A 241 -8.36 39.28 22.71
CA ALA A 241 -8.00 38.36 21.66
C ALA A 241 -8.70 38.63 20.36
N LYS A 242 -8.04 38.27 19.29
CA LYS A 242 -8.65 38.32 17.98
C LYS A 242 -8.66 36.92 17.37
N LEU A 243 -9.76 36.56 16.73
CA LEU A 243 -9.89 35.26 16.12
C LEU A 243 -9.88 35.27 14.61
N PHE A 244 -9.08 34.36 14.06
CA PHE A 244 -8.95 34.23 12.64
C PHE A 244 -9.12 32.80 12.17
N SER A 245 -10.06 32.58 11.27
CA SER A 245 -10.26 31.23 10.75
C SER A 245 -9.35 31.01 9.59
N LEU A 246 -8.39 30.11 9.75
CA LEU A 246 -7.34 29.92 8.77
C LEU A 246 -7.73 28.88 7.73
N ASP A 247 -7.68 29.30 6.49
CA ASP A 247 -8.04 28.47 5.36
C ASP A 247 -6.86 27.66 4.81
N LEU A 248 -6.77 26.41 5.23
CA LEU A 248 -5.66 25.57 4.84
C LEU A 248 -5.67 25.28 3.36
N ALA A 249 -6.85 25.32 2.76
CA ALA A 249 -6.90 25.01 1.35
C ALA A 249 -6.28 26.15 0.60
N ALA A 250 -6.62 27.37 1.01
CA ALA A 250 -6.11 28.55 0.33
C ALA A 250 -4.60 28.59 0.46
N LEU A 251 -4.10 28.23 1.62
CA LEU A 251 -2.67 28.24 1.82
C LEU A 251 -1.92 27.26 0.94
N THR A 252 -2.49 26.08 0.69
CA THR A 252 -1.78 25.09 -0.12
C THR A 252 -2.14 25.06 -1.62
N ALA A 253 -3.32 25.53 -2.00
CA ALA A 253 -3.72 25.46 -3.38
C ALA A 253 -2.77 26.23 -4.28
N GLY A 254 -2.24 25.56 -5.31
CA GLY A 254 -1.35 26.22 -6.26
C GLY A 254 0.09 26.43 -5.76
N ALA A 255 0.41 25.81 -4.63
CA ALA A 255 1.73 25.91 -4.00
C ALA A 255 2.91 25.49 -4.89
N LYS A 256 2.81 24.28 -5.44
CA LYS A 256 3.85 23.71 -6.31
C LYS A 256 5.25 23.67 -5.70
N TYR A 257 5.95 24.80 -5.81
CA TYR A 257 7.32 24.97 -5.36
C TYR A 257 7.66 24.37 -4.00
N LYS A 258 8.95 24.12 -3.81
CA LYS A 258 9.48 23.52 -2.58
C LYS A 258 8.92 24.13 -1.30
N GLY A 259 9.28 25.38 -1.04
CA GLY A 259 8.83 26.05 0.17
C GLY A 259 7.80 27.13 -0.04
N ASP A 260 6.92 26.97 -1.02
CA ASP A 260 5.91 28.01 -1.24
C ASP A 260 4.92 28.04 -0.08
N PHE A 261 4.31 26.89 0.18
CA PHE A 261 3.37 26.76 1.27
C PHE A 261 3.96 27.09 2.60
N GLU A 262 5.13 26.50 2.82
CA GLU A 262 5.88 26.64 4.05
C GLU A 262 6.09 28.09 4.39
N GLU A 263 6.37 28.91 3.38
CA GLU A 263 6.57 30.30 3.67
C GLU A 263 5.27 30.96 4.05
N ARG A 264 4.19 30.65 3.35
CA ARG A 264 2.94 31.29 3.71
C ARG A 264 2.46 30.91 5.09
N PHE A 265 2.63 29.64 5.42
CA PHE A 265 2.13 29.23 6.70
C PHE A 265 2.97 29.86 7.77
N LYS A 266 4.29 29.83 7.59
CA LYS A 266 5.14 30.40 8.59
C LYS A 266 4.81 31.88 8.67
N GLY A 267 4.46 32.46 7.54
CA GLY A 267 4.05 33.85 7.46
C GLY A 267 2.96 34.13 8.48
N VAL A 268 1.87 33.36 8.45
CA VAL A 268 0.81 33.65 9.42
C VAL A 268 1.29 33.32 10.82
N LEU A 269 2.18 32.36 10.98
CA LEU A 269 2.60 32.11 12.35
C LEU A 269 3.37 33.29 12.88
N LYS A 270 4.17 33.92 12.04
CA LYS A 270 4.94 35.03 12.53
C LYS A 270 4.02 36.17 12.90
N GLU A 271 3.02 36.44 12.07
CA GLU A 271 2.12 37.55 12.38
C GLU A 271 1.49 37.34 13.76
N ILE A 272 1.17 36.09 14.08
CA ILE A 272 0.61 35.74 15.37
C ILE A 272 1.59 35.94 16.50
N GLU A 273 2.82 35.50 16.32
CA GLU A 273 3.83 35.64 17.36
C GLU A 273 4.25 37.11 17.56
N GLU A 274 4.19 37.89 16.51
CA GLU A 274 4.68 39.25 16.52
C GLU A 274 3.79 40.32 17.15
N SER A 275 3.78 40.33 18.49
CA SER A 275 3.16 41.37 19.35
C SER A 275 1.66 41.71 19.26
N LYS A 276 1.05 41.56 18.10
CA LYS A 276 -0.30 42.07 17.88
C LYS A 276 -1.37 41.36 18.67
N THR A 277 -1.45 41.72 19.96
CA THR A 277 -2.35 41.15 20.96
C THR A 277 -2.34 39.64 20.84
N LEU A 278 -3.28 39.01 21.51
CA LEU A 278 -3.40 37.57 21.42
C LEU A 278 -4.22 37.19 20.23
N ILE A 279 -3.65 36.38 19.39
CA ILE A 279 -4.34 35.90 18.24
C ILE A 279 -4.51 34.42 18.34
N VAL A 280 -5.73 34.00 18.14
CA VAL A 280 -6.07 32.61 18.22
C VAL A 280 -6.63 32.18 16.89
N LEU A 281 -6.16 31.06 16.39
CA LEU A 281 -6.65 30.57 15.12
C LEU A 281 -7.75 29.58 15.20
N PHE A 282 -8.56 29.54 14.16
CA PHE A 282 -9.51 28.46 13.98
C PHE A 282 -9.12 27.68 12.75
N ILE A 283 -8.76 26.42 12.91
CA ILE A 283 -8.26 25.69 11.77
C ILE A 283 -9.29 24.89 11.01
N ASP A 284 -9.36 25.12 9.70
CA ASP A 284 -10.32 24.41 8.87
C ASP A 284 -9.87 22.98 8.60
N GLU A 285 -10.07 22.14 9.60
CA GLU A 285 -9.71 20.73 9.67
C GLU A 285 -8.23 20.55 9.97
N ILE A 286 -7.97 20.38 11.25
CA ILE A 286 -6.64 20.25 11.80
C ILE A 286 -5.92 19.00 11.31
N HIS A 287 -6.68 17.95 10.97
CA HIS A 287 -6.07 16.71 10.53
C HIS A 287 -5.39 16.87 9.18
N MET A 288 -5.62 17.96 8.49
CA MET A 288 -4.99 18.12 7.20
C MET A 288 -3.53 18.47 7.35
N LEU A 289 -3.11 18.68 8.59
CA LEU A 289 -1.74 19.02 8.87
C LEU A 289 -0.92 17.80 9.31
N MET A 290 -1.48 16.58 9.12
CA MET A 290 -0.77 15.33 9.42
C MET A 290 0.52 15.21 8.62
N GLY A 291 0.40 15.49 7.33
CA GLY A 291 1.53 15.41 6.42
C GLY A 291 1.95 13.98 6.22
N ASN A 292 3.02 13.81 5.46
CA ASN A 292 3.58 12.49 5.22
C ASN A 292 4.54 12.17 6.34
N GLY A 293 4.01 12.13 7.56
CA GLY A 293 4.83 11.95 8.75
C GLY A 293 5.47 13.29 9.08
N LYS A 294 4.65 14.34 9.23
CA LYS A 294 5.19 15.69 9.35
C LYS A 294 6.00 15.91 8.11
N ASP A 295 7.30 16.17 8.21
CA ASP A 295 8.09 16.41 7.01
C ASP A 295 7.44 17.48 6.13
N ASP A 296 6.57 17.05 5.24
CA ASP A 296 5.81 17.89 4.31
C ASP A 296 4.82 18.81 5.03
N ALA A 297 4.44 18.45 6.25
CA ALA A 297 3.59 19.32 7.08
C ALA A 297 4.48 20.08 8.07
N ALA A 298 5.79 20.03 7.82
CA ALA A 298 6.85 20.74 8.51
C ALA A 298 6.58 21.08 9.98
N ASN A 299 6.74 22.37 10.26
CA ASN A 299 6.54 23.06 11.51
C ASN A 299 5.17 23.66 11.58
N ILE A 300 4.30 23.16 10.74
CA ILE A 300 3.00 23.78 10.61
C ILE A 300 2.17 23.48 11.83
N LEU A 301 2.23 24.43 12.75
CA LEU A 301 1.66 24.38 14.09
C LEU A 301 2.32 23.33 14.95
N LYS A 302 3.62 23.11 14.74
CA LYS A 302 4.29 22.17 15.60
C LYS A 302 4.87 22.94 16.81
N PRO A 303 6.01 22.54 17.38
CA PRO A 303 6.37 22.86 18.78
C PRO A 303 6.02 24.22 19.37
N ALA A 304 5.95 25.28 18.59
CA ALA A 304 5.63 26.59 19.15
C ALA A 304 4.28 26.51 19.81
N LEU A 305 3.43 25.70 19.21
CA LEU A 305 2.07 25.44 19.60
C LEU A 305 1.96 25.01 21.04
N SER A 306 2.99 24.35 21.55
CA SER A 306 2.91 23.85 22.89
C SER A 306 3.11 24.90 23.97
N ARG A 307 3.74 26.02 23.64
CA ARG A 307 4.09 26.99 24.68
C ARG A 307 4.01 28.46 24.25
N GLY A 308 4.49 28.78 23.05
CA GLY A 308 4.72 30.16 22.64
C GLY A 308 3.46 30.85 22.16
N GLN A 309 2.49 30.94 23.04
CA GLN A 309 1.19 31.45 22.67
C GLN A 309 0.76 30.65 21.45
N LEU A 310 0.45 31.31 20.33
CA LEU A 310 0.00 30.59 19.16
C LEU A 310 -1.14 29.68 19.48
N LYS A 311 -2.10 30.15 20.22
CA LYS A 311 -3.20 29.30 20.57
C LYS A 311 -4.01 28.94 19.35
N VAL A 312 -4.35 27.67 19.23
CA VAL A 312 -5.12 27.21 18.11
C VAL A 312 -6.34 26.43 18.50
N ILE A 313 -7.45 26.77 17.90
CA ILE A 313 -8.65 26.01 18.08
C ILE A 313 -8.75 25.14 16.85
N GLY A 314 -8.66 23.84 17.03
CA GLY A 314 -8.70 22.98 15.87
C GLY A 314 -10.10 22.49 15.68
N ALA A 315 -10.28 21.65 14.70
CA ALA A 315 -11.55 21.02 14.42
C ALA A 315 -11.29 19.87 13.50
N THR A 316 -12.09 18.82 13.60
CA THR A 316 -11.98 17.72 12.66
C THR A 316 -13.06 16.67 12.77
N THR A 317 -13.33 16.01 11.65
CA THR A 317 -14.16 14.79 11.69
C THR A 317 -13.52 13.83 12.68
N ASN A 318 -14.31 13.23 13.56
CA ASN A 318 -13.78 12.33 14.57
C ASN A 318 -12.93 11.20 14.02
N ASN A 319 -13.28 10.70 12.86
CA ASN A 319 -12.51 9.61 12.32
C ASN A 319 -11.10 10.04 11.95
N GLU A 320 -10.98 11.31 11.60
CA GLU A 320 -9.72 11.79 11.16
C GLU A 320 -8.93 12.19 12.39
N TYR A 321 -9.65 12.58 13.44
CA TYR A 321 -8.99 12.92 14.69
C TYR A 321 -8.22 11.70 15.08
N ARG A 322 -8.90 10.57 15.05
CA ARG A 322 -8.24 9.35 15.40
C ARG A 322 -6.98 9.15 14.56
N SER A 323 -7.08 9.32 13.25
CA SER A 323 -5.88 9.12 12.43
C SER A 323 -4.74 10.10 12.78
N ILE A 324 -5.03 11.38 12.99
CA ILE A 324 -3.94 12.28 13.36
C ILE A 324 -3.33 11.93 14.70
N VAL A 325 -4.09 11.42 15.61
CA VAL A 325 -3.48 11.00 16.84
C VAL A 325 -2.58 9.80 16.68
N GLU A 326 -3.10 8.78 16.02
CA GLU A 326 -2.35 7.54 15.89
C GLU A 326 -1.10 7.69 15.07
N LYS A 327 -1.13 8.55 14.07
CA LYS A 327 0.00 8.73 13.21
C LYS A 327 0.91 9.88 13.64
N ASP A 328 0.72 10.44 14.85
CA ASP A 328 1.56 11.56 15.28
C ASP A 328 1.99 11.50 16.74
N GLY A 329 1.07 11.29 17.68
CA GLY A 329 1.44 11.29 19.10
C GLY A 329 1.58 12.70 19.67
N ALA A 330 2.54 13.45 19.16
CA ALA A 330 2.76 14.81 19.64
C ALA A 330 1.50 15.64 19.47
N PHE A 331 0.78 15.45 18.37
CA PHE A 331 -0.44 16.17 18.14
C PHE A 331 -1.36 16.01 19.34
N GLU A 332 -1.52 14.78 19.80
CA GLU A 332 -2.34 14.49 20.94
C GLU A 332 -1.82 15.23 22.14
N ARG A 333 -0.51 15.32 22.29
CA ARG A 333 0.04 16.02 23.44
C ARG A 333 -0.25 17.53 23.39
N ARG A 334 -0.39 18.05 22.18
CA ARG A 334 -0.64 19.46 21.93
C ARG A 334 -2.10 19.91 21.96
N PHE A 335 -3.03 19.06 21.53
CA PHE A 335 -4.44 19.44 21.50
C PHE A 335 -5.33 18.84 22.57
N GLN A 336 -6.34 19.59 22.95
CA GLN A 336 -7.32 19.09 23.91
C GLN A 336 -8.64 18.86 23.20
N LYS A 337 -9.18 17.68 23.37
CA LYS A 337 -10.40 17.37 22.68
C LYS A 337 -11.62 18.06 23.24
N ILE A 338 -12.46 18.56 22.36
CA ILE A 338 -13.82 18.97 22.68
C ILE A 338 -14.73 18.28 21.71
N GLU A 339 -15.60 17.43 22.19
CA GLU A 339 -16.42 16.72 21.23
C GLU A 339 -17.70 17.49 21.04
N VAL A 340 -18.19 17.52 19.81
CA VAL A 340 -19.40 18.25 19.52
C VAL A 340 -20.46 17.34 18.93
N ALA A 341 -21.59 17.21 19.60
CA ALA A 341 -22.66 16.33 19.12
C ALA A 341 -23.60 17.03 18.14
N GLU A 342 -24.18 16.26 17.23
CA GLU A 342 -25.23 16.74 16.33
C GLU A 342 -26.53 16.99 17.13
N PRO A 343 -27.24 18.13 16.94
CA PRO A 343 -28.52 18.46 17.57
C PRO A 343 -29.61 17.47 17.23
N SER A 344 -30.55 17.27 18.14
CA SER A 344 -31.72 16.43 17.89
C SER A 344 -32.68 17.19 17.01
N VAL A 345 -33.74 16.55 16.53
CA VAL A 345 -34.68 17.28 15.69
C VAL A 345 -35.27 18.46 16.46
N ARG A 346 -35.67 18.23 17.70
CA ARG A 346 -36.20 19.34 18.48
C ARG A 346 -35.17 20.45 18.62
N GLN A 347 -33.93 20.08 18.95
CA GLN A 347 -32.92 21.09 19.13
C GLN A 347 -32.70 21.81 17.83
N THR A 348 -32.77 21.08 16.75
CA THR A 348 -32.59 21.66 15.45
C THR A 348 -33.63 22.72 15.30
N VAL A 349 -34.86 22.41 15.67
CA VAL A 349 -35.89 23.41 15.57
C VAL A 349 -35.55 24.61 16.43
N ALA A 350 -35.04 24.39 17.62
CA ALA A 350 -34.69 25.53 18.43
C ALA A 350 -33.69 26.41 17.68
N ILE A 351 -32.75 25.79 16.98
CA ILE A 351 -31.76 26.53 16.22
C ILE A 351 -32.45 27.30 15.14
N LEU A 352 -33.36 26.62 14.47
CA LEU A 352 -34.02 27.24 13.36
C LEU A 352 -34.77 28.45 13.86
N ARG A 353 -35.38 28.35 15.05
CA ARG A 353 -36.14 29.45 15.63
C ARG A 353 -35.25 30.62 15.95
N GLY A 354 -34.07 30.33 16.47
CA GLY A 354 -33.16 31.41 16.79
C GLY A 354 -32.77 32.18 15.52
N LEU A 355 -32.65 31.45 14.42
CA LEU A 355 -32.24 32.05 13.17
C LEU A 355 -33.41 32.52 12.33
N GLN A 356 -34.61 32.12 12.68
CA GLN A 356 -35.80 32.49 11.93
C GLN A 356 -35.82 33.96 11.49
N PRO A 357 -35.62 34.99 12.35
CA PRO A 357 -35.68 36.37 11.95
C PRO A 357 -34.59 36.75 10.94
N LYS A 358 -33.51 35.97 10.89
CA LYS A 358 -32.47 36.32 9.95
C LYS A 358 -32.90 35.92 8.56
N TYR A 359 -33.70 34.87 8.49
CA TYR A 359 -34.15 34.43 7.20
C TYR A 359 -35.27 35.31 6.76
N GLU A 360 -36.11 35.70 7.71
CA GLU A 360 -37.23 36.54 7.36
C GLU A 360 -36.74 37.86 6.80
N ILE A 361 -35.71 38.42 7.45
CA ILE A 361 -35.13 39.68 7.00
C ILE A 361 -34.44 39.54 5.66
N HIS A 362 -33.60 38.54 5.51
CA HIS A 362 -32.87 38.37 4.27
C HIS A 362 -33.80 38.18 3.07
N HIS A 363 -34.71 37.24 3.19
CA HIS A 363 -35.59 36.90 2.09
C HIS A 363 -36.75 37.86 1.91
N GLY A 364 -37.18 38.52 2.97
CA GLY A 364 -38.33 39.39 2.85
C GLY A 364 -39.60 38.54 2.85
N VAL A 365 -39.63 37.55 3.72
CA VAL A 365 -40.73 36.60 3.83
C VAL A 365 -41.19 36.42 5.27
N ARG A 366 -42.29 35.72 5.45
CA ARG A 366 -42.80 35.32 6.76
C ARG A 366 -42.62 33.83 6.97
N ILE A 367 -41.94 33.42 8.04
CA ILE A 367 -41.74 31.98 8.22
C ILE A 367 -42.62 31.42 9.29
N LEU A 368 -43.42 30.43 8.94
CA LEU A 368 -44.31 29.88 9.94
C LEU A 368 -43.49 29.11 10.96
N ASP A 369 -43.81 29.22 12.25
CA ASP A 369 -43.04 28.48 13.24
C ASP A 369 -43.07 26.98 12.94
N SER A 370 -44.22 26.53 12.49
CA SER A 370 -44.39 25.14 12.14
C SER A 370 -43.54 24.74 10.95
N ALA A 371 -43.13 25.70 10.12
CA ALA A 371 -42.31 25.40 8.97
C ALA A 371 -40.97 25.00 9.45
N LEU A 372 -40.55 25.62 10.53
CA LEU A 372 -39.24 25.30 11.00
C LEU A 372 -39.30 23.84 11.47
N VAL A 373 -40.42 23.49 12.08
CA VAL A 373 -40.57 22.14 12.58
C VAL A 373 -40.59 21.10 11.50
N THR A 374 -41.40 21.32 10.48
CA THR A 374 -41.47 20.30 9.47
C THR A 374 -40.17 20.21 8.72
N ALA A 375 -39.43 21.30 8.59
CA ALA A 375 -38.16 21.21 7.91
C ALA A 375 -37.25 20.28 8.66
N ALA A 376 -37.19 20.42 9.97
CA ALA A 376 -36.32 19.57 10.73
C ALA A 376 -36.73 18.10 10.62
N GLN A 377 -38.03 17.85 10.62
CA GLN A 377 -38.48 16.48 10.53
C GLN A 377 -38.11 15.84 9.20
N LEU A 378 -38.29 16.60 8.13
CA LEU A 378 -37.98 16.08 6.81
C LEU A 378 -36.51 15.93 6.65
N ALA A 379 -35.76 16.83 7.26
CA ALA A 379 -34.34 16.78 7.15
C ALA A 379 -33.85 15.45 7.64
N LYS A 380 -34.39 15.02 8.76
CA LYS A 380 -33.94 13.77 9.32
C LYS A 380 -34.33 12.59 8.46
N ARG A 381 -35.55 12.60 7.98
CA ARG A 381 -36.05 11.46 7.24
C ARG A 381 -35.59 11.33 5.81
N TYR A 382 -35.47 12.44 5.10
CA TYR A 382 -35.16 12.34 3.70
C TYR A 382 -33.80 12.85 3.25
N LEU A 383 -33.05 13.54 4.09
CA LEU A 383 -31.74 13.99 3.65
C LEU A 383 -30.66 13.60 4.67
N PRO A 384 -30.57 12.31 5.05
CA PRO A 384 -29.74 11.77 6.14
C PRO A 384 -28.26 11.91 5.94
N TYR A 385 -27.87 12.19 4.72
CA TYR A 385 -26.47 12.37 4.40
C TYR A 385 -25.96 13.68 4.97
N ARG A 386 -26.89 14.57 5.32
CA ARG A 386 -26.57 15.87 5.89
C ARG A 386 -26.87 15.86 7.37
N ARG A 387 -26.23 16.73 8.11
CA ARG A 387 -26.51 16.78 9.53
C ARG A 387 -27.75 17.61 9.76
N LEU A 388 -28.46 17.38 10.83
CA LEU A 388 -29.70 18.14 10.99
C LEU A 388 -29.61 19.65 10.94
N PRO A 389 -28.65 20.33 11.59
CA PRO A 389 -28.56 21.76 11.51
C PRO A 389 -28.17 22.23 10.12
N ASP A 390 -27.61 21.34 9.31
CA ASP A 390 -27.22 21.69 7.96
C ASP A 390 -28.46 21.60 7.10
N SER A 391 -29.06 20.44 7.10
CA SER A 391 -30.18 20.14 6.25
C SER A 391 -31.39 20.99 6.55
N ALA A 392 -31.75 21.11 7.82
CA ALA A 392 -32.94 21.85 8.13
C ALA A 392 -32.80 23.30 7.70
N LEU A 393 -31.61 23.87 7.89
CA LEU A 393 -31.43 25.23 7.46
C LEU A 393 -31.49 25.33 5.96
N ASP A 394 -30.97 24.35 5.25
CA ASP A 394 -31.11 24.44 3.82
C ASP A 394 -32.58 24.37 3.45
N LEU A 395 -33.35 23.52 4.10
CA LEU A 395 -34.75 23.47 3.74
C LEU A 395 -35.43 24.80 4.01
N VAL A 396 -35.13 25.42 5.13
CA VAL A 396 -35.76 26.69 5.41
C VAL A 396 -35.31 27.77 4.45
N ASP A 397 -33.99 27.92 4.29
CA ASP A 397 -33.49 28.99 3.46
C ASP A 397 -33.91 28.81 2.02
N ILE A 398 -34.00 27.57 1.56
CA ILE A 398 -34.41 27.31 0.19
C ILE A 398 -35.88 27.58 -0.01
N SER A 399 -36.72 27.15 0.92
CA SER A 399 -38.15 27.42 0.77
C SER A 399 -38.38 28.91 0.77
N CYS A 400 -37.67 29.63 1.62
CA CYS A 400 -37.83 31.05 1.69
C CYS A 400 -37.40 31.67 0.38
N ALA A 401 -36.30 31.19 -0.19
CA ALA A 401 -35.87 31.68 -1.48
C ALA A 401 -36.95 31.40 -2.50
N GLY A 402 -37.52 30.21 -2.44
CA GLY A 402 -38.56 29.78 -3.36
C GLY A 402 -39.69 30.78 -3.35
N VAL A 403 -40.18 31.08 -2.15
CA VAL A 403 -41.27 32.01 -2.02
C VAL A 403 -40.87 33.38 -2.52
N ALA A 404 -39.70 33.87 -2.14
CA ALA A 404 -39.29 35.20 -2.60
C ALA A 404 -39.19 35.25 -4.11
N VAL A 405 -38.67 34.19 -4.72
CA VAL A 405 -38.53 34.21 -6.16
C VAL A 405 -39.88 34.16 -6.84
N ALA A 406 -40.69 33.17 -6.46
CA ALA A 406 -41.97 33.00 -7.11
C ALA A 406 -42.86 34.18 -6.89
N ARG A 407 -42.89 34.67 -5.66
CA ARG A 407 -43.71 35.81 -5.34
C ARG A 407 -43.34 36.99 -6.18
N ASP A 408 -42.06 37.29 -6.23
CA ASP A 408 -41.61 38.48 -6.91
C ASP A 408 -41.63 38.34 -8.43
N SER A 409 -41.69 37.10 -8.94
CA SER A 409 -41.73 36.88 -10.38
C SER A 409 -43.01 37.43 -11.04
N LYS A 410 -44.07 37.71 -10.24
CA LYS A 410 -45.35 38.19 -10.76
C LYS A 410 -46.43 38.23 -9.69
N GLN A 538 -45.49 35.79 0.76
CA GLN A 538 -44.48 35.82 1.83
C GLN A 538 -44.68 34.64 2.74
N ASN A 539 -45.69 33.88 2.45
CA ASN A 539 -46.05 32.82 3.38
C ASN A 539 -45.26 31.56 3.20
N VAL A 540 -44.19 31.42 3.97
CA VAL A 540 -43.39 30.23 3.83
C VAL A 540 -44.08 29.14 4.62
N VAL A 541 -45.02 28.52 3.93
CA VAL A 541 -45.91 27.53 4.49
C VAL A 541 -45.20 26.23 4.83
N ASP A 542 -45.47 25.81 6.05
CA ASP A 542 -44.92 24.63 6.69
C ASP A 542 -45.16 23.31 6.00
N SER A 543 -46.24 23.27 5.28
CA SER A 543 -46.61 22.14 4.51
C SER A 543 -46.05 22.35 3.10
N ASP A 544 -46.73 23.15 2.31
CA ASP A 544 -46.40 23.39 0.92
C ASP A 544 -45.01 23.90 0.56
N THR A 545 -44.44 24.87 1.27
CA THR A 545 -43.16 25.34 0.72
C THR A 545 -42.07 24.45 1.19
N ILE A 546 -42.28 23.85 2.33
CA ILE A 546 -41.28 22.96 2.85
C ILE A 546 -41.31 21.68 2.03
N SER A 547 -42.52 21.21 1.74
CA SER A 547 -42.65 19.99 0.99
C SER A 547 -42.11 20.14 -0.41
N GLU A 548 -42.43 21.25 -1.09
CA GLU A 548 -41.95 21.40 -2.45
C GLU A 548 -40.45 21.48 -2.49
N THR A 549 -39.86 22.17 -1.52
CA THR A 549 -38.43 22.22 -1.50
C THR A 549 -37.89 20.84 -1.30
N ALA A 550 -38.44 20.14 -0.32
CA ALA A 550 -37.92 18.84 -0.05
C ALA A 550 -38.05 17.97 -1.27
N ALA A 551 -39.16 18.08 -1.99
CA ALA A 551 -39.34 17.22 -3.14
C ALA A 551 -38.22 17.39 -4.12
N ARG A 552 -37.84 18.64 -4.35
CA ARG A 552 -36.76 18.92 -5.27
C ARG A 552 -35.43 18.39 -4.77
N LEU A 553 -35.20 18.46 -3.47
CA LEU A 553 -33.95 17.99 -2.90
C LEU A 553 -33.87 16.49 -2.75
N THR A 554 -35.02 15.85 -2.59
CA THR A 554 -35.09 14.43 -2.31
C THR A 554 -35.43 13.56 -3.51
N GLY A 555 -36.01 14.15 -4.56
CA GLY A 555 -36.41 13.34 -5.71
C GLY A 555 -37.72 12.61 -5.41
N ILE A 556 -38.49 13.19 -4.50
CA ILE A 556 -39.74 12.62 -4.08
C ILE A 556 -40.89 13.59 -4.33
N PRO A 557 -41.87 13.26 -5.15
CA PRO A 557 -42.97 14.14 -5.47
C PRO A 557 -43.69 14.59 -4.24
N VAL A 558 -44.29 15.78 -4.28
CA VAL A 558 -45.04 16.16 -3.09
C VAL A 558 -46.31 15.40 -3.10
N LYS A 559 -46.26 14.29 -2.43
CA LYS A 559 -47.34 13.37 -2.42
C LYS A 559 -48.33 13.63 -1.33
N LYS A 560 -49.48 12.99 -1.52
CA LYS A 560 -50.62 12.89 -0.62
C LYS A 560 -50.27 12.25 0.72
N LEU A 561 -49.10 11.64 0.79
CA LEU A 561 -48.64 10.86 1.93
C LEU A 561 -48.24 11.68 3.16
N SER A 562 -49.22 12.37 3.72
CA SER A 562 -49.02 13.09 4.96
C SER A 562 -48.77 12.01 5.98
N GLU A 563 -48.08 12.34 7.06
CA GLU A 563 -47.79 11.30 8.03
C GLU A 563 -49.03 10.58 8.49
N SER A 564 -50.15 11.28 8.66
CA SER A 564 -51.34 10.60 9.14
C SER A 564 -51.91 9.58 8.15
N GLU A 565 -51.64 9.76 6.87
CA GLU A 565 -52.19 8.80 5.91
C GLU A 565 -51.34 7.55 6.00
N ASN A 566 -50.05 7.78 6.23
CA ASN A 566 -49.08 6.72 6.33
C ASN A 566 -49.26 5.97 7.62
N GLU A 567 -49.52 6.70 8.69
CA GLU A 567 -49.72 6.09 9.99
C GLU A 567 -50.96 5.21 9.94
N LYS A 568 -51.99 5.69 9.23
CA LYS A 568 -53.21 4.93 9.07
C LYS A 568 -53.10 3.90 7.96
N LEU A 569 -52.12 4.08 7.05
CA LEU A 569 -51.89 3.19 5.92
C LEU A 569 -53.12 3.05 5.07
N ILE A 570 -53.88 4.13 4.97
CA ILE A 570 -55.11 4.10 4.20
C ILE A 570 -54.80 3.74 2.79
N HIS A 571 -53.74 4.32 2.32
CA HIS A 571 -53.34 4.13 0.98
C HIS A 571 -52.47 2.91 0.81
N MET A 572 -52.07 2.19 1.87
CA MET A 572 -51.26 1.07 1.46
C MET A 572 -52.29 0.11 1.01
N GLU A 573 -53.45 0.16 1.64
CA GLU A 573 -54.46 -0.76 1.23
C GLU A 573 -54.93 -0.39 -0.16
N ARG A 574 -55.24 0.88 -0.37
CA ARG A 574 -55.75 1.27 -1.67
C ARG A 574 -54.71 1.10 -2.79
N ASP A 575 -53.48 1.50 -2.54
CA ASP A 575 -52.50 1.45 -3.60
C ASP A 575 -52.03 0.04 -3.82
N LEU A 576 -51.83 -0.74 -2.77
CA LEU A 576 -51.39 -2.09 -3.00
C LEU A 576 -52.53 -2.85 -3.62
N SER A 577 -53.76 -2.56 -3.24
CA SER A 577 -54.85 -3.26 -3.87
C SER A 577 -54.79 -3.01 -5.38
N SER A 578 -54.44 -1.79 -5.78
CA SER A 578 -54.31 -1.47 -7.18
C SER A 578 -53.04 -2.08 -7.84
N GLU A 579 -51.91 -2.06 -7.13
CA GLU A 579 -50.62 -2.52 -7.66
C GLU A 579 -50.45 -4.04 -7.75
N VAL A 580 -51.03 -4.78 -6.81
CA VAL A 580 -50.87 -6.23 -6.80
C VAL A 580 -52.21 -6.96 -6.83
N VAL A 581 -52.19 -8.24 -7.20
CA VAL A 581 -53.44 -9.00 -7.30
C VAL A 581 -53.47 -10.26 -6.44
N GLY A 582 -54.66 -10.83 -6.27
CA GLY A 582 -54.84 -12.00 -5.43
C GLY A 582 -55.54 -11.60 -4.14
N GLN A 583 -55.35 -12.36 -3.07
CA GLN A 583 -56.11 -12.04 -1.87
C GLN A 583 -55.46 -10.95 -1.06
N MET A 584 -55.92 -9.76 -1.34
CA MET A 584 -55.46 -8.50 -0.79
C MET A 584 -55.60 -8.43 0.72
N ASP A 585 -56.41 -9.29 1.32
CA ASP A 585 -56.50 -9.27 2.77
C ASP A 585 -55.13 -9.59 3.41
N ALA A 586 -54.23 -10.20 2.64
CA ALA A 586 -52.88 -10.42 3.13
C ALA A 586 -52.26 -9.06 3.48
N ILE A 587 -52.61 -8.02 2.71
CA ILE A 587 -52.11 -6.67 2.90
C ILE A 587 -52.58 -6.18 4.23
N LYS A 588 -53.83 -6.45 4.52
CA LYS A 588 -54.38 -5.97 5.78
C LYS A 588 -53.60 -6.58 6.93
N ALA A 589 -53.24 -7.85 6.82
CA ALA A 589 -52.50 -8.46 7.91
C ALA A 589 -51.18 -7.72 8.14
N VAL A 590 -50.53 -7.36 7.04
CA VAL A 590 -49.27 -6.66 7.13
C VAL A 590 -49.48 -5.28 7.72
N SER A 591 -50.52 -4.61 7.24
CA SER A 591 -50.77 -3.27 7.68
C SER A 591 -51.02 -3.22 9.16
N ASN A 592 -51.57 -4.28 9.72
CA ASN A 592 -51.85 -4.25 11.14
C ASN A 592 -50.56 -4.15 11.92
N ALA A 593 -49.58 -4.95 11.53
CA ALA A 593 -48.30 -4.92 12.23
C ALA A 593 -47.66 -3.55 12.10
N VAL A 594 -47.75 -3.00 10.91
CA VAL A 594 -47.11 -1.73 10.68
C VAL A 594 -47.74 -0.64 11.50
N ARG A 595 -49.07 -0.60 11.55
CA ARG A 595 -49.70 0.46 12.31
C ARG A 595 -49.28 0.44 13.77
N LEU A 596 -49.13 -0.75 14.36
CA LEU A 596 -48.69 -0.77 15.76
C LEU A 596 -47.36 -0.01 15.91
N SER A 597 -46.45 -0.19 14.95
CA SER A 597 -45.21 0.53 15.08
C SER A 597 -45.39 2.02 14.78
N ARG A 598 -46.31 2.34 13.89
CA ARG A 598 -46.51 3.74 13.53
C ARG A 598 -47.15 4.53 14.66
N SER A 599 -47.96 3.84 15.46
CA SER A 599 -48.66 4.44 16.57
C SER A 599 -47.73 4.87 17.70
N GLY A 600 -46.49 4.38 17.68
CA GLY A 600 -45.54 4.68 18.73
C GLY A 600 -45.71 3.76 19.93
N LEU A 601 -46.73 2.90 19.91
CA LEU A 601 -46.97 1.99 21.02
C LEU A 601 -45.96 0.83 21.01
N ALA A 602 -45.58 0.37 19.82
CA ALA A 602 -44.64 -0.75 19.74
C ALA A 602 -43.32 -0.42 20.38
N ASN A 603 -42.65 -1.44 20.86
CA ASN A 603 -41.32 -1.28 21.36
C ASN A 603 -40.49 -0.66 20.24
N PRO A 604 -39.90 0.53 20.43
CA PRO A 604 -39.17 1.24 19.40
C PRO A 604 -37.99 0.43 18.85
N ARG A 605 -37.53 -0.58 19.59
CA ARG A 605 -36.42 -1.38 19.14
C ARG A 605 -36.84 -2.66 18.44
N GLN A 606 -38.13 -2.85 18.24
CA GLN A 606 -38.54 -4.06 17.56
C GLN A 606 -39.15 -3.71 16.22
N PRO A 607 -38.44 -3.87 15.11
CA PRO A 607 -38.91 -3.48 13.81
C PRO A 607 -40.07 -4.36 13.47
N ALA A 608 -41.03 -3.84 12.74
CA ALA A 608 -42.14 -4.68 12.33
C ALA A 608 -41.63 -5.76 11.40
N SER A 609 -42.21 -6.94 11.50
CA SER A 609 -41.81 -7.98 10.57
C SER A 609 -42.85 -9.02 10.31
N PHE A 610 -42.78 -9.66 9.15
CA PHE A 610 -43.71 -10.74 8.94
C PHE A 610 -43.11 -11.86 8.13
N LEU A 611 -43.75 -13.02 8.19
CA LEU A 611 -43.34 -14.15 7.39
C LEU A 611 -44.21 -14.25 6.15
N PHE A 612 -43.60 -14.09 5.01
CA PHE A 612 -44.31 -14.10 3.76
C PHE A 612 -44.48 -15.52 3.33
N LEU A 613 -45.46 -16.19 3.90
CA LEU A 613 -45.59 -17.61 3.67
C LEU A 613 -46.63 -17.95 2.64
N GLY A 614 -46.23 -18.63 1.58
CA GLY A 614 -47.28 -18.91 0.62
C GLY A 614 -46.87 -19.49 -0.71
N LEU A 615 -47.76 -19.30 -1.64
CA LEU A 615 -47.68 -19.85 -2.98
C LEU A 615 -46.58 -19.26 -3.87
N SER A 616 -45.83 -20.13 -4.52
CA SER A 616 -44.83 -19.63 -5.43
C SER A 616 -45.58 -18.97 -6.54
N GLY A 617 -44.97 -18.07 -7.27
CA GLY A 617 -45.66 -17.46 -8.39
C GLY A 617 -46.63 -16.36 -7.96
N SER A 618 -46.82 -16.17 -6.64
CA SER A 618 -47.77 -15.20 -6.12
C SER A 618 -47.26 -13.76 -6.06
N GLY A 619 -46.08 -13.47 -6.61
CA GLY A 619 -45.59 -12.10 -6.57
C GLY A 619 -44.96 -11.82 -5.24
N LYS A 620 -44.14 -12.75 -4.79
CA LYS A 620 -43.52 -12.62 -3.51
C LYS A 620 -42.68 -11.36 -3.45
N THR A 621 -41.86 -11.15 -4.49
CA THR A 621 -40.98 -9.99 -4.43
C THR A 621 -41.74 -8.82 -4.99
N GLU A 622 -42.81 -9.09 -5.71
CA GLU A 622 -43.52 -7.96 -6.25
C GLU A 622 -44.18 -7.29 -5.09
N LEU A 623 -44.84 -8.07 -4.25
CA LEU A 623 -45.47 -7.45 -3.13
C LEU A 623 -44.46 -6.84 -2.23
N ALA A 624 -43.41 -7.57 -1.92
CA ALA A 624 -42.45 -7.00 -1.02
C ALA A 624 -41.92 -5.67 -1.56
N LYS A 625 -41.66 -5.58 -2.85
CA LYS A 625 -41.19 -4.32 -3.38
C LYS A 625 -42.26 -3.28 -3.31
N LYS A 626 -43.50 -3.66 -3.55
CA LYS A 626 -44.57 -2.69 -3.56
C LYS A 626 -44.86 -2.19 -2.17
N VAL A 627 -44.67 -3.03 -1.15
CA VAL A 627 -44.91 -2.49 0.16
C VAL A 627 -43.74 -1.60 0.49
N ALA A 628 -42.53 -1.91 0.00
CA ALA A 628 -41.42 -1.01 0.22
C ALA A 628 -41.73 0.31 -0.45
N GLY A 629 -42.33 0.17 -1.62
CA GLY A 629 -42.75 1.29 -2.39
C GLY A 629 -43.64 2.12 -1.53
N PHE A 630 -44.81 1.63 -1.19
CA PHE A 630 -45.71 2.45 -0.41
C PHE A 630 -45.22 2.86 0.97
N LEU A 631 -44.80 1.90 1.77
CA LEU A 631 -44.50 2.14 3.17
C LEU A 631 -43.34 3.06 3.41
N PHE A 632 -42.32 2.97 2.58
CA PHE A 632 -41.18 3.82 2.78
C PHE A 632 -41.08 4.85 1.69
N ASN A 633 -42.07 4.82 0.81
CA ASN A 633 -42.20 5.70 -0.34
C ASN A 633 -41.09 5.53 -1.37
N ASP A 634 -40.67 4.28 -1.62
CA ASP A 634 -39.67 3.95 -2.64
C ASP A 634 -39.36 2.46 -2.72
N GLU A 635 -39.41 1.91 -3.91
CA GLU A 635 -39.19 0.48 -4.13
C GLU A 635 -37.72 0.14 -3.93
N ASP A 636 -36.87 1.16 -4.05
CA ASP A 636 -35.42 1.01 -3.90
C ASP A 636 -35.04 0.64 -2.47
N MET A 637 -35.98 0.73 -1.56
CA MET A 637 -35.72 0.36 -0.19
C MET A 637 -35.51 -1.15 -0.06
N MET A 638 -35.94 -1.91 -1.05
CA MET A 638 -35.79 -3.35 -0.96
C MET A 638 -34.38 -3.89 -1.08
N ILE A 639 -34.02 -4.73 -0.11
CA ILE A 639 -32.78 -5.45 -0.08
C ILE A 639 -33.05 -6.94 -0.20
N ARG A 640 -32.49 -7.59 -1.22
CA ARG A 640 -32.70 -9.03 -1.34
C ARG A 640 -31.58 -9.81 -0.72
N VAL A 641 -31.94 -10.72 0.17
CA VAL A 641 -30.97 -11.56 0.82
C VAL A 641 -31.25 -13.01 0.41
N ASP A 642 -30.25 -13.67 -0.14
CA ASP A 642 -30.47 -15.04 -0.61
C ASP A 642 -30.10 -16.09 0.43
N CYS A 643 -31.07 -16.66 1.11
CA CYS A 643 -30.69 -17.56 2.18
C CYS A 643 -30.40 -18.99 1.77
N SER A 644 -30.34 -19.26 0.47
CA SER A 644 -30.02 -20.61 0.12
C SER A 644 -28.52 -20.77 0.30
N GLU A 645 -27.81 -19.64 0.25
CA GLU A 645 -26.36 -19.68 0.32
C GLU A 645 -25.86 -19.61 1.75
N LEU A 646 -26.34 -20.51 2.59
CA LEU A 646 -25.99 -20.40 4.00
C LEU A 646 -25.58 -21.69 4.71
N SER A 647 -24.40 -22.20 4.36
CA SER A 647 -23.84 -23.38 5.04
C SER A 647 -23.35 -23.00 6.43
N GLU A 648 -23.34 -23.95 7.35
CA GLU A 648 -22.90 -23.66 8.72
C GLU A 648 -21.62 -22.88 8.89
N LYS A 649 -20.61 -23.26 8.15
CA LYS A 649 -19.30 -22.70 8.33
C LYS A 649 -19.19 -21.21 8.05
N TYR A 650 -19.94 -20.72 7.07
CA TYR A 650 -19.76 -19.33 6.68
C TYR A 650 -21.01 -18.49 6.63
N ALA A 651 -22.17 -19.12 6.79
CA ALA A 651 -23.43 -18.44 6.57
C ALA A 651 -23.55 -17.06 7.18
N VAL A 652 -23.24 -16.92 8.46
CA VAL A 652 -23.43 -15.63 9.07
C VAL A 652 -22.48 -14.62 8.47
N SER A 653 -21.23 -15.00 8.29
CA SER A 653 -20.28 -14.04 7.76
C SER A 653 -20.63 -13.67 6.33
N LYS A 654 -21.27 -14.55 5.60
CA LYS A 654 -21.62 -14.13 4.27
C LYS A 654 -22.61 -13.00 4.31
N LEU A 655 -23.50 -13.00 5.29
CA LEU A 655 -24.48 -11.93 5.38
C LEU A 655 -24.01 -10.68 6.10
N LEU A 656 -23.23 -10.88 7.18
CA LEU A 656 -22.77 -9.77 8.01
C LEU A 656 -21.34 -9.34 7.66
N GLY A 657 -20.68 -10.13 6.86
CA GLY A 657 -19.32 -9.86 6.45
C GLY A 657 -18.33 -10.57 7.33
N THR A 658 -17.15 -10.77 6.78
CA THR A 658 -16.07 -11.38 7.49
C THR A 658 -15.46 -10.35 8.38
N THR A 659 -14.64 -10.78 9.33
CA THR A 659 -14.02 -9.90 10.31
C THR A 659 -12.61 -9.45 9.97
N ALA A 660 -12.12 -8.49 10.73
CA ALA A 660 -10.78 -7.92 10.53
C ALA A 660 -9.69 -8.97 10.38
N GLY A 661 -9.33 -9.28 9.14
CA GLY A 661 -8.28 -10.24 8.90
C GLY A 661 -8.60 -11.27 7.85
N TYR A 662 -9.82 -11.81 7.90
CA TYR A 662 -10.22 -12.83 6.95
C TYR A 662 -10.53 -12.27 5.56
N VAL A 663 -10.64 -13.18 4.60
CA VAL A 663 -10.90 -12.84 3.21
C VAL A 663 -11.99 -11.79 2.99
N GLY A 664 -11.57 -10.61 2.57
CA GLY A 664 -12.48 -9.51 2.28
C GLY A 664 -12.97 -8.73 3.47
N TYR A 665 -12.96 -7.41 3.35
CA TYR A 665 -13.45 -6.57 4.42
C TYR A 665 -14.75 -5.89 4.03
N ASP A 666 -15.26 -6.28 2.87
CA ASP A 666 -16.54 -5.79 2.38
C ASP A 666 -17.60 -6.19 3.39
N GLU A 667 -17.47 -5.59 4.55
CA GLU A 667 -18.27 -5.90 5.69
C GLU A 667 -19.68 -5.73 5.30
N GLY A 668 -20.53 -6.55 5.85
CA GLY A 668 -21.93 -6.46 5.60
C GLY A 668 -22.46 -7.31 4.49
N GLY A 669 -21.58 -7.92 3.67
CA GLY A 669 -21.99 -8.84 2.60
C GLY A 669 -23.27 -8.48 1.86
N PHE A 670 -24.40 -8.77 2.50
CA PHE A 670 -25.74 -8.51 2.03
C PHE A 670 -26.54 -7.61 2.95
N LEU A 671 -26.29 -7.70 4.25
CA LEU A 671 -27.16 -7.00 5.17
C LEU A 671 -26.66 -5.69 5.65
N THR A 672 -25.58 -5.70 6.40
CA THR A 672 -25.23 -4.45 7.02
C THR A 672 -24.66 -3.51 6.02
N ASN A 673 -24.23 -4.01 4.87
CA ASN A 673 -23.68 -3.06 3.95
C ASN A 673 -24.72 -2.31 3.15
N GLN A 674 -26.00 -2.60 3.40
CA GLN A 674 -27.07 -1.89 2.75
C GLN A 674 -27.81 -1.12 3.82
N LEU A 675 -27.96 -1.76 4.96
CA LEU A 675 -28.69 -1.21 6.08
C LEU A 675 -28.01 0.05 6.56
N GLN A 676 -26.68 0.08 6.44
CA GLN A 676 -25.91 1.24 6.83
C GLN A 676 -26.25 2.50 6.04
N TYR A 677 -26.92 2.36 4.89
CA TYR A 677 -27.28 3.51 4.08
C TYR A 677 -28.78 3.70 4.01
N LYS A 678 -29.52 2.62 4.16
CA LYS A 678 -30.96 2.65 3.99
C LYS A 678 -31.72 2.21 5.24
N PRO A 679 -31.87 3.07 6.26
CA PRO A 679 -32.51 2.76 7.52
C PRO A 679 -34.00 2.51 7.35
N TYR A 680 -34.52 2.90 6.19
CA TYR A 680 -35.90 2.72 5.86
C TYR A 680 -36.05 1.60 4.84
N SER A 681 -35.05 0.76 4.76
CA SER A 681 -35.06 -0.39 3.89
C SER A 681 -35.98 -1.50 4.30
N VAL A 682 -36.12 -2.44 3.39
CA VAL A 682 -36.82 -3.67 3.66
C VAL A 682 -35.91 -4.86 3.46
N LEU A 683 -35.83 -5.73 4.46
CA LEU A 683 -35.01 -6.91 4.30
C LEU A 683 -35.83 -8.08 3.91
N LEU A 684 -35.67 -8.49 2.68
CA LEU A 684 -36.45 -9.58 2.15
C LEU A 684 -35.57 -10.78 2.02
N PHE A 685 -35.89 -11.83 2.74
CA PHE A 685 -35.04 -13.01 2.74
C PHE A 685 -35.62 -14.21 2.00
N ASP A 686 -35.00 -14.58 0.89
CA ASP A 686 -35.49 -15.74 0.13
C ASP A 686 -35.09 -17.04 0.76
N GLU A 687 -35.96 -18.05 0.67
CA GLU A 687 -35.64 -19.42 1.09
C GLU A 687 -35.06 -19.46 2.49
N VAL A 688 -35.76 -18.84 3.43
CA VAL A 688 -35.25 -18.73 4.79
C VAL A 688 -35.23 -20.07 5.47
N GLU A 689 -36.09 -20.96 4.99
CA GLU A 689 -36.21 -22.30 5.53
C GLU A 689 -34.93 -23.13 5.30
N LYS A 690 -34.06 -22.66 4.40
CA LYS A 690 -32.82 -23.36 4.12
C LYS A 690 -31.65 -22.78 4.88
N ALA A 691 -31.86 -21.66 5.55
CA ALA A 691 -30.75 -21.01 6.20
C ALA A 691 -30.21 -21.83 7.33
N HIS A 692 -28.90 -21.87 7.50
CA HIS A 692 -28.44 -22.52 8.69
C HIS A 692 -29.04 -21.78 9.89
N PRO A 693 -29.50 -22.48 10.94
CA PRO A 693 -30.06 -21.92 12.15
C PRO A 693 -29.27 -20.80 12.80
N ASP A 694 -27.95 -20.75 12.65
CA ASP A 694 -27.23 -19.66 13.29
C ASP A 694 -27.58 -18.35 12.61
N VAL A 695 -27.90 -18.42 11.33
CA VAL A 695 -28.28 -17.24 10.62
C VAL A 695 -29.59 -16.80 11.11
N LEU A 696 -30.47 -17.77 11.24
CA LEU A 696 -31.80 -17.47 11.69
C LEU A 696 -31.69 -16.90 13.09
N THR A 697 -30.76 -17.40 13.89
CA THR A 697 -30.59 -16.86 15.22
C THR A 697 -30.19 -15.41 15.16
N VAL A 698 -29.22 -15.08 14.29
CA VAL A 698 -28.81 -13.70 14.16
C VAL A 698 -29.97 -12.86 13.70
N MET A 699 -30.70 -13.35 12.73
CA MET A 699 -31.86 -12.66 12.23
C MET A 699 -32.85 -12.42 13.35
N LEU A 700 -33.13 -13.44 14.16
CA LEU A 700 -34.11 -13.26 15.20
C LEU A 700 -33.60 -12.24 16.19
N GLN A 701 -32.31 -12.26 16.51
CA GLN A 701 -31.79 -11.23 17.39
C GLN A 701 -31.97 -9.89 16.73
N MET A 702 -31.75 -9.84 15.42
CA MET A 702 -31.92 -8.63 14.66
C MET A 702 -33.35 -8.13 14.81
N LEU A 703 -34.30 -9.02 15.02
CA LEU A 703 -35.65 -8.56 15.26
C LEU A 703 -35.87 -8.14 16.74
N ASP A 704 -35.32 -8.89 17.70
CA ASP A 704 -35.54 -8.57 19.11
C ASP A 704 -34.51 -7.58 19.65
N ASP A 705 -34.92 -6.37 20.04
CA ASP A 705 -33.94 -5.34 20.41
C ASP A 705 -33.02 -5.31 19.21
N GLY A 706 -33.62 -4.98 18.08
CA GLY A 706 -33.08 -5.23 16.77
C GLY A 706 -31.88 -4.46 16.29
N ARG A 707 -30.85 -4.44 17.08
CA ARG A 707 -29.63 -3.86 16.66
C ARG A 707 -28.73 -4.93 16.12
N ILE A 708 -28.32 -4.76 14.88
CA ILE A 708 -27.46 -5.73 14.23
C ILE A 708 -26.13 -5.06 14.08
N THR A 709 -25.08 -5.84 14.28
CA THR A 709 -23.70 -5.38 14.18
C THR A 709 -22.95 -6.17 13.13
N SER A 710 -22.17 -5.49 12.30
CA SER A 710 -21.45 -6.14 11.21
C SER A 710 -20.34 -6.99 11.75
N GLY A 711 -19.72 -7.78 10.88
CA GLY A 711 -18.55 -8.58 11.23
C GLY A 711 -17.36 -7.76 11.70
N GLN A 712 -17.36 -6.44 11.46
CA GLN A 712 -16.27 -5.58 11.87
C GLN A 712 -16.62 -4.83 13.13
N GLY A 713 -17.73 -5.18 13.76
CA GLY A 713 -18.13 -4.51 14.98
C GLY A 713 -18.91 -3.21 14.71
N LYS A 714 -19.37 -3.00 13.49
CA LYS A 714 -20.09 -1.76 13.23
C LYS A 714 -21.54 -1.93 13.57
N THR A 715 -22.02 -1.24 14.59
CA THR A 715 -23.43 -1.42 14.92
C THR A 715 -24.23 -0.62 13.96
N ILE A 716 -25.24 -1.24 13.38
CA ILE A 716 -26.07 -0.60 12.39
C ILE A 716 -27.37 -0.11 12.95
N ASP A 717 -28.11 -1.00 13.62
CA ASP A 717 -29.45 -0.70 14.15
C ASP A 717 -30.54 -0.82 13.09
N CYS A 718 -31.47 -1.76 13.27
CA CYS A 718 -32.52 -1.99 12.29
C CYS A 718 -33.88 -1.49 12.78
N SER A 719 -33.92 -0.68 13.82
CA SER A 719 -35.20 -0.27 14.40
C SER A 719 -36.27 0.25 13.41
N ASN A 720 -35.85 0.98 12.36
CA ASN A 720 -36.82 1.55 11.42
C ASN A 720 -37.02 0.72 10.15
N CYS A 721 -36.43 -0.46 10.11
CA CYS A 721 -36.50 -1.34 8.96
C CYS A 721 -37.68 -2.27 9.06
N ILE A 722 -38.24 -2.65 7.92
CA ILE A 722 -39.25 -3.71 7.94
C ILE A 722 -38.66 -4.98 7.40
N VAL A 723 -38.90 -6.04 8.11
CA VAL A 723 -38.32 -7.31 7.71
C VAL A 723 -39.35 -8.31 7.24
N ILE A 724 -39.06 -8.89 6.08
CA ILE A 724 -39.94 -9.88 5.52
C ILE A 724 -39.17 -11.16 5.28
N MET A 725 -39.50 -12.18 6.03
CA MET A 725 -38.80 -13.43 5.84
C MET A 725 -39.67 -14.11 4.83
N THR A 726 -39.15 -14.86 3.86
CA THR A 726 -40.12 -15.48 3.00
C THR A 726 -39.92 -16.96 2.89
N SER A 727 -41.00 -17.64 2.57
CA SER A 727 -40.91 -19.07 2.38
C SER A 727 -42.02 -19.60 1.52
N ASN A 728 -41.67 -20.57 0.69
CA ASN A 728 -42.62 -21.25 -0.14
C ASN A 728 -42.74 -22.69 0.34
N LEU A 729 -42.31 -22.93 1.59
CA LEU A 729 -42.35 -24.26 2.17
C LEU A 729 -43.72 -24.91 2.02
N GLY A 730 -44.77 -24.15 2.29
CA GLY A 730 -46.13 -24.67 2.22
C GLY A 730 -46.81 -24.49 0.85
N ALA A 731 -46.07 -24.04 -0.16
CA ALA A 731 -46.67 -23.81 -1.47
C ALA A 731 -47.28 -25.12 -1.97
N GLU A 732 -46.67 -26.24 -1.61
CA GLU A 732 -47.10 -27.58 -2.01
C GLU A 732 -48.53 -27.93 -1.56
N PHE A 733 -49.05 -27.24 -0.55
CA PHE A 733 -50.40 -27.56 -0.11
C PHE A 733 -51.33 -26.60 -0.79
N ILE A 734 -50.84 -25.40 -1.03
CA ILE A 734 -51.64 -24.39 -1.68
C ILE A 734 -51.89 -24.86 -3.11
N ASN A 735 -50.84 -25.47 -3.69
CA ASN A 735 -50.86 -26.04 -5.02
C ASN A 735 -51.96 -27.08 -5.23
N SER A 736 -52.71 -27.47 -4.18
CA SER A 736 -53.85 -28.37 -4.31
C SER A 736 -55.00 -27.70 -5.08
N GLN A 737 -54.87 -26.39 -5.35
CA GLN A 737 -55.78 -25.57 -6.15
C GLN A 737 -57.18 -25.43 -5.56
N GLN A 738 -57.30 -25.39 -4.25
CA GLN A 738 -58.63 -25.33 -3.64
C GLN A 738 -59.24 -23.92 -3.63
N GLY A 739 -59.48 -23.40 -4.84
CA GLY A 739 -60.01 -22.06 -5.04
C GLY A 739 -58.87 -21.05 -4.93
N SER A 740 -59.18 -19.77 -5.16
CA SER A 740 -58.14 -18.76 -5.07
C SER A 740 -57.71 -18.55 -3.61
N LYS A 741 -58.70 -18.53 -2.73
CA LYS A 741 -58.43 -18.30 -1.32
C LYS A 741 -58.03 -19.57 -0.60
N ILE A 742 -56.96 -19.51 0.15
CA ILE A 742 -56.53 -20.65 0.91
C ILE A 742 -57.52 -20.94 2.02
N GLN A 743 -57.99 -22.17 2.02
CA GLN A 743 -58.96 -22.66 2.98
C GLN A 743 -58.21 -23.20 4.17
N GLU A 744 -58.88 -23.35 5.31
CA GLU A 744 -58.23 -23.88 6.51
C GLU A 744 -57.69 -25.28 6.28
N SER A 745 -58.36 -26.02 5.38
CA SER A 745 -57.99 -27.38 5.02
C SER A 745 -56.57 -27.47 4.46
N THR A 746 -56.02 -26.36 3.96
CA THR A 746 -54.66 -26.35 3.48
C THR A 746 -53.85 -25.37 4.30
N LYS A 747 -54.49 -24.34 4.84
CA LYS A 747 -53.81 -23.30 5.58
C LYS A 747 -53.01 -23.87 6.71
N ASN A 748 -53.58 -24.86 7.39
CA ASN A 748 -52.95 -25.41 8.55
C ASN A 748 -51.95 -26.50 8.21
N LEU A 749 -51.70 -26.71 6.92
CA LEU A 749 -50.69 -27.63 6.42
C LEU A 749 -49.52 -26.76 6.01
N VAL A 750 -49.87 -25.59 5.45
CA VAL A 750 -48.90 -24.61 5.00
C VAL A 750 -48.15 -24.11 6.21
N MET A 751 -48.92 -23.69 7.20
CA MET A 751 -48.37 -23.16 8.44
C MET A 751 -47.94 -24.31 9.31
N GLY A 752 -48.53 -25.48 9.09
CA GLY A 752 -48.18 -26.66 9.83
C GLY A 752 -46.71 -26.94 9.58
N ALA A 753 -46.35 -27.05 8.31
CA ALA A 753 -44.98 -27.34 7.91
C ALA A 753 -44.02 -26.30 8.46
N VAL A 754 -44.41 -25.04 8.43
CA VAL A 754 -43.55 -24.00 8.96
C VAL A 754 -43.36 -24.13 10.45
N ARG A 755 -44.43 -24.38 11.18
CA ARG A 755 -44.35 -24.57 12.61
C ARG A 755 -43.47 -25.75 12.96
N GLN A 756 -43.56 -26.81 12.16
CA GLN A 756 -42.72 -27.98 12.38
C GLN A 756 -41.26 -27.70 12.04
N HIS A 757 -41.05 -26.97 10.95
CA HIS A 757 -39.73 -26.72 10.42
C HIS A 757 -38.89 -25.79 11.29
N PHE A 758 -39.44 -24.63 11.64
CA PHE A 758 -38.66 -23.67 12.39
C PHE A 758 -38.87 -23.85 13.86
N ARG A 759 -37.83 -23.72 14.64
CA ARG A 759 -38.04 -23.81 16.07
C ARG A 759 -39.00 -22.65 16.39
N PRO A 760 -40.10 -22.86 17.14
CA PRO A 760 -41.17 -21.90 17.41
C PRO A 760 -40.80 -20.46 17.72
N GLU A 761 -39.66 -20.18 18.33
CA GLU A 761 -39.38 -18.78 18.61
C GLU A 761 -39.22 -17.99 17.33
N PHE A 762 -38.89 -18.70 16.26
CA PHE A 762 -38.78 -18.08 14.97
C PHE A 762 -40.05 -17.33 14.69
N LEU A 763 -41.17 -17.97 14.96
CA LEU A 763 -42.45 -17.39 14.66
C LEU A 763 -42.89 -16.44 15.76
N ASN A 764 -42.55 -16.74 17.00
CA ASN A 764 -43.01 -15.92 18.13
C ASN A 764 -42.40 -14.53 18.12
N ARG A 765 -41.22 -14.41 17.54
CA ARG A 765 -40.51 -13.16 17.46
C ARG A 765 -40.87 -12.34 16.21
N ILE A 766 -41.80 -12.85 15.39
CA ILE A 766 -42.26 -12.21 14.16
C ILE A 766 -43.62 -11.56 14.42
N SER A 767 -43.84 -10.33 13.92
CA SER A 767 -45.09 -9.65 14.23
C SER A 767 -46.27 -10.48 13.76
N SER A 768 -46.13 -11.03 12.55
CA SER A 768 -47.19 -11.88 12.03
C SER A 768 -46.75 -12.84 10.94
N ILE A 769 -47.52 -13.89 10.77
CA ILE A 769 -47.37 -14.76 9.62
C ILE A 769 -48.50 -14.47 8.70
N VAL A 770 -48.18 -14.14 7.47
CA VAL A 770 -49.19 -13.75 6.52
C VAL A 770 -49.22 -14.79 5.42
N ILE A 771 -50.41 -15.26 5.07
CA ILE A 771 -50.49 -16.32 4.09
C ILE A 771 -50.85 -15.80 2.71
N PHE A 772 -50.06 -16.21 1.71
CA PHE A 772 -50.27 -15.75 0.35
C PHE A 772 -50.94 -16.76 -0.57
N ASN A 773 -52.10 -16.30 -1.03
CA ASN A 773 -53.12 -16.97 -1.80
C ASN A 773 -52.88 -17.06 -3.31
N LYS A 774 -53.70 -17.89 -3.96
CA LYS A 774 -53.67 -18.15 -5.39
C LYS A 774 -54.34 -17.06 -6.22
N LEU A 775 -53.78 -16.81 -7.39
CA LEU A 775 -54.36 -15.84 -8.31
C LEU A 775 -55.55 -16.41 -9.09
N SER A 776 -56.57 -15.58 -9.25
CA SER A 776 -57.74 -15.90 -10.07
C SER A 776 -57.36 -15.63 -11.52
N ARG A 777 -58.05 -16.19 -12.50
CA ARG A 777 -57.66 -15.88 -13.89
C ARG A 777 -57.69 -14.37 -14.13
N LYS A 778 -58.68 -13.68 -13.55
CA LYS A 778 -58.76 -12.23 -13.69
C LYS A 778 -57.52 -11.53 -13.13
N ALA A 779 -56.83 -12.16 -12.18
CA ALA A 779 -55.64 -11.58 -11.61
C ALA A 779 -54.58 -11.56 -12.66
N ILE A 780 -54.52 -12.63 -13.45
CA ILE A 780 -53.53 -12.70 -14.50
C ILE A 780 -53.84 -11.66 -15.52
N HIS A 781 -55.11 -11.52 -15.82
CA HIS A 781 -55.47 -10.53 -16.82
C HIS A 781 -55.04 -9.15 -16.35
N LYS A 782 -55.24 -8.83 -15.07
CA LYS A 782 -54.81 -7.53 -14.59
C LYS A 782 -53.29 -7.40 -14.68
N ILE A 783 -52.56 -8.45 -14.34
CA ILE A 783 -51.12 -8.38 -14.42
C ILE A 783 -50.68 -8.11 -15.82
N VAL A 784 -51.28 -8.81 -16.77
CA VAL A 784 -50.93 -8.60 -18.15
C VAL A 784 -51.22 -7.18 -18.56
N ASP A 785 -52.39 -6.65 -18.19
CA ASP A 785 -52.72 -5.29 -18.55
C ASP A 785 -51.71 -4.31 -17.99
N ILE A 786 -51.31 -4.55 -16.76
CA ILE A 786 -50.34 -3.69 -16.11
C ILE A 786 -49.01 -3.77 -16.82
N ARG A 787 -48.58 -4.98 -17.13
CA ARG A 787 -47.31 -5.18 -17.79
C ARG A 787 -47.31 -4.55 -19.15
N LEU A 788 -48.39 -4.69 -19.88
CA LEU A 788 -48.43 -4.10 -21.19
C LEU A 788 -48.33 -2.58 -21.06
N LYS A 789 -48.93 -2.02 -20.00
CA LYS A 789 -48.82 -0.58 -19.79
C LYS A 789 -47.36 -0.26 -19.51
N GLU A 790 -46.68 -1.14 -18.77
CA GLU A 790 -45.28 -0.90 -18.49
C GLU A 790 -44.52 -0.87 -19.81
N ILE A 791 -44.93 -1.67 -20.79
CA ILE A 791 -44.21 -1.67 -22.05
C ILE A 791 -44.42 -0.33 -22.73
N GLU A 792 -45.63 0.19 -22.70
CA GLU A 792 -45.82 1.49 -23.30
C GLU A 792 -44.86 2.49 -22.65
N GLU A 793 -44.70 2.41 -21.34
CA GLU A 793 -43.76 3.31 -20.67
C GLU A 793 -42.30 2.97 -21.02
N ARG A 794 -41.99 1.68 -21.22
CA ARG A 794 -40.65 1.22 -21.64
C ARG A 794 -40.24 2.00 -22.85
N PHE A 795 -41.22 2.23 -23.72
CA PHE A 795 -40.99 2.97 -24.92
C PHE A 795 -40.96 4.45 -24.58
N GLU A 796 -39.85 4.87 -23.95
CA GLU A 796 -39.65 6.25 -23.54
C GLU A 796 -39.74 7.09 -24.80
N GLN A 797 -39.27 6.51 -25.90
CA GLN A 797 -39.37 7.14 -27.18
C GLN A 797 -40.81 6.90 -27.62
N ASN A 798 -41.73 7.67 -27.02
CA ASN A 798 -43.19 7.47 -27.11
C ASN A 798 -43.80 7.83 -28.43
N ASP A 799 -42.95 7.95 -29.44
CA ASP A 799 -43.37 8.11 -30.81
C ASP A 799 -43.88 6.73 -31.21
N LYS A 800 -43.32 5.72 -30.55
CA LYS A 800 -43.70 4.34 -30.80
C LYS A 800 -44.48 3.82 -29.60
N HIS A 801 -45.50 3.04 -29.88
CA HIS A 801 -46.27 2.40 -28.85
C HIS A 801 -47.15 1.37 -29.50
N TYR A 802 -47.80 0.58 -28.67
CA TYR A 802 -48.72 -0.41 -29.16
C TYR A 802 -50.16 0.00 -29.04
N LYS A 803 -50.95 -0.62 -29.90
CA LYS A 803 -52.39 -0.59 -29.87
C LYS A 803 -52.74 -2.02 -29.56
N LEU A 804 -51.82 -2.89 -29.97
CA LEU A 804 -51.82 -4.34 -29.80
C LEU A 804 -52.88 -5.07 -30.58
N ASN A 805 -54.11 -4.72 -30.31
CA ASN A 805 -55.24 -5.39 -30.89
C ASN A 805 -55.16 -6.81 -30.38
N LEU A 806 -56.10 -7.66 -30.75
CA LEU A 806 -56.14 -9.01 -30.20
C LEU A 806 -56.09 -8.94 -28.69
N THR A 807 -56.79 -7.97 -28.10
CA THR A 807 -56.78 -7.76 -26.67
C THR A 807 -57.54 -8.85 -25.92
N GLN A 808 -58.12 -9.78 -26.66
CA GLN A 808 -58.72 -10.98 -26.12
C GLN A 808 -57.83 -12.15 -26.52
N GLU A 809 -57.58 -12.34 -27.82
CA GLU A 809 -56.80 -13.50 -28.27
C GLU A 809 -55.32 -13.48 -27.87
N ALA A 810 -54.64 -12.35 -28.05
CA ALA A 810 -53.24 -12.28 -27.67
C ALA A 810 -53.17 -12.25 -26.18
N LYS A 811 -54.15 -11.57 -25.59
CA LYS A 811 -54.19 -11.52 -24.14
C LYS A 811 -54.36 -12.94 -23.58
N ASP A 812 -55.22 -13.76 -24.18
CA ASP A 812 -55.38 -15.15 -23.73
C ASP A 812 -54.15 -16.00 -24.05
N PHE A 813 -53.49 -15.77 -25.18
CA PHE A 813 -52.26 -16.50 -25.49
C PHE A 813 -51.29 -16.31 -24.35
N LEU A 814 -51.07 -15.04 -24.04
CA LEU A 814 -50.14 -14.63 -23.03
C LEU A 814 -50.58 -15.11 -21.64
N ALA A 815 -51.83 -14.79 -21.25
CA ALA A 815 -52.34 -15.16 -19.94
C ALA A 815 -52.37 -16.66 -19.74
N LYS A 816 -52.75 -17.42 -20.76
CA LYS A 816 -52.84 -18.87 -20.66
C LYS A 816 -51.47 -19.43 -20.45
N TYR A 817 -50.49 -18.89 -21.16
CA TYR A 817 -49.14 -19.39 -21.02
C TYR A 817 -48.57 -19.06 -19.63
N GLY A 818 -49.03 -17.97 -19.00
CA GLY A 818 -48.55 -17.64 -17.66
C GLY A 818 -49.47 -18.01 -16.47
N TYR A 819 -50.66 -18.54 -16.73
CA TYR A 819 -51.58 -18.81 -15.62
C TYR A 819 -51.29 -20.06 -14.81
N SER A 820 -50.28 -19.96 -13.97
CA SER A 820 -49.91 -21.03 -13.06
C SER A 820 -49.15 -20.58 -11.83
N ASP A 821 -49.37 -21.36 -10.82
CA ASP A 821 -48.80 -21.23 -9.49
C ASP A 821 -47.29 -21.43 -9.49
N ASP A 822 -46.79 -22.15 -10.49
CA ASP A 822 -45.35 -22.33 -10.58
C ASP A 822 -44.72 -21.39 -11.62
N MET A 823 -45.48 -20.40 -12.09
CA MET A 823 -45.01 -19.48 -13.11
C MET A 823 -44.92 -18.03 -12.68
N GLY A 824 -46.01 -17.54 -12.13
CA GLY A 824 -46.05 -16.12 -11.83
C GLY A 824 -45.98 -15.48 -13.21
N ALA A 825 -45.51 -14.26 -13.31
CA ALA A 825 -45.42 -13.68 -14.63
C ALA A 825 -44.15 -14.08 -15.33
N ARG A 826 -43.32 -14.95 -14.75
CA ARG A 826 -42.07 -15.25 -15.43
C ARG A 826 -42.26 -15.51 -16.94
N PRO A 827 -43.20 -16.35 -17.39
CA PRO A 827 -43.46 -16.58 -18.79
C PRO A 827 -44.16 -15.43 -19.48
N LEU A 828 -44.79 -14.54 -18.74
CA LEU A 828 -45.52 -13.49 -19.40
C LEU A 828 -44.47 -12.51 -19.82
N ASN A 829 -43.50 -12.37 -18.94
CA ASN A 829 -42.42 -11.46 -19.14
C ASN A 829 -41.63 -11.98 -20.32
N ARG A 830 -41.35 -13.28 -20.32
CA ARG A 830 -40.57 -13.84 -21.41
C ARG A 830 -41.29 -13.73 -22.75
N LEU A 831 -42.60 -13.97 -22.77
CA LEU A 831 -43.30 -13.87 -24.04
C LEU A 831 -43.26 -12.45 -24.56
N ILE A 832 -43.46 -11.48 -23.67
CA ILE A 832 -43.41 -10.12 -24.12
C ILE A 832 -42.02 -9.74 -24.59
N GLN A 833 -41.01 -10.14 -23.86
CA GLN A 833 -39.66 -9.80 -24.26
C GLN A 833 -39.34 -10.41 -25.63
N ASN A 834 -39.83 -11.61 -25.87
CA ASN A 834 -39.54 -12.31 -27.09
C ASN A 834 -40.62 -12.21 -28.17
N GLU A 835 -41.76 -12.87 -27.97
CA GLU A 835 -42.83 -12.91 -28.98
C GLU A 835 -43.30 -11.51 -29.37
N ILE A 836 -43.17 -10.57 -28.44
CA ILE A 836 -43.54 -9.21 -28.78
C ILE A 836 -42.31 -8.34 -29.10
N LEU A 837 -41.39 -8.13 -28.17
CA LEU A 837 -40.32 -7.17 -28.43
C LEU A 837 -39.20 -7.67 -29.35
N ASN A 838 -38.74 -8.91 -29.23
CA ASN A 838 -37.71 -9.35 -30.19
C ASN A 838 -38.33 -9.40 -31.58
N LYS A 839 -39.61 -9.79 -31.65
CA LYS A 839 -40.25 -9.87 -32.95
C LYS A 839 -40.46 -8.47 -33.48
N LEU A 840 -40.72 -7.52 -32.59
CA LEU A 840 -40.85 -6.16 -33.03
C LEU A 840 -39.54 -5.69 -33.55
N ALA A 841 -38.44 -6.00 -32.88
CA ALA A 841 -37.16 -5.52 -33.36
C ALA A 841 -36.95 -5.98 -34.77
N LEU A 842 -37.35 -7.21 -35.08
CA LEU A 842 -37.14 -7.67 -36.43
C LEU A 842 -37.96 -6.80 -37.38
N ARG A 843 -39.19 -6.51 -36.97
CA ARG A 843 -40.10 -5.71 -37.79
C ARG A 843 -39.67 -4.24 -37.87
N ILE A 844 -39.00 -3.73 -36.85
CA ILE A 844 -38.56 -2.34 -36.93
C ILE A 844 -37.42 -2.28 -37.92
N LEU A 845 -36.51 -3.23 -37.80
CA LEU A 845 -35.33 -3.29 -38.63
C LEU A 845 -35.68 -3.47 -40.11
N LYS A 846 -36.72 -4.25 -40.39
CA LYS A 846 -37.17 -4.49 -41.75
C LYS A 846 -38.21 -3.47 -42.24
N ASN A 847 -38.49 -2.46 -41.42
CA ASN A 847 -39.52 -1.47 -41.73
C ASN A 847 -40.87 -2.12 -42.03
N GLU A 848 -41.22 -3.11 -41.22
CA GLU A 848 -42.49 -3.80 -41.26
C GLU A 848 -43.39 -3.22 -40.20
N ILE A 849 -42.79 -2.65 -39.17
CA ILE A 849 -43.51 -1.93 -38.14
C ILE A 849 -42.86 -0.58 -37.87
N LYS A 850 -43.66 0.48 -37.83
CA LYS A 850 -43.16 1.80 -37.50
C LYS A 850 -43.71 2.25 -36.15
N ASP A 851 -45.02 2.33 -36.04
CA ASP A 851 -45.70 2.74 -34.81
C ASP A 851 -47.15 2.25 -34.84
N LYS A 852 -47.95 2.56 -33.81
CA LYS A 852 -49.34 2.13 -33.74
C LYS A 852 -49.39 0.61 -33.93
N GLU A 853 -48.44 -0.04 -33.26
CA GLU A 853 -48.08 -1.44 -33.38
C GLU A 853 -49.16 -2.44 -33.00
N THR A 854 -49.27 -3.53 -33.78
CA THR A 854 -50.26 -4.59 -33.51
C THR A 854 -49.66 -6.00 -33.51
N VAL A 855 -50.35 -6.91 -32.84
CA VAL A 855 -49.93 -8.31 -32.62
C VAL A 855 -50.59 -9.36 -33.54
N ASN A 856 -49.78 -10.31 -34.00
CA ASN A 856 -50.18 -11.44 -34.84
C ASN A 856 -50.22 -12.77 -34.06
N VAL A 857 -51.40 -13.32 -33.79
CA VAL A 857 -51.45 -14.59 -33.03
C VAL A 857 -52.08 -15.72 -33.82
N VAL A 858 -51.37 -16.84 -33.84
CA VAL A 858 -51.79 -18.07 -34.50
C VAL A 858 -51.74 -19.18 -33.47
N LEU A 859 -52.89 -19.60 -32.98
CA LEU A 859 -52.90 -20.52 -31.86
C LEU A 859 -53.98 -21.57 -32.05
N GLU A 874 -47.92 -19.29 -33.25
CA GLU A 874 -47.81 -18.84 -31.86
C GLU A 874 -48.01 -17.33 -31.79
N GLU A 875 -46.94 -16.56 -31.61
CA GLU A 875 -47.11 -15.11 -31.57
C GLU A 875 -45.92 -14.34 -32.10
N CYS A 876 -46.24 -13.32 -32.88
CA CYS A 876 -45.28 -12.38 -33.44
C CYS A 876 -46.07 -11.14 -33.75
N LEU A 877 -45.45 -10.14 -34.36
CA LEU A 877 -46.22 -8.95 -34.67
C LEU A 877 -46.62 -8.88 -36.13
N GLU A 878 -47.67 -8.10 -36.41
CA GLU A 878 -48.19 -7.93 -37.77
C GLU A 878 -47.39 -6.92 -38.57
N VAL A 879 -47.44 -7.04 -39.88
CA VAL A 879 -46.79 -6.03 -40.70
C VAL A 879 -47.76 -4.85 -40.86
N LEU A 880 -47.29 -3.66 -40.52
CA LEU A 880 -48.06 -2.43 -40.62
C LEU A 880 -47.70 -1.72 -41.94
N PRO A 881 -46.51 -1.06 -42.11
CA PRO A 881 -46.06 -0.58 -43.40
C PRO A 881 -45.72 -1.82 -44.19
N ASN A 882 -45.99 -1.82 -45.47
CA ASN A 882 -45.75 -3.03 -46.24
C ASN A 882 -44.34 -3.27 -46.69
N HIS A 883 -43.46 -3.56 -45.73
CA HIS A 883 -42.05 -3.85 -46.00
C HIS A 883 -41.42 -2.64 -46.70
N GLU A 884 -41.41 -1.50 -46.00
CA GLU A 884 -40.98 -0.23 -46.58
C GLU A 884 -39.55 0.14 -46.21
N GLU B 165 22.80 38.04 9.68
CA GLU B 165 23.15 36.87 10.46
C GLU B 165 21.99 35.90 10.46
N TYR B 166 22.19 34.74 9.89
CA TYR B 166 21.14 33.76 9.77
C TYR B 166 20.61 33.30 11.11
N LEU B 167 21.46 33.14 12.10
CA LEU B 167 20.92 32.74 13.39
C LEU B 167 19.96 33.76 13.96
N SER B 168 20.02 35.02 13.53
CA SER B 168 19.11 36.00 14.09
C SER B 168 17.71 35.89 13.49
N LYS B 169 17.56 35.13 12.40
CA LYS B 169 16.26 35.04 11.75
C LYS B 169 15.76 33.62 11.62
N TYR B 170 16.66 32.65 11.71
CA TYR B 170 16.26 31.26 11.55
C TYR B 170 16.32 30.47 12.84
N ALA B 171 16.58 31.12 13.96
CA ALA B 171 16.67 30.40 15.22
C ALA B 171 16.32 31.27 16.41
N ILE B 172 15.93 30.65 17.49
CA ILE B 172 15.64 31.39 18.70
C ILE B 172 16.75 31.31 19.70
N ASP B 173 17.22 32.44 20.17
CA ASP B 173 18.27 32.37 21.16
C ASP B 173 17.65 31.97 22.47
N MET B 174 17.73 30.69 22.77
CA MET B 174 17.04 30.17 23.91
C MET B 174 17.66 30.68 25.16
N THR B 175 18.96 30.92 25.11
CA THR B 175 19.57 31.40 26.32
C THR B 175 19.10 32.80 26.57
N GLU B 176 18.79 33.56 25.54
CA GLU B 176 18.31 34.89 25.83
C GLU B 176 16.91 34.83 26.44
N GLN B 177 16.07 33.94 25.94
CA GLN B 177 14.75 33.86 26.55
C GLN B 177 14.90 33.43 27.99
N ALA B 178 15.84 32.53 28.25
CA ALA B 178 16.09 32.09 29.61
C ALA B 178 16.54 33.28 30.44
N ARG B 179 17.43 34.10 29.89
CA ARG B 179 17.96 35.26 30.57
C ARG B 179 16.88 36.17 31.02
N GLN B 180 15.90 36.38 30.17
CA GLN B 180 14.83 37.29 30.47
C GLN B 180 13.73 36.67 31.30
N GLY B 181 13.89 35.42 31.72
CA GLY B 181 12.92 34.77 32.58
C GLY B 181 11.65 34.37 31.85
N LYS B 182 11.74 34.18 30.55
CA LYS B 182 10.56 33.85 29.77
C LYS B 182 10.29 32.36 29.67
N LEU B 183 11.21 31.57 30.19
CA LEU B 183 11.08 30.13 30.11
C LEU B 183 10.78 29.53 31.48
N ASP B 184 9.96 28.49 31.49
CA ASP B 184 9.65 27.81 32.74
C ASP B 184 10.87 27.14 33.33
N PRO B 185 11.01 27.08 34.67
CA PRO B 185 12.10 26.46 35.37
C PRO B 185 12.04 24.98 35.21
N VAL B 186 13.17 24.34 35.38
CA VAL B 186 13.20 22.89 35.33
C VAL B 186 13.48 22.31 36.69
N ILE B 187 12.63 21.39 37.07
CA ILE B 187 12.69 20.72 38.34
C ILE B 187 13.14 19.28 38.21
N GLY B 188 14.15 18.92 38.98
CA GLY B 188 14.69 17.58 38.89
C GLY B 188 15.37 17.45 37.55
N ARG B 189 15.39 16.25 37.00
CA ARG B 189 16.04 16.01 35.72
C ARG B 189 17.53 16.33 35.79
N GLU B 190 18.12 16.21 36.97
CA GLU B 190 19.52 16.57 37.10
C GLU B 190 20.41 15.69 36.28
N GLU B 191 20.06 14.42 36.21
CA GLU B 191 20.91 13.48 35.50
C GLU B 191 20.85 13.74 34.03
N GLU B 192 19.69 14.18 33.57
CA GLU B 192 19.52 14.48 32.17
C GLU B 192 20.30 15.72 31.80
N ILE B 193 20.24 16.73 32.66
CA ILE B 193 20.98 17.91 32.36
C ILE B 193 22.45 17.59 32.35
N ARG B 194 22.91 16.90 33.40
CA ARG B 194 24.31 16.55 33.46
C ARG B 194 24.75 15.72 32.28
N SER B 195 23.97 14.69 31.93
CA SER B 195 24.36 13.83 30.84
C SER B 195 24.43 14.60 29.55
N THR B 196 23.47 15.50 29.34
CA THR B 196 23.46 16.25 28.11
C THR B 196 24.70 17.05 28.00
N ILE B 197 25.05 17.73 29.06
CA ILE B 197 26.19 18.56 28.94
C ILE B 197 27.44 17.73 28.79
N ARG B 198 27.54 16.67 29.56
CA ARG B 198 28.68 15.80 29.46
C ARG B 198 28.91 15.38 28.03
N VAL B 199 27.85 15.05 27.32
CA VAL B 199 28.04 14.71 25.93
C VAL B 199 28.54 15.92 25.14
N LEU B 200 27.99 17.10 25.40
CA LEU B 200 28.46 18.27 24.66
C LEU B 200 29.94 18.52 24.87
N ALA B 201 30.43 18.16 26.05
CA ALA B 201 31.84 18.33 26.40
C ALA B 201 32.78 17.45 25.58
N ARG B 202 32.25 16.49 24.84
CA ARG B 202 33.04 15.58 24.02
C ARG B 202 33.83 16.26 22.90
N ARG B 203 34.94 15.63 22.50
CA ARG B 203 35.77 16.14 21.42
C ARG B 203 35.05 16.06 20.07
N ILE B 204 34.46 14.90 19.77
CA ILE B 204 33.80 14.73 18.47
C ILE B 204 32.41 14.17 18.61
N LYS B 205 31.54 14.43 17.64
CA LYS B 205 30.20 13.87 17.68
C LYS B 205 29.54 14.22 18.98
N SER B 206 29.77 15.42 19.44
CA SER B 206 29.23 15.90 20.69
C SER B 206 27.79 16.34 20.52
N ASN B 207 26.97 15.39 20.13
CA ASN B 207 25.61 15.70 19.76
C ASN B 207 24.59 14.83 20.44
N PRO B 208 24.27 15.07 21.70
CA PRO B 208 23.34 14.26 22.41
C PRO B 208 21.98 14.49 21.84
N CYS B 209 21.11 13.54 22.03
CA CYS B 209 19.75 13.68 21.62
C CYS B 209 18.81 13.14 22.66
N LEU B 210 17.83 13.92 23.02
CA LEU B 210 16.96 13.36 24.02
C LEU B 210 15.98 12.46 23.35
N ILE B 211 15.71 11.32 23.94
CA ILE B 211 14.69 10.46 23.37
C ILE B 211 13.75 9.92 24.39
N GLY B 212 12.47 9.92 24.04
CA GLY B 212 11.46 9.36 24.91
C GLY B 212 10.07 9.74 24.45
N GLU B 213 9.07 9.16 25.09
CA GLU B 213 7.70 9.41 24.74
C GLU B 213 7.45 10.88 24.84
N PRO B 214 6.56 11.46 24.06
CA PRO B 214 6.26 12.85 24.11
C PRO B 214 5.54 13.16 25.39
N GLY B 215 5.66 14.39 25.86
CA GLY B 215 4.99 14.83 27.08
C GLY B 215 5.75 14.40 28.35
N ILE B 216 7.07 14.25 28.23
CA ILE B 216 7.86 13.81 29.37
C ILE B 216 8.85 14.87 29.79
N GLY B 217 8.95 15.94 29.04
CA GLY B 217 9.84 17.03 29.40
C GLY B 217 11.13 17.07 28.60
N LYS B 218 11.16 16.48 27.42
CA LYS B 218 12.39 16.55 26.68
C LYS B 218 12.78 17.99 26.43
N THR B 219 11.88 18.80 25.87
CA THR B 219 12.34 20.14 25.61
C THR B 219 12.52 20.90 26.91
N ALA B 220 11.89 20.45 27.99
CA ALA B 220 12.09 21.11 29.25
C ALA B 220 13.55 20.97 29.63
N ILE B 221 14.11 19.79 29.42
CA ILE B 221 15.49 19.53 29.75
C ILE B 221 16.37 20.46 28.98
N ILE B 222 16.06 20.63 27.71
CA ILE B 222 16.88 21.48 26.89
C ILE B 222 16.87 22.88 27.44
N GLU B 223 15.72 23.38 27.81
CA GLU B 223 15.73 24.70 28.36
C GLU B 223 16.45 24.72 29.69
N GLY B 224 16.37 23.63 30.43
CA GLY B 224 17.07 23.57 31.71
C GLY B 224 18.54 23.80 31.47
N VAL B 225 19.05 23.25 30.38
CA VAL B 225 20.43 23.46 30.05
C VAL B 225 20.62 24.95 29.77
N ALA B 226 19.70 25.56 29.02
CA ALA B 226 19.85 26.99 28.75
C ALA B 226 19.89 27.77 30.04
N GLN B 227 19.07 27.37 31.00
CA GLN B 227 19.07 28.08 32.26
C GLN B 227 20.37 27.86 33.00
N ARG B 228 20.92 26.66 32.93
CA ARG B 228 22.19 26.46 33.60
C ARG B 228 23.22 27.35 32.95
N ILE B 229 23.12 27.52 31.64
CA ILE B 229 24.05 28.37 30.93
C ILE B 229 23.91 29.81 31.40
N ILE B 230 22.69 30.30 31.52
CA ILE B 230 22.47 31.66 32.00
C ILE B 230 22.99 31.88 33.40
N ASP B 231 22.80 30.90 34.26
CA ASP B 231 23.29 31.00 35.61
C ASP B 231 24.76 30.60 35.68
N ASP B 232 25.25 30.10 34.55
CA ASP B 232 26.59 29.65 34.31
C ASP B 232 27.00 28.50 35.21
N ASP B 233 26.03 27.68 35.60
CA ASP B 233 26.32 26.50 36.41
C ASP B 233 26.56 25.35 35.47
N VAL B 234 27.58 25.52 34.65
CA VAL B 234 27.90 24.58 33.63
C VAL B 234 29.38 24.28 33.58
N PRO B 235 29.74 23.17 32.97
CA PRO B 235 31.08 22.80 32.65
C PRO B 235 31.77 23.82 31.81
N THR B 236 33.09 23.92 31.95
CA THR B 236 33.87 24.93 31.25
C THR B 236 33.49 25.15 29.81
N ILE B 237 33.25 24.08 29.08
CA ILE B 237 32.99 24.23 27.68
C ILE B 237 31.77 25.12 27.39
N LEU B 238 30.82 25.18 28.32
CA LEU B 238 29.64 25.99 28.12
C LEU B 238 29.68 27.34 28.82
N GLN B 239 30.79 27.69 29.43
CA GLN B 239 30.78 28.90 30.21
C GLN B 239 30.84 30.12 29.33
N GLY B 240 29.65 30.63 29.05
CA GLY B 240 29.44 31.77 28.15
C GLY B 240 28.93 31.33 26.79
N ALA B 241 28.54 30.07 26.68
CA ALA B 241 28.01 29.51 25.46
C ALA B 241 26.61 29.98 25.17
N LYS B 242 26.23 29.91 23.92
CA LYS B 242 24.86 30.17 23.51
C LYS B 242 24.18 28.94 23.01
N LEU B 243 22.89 28.90 23.19
CA LEU B 243 22.08 27.81 22.71
C LEU B 243 20.91 28.37 21.91
N PHE B 244 20.85 27.93 20.67
CA PHE B 244 19.81 28.37 19.75
C PHE B 244 18.87 27.28 19.36
N SER B 245 17.61 27.59 19.15
CA SER B 245 16.67 26.60 18.65
C SER B 245 16.41 26.82 17.18
N LEU B 246 16.81 25.86 16.37
CA LEU B 246 16.70 25.99 14.92
C LEU B 246 15.29 25.83 14.41
N ASP B 247 14.79 26.76 13.59
CA ASP B 247 13.48 26.55 13.01
C ASP B 247 13.60 25.83 11.67
N LEU B 248 12.49 25.32 11.16
CA LEU B 248 12.52 24.72 9.84
C LEU B 248 12.46 25.78 8.79
N ALA B 249 12.25 27.01 9.20
CA ALA B 249 12.29 28.10 8.24
C ALA B 249 13.65 28.07 7.53
N ALA B 250 14.72 27.65 8.23
CA ALA B 250 16.02 27.58 7.60
C ALA B 250 15.98 26.65 6.40
N LEU B 251 15.15 25.63 6.51
CA LEU B 251 14.98 24.57 5.54
C LEU B 251 13.93 24.90 4.50
N THR B 252 12.85 25.50 4.94
CA THR B 252 11.67 25.65 4.13
C THR B 252 11.25 27.04 3.69
N ALA B 253 11.86 28.11 4.17
CA ALA B 253 11.35 29.45 3.86
C ALA B 253 11.66 29.94 2.44
N GLY B 254 11.07 29.28 1.46
CA GLY B 254 11.24 29.59 0.05
C GLY B 254 12.20 28.62 -0.60
N ALA B 255 11.79 28.05 -1.75
CA ALA B 255 12.63 27.08 -2.42
C ALA B 255 12.67 27.27 -3.94
N LYS B 256 12.26 28.45 -4.38
CA LYS B 256 12.43 28.84 -5.77
C LYS B 256 13.91 29.03 -5.77
N TYR B 257 14.63 28.82 -6.86
CA TYR B 257 16.08 28.94 -6.78
C TYR B 257 16.50 27.80 -5.88
N LYS B 258 16.18 26.60 -6.33
CA LYS B 258 16.45 25.46 -5.51
C LYS B 258 17.89 25.52 -5.11
N GLY B 259 18.13 25.07 -3.90
CA GLY B 259 19.44 25.10 -3.29
C GLY B 259 19.49 26.23 -2.29
N ASP B 260 18.59 27.21 -2.37
CA ASP B 260 18.68 28.24 -1.34
C ASP B 260 18.59 27.69 0.07
N PHE B 261 17.75 26.69 0.34
CA PHE B 261 17.75 26.23 1.73
C PHE B 261 19.09 25.63 2.10
N GLU B 262 19.82 25.12 1.12
CA GLU B 262 21.07 24.52 1.45
C GLU B 262 21.97 25.65 1.81
N GLU B 263 21.84 26.75 1.09
CA GLU B 263 22.67 27.91 1.38
C GLU B 263 22.36 28.37 2.77
N ARG B 264 21.08 28.35 3.13
CA ARG B 264 20.71 28.79 4.46
C ARG B 264 21.43 27.93 5.46
N PHE B 265 21.47 26.63 5.24
CA PHE B 265 22.20 25.82 6.18
C PHE B 265 23.67 26.03 6.12
N LYS B 266 24.25 26.22 4.97
CA LYS B 266 25.67 26.39 5.03
C LYS B 266 25.97 27.67 5.77
N GLY B 267 25.12 28.66 5.57
CA GLY B 267 25.25 29.94 6.25
C GLY B 267 25.14 29.74 7.74
N VAL B 268 24.05 29.13 8.19
CA VAL B 268 23.86 28.93 9.61
C VAL B 268 24.96 28.11 10.20
N LEU B 269 25.30 27.04 9.52
CA LEU B 269 26.27 26.18 10.08
C LEU B 269 27.60 26.93 10.12
N LYS B 270 27.87 27.75 9.11
CA LYS B 270 29.09 28.54 9.12
C LYS B 270 29.10 29.50 10.30
N GLU B 271 27.98 30.15 10.56
CA GLU B 271 27.93 31.09 11.67
C GLU B 271 28.18 30.38 12.96
N ILE B 272 27.71 29.16 13.06
CA ILE B 272 28.00 28.40 14.25
C ILE B 272 29.48 28.06 14.29
N GLU B 273 30.03 27.63 13.17
CA GLU B 273 31.44 27.25 13.06
C GLU B 273 32.33 28.45 13.38
N GLU B 274 31.85 29.66 13.07
CA GLU B 274 32.56 30.89 13.36
C GLU B 274 32.99 30.90 14.82
N SER B 275 32.18 30.30 15.68
CA SER B 275 32.49 30.21 17.09
C SER B 275 32.77 31.54 17.75
N LYS B 276 31.83 32.49 17.62
CA LYS B 276 31.98 33.80 18.26
C LYS B 276 32.20 33.56 19.76
N THR B 277 31.45 32.58 20.23
CA THR B 277 31.47 31.95 21.51
C THR B 277 31.13 30.53 21.20
N LEU B 278 31.00 29.71 22.20
CA LEU B 278 30.58 28.38 21.82
C LEU B 278 29.11 28.41 21.53
N ILE B 279 28.73 27.98 20.35
CA ILE B 279 27.35 27.95 20.00
C ILE B 279 26.89 26.53 19.83
N VAL B 280 25.84 26.21 20.53
CA VAL B 280 25.26 24.92 20.47
C VAL B 280 23.91 25.10 19.83
N LEU B 281 23.59 24.24 18.91
CA LEU B 281 22.32 24.36 18.24
C LEU B 281 21.39 23.25 18.71
N PHE B 282 20.18 23.61 19.04
CA PHE B 282 19.15 22.67 19.40
C PHE B 282 18.19 22.48 18.28
N ILE B 283 17.94 21.25 17.94
CA ILE B 283 17.00 20.99 16.88
C ILE B 283 15.77 20.36 17.48
N ASP B 284 14.64 21.02 17.43
CA ASP B 284 13.51 20.32 18.00
C ASP B 284 13.04 19.42 16.93
N GLU B 285 12.22 18.45 17.28
CA GLU B 285 11.70 17.54 16.30
C GLU B 285 12.79 17.14 15.33
N ILE B 286 13.89 16.59 15.83
CA ILE B 286 15.08 16.37 15.00
C ILE B 286 14.89 15.53 13.76
N HIS B 287 13.87 14.71 13.73
CA HIS B 287 13.61 13.88 12.57
C HIS B 287 13.21 14.73 11.38
N MET B 288 12.87 15.98 11.60
CA MET B 288 12.46 16.86 10.55
C MET B 288 13.59 17.15 9.59
N LEU B 289 14.83 16.93 10.01
CA LEU B 289 15.93 17.22 9.12
C LEU B 289 16.32 15.97 8.37
N MET B 290 15.52 14.91 8.48
CA MET B 290 15.82 13.69 7.77
C MET B 290 15.80 13.82 6.26
N GLY B 291 14.94 14.69 5.73
CA GLY B 291 14.88 14.89 4.28
C GLY B 291 13.97 13.88 3.59
N ASN B 292 13.33 14.30 2.51
CA ASN B 292 12.42 13.38 1.83
C ASN B 292 13.18 12.41 0.96
N GLY B 293 13.57 11.32 1.58
CA GLY B 293 14.42 10.36 0.93
C GLY B 293 15.83 10.87 1.05
N LYS B 294 16.13 11.49 2.17
CA LYS B 294 17.45 12.08 2.39
C LYS B 294 17.58 13.18 1.37
N ASP B 295 18.63 13.18 0.56
CA ASP B 295 18.85 14.17 -0.52
C ASP B 295 18.73 15.64 -0.08
N ASP B 296 17.51 16.07 0.28
CA ASP B 296 17.21 17.39 0.83
C ASP B 296 17.95 17.57 2.12
N ALA B 297 18.16 16.45 2.79
CA ALA B 297 18.91 16.41 4.03
C ALA B 297 20.28 17.02 3.84
N ALA B 298 20.80 16.91 2.63
CA ALA B 298 22.10 17.43 2.25
C ALA B 298 23.08 17.14 3.32
N ASN B 299 23.92 18.11 3.62
CA ASN B 299 24.82 17.97 4.72
C ASN B 299 24.30 18.69 5.91
N ILE B 300 22.99 18.78 6.00
CA ILE B 300 22.46 19.45 7.12
C ILE B 300 22.84 18.68 8.34
N LEU B 301 23.77 19.26 9.05
CA LEU B 301 24.30 18.71 10.26
C LEU B 301 24.90 17.35 10.00
N LYS B 302 25.47 17.10 8.83
CA LYS B 302 26.05 15.79 8.63
C LYS B 302 27.55 15.78 8.94
N PRO B 303 28.47 15.70 7.95
CA PRO B 303 29.88 15.48 8.25
C PRO B 303 30.45 16.46 9.24
N ALA B 304 29.86 17.64 9.30
CA ALA B 304 30.31 18.69 10.18
C ALA B 304 30.33 18.25 11.63
N LEU B 305 29.42 17.39 12.02
CA LEU B 305 29.33 17.01 13.40
C LEU B 305 30.55 16.23 13.87
N SER B 306 31.18 15.53 12.95
CA SER B 306 32.30 14.69 13.29
C SER B 306 33.57 15.51 13.45
N ARG B 307 33.47 16.81 13.17
CA ARG B 307 34.63 17.67 13.25
C ARG B 307 34.82 18.34 14.60
N GLY B 308 33.84 18.17 15.47
CA GLY B 308 33.92 18.75 16.83
C GLY B 308 33.27 20.12 16.98
N GLN B 309 32.88 20.72 15.88
CA GLN B 309 32.22 22.03 15.89
C GLN B 309 30.78 21.73 15.67
N LEU B 310 29.94 22.75 15.70
CA LEU B 310 28.54 22.51 15.44
C LEU B 310 27.93 21.51 16.37
N LYS B 311 28.06 21.75 17.65
CA LYS B 311 27.46 20.84 18.60
C LYS B 311 25.96 20.91 18.45
N VAL B 312 25.29 19.77 18.35
CA VAL B 312 23.86 19.77 18.20
C VAL B 312 23.13 18.93 19.21
N ILE B 313 22.12 19.51 19.81
CA ILE B 313 21.34 18.74 20.75
C ILE B 313 20.05 18.36 20.05
N GLY B 314 19.73 17.08 19.99
CA GLY B 314 18.49 16.68 19.34
C GLY B 314 17.38 16.41 20.35
N ALA B 315 16.21 16.06 19.83
CA ALA B 315 15.06 15.70 20.63
C ALA B 315 14.07 14.94 19.77
N THR B 316 13.70 13.74 20.22
CA THR B 316 12.79 12.90 19.47
C THR B 316 12.02 11.88 20.31
N THR B 317 11.24 11.04 19.64
CA THR B 317 10.44 10.02 20.28
C THR B 317 10.84 8.69 19.76
N ASN B 318 10.36 7.64 20.38
CA ASN B 318 10.73 6.33 19.91
C ASN B 318 10.29 6.10 18.47
N ASN B 319 9.15 6.61 18.10
CA ASN B 319 8.69 6.36 16.75
C ASN B 319 9.47 7.18 15.76
N GLU B 320 9.72 8.42 16.12
CA GLU B 320 10.41 9.27 15.20
C GLU B 320 11.81 8.77 15.02
N TYR B 321 12.41 8.36 16.12
CA TYR B 321 13.76 7.91 16.13
C TYR B 321 13.89 6.79 15.17
N ARG B 322 13.01 5.80 15.28
CA ARG B 322 13.12 4.70 14.36
C ARG B 322 13.01 5.18 12.92
N SER B 323 12.13 6.15 12.61
CA SER B 323 11.97 6.60 11.23
C SER B 323 13.18 7.36 10.70
N ILE B 324 14.07 7.79 11.59
CA ILE B 324 15.30 8.48 11.18
C ILE B 324 16.39 7.47 11.02
N VAL B 325 16.60 6.75 12.08
CA VAL B 325 17.70 5.87 12.21
C VAL B 325 17.75 4.78 11.22
N GLU B 326 16.63 4.11 11.03
CA GLU B 326 16.62 2.99 10.13
C GLU B 326 16.84 3.41 8.69
N LYS B 327 16.78 4.70 8.41
CA LYS B 327 16.93 5.14 7.06
C LYS B 327 18.27 5.80 6.87
N ASP B 328 18.71 6.59 7.85
CA ASP B 328 19.94 7.33 7.68
C ASP B 328 21.19 6.55 7.99
N GLY B 329 21.21 5.79 9.09
CA GLY B 329 22.44 5.11 9.47
C GLY B 329 23.46 6.09 10.07
N ALA B 330 23.95 6.99 9.26
CA ALA B 330 24.94 7.94 9.69
C ALA B 330 24.44 8.78 10.85
N PHE B 331 23.19 9.20 10.87
CA PHE B 331 22.71 9.94 12.02
C PHE B 331 22.79 9.11 13.28
N GLU B 332 22.49 7.83 13.17
CA GLU B 332 22.51 6.95 14.32
C GLU B 332 23.89 7.00 14.92
N ARG B 333 24.89 7.16 14.07
CA ARG B 333 26.25 7.23 14.55
C ARG B 333 26.55 8.62 15.06
N ARG B 334 26.20 9.63 14.27
CA ARG B 334 26.47 11.01 14.62
C ARG B 334 25.89 11.47 15.95
N PHE B 335 24.65 11.11 16.21
CA PHE B 335 23.97 11.56 17.41
C PHE B 335 24.01 10.55 18.51
N GLN B 336 24.01 11.02 19.74
CA GLN B 336 23.96 10.11 20.86
C GLN B 336 22.70 10.22 21.68
N LYS B 337 21.83 9.25 21.57
CA LYS B 337 20.60 9.37 22.30
C LYS B 337 20.85 9.26 23.78
N ILE B 338 20.01 9.95 24.54
CA ILE B 338 19.96 9.87 25.98
C ILE B 338 18.58 9.45 26.37
N GLU B 339 18.44 8.38 27.09
CA GLU B 339 17.07 8.00 27.40
C GLU B 339 16.50 8.99 28.39
N VAL B 340 15.26 9.41 28.17
CA VAL B 340 14.61 10.27 29.14
C VAL B 340 13.37 9.58 29.67
N ALA B 341 13.36 9.32 30.97
CA ALA B 341 12.28 8.59 31.60
C ALA B 341 11.09 9.45 31.91
N GLU B 342 9.91 8.85 31.90
CA GLU B 342 8.77 9.56 32.46
C GLU B 342 9.13 9.72 33.91
N PRO B 343 9.01 10.88 34.53
CA PRO B 343 9.28 11.06 35.93
C PRO B 343 8.20 10.36 36.71
N SER B 344 8.54 9.94 37.89
CA SER B 344 7.61 9.27 38.79
C SER B 344 6.58 10.19 39.34
N VAL B 345 5.57 9.65 40.00
CA VAL B 345 4.55 10.47 40.61
C VAL B 345 5.21 11.38 41.64
N ARG B 346 6.13 10.84 42.42
CA ARG B 346 6.81 11.67 43.38
C ARG B 346 7.44 12.88 42.69
N GLN B 347 8.17 12.60 41.62
CA GLN B 347 8.82 13.67 40.90
C GLN B 347 7.82 14.60 40.29
N THR B 348 6.71 14.06 39.83
CA THR B 348 5.69 14.86 39.20
C THR B 348 5.21 15.88 40.17
N VAL B 349 4.97 15.47 41.41
CA VAL B 349 4.49 16.44 42.35
C VAL B 349 5.53 17.52 42.54
N ALA B 350 6.79 17.13 42.66
CA ALA B 350 7.80 18.15 42.86
C ALA B 350 7.78 19.13 41.71
N ILE B 351 7.61 18.63 40.51
CA ILE B 351 7.58 19.48 39.35
C ILE B 351 6.41 20.40 39.43
N LEU B 352 5.26 19.87 39.79
CA LEU B 352 4.11 20.72 39.85
C LEU B 352 4.33 21.82 40.83
N ARG B 353 4.92 21.50 41.99
CA ARG B 353 5.15 22.53 42.98
C ARG B 353 6.04 23.61 42.41
N GLY B 354 7.06 23.18 41.68
CA GLY B 354 7.99 24.10 41.09
C GLY B 354 7.30 25.03 40.10
N LEU B 355 6.33 24.52 39.37
CA LEU B 355 5.66 25.34 38.39
C LEU B 355 4.44 26.05 38.95
N GLN B 356 4.01 25.63 40.12
CA GLN B 356 2.86 26.20 40.75
C GLN B 356 2.79 27.71 40.67
N PRO B 357 3.81 28.50 41.00
CA PRO B 357 3.73 29.93 40.95
C PRO B 357 3.53 30.45 39.55
N LYS B 358 3.91 29.70 38.52
CA LYS B 358 3.71 30.23 37.19
C LYS B 358 2.26 30.16 36.86
N TYR B 359 1.61 29.11 37.36
CA TYR B 359 0.21 28.95 37.09
C TYR B 359 -0.58 29.87 37.96
N GLU B 360 -0.15 30.03 39.21
CA GLU B 360 -0.90 30.90 40.07
C GLU B 360 -0.88 32.31 39.52
N ILE B 361 0.28 32.74 39.02
CA ILE B 361 0.39 34.06 38.45
C ILE B 361 -0.42 34.22 37.20
N HIS B 362 -0.31 33.27 36.29
CA HIS B 362 -1.06 33.34 35.06
C HIS B 362 -2.56 33.39 35.27
N HIS B 363 -3.06 32.44 36.03
CA HIS B 363 -4.48 32.33 36.25
C HIS B 363 -5.01 33.29 37.29
N GLY B 364 -4.18 33.74 38.21
CA GLY B 364 -4.67 34.63 39.24
C GLY B 364 -5.44 33.85 40.28
N VAL B 365 -4.95 32.65 40.59
CA VAL B 365 -5.61 31.75 41.53
C VAL B 365 -4.65 31.28 42.59
N ARG B 366 -5.18 30.72 43.66
CA ARG B 366 -4.31 30.08 44.64
C ARG B 366 -4.46 28.59 44.50
N ILE B 367 -3.36 27.88 44.50
CA ILE B 367 -3.45 26.43 44.38
C ILE B 367 -2.98 25.78 45.65
N LEU B 368 -3.81 24.92 46.21
CA LEU B 368 -3.40 24.28 47.44
C LEU B 368 -2.51 23.10 47.13
N ASP B 369 -1.59 22.78 48.03
CA ASP B 369 -0.70 21.65 47.78
C ASP B 369 -1.48 20.38 47.61
N SER B 370 -2.61 20.28 48.29
CA SER B 370 -3.42 19.10 48.21
C SER B 370 -3.79 18.86 46.75
N ALA B 371 -4.06 19.94 46.03
CA ALA B 371 -4.47 19.82 44.64
C ALA B 371 -3.35 19.25 43.82
N LEU B 372 -2.14 19.73 44.06
CA LEU B 372 -1.07 19.29 43.21
C LEU B 372 -0.76 17.85 43.48
N VAL B 373 -0.82 17.46 44.73
CA VAL B 373 -0.53 16.09 45.05
C VAL B 373 -1.57 15.20 44.42
N THR B 374 -2.82 15.63 44.55
CA THR B 374 -3.91 14.89 43.98
C THR B 374 -3.71 14.73 42.51
N ALA B 375 -3.40 15.81 41.82
CA ALA B 375 -3.27 15.75 40.38
C ALA B 375 -2.22 14.77 39.95
N ALA B 376 -1.10 14.75 40.63
CA ALA B 376 -0.07 13.83 40.17
C ALA B 376 -0.49 12.39 40.31
N GLN B 377 -1.14 12.04 41.41
CA GLN B 377 -1.47 10.64 41.57
C GLN B 377 -2.67 10.29 40.71
N LEU B 378 -3.59 11.21 40.64
CA LEU B 378 -4.82 11.02 39.92
C LEU B 378 -4.47 10.84 38.45
N ALA B 379 -3.58 11.68 37.95
CA ALA B 379 -3.19 11.61 36.57
C ALA B 379 -2.60 10.28 36.24
N LYS B 380 -1.76 9.75 37.11
CA LYS B 380 -1.16 8.47 36.77
C LYS B 380 -2.22 7.41 36.67
N ARG B 381 -3.21 7.46 37.54
CA ARG B 381 -4.23 6.45 37.52
C ARG B 381 -5.24 6.60 36.38
N TYR B 382 -5.63 7.83 36.04
CA TYR B 382 -6.67 8.01 35.04
C TYR B 382 -6.34 8.57 33.68
N LEU B 383 -5.10 8.92 33.40
CA LEU B 383 -4.80 9.45 32.09
C LEU B 383 -3.72 8.64 31.41
N PRO B 384 -3.93 7.35 31.12
CA PRO B 384 -2.94 6.40 30.68
C PRO B 384 -2.34 6.69 29.34
N TYR B 385 -2.94 7.58 28.57
CA TYR B 385 -2.39 7.79 27.25
C TYR B 385 -1.55 9.05 27.16
N ARG B 386 -1.33 9.68 28.30
CA ARG B 386 -0.50 10.86 28.35
C ARG B 386 0.50 10.74 29.50
N ARG B 387 1.74 11.10 29.25
CA ARG B 387 2.77 10.96 30.26
C ARG B 387 2.63 11.99 31.36
N LEU B 388 3.11 11.67 32.55
CA LEU B 388 2.86 12.51 33.71
C LEU B 388 3.17 13.99 33.64
N PRO B 389 4.28 14.48 33.14
CA PRO B 389 4.46 15.90 33.07
C PRO B 389 3.26 16.51 32.39
N ASP B 390 2.91 16.04 31.20
CA ASP B 390 1.71 16.62 30.62
C ASP B 390 0.42 16.30 31.33
N SER B 391 0.23 15.08 31.75
CA SER B 391 -1.05 14.72 32.31
C SER B 391 -1.31 15.47 33.60
N ALA B 392 -0.31 15.55 34.44
CA ALA B 392 -0.49 16.26 35.67
C ALA B 392 -0.72 17.72 35.37
N LEU B 393 0.04 18.27 34.44
CA LEU B 393 -0.16 19.67 34.17
C LEU B 393 -1.51 19.92 33.58
N ASP B 394 -2.02 19.02 32.75
CA ASP B 394 -3.33 19.26 32.20
C ASP B 394 -4.33 19.36 33.31
N LEU B 395 -4.28 18.47 34.29
CA LEU B 395 -5.27 18.58 35.33
C LEU B 395 -5.12 19.88 36.10
N VAL B 396 -3.90 20.28 36.38
CA VAL B 396 -3.75 21.50 37.14
C VAL B 396 -4.14 22.72 36.36
N ASP B 397 -3.60 22.85 35.16
CA ASP B 397 -3.81 24.01 34.32
C ASP B 397 -5.28 24.13 34.00
N ILE B 398 -5.90 23.04 33.57
CA ILE B 398 -7.30 23.08 33.23
C ILE B 398 -8.12 23.45 34.44
N SER B 399 -7.82 22.88 35.60
CA SER B 399 -8.59 23.22 36.77
C SER B 399 -8.44 24.69 37.10
N CYS B 400 -7.22 25.19 36.95
CA CYS B 400 -6.98 26.58 37.26
C CYS B 400 -7.79 27.42 36.32
N ALA B 401 -7.85 27.01 35.04
CA ALA B 401 -8.66 27.71 34.08
C ALA B 401 -10.11 27.63 34.53
N GLY B 402 -10.53 26.48 35.04
CA GLY B 402 -11.89 26.34 35.50
C GLY B 402 -12.22 27.47 36.46
N VAL B 403 -11.39 27.63 37.48
CA VAL B 403 -11.58 28.65 38.50
C VAL B 403 -11.47 30.06 37.93
N ALA B 404 -10.46 30.31 37.12
CA ALA B 404 -10.26 31.64 36.57
C ALA B 404 -11.42 32.05 35.70
N VAL B 405 -11.85 31.13 34.87
CA VAL B 405 -12.93 31.38 33.96
C VAL B 405 -14.18 31.62 34.73
N ALA B 406 -14.43 30.78 35.70
CA ALA B 406 -15.64 30.94 36.45
C ALA B 406 -15.70 32.31 37.10
N ARG B 407 -14.63 32.80 37.73
CA ARG B 407 -14.87 34.09 38.34
C ARG B 407 -15.04 35.18 37.28
N ASP B 408 -14.40 35.04 36.13
CA ASP B 408 -14.54 36.06 35.12
C ASP B 408 -15.93 36.04 34.49
N SER B 409 -16.60 34.89 34.56
CA SER B 409 -17.93 34.75 34.00
C SER B 409 -19.02 35.39 34.88
N LYS B 410 -18.67 35.86 36.08
CA LYS B 410 -19.64 36.42 37.01
C LYS B 410 -20.00 37.87 36.71
N GLN B 538 -12.12 31.74 47.59
CA GLN B 538 -12.78 32.08 46.34
C GLN B 538 -12.05 31.50 45.15
N ASN B 539 -11.01 32.18 44.72
CA ASN B 539 -10.22 31.75 43.57
C ASN B 539 -9.22 30.70 43.95
N VAL B 540 -9.72 29.58 44.44
CA VAL B 540 -8.85 28.56 44.97
C VAL B 540 -9.04 27.21 44.30
N VAL B 541 -7.92 26.64 43.91
CA VAL B 541 -7.85 25.34 43.29
C VAL B 541 -7.57 24.32 44.39
N ASP B 542 -8.33 23.25 44.39
CA ASP B 542 -8.26 22.21 45.40
C ASP B 542 -8.41 20.85 44.78
N SER B 543 -8.24 19.83 45.57
CA SER B 543 -8.37 18.47 45.12
C SER B 543 -9.76 18.22 44.56
N ASP B 544 -10.76 18.91 45.05
CA ASP B 544 -12.08 18.74 44.49
C ASP B 544 -12.16 19.31 43.08
N THR B 545 -11.34 20.31 42.79
CA THR B 545 -11.42 20.94 41.48
C THR B 545 -10.56 20.11 40.55
N ILE B 546 -9.58 19.44 41.13
CA ILE B 546 -8.77 18.58 40.31
C ILE B 546 -9.63 17.41 39.92
N SER B 547 -10.34 16.92 40.90
CA SER B 547 -11.18 15.79 40.70
C SER B 547 -12.31 16.06 39.72
N GLU B 548 -12.99 17.20 39.82
CA GLU B 548 -14.07 17.42 38.86
C GLU B 548 -13.49 17.56 37.45
N THR B 549 -12.27 18.07 37.34
CA THR B 549 -11.66 18.19 36.05
C THR B 549 -11.39 16.84 35.48
N ALA B 550 -10.85 15.96 36.31
CA ALA B 550 -10.55 14.64 35.82
C ALA B 550 -11.80 13.99 35.33
N ALA B 551 -12.90 14.20 36.04
CA ALA B 551 -14.15 13.61 35.60
C ALA B 551 -14.55 14.21 34.25
N ARG B 552 -14.36 15.49 34.05
CA ARG B 552 -14.71 16.02 32.74
C ARG B 552 -13.88 15.40 31.64
N LEU B 553 -12.62 15.11 31.94
CA LEU B 553 -11.73 14.56 30.94
C LEU B 553 -11.86 13.06 30.71
N THR B 554 -12.16 12.31 31.77
CA THR B 554 -12.21 10.85 31.71
C THR B 554 -13.55 10.23 32.15
N GLY B 555 -14.53 11.05 32.44
CA GLY B 555 -15.81 10.55 32.89
C GLY B 555 -15.76 10.23 34.36
N ILE B 556 -15.16 9.09 34.67
CA ILE B 556 -14.99 8.57 36.02
C ILE B 556 -15.74 9.35 37.08
N PRO B 557 -17.09 9.33 37.04
CA PRO B 557 -18.02 10.10 37.87
C PRO B 557 -17.69 10.08 39.34
N VAL B 558 -17.03 9.01 39.76
CA VAL B 558 -16.62 8.75 41.11
C VAL B 558 -15.74 9.85 41.72
N LYS B 559 -15.16 10.69 40.88
CA LYS B 559 -14.34 11.74 41.39
C LYS B 559 -15.11 13.01 41.72
N LYS B 560 -16.38 13.09 41.36
CA LYS B 560 -17.09 14.33 41.65
C LYS B 560 -17.35 14.50 43.15
N LEU B 561 -17.60 13.40 43.84
CA LEU B 561 -17.85 13.33 45.28
C LEU B 561 -19.02 14.15 45.86
N SER B 562 -20.07 14.34 45.09
CA SER B 562 -21.25 15.10 45.55
C SER B 562 -22.04 14.47 46.68
N GLU B 563 -22.60 15.29 47.56
CA GLU B 563 -23.49 14.79 48.60
C GLU B 563 -24.68 14.04 47.99
N SER B 564 -25.11 14.48 46.82
CA SER B 564 -26.24 13.83 46.19
C SER B 564 -25.82 12.46 45.68
N GLU B 565 -24.51 12.26 45.51
CA GLU B 565 -23.99 11.01 45.06
C GLU B 565 -24.04 10.10 46.24
N ASN B 566 -23.69 10.63 47.41
CA ASN B 566 -23.77 9.78 48.57
C ASN B 566 -25.16 9.21 48.67
N GLU B 567 -26.18 10.03 48.54
CA GLU B 567 -27.48 9.40 48.64
C GLU B 567 -27.79 8.48 47.47
N LYS B 568 -27.45 8.87 46.26
CA LYS B 568 -27.75 8.02 45.12
C LYS B 568 -27.10 6.65 45.26
N LEU B 569 -25.83 6.68 45.61
CA LEU B 569 -25.03 5.50 45.76
C LEU B 569 -25.40 4.68 46.97
N ILE B 570 -25.60 5.30 48.10
CA ILE B 570 -25.94 4.54 49.29
C ILE B 570 -27.21 3.77 49.07
N HIS B 571 -28.19 4.40 48.46
CA HIS B 571 -29.44 3.73 48.25
C HIS B 571 -29.48 3.02 46.92
N MET B 572 -28.31 2.78 46.33
CA MET B 572 -28.25 2.09 45.07
C MET B 572 -28.95 0.76 45.09
N GLU B 573 -28.83 0.01 46.18
CA GLU B 573 -29.46 -1.28 46.16
C GLU B 573 -30.96 -1.11 46.04
N ARG B 574 -31.48 -0.11 46.73
CA ARG B 574 -32.90 0.19 46.70
C ARG B 574 -33.31 0.56 45.31
N ASP B 575 -32.57 1.50 44.74
CA ASP B 575 -32.93 2.03 43.46
C ASP B 575 -32.92 0.93 42.43
N LEU B 576 -31.89 0.10 42.42
CA LEU B 576 -31.90 -0.96 41.44
C LEU B 576 -33.01 -1.94 41.70
N SER B 577 -33.29 -2.24 42.95
CA SER B 577 -34.33 -3.19 43.27
C SER B 577 -35.72 -2.67 42.92
N SER B 578 -35.85 -1.36 42.68
CA SER B 578 -37.15 -0.84 42.33
C SER B 578 -37.47 -1.14 40.88
N GLU B 579 -36.46 -1.54 40.10
CA GLU B 579 -36.67 -1.90 38.72
C GLU B 579 -36.36 -3.38 38.51
N VAL B 580 -35.45 -3.90 39.31
CA VAL B 580 -35.07 -5.29 39.23
C VAL B 580 -35.69 -6.01 40.39
N VAL B 581 -36.51 -6.98 40.11
CA VAL B 581 -37.23 -7.62 41.18
C VAL B 581 -36.45 -8.72 41.83
N GLY B 582 -36.33 -8.62 43.14
CA GLY B 582 -35.61 -9.59 43.90
C GLY B 582 -34.19 -9.64 43.39
N GLN B 583 -33.63 -10.83 43.36
CA GLN B 583 -32.26 -11.02 42.93
C GLN B 583 -31.37 -10.06 43.71
N MET B 584 -31.63 -9.96 45.00
CA MET B 584 -30.87 -9.03 45.80
C MET B 584 -29.42 -9.42 45.87
N ASP B 585 -29.15 -10.70 45.73
CA ASP B 585 -27.80 -11.17 45.78
C ASP B 585 -26.97 -10.45 44.74
N ALA B 586 -27.56 -10.27 43.55
CA ALA B 586 -26.84 -9.65 42.47
C ALA B 586 -26.75 -8.18 42.69
N ILE B 587 -27.84 -7.61 43.15
CA ILE B 587 -27.87 -6.19 43.33
C ILE B 587 -26.85 -5.77 44.33
N LYS B 588 -26.77 -6.50 45.42
CA LYS B 588 -25.80 -6.19 46.44
C LYS B 588 -24.40 -6.34 45.91
N ALA B 589 -24.15 -7.40 45.14
CA ALA B 589 -22.81 -7.58 44.65
C ALA B 589 -22.40 -6.40 43.80
N VAL B 590 -23.30 -5.95 42.96
CA VAL B 590 -22.97 -4.84 42.11
C VAL B 590 -22.81 -3.58 42.87
N SER B 591 -23.70 -3.36 43.80
CA SER B 591 -23.66 -2.13 44.54
C SER B 591 -22.34 -2.04 45.22
N ASN B 592 -21.86 -3.13 45.75
CA ASN B 592 -20.59 -3.08 46.41
C ASN B 592 -19.51 -2.65 45.46
N ALA B 593 -19.52 -3.17 44.24
CA ALA B 593 -18.46 -2.76 43.34
C ALA B 593 -18.51 -1.28 43.06
N VAL B 594 -19.71 -0.76 42.87
CA VAL B 594 -19.77 0.64 42.57
C VAL B 594 -19.33 1.46 43.75
N ARG B 595 -19.74 1.04 44.94
CA ARG B 595 -19.37 1.75 46.15
C ARG B 595 -17.85 1.72 46.34
N LEU B 596 -17.21 0.61 46.04
CA LEU B 596 -15.76 0.58 46.16
C LEU B 596 -15.14 1.58 45.21
N SER B 597 -15.71 1.69 44.03
CA SER B 597 -15.13 2.60 43.07
C SER B 597 -15.29 4.03 43.55
N ARG B 598 -16.49 4.39 44.00
CA ARG B 598 -16.72 5.76 44.42
C ARG B 598 -15.87 6.14 45.60
N SER B 599 -15.77 5.23 46.56
CA SER B 599 -15.02 5.47 47.78
C SER B 599 -13.51 5.42 47.61
N GLY B 600 -13.01 5.05 46.44
CA GLY B 600 -11.58 4.97 46.23
C GLY B 600 -10.95 3.70 46.80
N LEU B 601 -11.75 2.70 47.10
CA LEU B 601 -11.20 1.51 47.68
C LEU B 601 -10.93 0.47 46.64
N ALA B 602 -11.67 0.53 45.54
CA ALA B 602 -11.48 -0.47 44.50
C ALA B 602 -10.03 -0.48 44.10
N ASN B 603 -9.51 -1.66 43.85
CA ASN B 603 -8.13 -1.80 43.44
C ASN B 603 -7.92 -1.17 42.07
N PRO B 604 -7.06 -0.15 41.92
CA PRO B 604 -6.79 0.59 40.70
C PRO B 604 -6.49 -0.24 39.47
N ARG B 605 -6.08 -1.48 39.68
CA ARG B 605 -5.71 -2.33 38.58
C ARG B 605 -6.66 -3.49 38.39
N GLN B 606 -7.78 -3.44 39.05
CA GLN B 606 -8.71 -4.55 38.93
C GLN B 606 -10.09 -4.14 38.40
N PRO B 607 -10.44 -4.44 37.16
CA PRO B 607 -11.75 -4.12 36.63
C PRO B 607 -12.73 -4.84 37.53
N ALA B 608 -13.92 -4.28 37.74
CA ALA B 608 -14.86 -5.05 38.57
C ALA B 608 -15.21 -6.27 37.76
N SER B 609 -15.36 -7.43 38.37
CA SER B 609 -15.70 -8.59 37.54
C SER B 609 -16.76 -9.50 38.12
N PHE B 610 -17.85 -9.62 37.40
CA PHE B 610 -18.92 -10.45 37.87
C PHE B 610 -19.28 -11.55 36.93
N LEU B 611 -19.64 -12.67 37.50
CA LEU B 611 -20.21 -13.71 36.68
C LEU B 611 -21.59 -13.99 37.17
N PHE B 612 -22.55 -13.77 36.30
CA PHE B 612 -23.94 -13.97 36.64
C PHE B 612 -24.43 -15.26 36.06
N LEU B 613 -24.76 -16.16 36.92
CA LEU B 613 -25.24 -17.44 36.51
C LEU B 613 -26.73 -17.43 36.73
N GLY B 614 -27.50 -18.05 35.88
CA GLY B 614 -28.93 -18.03 36.20
C GLY B 614 -29.81 -18.55 35.09
N LEU B 615 -31.09 -18.70 35.39
CA LEU B 615 -32.05 -19.19 34.42
C LEU B 615 -32.19 -18.22 33.27
N SER B 616 -32.44 -18.75 32.09
CA SER B 616 -32.67 -17.82 31.02
C SER B 616 -33.92 -17.05 31.41
N GLY B 617 -33.90 -15.74 31.22
CA GLY B 617 -35.05 -14.90 31.54
C GLY B 617 -35.10 -14.49 33.02
N SER B 618 -34.03 -14.78 33.74
CA SER B 618 -33.84 -14.46 35.15
C SER B 618 -33.56 -13.01 35.48
N GLY B 619 -33.30 -12.22 34.46
CA GLY B 619 -32.95 -10.84 34.70
C GLY B 619 -31.46 -10.59 34.71
N LYS B 620 -30.64 -11.59 34.43
CA LYS B 620 -29.20 -11.31 34.38
C LYS B 620 -28.89 -10.08 33.51
N THR B 621 -29.37 -10.07 32.27
CA THR B 621 -29.04 -8.96 31.40
C THR B 621 -29.71 -7.73 31.89
N GLU B 622 -30.97 -7.87 32.27
CA GLU B 622 -31.71 -6.72 32.71
C GLU B 622 -30.96 -6.00 33.81
N LEU B 623 -30.50 -6.73 34.80
CA LEU B 623 -29.79 -6.07 35.86
C LEU B 623 -28.60 -5.39 35.32
N ALA B 624 -27.81 -6.09 34.55
CA ALA B 624 -26.61 -5.48 34.07
C ALA B 624 -26.91 -4.18 33.34
N LYS B 625 -27.97 -4.16 32.56
CA LYS B 625 -28.30 -2.94 31.88
C LYS B 625 -28.74 -1.90 32.85
N LYS B 626 -29.44 -2.28 33.92
CA LYS B 626 -29.92 -1.28 34.85
C LYS B 626 -28.76 -0.67 35.58
N VAL B 627 -27.71 -1.43 35.77
CA VAL B 627 -26.55 -0.90 36.42
C VAL B 627 -25.97 0.15 35.51
N ALA B 628 -25.85 -0.17 34.24
CA ALA B 628 -25.33 0.83 33.32
C ALA B 628 -26.23 2.02 33.33
N GLY B 629 -27.53 1.78 33.36
CA GLY B 629 -28.50 2.84 33.37
C GLY B 629 -28.18 3.77 34.50
N PHE B 630 -28.11 3.23 35.69
CA PHE B 630 -27.83 3.95 36.91
C PHE B 630 -26.57 4.79 36.77
N LEU B 631 -25.51 4.19 36.27
CA LEU B 631 -24.25 4.90 36.15
C LEU B 631 -24.20 5.98 35.08
N PHE B 632 -24.97 5.80 34.01
CA PHE B 632 -24.91 6.75 32.91
C PHE B 632 -26.20 7.51 32.66
N ASN B 633 -27.25 7.14 33.40
CA ASN B 633 -28.61 7.66 33.22
C ASN B 633 -29.07 7.33 31.81
N ASP B 634 -28.55 6.22 31.30
CA ASP B 634 -28.82 5.75 29.97
C ASP B 634 -28.29 4.35 29.74
N GLU B 635 -29.18 3.39 29.61
CA GLU B 635 -28.77 2.01 29.45
C GLU B 635 -27.95 1.78 28.18
N ASP B 636 -28.16 2.59 27.14
CA ASP B 636 -27.44 2.36 25.90
C ASP B 636 -25.99 2.80 25.91
N MET B 637 -25.54 3.44 26.98
CA MET B 637 -24.14 3.83 27.07
C MET B 637 -23.19 2.66 27.25
N MET B 638 -23.72 1.52 27.64
CA MET B 638 -22.92 0.33 27.88
C MET B 638 -22.35 -0.28 26.61
N ILE B 639 -21.30 -1.08 26.77
CA ILE B 639 -20.72 -1.80 25.66
C ILE B 639 -21.14 -3.26 25.69
N ARG B 640 -21.70 -3.76 24.62
CA ARG B 640 -22.17 -5.13 24.62
C ARG B 640 -21.47 -6.01 23.63
N VAL B 641 -21.03 -7.16 24.09
CA VAL B 641 -20.45 -8.16 23.22
C VAL B 641 -21.29 -9.42 23.27
N ASP B 642 -21.76 -9.85 22.11
CA ASP B 642 -22.63 -11.01 22.06
C ASP B 642 -21.77 -12.25 21.85
N CYS B 643 -21.72 -13.11 22.82
CA CYS B 643 -20.78 -14.18 22.74
C CYS B 643 -21.15 -15.26 21.79
N SER B 644 -22.37 -15.24 21.27
CA SER B 644 -22.77 -16.30 20.37
C SER B 644 -22.02 -16.16 19.06
N GLU B 645 -21.39 -15.02 18.85
CA GLU B 645 -20.66 -14.78 17.62
C GLU B 645 -19.17 -14.99 17.81
N LEU B 646 -18.75 -15.51 18.95
CA LEU B 646 -17.33 -15.67 19.22
C LEU B 646 -16.75 -17.07 19.00
N SER B 647 -16.75 -17.58 17.76
CA SER B 647 -16.08 -18.86 17.52
C SER B 647 -14.58 -18.61 17.54
N GLU B 648 -13.77 -19.65 17.70
CA GLU B 648 -12.32 -19.46 17.84
C GLU B 648 -11.63 -18.57 16.85
N LYS B 649 -11.90 -18.79 15.60
CA LYS B 649 -11.19 -18.15 14.53
C LYS B 649 -11.32 -16.65 14.48
N TYR B 650 -12.41 -16.14 14.99
CA TYR B 650 -12.68 -14.73 14.83
C TYR B 650 -12.73 -14.03 16.15
N ALA B 651 -13.06 -14.75 17.18
CA ALA B 651 -13.41 -14.12 18.42
C ALA B 651 -12.38 -13.15 18.94
N VAL B 652 -11.13 -13.44 18.79
CA VAL B 652 -10.18 -12.50 19.32
C VAL B 652 -10.09 -11.28 18.47
N SER B 653 -10.00 -11.51 17.18
CA SER B 653 -9.85 -10.42 16.26
C SER B 653 -11.01 -9.47 16.38
N LYS B 654 -12.19 -10.00 16.57
CA LYS B 654 -13.36 -9.17 16.70
C LYS B 654 -13.33 -8.21 17.88
N LEU B 655 -12.58 -8.51 18.92
CA LEU B 655 -12.57 -7.64 20.08
C LEU B 655 -11.35 -6.74 20.11
N LEU B 656 -10.23 -7.23 19.56
CA LEU B 656 -8.97 -6.50 19.55
C LEU B 656 -8.66 -5.82 18.23
N GLY B 657 -9.12 -6.39 17.16
CA GLY B 657 -8.78 -5.92 15.86
C GLY B 657 -7.53 -6.65 15.46
N THR B 658 -7.24 -6.66 14.19
CA THR B 658 -6.08 -7.34 13.64
C THR B 658 -4.79 -6.64 13.88
N THR B 659 -3.75 -7.40 13.67
CA THR B 659 -2.41 -6.89 13.75
C THR B 659 -1.96 -6.32 12.45
N ALA B 660 -0.86 -5.64 12.52
CA ALA B 660 -0.33 -5.00 11.35
C ALA B 660 -0.12 -6.03 10.26
N GLY B 661 -0.34 -5.59 9.04
CA GLY B 661 -0.18 -6.40 7.85
C GLY B 661 -1.41 -7.16 7.41
N TYR B 662 -2.43 -7.20 8.21
CA TYR B 662 -3.60 -7.92 7.77
C TYR B 662 -4.64 -7.01 7.24
N VAL B 663 -5.68 -7.56 6.66
CA VAL B 663 -6.72 -6.72 6.14
C VAL B 663 -7.47 -6.09 7.23
N GLY B 664 -7.45 -4.78 7.22
CA GLY B 664 -8.07 -4.00 8.23
C GLY B 664 -7.07 -3.88 9.34
N TYR B 665 -7.18 -2.78 10.06
CA TYR B 665 -6.34 -2.46 11.19
C TYR B 665 -7.34 -1.55 11.85
N ASP B 666 -8.57 -2.03 11.85
CA ASP B 666 -9.69 -1.29 12.35
C ASP B 666 -9.77 -1.67 13.80
N GLU B 667 -8.82 -1.14 14.52
CA GLU B 667 -8.55 -1.56 15.86
C GLU B 667 -9.73 -1.55 16.74
N GLY B 668 -9.78 -2.61 17.52
CA GLY B 668 -10.75 -2.86 18.56
C GLY B 668 -11.99 -3.54 18.13
N GLY B 669 -12.37 -3.51 16.85
CA GLY B 669 -13.64 -4.15 16.56
C GLY B 669 -14.62 -3.60 17.60
N PHE B 670 -15.05 -4.47 18.50
CA PHE B 670 -15.92 -4.11 19.58
C PHE B 670 -15.24 -3.43 20.80
N LEU B 671 -14.05 -3.86 21.24
CA LEU B 671 -13.59 -3.39 22.55
C LEU B 671 -12.38 -2.52 22.66
N THR B 672 -11.27 -2.88 22.08
CA THR B 672 -10.08 -2.08 22.42
C THR B 672 -10.06 -0.70 21.80
N ASN B 673 -11.18 -0.29 21.25
CA ASN B 673 -11.42 1.03 20.73
C ASN B 673 -12.45 1.74 21.60
N GLN B 674 -13.61 1.15 21.84
CA GLN B 674 -14.60 1.83 22.64
C GLN B 674 -14.07 2.07 24.03
N LEU B 675 -13.27 1.15 24.52
CA LEU B 675 -12.70 1.26 25.84
C LEU B 675 -11.75 2.46 25.94
N GLN B 676 -11.27 2.96 24.81
CA GLN B 676 -10.36 4.10 24.78
C GLN B 676 -11.12 5.39 24.77
N TYR B 677 -12.42 5.32 24.58
CA TYR B 677 -13.21 6.53 24.46
C TYR B 677 -14.20 6.60 25.60
N LYS B 678 -14.53 5.45 26.15
CA LYS B 678 -15.47 5.35 27.25
C LYS B 678 -14.81 4.53 28.37
N PRO B 679 -13.82 5.11 29.05
CA PRO B 679 -12.94 4.50 30.02
C PRO B 679 -13.65 4.12 31.31
N TYR B 680 -14.90 4.53 31.45
CA TYR B 680 -15.65 4.21 32.64
C TYR B 680 -16.93 3.49 32.30
N SER B 681 -16.94 2.86 31.15
CA SER B 681 -18.08 2.09 30.69
C SER B 681 -18.31 0.77 31.43
N VAL B 682 -19.50 0.23 31.22
CA VAL B 682 -19.83 -1.09 31.71
C VAL B 682 -19.86 -1.98 30.50
N LEU B 683 -19.15 -3.08 30.58
CA LEU B 683 -19.00 -4.03 29.51
C LEU B 683 -19.63 -5.36 29.79
N LEU B 684 -20.56 -5.75 28.93
CA LEU B 684 -21.24 -7.01 29.14
C LEU B 684 -20.87 -8.05 28.11
N PHE B 685 -20.77 -9.28 28.56
CA PHE B 685 -20.57 -10.41 27.68
C PHE B 685 -21.71 -11.39 27.85
N ASP B 686 -22.58 -11.44 26.87
CA ASP B 686 -23.75 -12.28 26.99
C ASP B 686 -23.53 -13.70 26.54
N GLU B 687 -23.81 -14.66 27.42
CA GLU B 687 -23.63 -16.11 27.17
C GLU B 687 -22.18 -16.47 26.92
N VAL B 688 -21.32 -16.13 27.86
CA VAL B 688 -19.91 -16.37 27.66
C VAL B 688 -19.58 -17.82 27.56
N GLU B 689 -20.41 -18.69 28.10
CA GLU B 689 -20.12 -20.10 28.02
C GLU B 689 -20.16 -20.60 26.58
N LYS B 690 -20.79 -19.85 25.67
CA LYS B 690 -20.87 -20.25 24.29
C LYS B 690 -19.73 -19.71 23.48
N ALA B 691 -18.92 -18.85 24.09
CA ALA B 691 -17.80 -18.30 23.36
C ALA B 691 -16.71 -19.32 23.33
N HIS B 692 -15.88 -19.30 22.32
CA HIS B 692 -14.76 -20.19 22.35
C HIS B 692 -13.81 -19.81 23.48
N PRO B 693 -13.22 -20.77 24.21
CA PRO B 693 -12.27 -20.53 25.28
C PRO B 693 -11.16 -19.56 24.94
N ASP B 694 -10.78 -19.46 23.69
CA ASP B 694 -9.72 -18.53 23.37
C ASP B 694 -10.15 -17.10 23.67
N VAL B 695 -11.41 -16.78 23.48
CA VAL B 695 -11.75 -15.40 23.73
C VAL B 695 -11.84 -15.23 25.22
N LEU B 696 -12.24 -16.29 25.90
CA LEU B 696 -12.38 -16.16 27.33
C LEU B 696 -11.00 -15.84 27.86
N THR B 697 -9.99 -16.41 27.22
CA THR B 697 -8.63 -16.12 27.55
C THR B 697 -8.33 -14.65 27.36
N VAL B 698 -8.82 -14.04 26.30
CA VAL B 698 -8.60 -12.61 26.18
C VAL B 698 -9.14 -11.90 27.40
N MET B 699 -10.32 -12.30 27.87
CA MET B 699 -10.82 -11.67 29.07
C MET B 699 -9.93 -11.96 30.27
N LEU B 700 -9.26 -13.12 30.31
CA LEU B 700 -8.43 -13.34 31.47
C LEU B 700 -7.41 -12.26 31.57
N GLN B 701 -6.84 -11.92 30.44
CA GLN B 701 -5.82 -10.93 30.50
C GLN B 701 -6.41 -9.63 30.93
N MET B 702 -7.57 -9.33 30.39
CA MET B 702 -8.24 -8.09 30.71
C MET B 702 -8.46 -7.96 32.20
N LEU B 703 -8.88 -9.06 32.82
CA LEU B 703 -9.19 -9.06 34.23
C LEU B 703 -7.97 -8.74 35.08
N ASP B 704 -6.78 -9.05 34.58
CA ASP B 704 -5.59 -8.69 35.33
C ASP B 704 -5.02 -7.37 34.86
N ASP B 705 -4.97 -6.44 35.77
CA ASP B 705 -4.44 -5.11 35.55
C ASP B 705 -5.18 -4.23 34.57
N GLY B 706 -6.25 -4.75 33.97
CA GLY B 706 -7.07 -4.06 32.98
C GLY B 706 -6.39 -4.11 31.61
N ARG B 707 -5.27 -4.81 31.52
CA ARG B 707 -4.54 -4.79 30.27
C ARG B 707 -5.12 -5.59 29.16
N ILE B 708 -5.23 -4.95 28.02
CA ILE B 708 -5.65 -5.60 26.81
C ILE B 708 -4.71 -5.02 25.77
N THR B 709 -4.15 -5.82 24.89
CA THR B 709 -3.34 -5.18 23.86
C THR B 709 -4.24 -4.94 22.68
N SER B 710 -4.05 -3.86 21.96
CA SER B 710 -4.85 -3.68 20.76
C SER B 710 -4.20 -4.49 19.68
N GLY B 711 -4.87 -4.69 18.57
CA GLY B 711 -4.23 -5.37 17.47
C GLY B 711 -2.92 -4.69 17.05
N GLN B 712 -2.85 -3.36 17.09
CA GLN B 712 -1.62 -2.69 16.67
C GLN B 712 -0.63 -2.42 17.83
N GLY B 713 -0.89 -2.96 19.02
CA GLY B 713 0.04 -2.80 20.15
C GLY B 713 -0.26 -1.74 21.23
N LYS B 714 -1.40 -1.10 21.19
CA LYS B 714 -1.70 -0.12 22.22
C LYS B 714 -2.15 -0.86 23.46
N THR B 715 -1.83 -0.38 24.65
CA THR B 715 -2.37 -1.04 25.83
C THR B 715 -3.62 -0.30 26.33
N ILE B 716 -4.67 -1.04 26.65
CA ILE B 716 -5.90 -0.43 27.10
C ILE B 716 -6.00 -0.04 28.58
N ASP B 717 -5.62 -0.92 29.49
CA ASP B 717 -5.74 -0.62 30.93
C ASP B 717 -7.13 -0.13 31.35
N CYS B 718 -8.14 -0.94 31.09
CA CYS B 718 -9.55 -0.63 31.34
C CYS B 718 -9.99 -0.86 32.78
N SER B 719 -9.14 -0.51 33.73
CA SER B 719 -9.40 -0.83 35.13
C SER B 719 -10.57 -0.09 35.76
N ASN B 720 -11.05 0.95 35.11
CA ASN B 720 -12.15 1.67 35.70
C ASN B 720 -13.48 1.25 35.16
N CYS B 721 -13.48 0.19 34.38
CA CYS B 721 -14.69 -0.35 33.85
C CYS B 721 -15.22 -1.47 34.69
N ILE B 722 -16.49 -1.75 34.48
CA ILE B 722 -17.14 -2.87 35.14
C ILE B 722 -17.42 -3.92 34.13
N VAL B 723 -17.01 -5.15 34.39
CA VAL B 723 -17.26 -6.19 33.44
C VAL B 723 -18.14 -7.28 34.00
N ILE B 724 -19.23 -7.54 33.30
CA ILE B 724 -20.16 -8.57 33.74
C ILE B 724 -20.35 -9.59 32.67
N MET B 725 -20.13 -10.84 33.02
CA MET B 725 -20.32 -11.94 32.12
C MET B 725 -21.57 -12.65 32.53
N THR B 726 -22.33 -13.14 31.58
CA THR B 726 -23.48 -13.91 31.98
C THR B 726 -23.39 -15.32 31.45
N SER B 727 -24.05 -16.24 32.13
CA SER B 727 -24.11 -17.64 31.71
C SER B 727 -25.31 -18.41 32.19
N ASN B 728 -25.73 -19.37 31.37
CA ASN B 728 -26.86 -20.21 31.68
C ASN B 728 -26.44 -21.59 32.18
N LEU B 729 -25.18 -21.78 32.52
CA LEU B 729 -24.78 -23.13 32.94
C LEU B 729 -25.49 -23.63 34.17
N GLY B 730 -25.82 -22.74 35.08
CA GLY B 730 -26.46 -23.15 36.31
C GLY B 730 -27.93 -23.40 36.16
N ALA B 731 -28.49 -23.11 34.99
CA ALA B 731 -29.91 -23.25 34.80
C ALA B 731 -30.37 -24.67 35.10
N GLU B 732 -29.48 -25.61 34.84
CA GLU B 732 -29.69 -27.03 35.01
C GLU B 732 -30.02 -27.44 36.42
N PHE B 733 -29.58 -26.66 37.39
CA PHE B 733 -29.83 -27.01 38.76
C PHE B 733 -30.75 -26.00 39.40
N ILE B 734 -30.75 -24.78 38.88
CA ILE B 734 -31.58 -23.74 39.47
C ILE B 734 -33.03 -24.10 39.32
N ASN B 735 -33.37 -24.67 38.16
CA ASN B 735 -34.73 -25.07 37.87
C ASN B 735 -35.23 -26.24 38.72
N SER B 736 -34.39 -26.71 39.67
CA SER B 736 -34.77 -27.71 40.66
C SER B 736 -35.77 -27.16 41.64
N GLN B 737 -35.86 -25.83 41.67
CA GLN B 737 -36.74 -25.07 42.55
C GLN B 737 -36.41 -25.33 44.00
N GLN B 738 -35.17 -25.66 44.30
CA GLN B 738 -34.81 -25.86 45.68
C GLN B 738 -34.57 -24.53 46.37
N GLY B 739 -35.71 -23.90 46.69
CA GLY B 739 -35.85 -22.59 47.30
C GLY B 739 -35.96 -21.55 46.21
N SER B 740 -36.72 -20.47 46.42
CA SER B 740 -36.72 -19.45 45.38
C SER B 740 -35.31 -18.90 45.40
N LYS B 741 -34.83 -18.62 46.61
CA LYS B 741 -33.44 -18.26 46.77
C LYS B 741 -32.71 -19.57 46.67
N ILE B 742 -31.71 -19.63 45.85
CA ILE B 742 -31.03 -20.88 45.67
C ILE B 742 -30.30 -21.34 46.88
N GLN B 743 -30.62 -22.55 47.29
CA GLN B 743 -30.02 -23.15 48.45
C GLN B 743 -28.60 -23.60 48.20
N GLU B 744 -27.88 -23.81 49.28
CA GLU B 744 -26.54 -24.33 49.18
C GLU B 744 -26.70 -25.70 48.56
N SER B 745 -25.60 -26.30 48.14
CA SER B 745 -25.61 -27.61 47.46
C SER B 745 -26.11 -27.43 46.02
N THR B 746 -27.30 -26.87 45.84
CA THR B 746 -27.77 -26.54 44.51
C THR B 746 -26.72 -25.63 43.92
N LYS B 747 -26.32 -24.66 44.71
CA LYS B 747 -25.24 -23.77 44.36
C LYS B 747 -23.99 -24.50 43.93
N ASN B 748 -23.65 -25.58 44.62
CA ASN B 748 -22.43 -26.26 44.31
C ASN B 748 -22.54 -26.99 43.00
N LEU B 749 -23.74 -27.47 42.67
CA LEU B 749 -23.93 -28.15 41.43
C LEU B 749 -23.71 -27.15 40.32
N VAL B 750 -24.19 -25.93 40.56
CA VAL B 750 -24.00 -24.88 39.60
C VAL B 750 -22.56 -24.57 39.42
N MET B 751 -21.86 -24.39 40.53
CA MET B 751 -20.48 -24.05 40.40
C MET B 751 -19.70 -25.19 39.81
N GLY B 752 -20.17 -26.42 40.01
CA GLY B 752 -19.54 -27.58 39.43
C GLY B 752 -19.52 -27.39 37.92
N ALA B 753 -20.67 -27.11 37.34
CA ALA B 753 -20.73 -26.94 35.89
C ALA B 753 -19.80 -25.84 35.44
N VAL B 754 -19.74 -24.77 36.22
CA VAL B 754 -18.89 -23.66 35.88
C VAL B 754 -17.45 -24.07 35.91
N ARG B 755 -17.03 -24.76 36.96
CA ARG B 755 -15.66 -25.22 37.08
C ARG B 755 -15.29 -26.17 35.98
N GLN B 756 -16.22 -26.99 35.56
CA GLN B 756 -15.91 -27.89 34.49
C GLN B 756 -15.74 -27.15 33.18
N HIS B 757 -16.58 -26.15 32.95
CA HIS B 757 -16.57 -25.43 31.70
C HIS B 757 -15.44 -24.39 31.56
N PHE B 758 -15.21 -23.59 32.60
CA PHE B 758 -14.22 -22.51 32.54
C PHE B 758 -12.98 -22.92 33.28
N ARG B 759 -11.83 -22.42 32.89
CA ARG B 759 -10.66 -22.79 33.66
C ARG B 759 -10.60 -21.96 34.94
N PRO B 760 -10.07 -22.50 36.05
CA PRO B 760 -9.84 -21.81 37.30
C PRO B 760 -9.14 -20.47 37.11
N GLU B 761 -8.30 -20.39 36.10
CA GLU B 761 -7.58 -19.17 35.79
C GLU B 761 -8.54 -18.01 35.60
N PHE B 762 -9.73 -18.33 35.10
CA PHE B 762 -10.78 -17.38 34.82
C PHE B 762 -11.60 -17.21 36.03
N LEU B 763 -12.01 -18.32 36.58
CA LEU B 763 -12.95 -18.25 37.66
C LEU B 763 -12.39 -17.51 38.85
N ASN B 764 -11.11 -17.69 39.09
CA ASN B 764 -10.49 -17.08 40.23
C ASN B 764 -10.27 -15.60 40.04
N ARG B 765 -10.46 -15.09 38.83
CA ARG B 765 -10.23 -13.67 38.59
C ARG B 765 -11.51 -12.87 38.70
N ILE B 766 -12.61 -13.55 39.01
CA ILE B 766 -13.89 -12.90 39.07
C ILE B 766 -14.10 -12.38 40.48
N SER B 767 -14.55 -11.12 40.62
CA SER B 767 -14.72 -10.51 41.95
C SER B 767 -15.72 -11.35 42.71
N SER B 768 -16.77 -11.75 42.02
CA SER B 768 -17.76 -12.62 42.61
C SER B 768 -18.58 -13.35 41.58
N ILE B 769 -19.12 -14.47 42.00
CA ILE B 769 -20.04 -15.21 41.19
C ILE B 769 -21.37 -15.24 41.88
N VAL B 770 -22.38 -14.79 41.19
CA VAL B 770 -23.72 -14.68 41.71
C VAL B 770 -24.63 -15.55 40.93
N ILE B 771 -25.45 -16.29 41.63
CA ILE B 771 -26.38 -17.12 40.92
C ILE B 771 -27.75 -16.51 41.10
N PHE B 772 -28.45 -16.24 40.01
CA PHE B 772 -29.76 -15.64 40.10
C PHE B 772 -30.77 -16.62 40.57
N ASN B 773 -31.61 -16.13 41.43
CA ASN B 773 -32.62 -16.89 42.11
C ASN B 773 -33.79 -17.14 41.21
N LYS B 774 -34.63 -18.09 41.57
CA LYS B 774 -35.79 -18.35 40.76
C LYS B 774 -36.85 -17.33 41.12
N LEU B 775 -37.44 -16.70 40.12
CA LEU B 775 -38.45 -15.72 40.45
C LEU B 775 -39.63 -16.39 41.11
N SER B 776 -40.02 -15.86 42.27
CA SER B 776 -41.15 -16.39 42.99
C SER B 776 -42.41 -15.89 42.35
N ARG B 777 -43.54 -16.47 42.68
CA ARG B 777 -44.77 -15.93 42.12
C ARG B 777 -44.92 -14.46 42.47
N LYS B 778 -44.54 -14.09 43.68
CA LYS B 778 -44.66 -12.71 44.07
C LYS B 778 -43.77 -11.87 43.20
N ALA B 779 -42.56 -12.36 42.94
CA ALA B 779 -41.64 -11.62 42.12
C ALA B 779 -42.20 -11.42 40.74
N ILE B 780 -42.84 -12.45 40.24
CA ILE B 780 -43.39 -12.38 38.92
C ILE B 780 -44.43 -11.30 38.88
N HIS B 781 -45.28 -11.25 39.90
CA HIS B 781 -46.31 -10.22 39.93
C HIS B 781 -45.68 -8.85 39.96
N LYS B 782 -44.61 -8.69 40.72
CA LYS B 782 -43.95 -7.40 40.80
C LYS B 782 -43.38 -7.03 39.45
N ILE B 783 -42.84 -8.00 38.73
CA ILE B 783 -42.28 -7.67 37.43
C ILE B 783 -43.38 -7.20 36.52
N VAL B 784 -44.52 -7.90 36.54
CA VAL B 784 -45.62 -7.49 35.68
C VAL B 784 -46.03 -6.10 36.01
N ASP B 785 -46.15 -5.81 37.29
CA ASP B 785 -46.56 -4.49 37.71
C ASP B 785 -45.59 -3.45 37.16
N ILE B 786 -44.31 -3.70 37.34
CA ILE B 786 -43.32 -2.76 36.88
C ILE B 786 -43.39 -2.57 35.39
N ARG B 787 -43.49 -3.67 34.64
CA ARG B 787 -43.51 -3.54 33.21
C ARG B 787 -44.71 -2.73 32.76
N LEU B 788 -45.85 -2.91 33.38
CA LEU B 788 -46.98 -2.13 32.96
C LEU B 788 -46.71 -0.66 33.23
N LYS B 789 -46.06 -0.36 34.36
CA LYS B 789 -45.73 1.02 34.68
C LYS B 789 -44.72 1.57 33.69
N GLU B 790 -43.81 0.73 33.23
CA GLU B 790 -42.86 1.18 32.23
C GLU B 790 -43.59 1.54 30.95
N ILE B 791 -44.65 0.81 30.62
CA ILE B 791 -45.41 1.17 29.44
C ILE B 791 -46.08 2.50 29.65
N GLU B 792 -46.60 2.73 30.84
CA GLU B 792 -47.21 4.02 31.05
C GLU B 792 -46.17 5.12 30.87
N GLU B 793 -44.95 4.89 31.33
CA GLU B 793 -43.89 5.89 31.17
C GLU B 793 -43.58 6.08 29.68
N ARG B 794 -43.65 4.98 28.92
CA ARG B 794 -43.44 5.00 27.48
C ARG B 794 -44.36 5.99 26.79
N PHE B 795 -45.51 6.26 27.38
CA PHE B 795 -46.45 7.09 26.70
C PHE B 795 -46.11 8.55 26.78
N GLU B 796 -45.16 8.95 25.94
CA GLU B 796 -44.79 10.34 25.79
C GLU B 796 -46.04 11.10 25.30
N GLN B 797 -46.94 10.34 24.69
CA GLN B 797 -48.22 10.78 24.19
C GLN B 797 -49.12 10.83 25.40
N ASN B 798 -48.84 11.83 26.25
CA ASN B 798 -49.39 11.96 27.58
C ASN B 798 -50.84 12.35 27.57
N ASP B 799 -51.61 11.38 27.17
CA ASP B 799 -53.02 11.39 27.02
C ASP B 799 -53.38 10.00 27.36
N LYS B 800 -52.64 9.11 26.71
CA LYS B 800 -52.92 7.70 26.81
C LYS B 800 -52.63 7.30 28.22
N HIS B 801 -53.46 6.44 28.74
CA HIS B 801 -53.30 6.04 30.12
C HIS B 801 -54.08 4.78 30.32
N TYR B 802 -53.63 3.95 31.23
CA TYR B 802 -54.36 2.75 31.60
C TYR B 802 -55.04 2.94 32.92
N LYS B 803 -56.13 2.24 33.12
CA LYS B 803 -56.72 2.14 34.43
C LYS B 803 -56.46 0.70 34.75
N LEU B 804 -56.32 -0.05 33.64
CA LEU B 804 -56.11 -1.48 33.51
C LEU B 804 -57.32 -2.27 33.91
N ASN B 805 -57.81 -2.04 35.11
CA ASN B 805 -58.93 -2.80 35.62
C ASN B 805 -58.42 -4.23 35.69
N LEU B 806 -59.19 -5.15 36.27
CA LEU B 806 -58.65 -6.48 36.45
C LEU B 806 -57.23 -6.40 37.00
N THR B 807 -57.03 -5.53 37.98
CA THR B 807 -55.71 -5.27 38.50
C THR B 807 -55.13 -6.46 39.25
N GLN B 808 -55.96 -7.46 39.46
CA GLN B 808 -55.55 -8.70 40.03
C GLN B 808 -55.56 -9.73 38.90
N GLU B 809 -56.70 -9.84 38.21
CA GLU B 809 -56.90 -10.85 37.19
C GLU B 809 -56.06 -10.69 35.93
N ALA B 810 -55.97 -9.50 35.37
CA ALA B 810 -55.18 -9.30 34.18
C ALA B 810 -53.75 -9.46 34.57
N LYS B 811 -53.41 -8.93 35.73
CA LYS B 811 -52.03 -9.08 36.13
C LYS B 811 -51.75 -10.54 36.34
N ASP B 812 -52.73 -11.30 36.85
CA ASP B 812 -52.55 -12.73 37.03
C ASP B 812 -52.41 -13.43 35.70
N PHE B 813 -53.18 -13.03 34.69
CA PHE B 813 -53.02 -13.65 33.40
C PHE B 813 -51.58 -13.49 32.98
N LEU B 814 -51.09 -12.26 33.03
CA LEU B 814 -49.74 -12.03 32.60
C LEU B 814 -48.76 -12.78 33.49
N ALA B 815 -49.01 -12.83 34.78
CA ALA B 815 -48.09 -13.55 35.62
C ALA B 815 -48.05 -15.04 35.24
N LYS B 816 -49.19 -15.60 34.88
CA LYS B 816 -49.25 -17.01 34.52
C LYS B 816 -48.77 -17.33 33.13
N TYR B 817 -49.03 -16.45 32.19
CA TYR B 817 -48.71 -16.72 30.80
C TYR B 817 -47.49 -15.97 30.30
N GLY B 818 -47.08 -14.95 31.02
CA GLY B 818 -45.95 -14.11 30.67
C GLY B 818 -44.68 -14.63 31.29
N TYR B 819 -44.79 -15.79 31.91
CA TYR B 819 -43.69 -16.38 32.62
C TYR B 819 -43.60 -17.88 32.44
N SER B 820 -42.38 -18.34 32.28
CA SER B 820 -42.09 -19.76 32.24
C SER B 820 -40.77 -20.02 32.86
N ASP B 821 -40.68 -21.16 33.50
CA ASP B 821 -39.42 -21.52 34.11
C ASP B 821 -38.26 -21.56 33.11
N ASP B 822 -38.57 -21.80 31.82
CA ASP B 822 -37.52 -21.87 30.82
C ASP B 822 -37.34 -20.59 29.99
N MET B 823 -38.14 -19.58 30.29
CA MET B 823 -38.11 -18.36 29.52
C MET B 823 -38.05 -17.24 30.49
N GLY B 824 -38.22 -17.60 31.73
CA GLY B 824 -38.25 -16.67 32.81
C GLY B 824 -39.32 -15.67 32.51
N ALA B 825 -39.00 -14.40 32.63
CA ALA B 825 -39.98 -13.37 32.36
C ALA B 825 -40.05 -12.97 30.90
N ARG B 826 -39.23 -13.54 30.03
CA ARG B 826 -39.27 -13.10 28.64
C ARG B 826 -40.66 -13.07 27.97
N PRO B 827 -41.52 -14.10 28.10
CA PRO B 827 -42.82 -14.15 27.48
C PRO B 827 -43.66 -12.97 27.90
N LEU B 828 -43.36 -12.38 29.06
CA LEU B 828 -44.13 -11.25 29.53
C LEU B 828 -44.04 -10.12 28.55
N ASN B 829 -42.85 -9.84 28.07
CA ASN B 829 -42.69 -8.73 27.19
C ASN B 829 -43.42 -9.00 25.93
N ARG B 830 -43.42 -10.26 25.54
CA ARG B 830 -44.10 -10.59 24.34
C ARG B 830 -45.59 -10.37 24.53
N LEU B 831 -46.13 -10.78 25.68
CA LEU B 831 -47.55 -10.62 25.88
C LEU B 831 -47.96 -9.19 26.10
N ILE B 832 -47.19 -8.41 26.78
CA ILE B 832 -47.68 -7.08 26.96
C ILE B 832 -47.82 -6.43 25.59
N GLN B 833 -46.85 -6.59 24.72
CA GLN B 833 -47.07 -5.97 23.45
C GLN B 833 -48.07 -6.71 22.59
N ASN B 834 -47.99 -8.01 22.54
CA ASN B 834 -48.87 -8.77 21.67
C ASN B 834 -50.33 -8.72 22.12
N GLU B 835 -50.57 -8.59 23.41
CA GLU B 835 -51.92 -8.62 23.92
C GLU B 835 -52.45 -7.26 24.28
N ILE B 836 -51.62 -6.39 24.83
CA ILE B 836 -52.14 -5.11 25.24
C ILE B 836 -51.85 -4.04 24.25
N LEU B 837 -50.59 -3.82 23.92
CA LEU B 837 -50.31 -2.70 23.03
C LEU B 837 -50.86 -2.95 21.65
N ASN B 838 -50.80 -4.18 21.18
CA ASN B 838 -51.36 -4.51 19.89
C ASN B 838 -52.84 -4.24 19.85
N LYS B 839 -53.56 -4.80 20.81
CA LYS B 839 -54.99 -4.63 20.80
C LYS B 839 -55.33 -3.19 21.07
N LEU B 840 -54.52 -2.53 21.89
CA LEU B 840 -54.73 -1.14 22.20
C LEU B 840 -54.63 -0.38 20.92
N ALA B 841 -53.58 -0.60 20.16
CA ALA B 841 -53.42 0.13 18.94
C ALA B 841 -54.61 -0.09 18.05
N LEU B 842 -55.12 -1.31 17.97
CA LEU B 842 -56.24 -1.49 17.09
C LEU B 842 -57.39 -0.62 17.57
N ARG B 843 -57.54 -0.53 18.88
CA ARG B 843 -58.56 0.32 19.45
C ARG B 843 -58.25 1.81 19.22
N ILE B 844 -56.98 2.20 19.26
CA ILE B 844 -56.65 3.61 19.09
C ILE B 844 -56.80 4.03 17.66
N LEU B 845 -56.32 3.19 16.78
CA LEU B 845 -56.31 3.41 15.35
C LEU B 845 -57.73 3.54 14.82
N LYS B 846 -58.64 2.74 15.37
CA LYS B 846 -60.04 2.79 14.99
C LYS B 846 -60.86 3.79 15.83
N ASN B 847 -60.19 4.45 16.77
CA ASN B 847 -60.79 5.34 17.74
C ASN B 847 -61.87 4.69 18.60
N GLU B 848 -61.65 3.42 18.97
CA GLU B 848 -62.51 2.66 19.88
C GLU B 848 -62.08 2.98 21.30
N ILE B 849 -60.81 3.39 21.42
CA ILE B 849 -60.21 3.89 22.65
C ILE B 849 -59.43 5.16 22.41
N LYS B 850 -59.60 6.14 23.26
CA LYS B 850 -58.75 7.32 23.24
C LYS B 850 -57.69 7.14 24.31
N ASP B 851 -58.18 6.94 25.55
CA ASP B 851 -57.34 6.86 26.73
C ASP B 851 -58.02 6.16 27.94
N LYS B 852 -57.29 5.99 29.06
CA LYS B 852 -57.85 5.44 30.30
C LYS B 852 -58.43 4.03 30.08
N GLU B 853 -57.61 3.19 29.49
CA GLU B 853 -57.93 1.82 29.09
C GLU B 853 -58.35 0.81 30.16
N THR B 854 -59.34 -0.01 29.79
CA THR B 854 -59.88 -1.13 30.57
C THR B 854 -59.65 -2.50 29.91
N VAL B 855 -59.03 -3.40 30.65
CA VAL B 855 -58.69 -4.75 30.22
C VAL B 855 -59.80 -5.72 30.57
N ASN B 856 -60.07 -6.67 29.68
CA ASN B 856 -61.02 -7.72 29.99
C ASN B 856 -60.35 -9.08 29.69
N VAL B 857 -61.10 -10.18 29.72
CA VAL B 857 -60.43 -11.46 29.48
C VAL B 857 -61.36 -12.56 28.98
N VAL B 858 -60.85 -13.40 28.10
CA VAL B 858 -61.54 -14.59 27.63
C VAL B 858 -60.98 -15.81 28.32
N LEU B 859 -61.84 -16.68 28.77
CA LEU B 859 -61.40 -17.87 29.47
C LEU B 859 -61.58 -19.11 28.59
N GLU B 874 -57.01 -15.97 28.15
CA GLU B 874 -56.78 -15.25 26.93
C GLU B 874 -57.16 -13.78 27.10
N GLU B 875 -56.25 -13.02 27.66
CA GLU B 875 -56.46 -11.59 27.87
C GLU B 875 -56.82 -10.85 26.60
N CYS B 876 -57.74 -9.92 26.76
CA CYS B 876 -58.19 -9.08 25.67
C CYS B 876 -58.53 -7.70 26.22
N LEU B 877 -58.75 -6.71 25.35
CA LEU B 877 -59.06 -5.38 25.87
C LEU B 877 -60.49 -5.00 25.61
N GLU B 878 -61.02 -4.13 26.45
CA GLU B 878 -62.37 -3.62 26.31
C GLU B 878 -62.46 -2.54 25.21
N VAL B 879 -63.66 -2.37 24.69
CA VAL B 879 -63.98 -1.29 23.76
C VAL B 879 -64.53 -0.15 24.56
N LEU B 880 -64.10 1.08 24.32
CA LEU B 880 -64.62 2.20 25.08
C LEU B 880 -65.41 3.12 24.14
N PRO B 881 -66.69 2.80 23.80
CA PRO B 881 -67.52 3.44 22.79
C PRO B 881 -68.08 4.78 23.28
N ASN B 882 -67.14 5.60 23.70
CA ASN B 882 -67.26 6.95 24.16
C ASN B 882 -66.61 7.64 22.99
N HIS B 883 -65.77 6.83 22.36
CA HIS B 883 -64.98 7.13 21.20
C HIS B 883 -65.73 6.32 20.13
N GLU B 884 -65.33 6.39 18.85
CA GLU B 884 -66.02 5.70 17.73
C GLU B 884 -67.38 5.10 18.08
N GLU C 165 40.41 28.43 -8.71
CA GLU C 165 40.07 28.98 -7.43
C GLU C 165 38.91 28.21 -6.85
N TYR C 166 38.12 27.63 -7.72
CA TYR C 166 36.96 26.87 -7.33
C TYR C 166 37.29 25.84 -6.27
N LEU C 167 38.38 25.12 -6.47
CA LEU C 167 38.77 24.07 -5.58
C LEU C 167 39.02 24.57 -4.17
N SER C 168 39.44 25.82 -4.02
CA SER C 168 39.74 26.38 -2.71
C SER C 168 38.50 26.92 -2.01
N LYS C 169 37.38 26.94 -2.72
CA LYS C 169 36.15 27.50 -2.20
C LYS C 169 35.15 26.41 -1.88
N TYR C 170 35.18 25.34 -2.67
CA TYR C 170 34.19 24.31 -2.53
C TYR C 170 34.72 22.98 -2.03
N ALA C 171 35.94 22.99 -1.50
CA ALA C 171 36.52 21.75 -1.00
C ALA C 171 37.57 22.01 0.07
N ILE C 172 37.84 21.00 0.87
CA ILE C 172 38.86 21.09 1.91
C ILE C 172 40.14 20.40 1.53
N ASP C 173 41.25 21.07 1.70
CA ASP C 173 42.50 20.42 1.35
C ASP C 173 42.89 19.44 2.43
N MET C 174 42.53 18.19 2.22
CA MET C 174 42.73 17.15 3.20
C MET C 174 44.19 16.89 3.41
N THR C 175 44.97 17.05 2.37
CA THR C 175 46.40 16.90 2.56
C THR C 175 46.93 18.05 3.40
N GLU C 176 46.31 19.21 3.34
CA GLU C 176 46.73 20.28 4.23
C GLU C 176 46.32 19.95 5.65
N GLN C 177 45.14 19.40 5.82
CA GLN C 177 44.68 19.07 7.16
C GLN C 177 45.62 18.02 7.72
N ALA C 178 46.08 17.11 6.85
CA ALA C 178 47.02 16.10 7.30
C ALA C 178 48.33 16.77 7.67
N ARG C 179 48.79 17.69 6.83
CA ARG C 179 50.03 18.40 7.04
C ARG C 179 50.05 19.15 8.35
N GLN C 180 48.91 19.72 8.69
CA GLN C 180 48.78 20.50 9.91
C GLN C 180 48.50 19.67 11.15
N GLY C 181 48.37 18.35 11.00
CA GLY C 181 48.10 17.50 12.15
C GLY C 181 46.67 17.63 12.65
N LYS C 182 45.74 17.98 11.78
CA LYS C 182 44.37 18.16 12.24
C LYS C 182 43.56 16.88 12.16
N LEU C 183 44.00 15.97 11.33
CA LEU C 183 43.25 14.75 11.13
C LEU C 183 43.61 13.77 12.20
N ASP C 184 42.67 12.98 12.62
CA ASP C 184 42.96 11.97 13.60
C ASP C 184 44.04 11.07 13.02
N PRO C 185 45.09 10.72 13.75
CA PRO C 185 46.11 9.86 13.23
C PRO C 185 45.42 8.59 12.89
N VAL C 186 45.68 8.05 11.73
CA VAL C 186 45.00 6.82 11.36
C VAL C 186 45.77 5.58 11.71
N ILE C 187 45.07 4.65 12.35
CA ILE C 187 45.69 3.43 12.81
C ILE C 187 45.19 2.17 12.16
N GLY C 188 46.12 1.39 11.66
CA GLY C 188 45.78 0.13 11.03
C GLY C 188 45.07 0.33 9.70
N ARG C 189 44.22 -0.62 9.37
CA ARG C 189 43.48 -0.64 8.11
C ARG C 189 44.41 -0.66 6.94
N GLU C 190 45.53 -1.35 7.04
CA GLU C 190 46.46 -1.35 5.94
C GLU C 190 45.91 -1.94 4.68
N GLU C 191 45.15 -3.02 4.74
CA GLU C 191 44.69 -3.56 3.49
C GLU C 191 43.76 -2.58 2.80
N GLU C 192 42.95 -1.91 3.58
CA GLU C 192 41.97 -0.98 3.03
C GLU C 192 42.64 0.27 2.48
N ILE C 193 43.62 0.78 3.22
CA ILE C 193 44.32 1.96 2.76
C ILE C 193 45.07 1.61 1.51
N ARG C 194 45.77 0.50 1.55
CA ARG C 194 46.53 0.06 0.41
C ARG C 194 45.64 -0.13 -0.79
N SER C 195 44.49 -0.74 -0.61
CA SER C 195 43.62 -0.97 -1.75
C SER C 195 43.20 0.34 -2.37
N THR C 196 42.89 1.33 -1.54
CA THR C 196 42.48 2.61 -2.08
C THR C 196 43.58 3.16 -2.94
N ILE C 197 44.79 3.09 -2.43
CA ILE C 197 45.90 3.59 -3.19
C ILE C 197 46.09 2.83 -4.47
N ARG C 198 46.00 1.52 -4.42
CA ARG C 198 46.18 0.77 -5.64
C ARG C 198 45.13 1.13 -6.66
N VAL C 199 43.91 1.36 -6.23
CA VAL C 199 42.92 1.72 -7.20
C VAL C 199 43.23 3.09 -7.77
N LEU C 200 43.64 4.04 -6.95
CA LEU C 200 43.95 5.36 -7.48
C LEU C 200 45.09 5.29 -8.48
N ALA C 201 45.98 4.34 -8.26
CA ALA C 201 47.12 4.11 -9.13
C ALA C 201 46.70 3.60 -10.52
N ARG C 202 45.42 3.25 -10.72
CA ARG C 202 44.88 2.83 -12.00
C ARG C 202 44.97 3.94 -13.01
N ARG C 203 44.78 3.61 -14.27
CA ARG C 203 44.84 4.61 -15.33
C ARG C 203 43.46 4.97 -15.81
N ILE C 204 42.58 4.01 -15.85
CA ILE C 204 41.24 4.24 -16.34
C ILE C 204 40.23 4.07 -15.24
N LYS C 205 39.31 5.01 -15.06
CA LYS C 205 38.35 4.90 -13.96
C LYS C 205 39.03 4.69 -12.64
N SER C 206 40.00 5.53 -12.35
CA SER C 206 40.73 5.45 -11.12
C SER C 206 39.86 6.07 -10.07
N ASN C 207 38.92 5.28 -9.66
CA ASN C 207 37.85 5.75 -8.85
C ASN C 207 37.36 4.81 -7.77
N PRO C 208 38.07 4.64 -6.66
CA PRO C 208 37.71 3.78 -5.58
C PRO C 208 36.58 4.34 -4.81
N CYS C 209 35.83 3.47 -4.15
CA CYS C 209 34.83 3.95 -3.22
C CYS C 209 34.72 3.11 -1.98
N LEU C 210 34.69 3.77 -0.85
CA LEU C 210 34.66 3.04 0.40
C LEU C 210 33.25 2.79 0.82
N ILE C 211 32.89 1.53 0.86
CA ILE C 211 31.54 1.13 1.23
C ILE C 211 31.50 0.27 2.48
N GLY C 212 30.59 0.60 3.37
CA GLY C 212 30.44 -0.22 4.57
C GLY C 212 29.55 0.43 5.61
N GLU C 213 29.34 -0.22 6.74
CA GLU C 213 28.44 0.31 7.73
C GLU C 213 28.87 1.66 8.25
N PRO C 214 27.94 2.56 8.60
CA PRO C 214 28.21 3.90 9.04
C PRO C 214 29.35 4.10 10.01
N GLY C 215 29.63 3.14 10.88
CA GLY C 215 30.68 3.39 11.87
C GLY C 215 32.01 2.69 11.68
N ILE C 216 32.34 2.25 10.49
CA ILE C 216 33.56 1.46 10.39
C ILE C 216 34.84 2.16 9.97
N GLY C 217 34.88 3.49 9.87
CA GLY C 217 36.15 4.15 9.54
C GLY C 217 36.36 4.50 8.07
N LYS C 218 35.29 4.70 7.34
CA LYS C 218 35.48 5.05 5.95
C LYS C 218 36.23 6.36 5.80
N THR C 219 35.76 7.45 6.39
CA THR C 219 36.52 8.67 6.16
C THR C 219 37.85 8.55 6.86
N ALA C 220 37.94 7.78 7.94
CA ALA C 220 39.25 7.62 8.57
C ALA C 220 40.23 7.09 7.54
N ILE C 221 39.81 6.19 6.66
CA ILE C 221 40.71 5.72 5.64
C ILE C 221 41.15 6.85 4.75
N ILE C 222 40.22 7.71 4.38
CA ILE C 222 40.56 8.80 3.48
C ILE C 222 41.59 9.70 4.10
N GLU C 223 41.37 9.97 5.36
CA GLU C 223 42.25 10.81 6.13
C GLU C 223 43.58 10.13 6.23
N GLY C 224 43.55 8.81 6.35
CA GLY C 224 44.73 7.98 6.40
C GLY C 224 45.51 8.17 5.14
N VAL C 225 44.85 8.08 4.00
CA VAL C 225 45.54 8.27 2.76
C VAL C 225 46.12 9.68 2.71
N ALA C 226 45.37 10.69 3.15
CA ALA C 226 45.93 12.03 3.11
C ALA C 226 47.22 12.05 3.90
N GLN C 227 47.25 11.37 5.04
CA GLN C 227 48.45 11.32 5.82
C GLN C 227 49.52 10.54 5.10
N ARG C 228 49.17 9.44 4.43
CA ARG C 228 50.17 8.65 3.74
C ARG C 228 50.83 9.47 2.66
N ILE C 229 50.07 10.36 2.02
CA ILE C 229 50.67 11.19 1.01
C ILE C 229 51.65 12.15 1.67
N ILE C 230 51.22 12.80 2.73
CA ILE C 230 52.07 13.73 3.45
C ILE C 230 53.30 13.08 4.00
N ASP C 231 53.15 11.86 4.46
CA ASP C 231 54.20 11.08 5.06
C ASP C 231 55.05 10.32 4.05
N ASP C 232 54.85 10.58 2.76
CA ASP C 232 55.64 9.94 1.73
C ASP C 232 55.57 8.42 1.78
N ASP C 233 54.38 7.87 1.90
CA ASP C 233 54.18 6.44 1.95
C ASP C 233 53.20 5.98 0.89
N VAL C 234 53.35 6.56 -0.28
CA VAL C 234 52.51 6.30 -1.42
C VAL C 234 53.36 6.06 -2.67
N PRO C 235 52.80 5.49 -3.75
CA PRO C 235 53.39 5.33 -5.06
C PRO C 235 53.80 6.66 -5.63
N THR C 236 54.71 6.65 -6.59
CA THR C 236 55.19 7.90 -7.18
C THR C 236 54.07 8.64 -7.90
N ILE C 237 53.01 7.93 -8.21
CA ILE C 237 51.83 8.48 -8.81
C ILE C 237 51.19 9.44 -7.82
N LEU C 238 51.16 9.05 -6.55
CA LEU C 238 50.54 9.83 -5.50
C LEU C 238 51.53 10.74 -4.79
N GLN C 239 52.81 10.44 -4.88
CA GLN C 239 53.74 11.30 -4.18
C GLN C 239 53.59 12.69 -4.74
N GLY C 240 53.47 13.67 -3.86
CA GLY C 240 53.33 15.06 -4.29
C GLY C 240 51.89 15.42 -4.66
N ALA C 241 50.99 14.46 -4.54
CA ALA C 241 49.60 14.68 -4.86
C ALA C 241 48.93 15.48 -3.79
N LYS C 242 47.82 16.08 -4.14
CA LYS C 242 47.01 16.79 -3.18
C LYS C 242 45.63 16.17 -3.14
N LEU C 243 45.04 16.15 -1.96
CA LEU C 243 43.72 15.55 -1.79
C LEU C 243 42.74 16.54 -1.23
N PHE C 244 41.64 16.69 -1.93
CA PHE C 244 40.60 17.61 -1.50
C PHE C 244 39.32 16.92 -1.17
N SER C 245 38.60 17.41 -0.18
CA SER C 245 37.29 16.87 0.14
C SER C 245 36.20 17.78 -0.37
N LEU C 246 35.46 17.29 -1.34
CA LEU C 246 34.44 18.06 -2.00
C LEU C 246 33.26 18.27 -1.09
N ASP C 247 32.85 19.49 -0.95
CA ASP C 247 31.68 19.84 -0.18
C ASP C 247 30.49 19.89 -1.10
N LEU C 248 29.31 20.08 -0.56
CA LEU C 248 28.18 20.28 -1.41
C LEU C 248 28.12 21.74 -1.73
N ALA C 249 28.98 22.51 -1.12
CA ALA C 249 28.99 23.96 -1.19
C ALA C 249 28.81 24.50 -2.60
N ALA C 250 29.44 23.87 -3.60
CA ALA C 250 29.33 24.32 -4.98
C ALA C 250 27.88 24.32 -5.43
N LEU C 251 27.12 23.38 -4.89
CA LEU C 251 25.74 23.14 -5.22
C LEU C 251 24.85 23.98 -4.33
N THR C 252 25.31 24.22 -3.10
CA THR C 252 24.48 24.93 -2.14
C THR C 252 24.41 26.39 -2.51
N ALA C 253 25.37 26.82 -3.30
CA ALA C 253 25.44 28.19 -3.78
C ALA C 253 24.19 28.55 -4.60
N GLY C 254 23.38 27.57 -5.02
CA GLY C 254 22.10 27.86 -5.68
C GLY C 254 22.01 27.58 -7.16
N ALA C 255 20.83 27.08 -7.51
CA ALA C 255 20.47 26.71 -8.86
C ALA C 255 19.89 27.93 -9.57
N LYS C 256 20.24 29.10 -9.08
CA LYS C 256 19.81 30.34 -9.69
C LYS C 256 20.50 30.39 -11.03
N TYR C 257 19.78 30.86 -12.04
CA TYR C 257 20.25 30.93 -13.43
C TYR C 257 20.65 29.51 -13.87
N LYS C 258 19.59 28.71 -14.04
CA LYS C 258 19.63 27.28 -14.43
C LYS C 258 20.89 26.73 -15.09
N GLY C 259 21.50 25.77 -14.42
CA GLY C 259 22.74 25.13 -14.85
C GLY C 259 23.99 25.74 -14.21
N ASP C 260 23.87 26.89 -13.57
CA ASP C 260 25.07 27.48 -13.02
C ASP C 260 25.73 26.58 -12.00
N PHE C 261 24.97 25.78 -11.24
CA PHE C 261 25.67 24.94 -10.29
C PHE C 261 26.46 23.87 -11.01
N GLU C 262 26.08 23.56 -12.24
CA GLU C 262 26.76 22.53 -12.95
C GLU C 262 28.00 23.15 -13.49
N GLU C 263 27.91 24.44 -13.79
CA GLU C 263 29.04 25.14 -14.29
C GLU C 263 30.05 25.28 -13.17
N ARG C 264 29.59 25.60 -11.96
CA ARG C 264 30.54 25.70 -10.86
C ARG C 264 31.18 24.35 -10.62
N PHE C 265 30.37 23.30 -10.67
CA PHE C 265 30.91 21.98 -10.52
C PHE C 265 31.98 21.73 -11.57
N LYS C 266 31.66 22.04 -12.81
CA LYS C 266 32.58 21.85 -13.90
C LYS C 266 33.83 22.66 -13.64
N GLY C 267 33.67 23.86 -13.11
CA GLY C 267 34.76 24.74 -12.78
C GLY C 267 35.67 24.08 -11.76
N VAL C 268 35.08 23.35 -10.81
CA VAL C 268 35.91 22.65 -9.85
C VAL C 268 36.69 21.61 -10.59
N LEU C 269 36.02 20.86 -11.45
CA LEU C 269 36.73 19.83 -12.13
C LEU C 269 37.80 20.40 -13.02
N LYS C 270 37.54 21.53 -13.62
CA LYS C 270 38.49 22.11 -14.53
C LYS C 270 39.74 22.52 -13.77
N GLU C 271 39.57 23.14 -12.63
CA GLU C 271 40.76 23.51 -11.91
C GLU C 271 41.57 22.28 -11.59
N ILE C 272 40.89 21.23 -11.14
CA ILE C 272 41.58 20.02 -10.76
C ILE C 272 42.27 19.39 -11.95
N GLU C 273 41.56 19.33 -13.05
CA GLU C 273 42.02 18.67 -14.24
C GLU C 273 43.30 19.26 -14.79
N GLU C 274 43.47 20.57 -14.71
CA GLU C 274 44.61 21.16 -15.40
C GLU C 274 45.99 21.09 -14.72
N SER C 275 46.43 19.85 -14.52
CA SER C 275 47.75 19.41 -14.05
C SER C 275 48.40 20.15 -12.90
N LYS C 276 47.64 20.62 -11.95
CA LYS C 276 48.25 21.25 -10.81
C LYS C 276 48.67 20.11 -9.91
N THR C 277 49.84 19.52 -10.21
CA THR C 277 50.29 18.24 -9.63
C THR C 277 49.12 17.27 -9.73
N LEU C 278 49.23 16.13 -9.10
CA LEU C 278 48.11 15.22 -9.14
C LEU C 278 47.13 15.59 -8.06
N ILE C 279 45.91 15.84 -8.45
CA ILE C 279 44.89 16.15 -7.49
C ILE C 279 43.82 15.10 -7.51
N VAL C 280 43.51 14.61 -6.33
CA VAL C 280 42.50 13.60 -6.16
C VAL C 280 41.39 14.24 -5.39
N LEU C 281 40.18 14.00 -5.82
CA LEU C 281 39.04 14.58 -5.17
C LEU C 281 38.28 13.53 -4.40
N PHE C 282 38.02 13.77 -3.16
CA PHE C 282 37.26 12.87 -2.32
C PHE C 282 35.89 13.42 -1.98
N ILE C 283 34.87 12.58 -2.05
CA ILE C 283 33.54 13.05 -1.71
C ILE C 283 32.84 12.32 -0.57
N ASP C 284 32.47 13.08 0.46
CA ASP C 284 31.71 12.55 1.59
C ASP C 284 30.29 12.39 1.18
N GLU C 285 29.62 11.38 1.69
CA GLU C 285 28.21 11.23 1.38
C GLU C 285 28.03 11.30 -0.15
N ILE C 286 28.91 10.59 -0.87
CA ILE C 286 28.96 10.66 -2.32
C ILE C 286 27.70 10.29 -3.04
N HIS C 287 26.84 9.56 -2.41
CA HIS C 287 25.60 9.19 -3.02
C HIS C 287 24.72 10.38 -3.34
N MET C 288 24.99 11.52 -2.73
CA MET C 288 24.20 12.70 -3.00
C MET C 288 24.30 13.10 -4.45
N LEU C 289 25.38 12.71 -5.10
CA LEU C 289 25.60 13.11 -6.45
C LEU C 289 24.76 12.27 -7.43
N MET C 290 23.98 11.29 -6.93
CA MET C 290 23.11 10.52 -7.83
C MET C 290 22.01 11.48 -8.34
N GLY C 291 21.83 12.57 -7.61
CA GLY C 291 20.95 13.66 -7.98
C GLY C 291 19.50 13.30 -8.19
N ASN C 292 18.86 14.11 -9.02
CA ASN C 292 17.43 14.02 -9.27
C ASN C 292 17.05 12.92 -10.22
N GLY C 293 17.33 11.69 -9.85
CA GLY C 293 16.99 10.62 -10.76
C GLY C 293 17.76 10.87 -12.02
N LYS C 294 19.07 11.09 -11.87
CA LYS C 294 19.97 11.51 -12.92
C LYS C 294 19.59 12.95 -13.24
N ASP C 295 19.31 13.31 -14.49
CA ASP C 295 18.97 14.71 -14.74
C ASP C 295 19.98 15.65 -14.06
N ASP C 296 19.63 16.23 -12.90
CA ASP C 296 20.47 17.18 -12.16
C ASP C 296 21.83 16.59 -11.77
N ALA C 297 21.93 15.26 -11.76
CA ALA C 297 23.20 14.58 -11.47
C ALA C 297 24.19 14.87 -12.58
N ALA C 298 23.63 15.31 -13.69
CA ALA C 298 24.29 15.73 -14.88
C ALA C 298 25.40 14.79 -15.28
N ASN C 299 26.54 15.40 -15.56
CA ASN C 299 27.75 14.73 -15.94
C ASN C 299 28.63 14.70 -14.75
N ILE C 300 28.05 14.74 -13.56
CA ILE C 300 28.92 14.82 -12.44
C ILE C 300 29.83 13.64 -12.37
N LEU C 301 31.09 13.96 -12.58
CA LEU C 301 32.18 13.02 -12.61
C LEU C 301 32.02 11.95 -13.69
N LYS C 302 31.14 12.15 -14.65
CA LYS C 302 30.89 11.05 -15.57
C LYS C 302 31.94 10.89 -16.65
N PRO C 303 32.09 11.79 -17.64
CA PRO C 303 33.13 11.68 -18.63
C PRO C 303 34.47 11.85 -17.95
N ALA C 304 34.46 12.50 -16.79
CA ALA C 304 35.65 12.74 -16.04
C ALA C 304 36.30 11.46 -15.63
N LEU C 305 35.52 10.62 -14.96
CA LEU C 305 36.06 9.39 -14.47
C LEU C 305 36.19 8.37 -15.56
N SER C 306 35.31 8.44 -16.54
CA SER C 306 35.35 7.47 -17.61
C SER C 306 36.69 7.51 -18.31
N ARG C 307 37.23 8.71 -18.50
CA ARG C 307 38.49 8.89 -19.17
C ARG C 307 39.71 8.73 -18.25
N GLY C 308 39.49 8.40 -16.98
CA GLY C 308 40.57 8.21 -16.02
C GLY C 308 41.14 9.52 -15.51
N GLN C 309 40.37 10.57 -15.62
CA GLN C 309 40.84 11.86 -15.21
C GLN C 309 40.21 12.22 -13.92
N LEU C 310 40.73 13.25 -13.26
CA LEU C 310 40.02 13.68 -12.08
C LEU C 310 39.78 12.55 -11.11
N LYS C 311 40.85 11.87 -10.73
CA LYS C 311 40.76 10.72 -9.84
C LYS C 311 39.86 11.05 -8.66
N VAL C 312 38.94 10.15 -8.38
CA VAL C 312 37.97 10.33 -7.30
C VAL C 312 37.88 9.25 -6.27
N ILE C 313 37.83 9.65 -5.03
CA ILE C 313 37.63 8.67 -4.00
C ILE C 313 36.24 8.94 -3.45
N GLY C 314 35.39 7.95 -3.43
CA GLY C 314 34.07 8.22 -2.90
C GLY C 314 33.86 7.46 -1.61
N ALA C 315 32.91 7.88 -0.80
CA ALA C 315 32.57 7.04 0.33
C ALA C 315 31.13 7.22 0.76
N THR C 316 30.49 6.10 1.07
CA THR C 316 29.14 6.13 1.62
C THR C 316 28.76 4.80 2.28
N THR C 317 27.54 4.75 2.75
CA THR C 317 27.06 3.58 3.48
C THR C 317 26.59 2.50 2.57
N ASN C 318 26.38 1.34 3.13
CA ASN C 318 25.88 0.25 2.36
C ASN C 318 24.56 0.58 1.72
N ASN C 319 23.66 1.15 2.48
CA ASN C 319 22.34 1.44 1.95
C ASN C 319 22.42 2.47 0.89
N GLU C 320 23.28 3.44 1.06
CA GLU C 320 23.34 4.44 0.05
C GLU C 320 23.90 3.92 -1.21
N TYR C 321 24.84 3.01 -1.09
CA TYR C 321 25.42 2.43 -2.24
C TYR C 321 24.33 1.71 -2.96
N ARG C 322 23.53 0.96 -2.20
CA ARG C 322 22.42 0.25 -2.81
C ARG C 322 21.59 1.26 -3.62
N SER C 323 21.30 2.42 -3.05
CA SER C 323 20.54 3.44 -3.78
C SER C 323 21.29 4.01 -4.99
N ILE C 324 22.60 4.21 -4.89
CA ILE C 324 23.34 4.75 -6.02
C ILE C 324 23.30 3.79 -7.17
N VAL C 325 23.60 2.55 -6.86
CA VAL C 325 23.68 1.56 -7.88
C VAL C 325 22.37 1.35 -8.51
N GLU C 326 21.37 1.14 -7.68
CA GLU C 326 20.06 0.88 -8.16
C GLU C 326 19.57 1.98 -9.08
N LYS C 327 19.75 3.22 -8.66
CA LYS C 327 19.15 4.27 -9.45
C LYS C 327 20.01 4.74 -10.59
N ASP C 328 21.33 4.65 -10.48
CA ASP C 328 22.14 5.19 -11.56
C ASP C 328 22.65 4.17 -12.57
N GLY C 329 23.12 3.01 -12.12
CA GLY C 329 23.73 2.05 -13.04
C GLY C 329 25.16 2.42 -13.46
N ALA C 330 25.27 3.51 -14.18
CA ALA C 330 26.55 3.96 -14.68
C ALA C 330 27.53 4.21 -13.54
N PHE C 331 27.08 4.76 -12.43
CA PHE C 331 28.03 4.97 -11.37
C PHE C 331 28.62 3.66 -10.92
N GLU C 332 27.83 2.59 -10.87
CA GLU C 332 28.42 1.33 -10.47
C GLU C 332 29.57 1.00 -11.42
N ARG C 333 29.40 1.31 -12.69
CA ARG C 333 30.44 1.01 -13.64
C ARG C 333 31.67 1.84 -13.35
N ARG C 334 31.46 3.13 -13.13
CA ARG C 334 32.56 4.06 -12.88
C ARG C 334 33.32 3.86 -11.58
N PHE C 335 32.64 3.51 -10.50
CA PHE C 335 33.33 3.36 -9.22
C PHE C 335 33.78 1.97 -8.94
N GLN C 336 34.91 1.85 -8.25
CA GLN C 336 35.39 0.57 -7.81
C GLN C 336 35.20 0.44 -6.32
N LYS C 337 34.19 -0.29 -5.93
CA LYS C 337 33.95 -0.38 -4.53
C LYS C 337 35.06 -1.12 -3.84
N ILE C 338 35.34 -0.71 -2.62
CA ILE C 338 36.25 -1.33 -1.70
C ILE C 338 35.48 -1.60 -0.44
N GLU C 339 35.43 -2.83 -0.01
CA GLU C 339 34.66 -3.04 1.18
C GLU C 339 35.51 -2.63 2.35
N VAL C 340 34.90 -2.05 3.35
CA VAL C 340 35.60 -1.69 4.56
C VAL C 340 34.98 -2.49 5.68
N ALA C 341 35.78 -3.06 6.57
CA ALA C 341 35.23 -3.89 7.64
C ALA C 341 35.33 -3.26 9.02
N GLU C 342 34.40 -3.62 9.91
CA GLU C 342 34.53 -3.23 11.29
C GLU C 342 35.73 -3.99 11.85
N PRO C 343 36.64 -3.37 12.61
CA PRO C 343 37.77 -4.00 13.23
C PRO C 343 37.33 -4.88 14.39
N SER C 344 38.16 -5.84 14.77
CA SER C 344 37.86 -6.67 15.91
C SER C 344 38.03 -5.87 17.17
N VAL C 345 37.61 -6.41 18.29
CA VAL C 345 37.81 -5.70 19.54
C VAL C 345 39.28 -5.44 19.76
N ARG C 346 40.12 -6.43 19.52
CA ARG C 346 41.53 -6.16 19.75
C ARG C 346 42.03 -5.05 18.84
N GLN C 347 41.59 -5.07 17.59
CA GLN C 347 42.02 -4.04 16.67
C GLN C 347 41.50 -2.70 17.11
N THR C 348 40.28 -2.70 17.61
CA THR C 348 39.65 -1.49 18.06
C THR C 348 40.47 -0.89 19.15
N VAL C 349 40.90 -1.72 20.08
CA VAL C 349 41.66 -1.18 21.16
C VAL C 349 42.94 -0.60 20.63
N ALA C 350 43.59 -1.28 19.70
CA ALA C 350 44.81 -0.72 19.18
C ALA C 350 44.55 0.66 18.62
N ILE C 351 43.42 0.82 17.96
CA ILE C 351 43.07 2.11 17.42
C ILE C 351 42.88 3.07 18.55
N LEU C 352 42.20 2.64 19.60
CA LEU C 352 41.96 3.55 20.67
C LEU C 352 43.28 4.01 21.24
N ARG C 353 44.24 3.10 21.37
CA ARG C 353 45.52 3.47 21.91
C ARG C 353 46.15 4.53 21.05
N GLY C 354 46.02 4.35 19.75
CA GLY C 354 46.57 5.32 18.84
C GLY C 354 45.94 6.70 19.01
N LEU C 355 44.65 6.70 19.31
CA LEU C 355 43.93 7.94 19.47
C LEU C 355 44.04 8.50 20.87
N GLN C 356 44.41 7.63 21.80
CA GLN C 356 44.50 7.99 23.20
C GLN C 356 45.10 9.36 23.48
N PRO C 357 46.29 9.73 22.97
CA PRO C 357 46.89 11.00 23.31
C PRO C 357 46.08 12.16 22.80
N LYS C 358 45.24 11.96 21.80
CA LYS C 358 44.51 13.11 21.32
C LYS C 358 43.39 13.34 22.29
N TYR C 359 42.85 12.26 22.83
CA TYR C 359 41.77 12.42 23.78
C TYR C 359 42.32 12.94 25.08
N GLU C 360 43.47 12.44 25.47
CA GLU C 360 44.01 12.88 26.73
C GLU C 360 44.32 14.36 26.68
N ILE C 361 44.88 14.81 25.56
CA ILE C 361 45.19 16.21 25.42
C ILE C 361 43.95 17.07 25.36
N HIS C 362 42.98 16.67 24.57
CA HIS C 362 41.77 17.46 24.43
C HIS C 362 41.09 17.67 25.76
N HIS C 363 40.86 16.58 26.47
CA HIS C 363 40.16 16.64 27.73
C HIS C 363 41.02 17.03 28.90
N GLY C 364 42.33 16.81 28.82
CA GLY C 364 43.22 17.11 29.93
C GLY C 364 43.12 16.03 31.00
N VAL C 365 42.93 14.80 30.57
CA VAL C 365 42.76 13.69 31.49
C VAL C 365 43.71 12.58 31.15
N ARG C 366 43.98 11.71 32.09
CA ARG C 366 44.79 10.54 31.79
C ARG C 366 43.93 9.35 31.57
N ILE C 367 44.25 8.54 30.58
CA ILE C 367 43.49 7.32 30.36
C ILE C 367 44.35 6.10 30.62
N LEU C 368 43.89 5.19 31.45
CA LEU C 368 44.68 3.99 31.71
C LEU C 368 44.50 3.02 30.57
N ASP C 369 45.49 2.20 30.26
CA ASP C 369 45.26 1.27 29.15
C ASP C 369 44.10 0.35 29.43
N SER C 370 43.89 0.02 30.70
CA SER C 370 42.81 -0.85 31.06
C SER C 370 41.51 -0.24 30.59
N ALA C 371 41.41 1.08 30.66
CA ALA C 371 40.22 1.78 30.27
C ALA C 371 39.99 1.62 28.79
N LEU C 372 41.06 1.69 28.03
CA LEU C 372 40.88 1.61 26.60
C LEU C 372 40.38 0.23 26.25
N VAL C 373 40.91 -0.76 26.93
CA VAL C 373 40.50 -2.11 26.66
C VAL C 373 39.05 -2.27 27.04
N THR C 374 38.72 -1.76 28.21
CA THR C 374 37.39 -1.83 28.70
C THR C 374 36.40 -1.24 27.75
N ALA C 375 36.69 -0.07 27.22
CA ALA C 375 35.72 0.55 26.33
C ALA C 375 35.45 -0.33 25.14
N ALA C 376 36.47 -0.89 24.54
CA ALA C 376 36.19 -1.70 23.38
C ALA C 376 35.35 -2.92 23.75
N GLN C 377 35.66 -3.53 24.88
CA GLN C 377 34.91 -4.70 25.27
C GLN C 377 33.46 -4.35 25.54
N LEU C 378 33.25 -3.25 26.24
CA LEU C 378 31.91 -2.87 26.58
C LEU C 378 31.15 -2.49 25.37
N ALA C 379 31.78 -1.81 24.46
CA ALA C 379 31.09 -1.39 23.28
C ALA C 379 30.58 -2.57 22.50
N LYS C 380 31.38 -3.61 22.41
CA LYS C 380 30.92 -4.74 21.65
C LYS C 380 29.72 -5.36 22.33
N ARG C 381 29.74 -5.44 23.65
CA ARG C 381 28.65 -6.08 24.35
C ARG C 381 27.40 -5.24 24.55
N TYR C 382 27.55 -3.94 24.78
CA TYR C 382 26.40 -3.12 25.13
C TYR C 382 25.95 -2.05 24.15
N LEU C 383 26.60 -1.90 23.02
CA LEU C 383 26.13 -0.89 22.08
C LEU C 383 25.93 -1.50 20.70
N PRO C 384 25.16 -2.59 20.60
CA PRO C 384 25.04 -3.45 19.44
C PRO C 384 24.60 -2.79 18.17
N TYR C 385 24.02 -1.62 18.26
CA TYR C 385 23.54 -0.99 17.07
C TYR C 385 24.56 -0.13 16.38
N ARG C 386 25.68 0.11 17.04
CA ARG C 386 26.66 1.03 16.47
C ARG C 386 28.02 0.37 16.46
N ARG C 387 28.75 0.50 15.37
CA ARG C 387 30.01 -0.22 15.18
C ARG C 387 31.13 0.26 16.10
N LEU C 388 32.06 -0.66 16.40
CA LEU C 388 33.11 -0.42 17.39
C LEU C 388 33.97 0.81 17.24
N PRO C 389 34.45 1.20 16.08
CA PRO C 389 35.26 2.37 15.95
C PRO C 389 34.55 3.59 16.51
N ASP C 390 33.22 3.58 16.55
CA ASP C 390 32.49 4.69 17.14
C ASP C 390 32.11 4.39 18.53
N SER C 391 31.57 3.22 18.73
CA SER C 391 31.03 2.91 20.01
C SER C 391 32.11 2.90 21.07
N ALA C 392 33.26 2.34 20.75
CA ALA C 392 34.31 2.33 21.73
C ALA C 392 34.73 3.75 22.00
N LEU C 393 34.80 4.58 20.97
CA LEU C 393 35.18 5.94 21.22
C LEU C 393 34.16 6.67 22.01
N ASP C 394 32.90 6.39 21.81
CA ASP C 394 31.95 7.12 22.60
C ASP C 394 32.21 6.83 24.06
N LEU C 395 32.49 5.58 24.38
CA LEU C 395 32.77 5.33 25.77
C LEU C 395 34.02 6.03 26.23
N VAL C 396 35.05 6.07 25.40
CA VAL C 396 36.25 6.76 25.85
C VAL C 396 36.05 8.25 25.97
N ASP C 397 35.55 8.84 24.92
CA ASP C 397 35.38 10.28 24.81
C ASP C 397 34.42 10.72 25.90
N ILE C 398 33.28 10.06 26.03
CA ILE C 398 32.34 10.45 27.04
C ILE C 398 32.93 10.27 28.42
N SER C 399 33.61 9.15 28.66
CA SER C 399 34.17 8.96 30.00
C SER C 399 35.14 10.08 30.29
N CYS C 400 35.93 10.46 29.29
CA CYS C 400 36.86 11.53 29.47
C CYS C 400 36.11 12.79 29.76
N ALA C 401 35.00 13.00 29.05
CA ALA C 401 34.18 14.17 29.27
C ALA C 401 33.69 14.17 30.70
N GLY C 402 33.35 13.00 31.21
CA GLY C 402 32.88 12.87 32.58
C GLY C 402 33.92 13.40 33.50
N VAL C 403 35.13 12.93 33.33
CA VAL C 403 36.21 13.39 34.15
C VAL C 403 36.39 14.87 33.97
N ALA C 404 36.36 15.33 32.73
CA ALA C 404 36.52 16.73 32.45
C ALA C 404 35.49 17.55 33.20
N VAL C 405 34.27 17.02 33.29
CA VAL C 405 33.25 17.71 34.04
C VAL C 405 33.62 17.76 35.51
N ALA C 406 34.12 16.67 36.05
CA ALA C 406 34.49 16.70 37.45
C ALA C 406 35.51 17.80 37.69
N ARG C 407 36.40 18.00 36.74
CA ARG C 407 37.45 19.00 36.83
C ARG C 407 36.92 20.44 36.84
N ASP C 408 35.62 20.64 36.62
CA ASP C 408 35.07 21.98 36.62
C ASP C 408 34.81 22.48 38.01
N SER C 409 34.56 21.59 38.97
CA SER C 409 34.26 22.08 40.32
C SER C 409 34.75 21.11 41.40
N LYS C 410 35.35 20.00 40.97
CA LYS C 410 35.87 18.97 41.86
C LYS C 410 37.29 18.60 41.49
N GLN C 538 41.16 13.75 40.90
CA GLN C 538 41.99 12.87 40.08
C GLN C 538 41.47 12.77 38.67
N ASN C 539 42.12 13.46 37.75
CA ASN C 539 41.65 13.48 36.38
C ASN C 539 42.07 12.25 35.61
N VAL C 540 41.63 11.09 36.07
CA VAL C 540 42.03 9.84 35.47
C VAL C 540 40.82 8.99 35.10
N VAL C 541 40.85 8.49 33.89
CA VAL C 541 39.84 7.60 33.34
C VAL C 541 40.34 6.17 33.49
N ASP C 542 39.49 5.34 34.05
CA ASP C 542 39.80 3.94 34.27
C ASP C 542 38.62 3.08 33.84
N SER C 543 38.72 1.77 34.06
CA SER C 543 37.64 0.88 33.66
C SER C 543 36.36 1.11 34.39
N ASP C 544 36.45 1.62 35.60
CA ASP C 544 35.26 1.78 36.40
C ASP C 544 34.50 3.01 35.97
N THR C 545 35.22 4.04 35.63
CA THR C 545 34.62 5.25 35.15
C THR C 545 33.89 4.90 33.89
N ILE C 546 34.55 4.13 33.03
CA ILE C 546 33.91 3.75 31.81
C ILE C 546 32.72 2.90 32.05
N SER C 547 32.83 1.93 32.94
CA SER C 547 31.69 1.09 33.17
C SER C 547 30.51 1.93 33.64
N GLU C 548 30.73 2.86 34.58
CA GLU C 548 29.64 3.70 35.00
C GLU C 548 29.09 4.49 33.85
N THR C 549 29.98 5.03 33.04
CA THR C 549 29.57 5.81 31.91
C THR C 549 28.70 4.97 31.02
N ALA C 550 29.12 3.74 30.78
CA ALA C 550 28.36 2.86 29.95
C ALA C 550 27.00 2.66 30.54
N ALA C 551 26.90 2.53 31.86
CA ALA C 551 25.59 2.32 32.45
C ALA C 551 24.69 3.50 32.17
N ARG C 552 25.22 4.69 32.25
CA ARG C 552 24.42 5.87 31.99
C ARG C 552 24.00 5.96 30.54
N LEU C 553 24.91 5.60 29.67
CA LEU C 553 24.74 5.64 28.24
C LEU C 553 23.76 4.61 27.71
N THR C 554 23.89 3.38 28.19
CA THR C 554 23.13 2.24 27.71
C THR C 554 21.94 1.85 28.56
N GLY C 555 21.92 2.29 29.81
CA GLY C 555 20.85 1.90 30.69
C GLY C 555 21.12 0.56 31.35
N ILE C 556 22.29 -0.02 31.13
CA ILE C 556 22.56 -1.31 31.72
C ILE C 556 23.17 -1.21 33.13
N PRO C 557 22.41 -1.56 34.18
CA PRO C 557 22.75 -1.37 35.58
C PRO C 557 23.89 -2.25 36.03
N VAL C 558 24.16 -3.26 35.23
CA VAL C 558 25.19 -4.25 35.49
C VAL C 558 26.53 -3.57 35.62
N LYS C 559 26.71 -2.50 34.89
CA LYS C 559 27.99 -1.86 34.90
C LYS C 559 28.18 -0.77 35.98
N LYS C 560 27.26 -0.63 36.93
CA LYS C 560 27.48 0.38 37.97
C LYS C 560 28.54 -0.02 39.01
N LEU C 561 28.54 -1.29 39.43
CA LEU C 561 29.52 -1.86 40.36
C LEU C 561 29.62 -1.23 41.77
N SER C 562 28.51 -0.98 42.47
CA SER C 562 28.58 -0.33 43.81
C SER C 562 28.57 -1.28 45.01
N GLU C 563 29.26 -0.90 46.07
CA GLU C 563 29.17 -1.66 47.32
C GLU C 563 27.72 -1.72 47.84
N SER C 564 26.96 -0.67 47.62
CA SER C 564 25.59 -0.64 48.10
C SER C 564 24.74 -1.59 47.27
N GLU C 565 25.22 -1.90 46.07
CA GLU C 565 24.53 -2.77 45.15
C GLU C 565 24.74 -4.14 45.68
N ASN C 566 25.97 -4.40 46.11
CA ASN C 566 26.32 -5.69 46.62
C ASN C 566 25.39 -6.00 47.76
N GLU C 567 25.19 -5.06 48.67
CA GLU C 567 24.29 -5.38 49.76
C GLU C 567 22.89 -5.66 49.27
N LYS C 568 22.41 -4.85 48.33
CA LYS C 568 21.07 -5.09 47.84
C LYS C 568 20.95 -6.49 47.21
N LEU C 569 21.93 -6.88 46.40
CA LEU C 569 21.89 -8.18 45.75
C LEU C 569 22.06 -9.32 46.70
N ILE C 570 22.92 -9.17 47.68
CA ILE C 570 23.17 -10.20 48.66
C ILE C 570 21.92 -10.52 49.41
N HIS C 571 21.17 -9.49 49.75
CA HIS C 571 19.94 -9.67 50.48
C HIS C 571 18.70 -9.63 49.59
N MET C 572 18.88 -9.79 48.29
CA MET C 572 17.75 -9.77 47.37
C MET C 572 16.69 -10.75 47.77
N GLU C 573 17.10 -11.94 48.18
CA GLU C 573 16.14 -12.93 48.55
C GLU C 573 15.30 -12.47 49.70
N ARG C 574 15.87 -11.71 50.63
CA ARG C 574 15.08 -11.31 51.76
C ARG C 574 14.04 -10.35 51.29
N ASP C 575 14.45 -9.43 50.44
CA ASP C 575 13.49 -8.44 50.03
C ASP C 575 12.39 -9.09 49.25
N LEU C 576 12.71 -9.98 48.33
CA LEU C 576 11.62 -10.59 47.63
C LEU C 576 10.75 -11.42 48.54
N SER C 577 11.33 -12.08 49.53
CA SER C 577 10.53 -12.90 50.43
C SER C 577 9.60 -12.07 51.29
N SER C 578 9.82 -10.76 51.38
CA SER C 578 8.93 -9.94 52.18
C SER C 578 7.77 -9.47 51.32
N GLU C 579 7.87 -9.69 50.02
CA GLU C 579 6.85 -9.27 49.09
C GLU C 579 6.04 -10.47 48.65
N VAL C 580 6.75 -11.56 48.43
CA VAL C 580 6.22 -12.82 47.97
C VAL C 580 6.41 -13.84 49.05
N VAL C 581 5.35 -14.49 49.43
CA VAL C 581 5.43 -15.44 50.50
C VAL C 581 5.69 -16.83 50.03
N GLY C 582 6.70 -17.44 50.61
CA GLY C 582 7.02 -18.77 50.21
C GLY C 582 7.57 -18.70 48.82
N GLN C 583 7.49 -19.81 48.10
CA GLN C 583 8.05 -19.88 46.77
C GLN C 583 9.52 -19.51 46.82
N MET C 584 10.24 -19.95 47.87
CA MET C 584 11.62 -19.54 47.96
C MET C 584 12.44 -20.04 46.81
N ASP C 585 12.09 -21.16 46.24
CA ASP C 585 12.87 -21.64 45.12
C ASP C 585 12.78 -20.69 43.96
N ALA C 586 11.61 -20.08 43.78
CA ALA C 586 11.42 -19.18 42.67
C ALA C 586 12.18 -17.92 42.94
N ILE C 587 12.13 -17.49 44.18
CA ILE C 587 12.83 -16.29 44.55
C ILE C 587 14.29 -16.49 44.32
N LYS C 588 14.82 -17.63 44.74
CA LYS C 588 16.22 -17.91 44.55
C LYS C 588 16.53 -18.03 43.07
N ALA C 589 15.65 -18.64 42.30
CA ALA C 589 15.92 -18.80 40.89
C ALA C 589 16.12 -17.47 40.22
N VAL C 590 15.23 -16.54 40.52
CA VAL C 590 15.38 -15.26 39.91
C VAL C 590 16.56 -14.53 40.48
N SER C 591 16.72 -14.62 41.78
CA SER C 591 17.80 -13.91 42.39
C SER C 591 19.09 -14.32 41.75
N ASN C 592 19.23 -15.60 41.46
CA ASN C 592 20.42 -16.03 40.81
C ASN C 592 20.54 -15.36 39.46
N ALA C 593 19.45 -15.23 38.72
CA ALA C 593 19.60 -14.57 37.44
C ALA C 593 20.10 -13.16 37.59
N VAL C 594 19.58 -12.47 38.58
CA VAL C 594 19.99 -11.09 38.73
C VAL C 594 21.42 -10.99 39.17
N ARG C 595 21.78 -11.78 40.17
CA ARG C 595 23.12 -11.75 40.69
C ARG C 595 24.12 -12.18 39.65
N LEU C 596 23.76 -13.19 38.88
CA LEU C 596 24.64 -13.71 37.87
C LEU C 596 24.87 -12.61 36.86
N SER C 597 23.80 -11.91 36.50
CA SER C 597 23.92 -10.84 35.53
C SER C 597 24.69 -9.66 36.07
N ARG C 598 24.44 -9.28 37.30
CA ARG C 598 25.11 -8.12 37.85
C ARG C 598 26.59 -8.35 38.03
N SER C 599 26.98 -9.59 38.23
CA SER C 599 28.38 -9.91 38.37
C SER C 599 29.12 -9.86 37.04
N GLY C 600 28.38 -9.85 35.94
CA GLY C 600 28.93 -9.90 34.62
C GLY C 600 29.18 -11.32 34.12
N LEU C 601 29.02 -12.29 35.04
CA LEU C 601 29.25 -13.70 34.74
C LEU C 601 28.22 -14.29 33.81
N ALA C 602 27.01 -13.77 33.86
CA ALA C 602 25.98 -14.30 32.98
C ALA C 602 26.48 -14.29 31.57
N ASN C 603 26.18 -15.34 30.84
CA ASN C 603 26.62 -15.43 29.47
C ASN C 603 25.97 -14.33 28.67
N PRO C 604 26.72 -13.46 27.99
CA PRO C 604 26.22 -12.31 27.25
C PRO C 604 25.23 -12.69 26.17
N ARG C 605 25.20 -13.95 25.79
CA ARG C 605 24.31 -14.41 24.75
C ARG C 605 23.13 -15.22 25.28
N GLN C 606 22.93 -15.27 26.57
CA GLN C 606 21.85 -16.08 27.09
C GLN C 606 20.95 -15.31 28.03
N PRO C 607 20.00 -14.52 27.54
CA PRO C 607 19.12 -13.71 28.34
C PRO C 607 18.64 -14.62 29.43
N ALA C 608 18.50 -14.13 30.64
CA ALA C 608 18.09 -15.07 31.65
C ALA C 608 16.74 -15.55 31.25
N SER C 609 16.43 -16.82 31.45
CA SER C 609 15.11 -17.26 31.06
C SER C 609 14.46 -18.23 31.99
N PHE C 610 13.28 -17.87 32.44
CA PHE C 610 12.57 -18.75 33.33
C PHE C 610 11.21 -19.12 32.86
N LEU C 611 10.81 -20.31 33.23
CA LEU C 611 9.45 -20.70 32.99
C LEU C 611 8.86 -21.03 34.33
N PHE C 612 7.81 -20.34 34.68
CA PHE C 612 7.17 -20.54 35.95
C PHE C 612 5.94 -21.39 35.80
N LEU C 613 6.04 -22.60 36.27
CA LEU C 613 4.93 -23.51 36.23
C LEU C 613 4.39 -23.45 37.62
N GLY C 614 3.13 -23.77 37.80
CA GLY C 614 2.62 -23.75 39.16
C GLY C 614 1.14 -23.54 39.23
N LEU C 615 0.57 -23.87 40.36
CA LEU C 615 -0.85 -23.75 40.62
C LEU C 615 -1.29 -22.29 40.57
N SER C 616 -2.38 -22.04 39.89
CA SER C 616 -2.87 -20.68 39.74
C SER C 616 -3.03 -20.01 41.07
N GLY C 617 -2.67 -18.73 41.12
CA GLY C 617 -2.79 -17.93 42.33
C GLY C 617 -1.60 -18.11 43.28
N SER C 618 -0.62 -18.90 42.88
CA SER C 618 0.55 -19.13 43.72
C SER C 618 1.55 -17.97 43.72
N GLY C 619 1.35 -16.96 42.84
CA GLY C 619 2.22 -15.79 42.77
C GLY C 619 3.18 -15.78 41.60
N LYS C 620 2.84 -16.43 40.51
CA LYS C 620 3.74 -16.42 39.39
C LYS C 620 3.88 -15.03 38.80
N THR C 621 2.77 -14.39 38.47
CA THR C 621 2.87 -13.07 37.88
C THR C 621 3.41 -12.15 38.93
N GLU C 622 2.89 -12.33 40.13
CA GLU C 622 3.28 -11.47 41.22
C GLU C 622 4.78 -11.50 41.39
N LEU C 623 5.40 -12.66 41.30
CA LEU C 623 6.83 -12.67 41.47
C LEU C 623 7.46 -11.83 40.42
N ALA C 624 7.06 -12.01 39.16
CA ALA C 624 7.70 -11.22 38.13
C ALA C 624 7.56 -9.74 38.42
N LYS C 625 6.41 -9.33 38.91
CA LYS C 625 6.22 -7.93 39.21
C LYS C 625 7.10 -7.49 40.32
N LYS C 626 7.29 -8.33 41.32
CA LYS C 626 8.10 -7.91 42.43
C LYS C 626 9.56 -7.85 42.02
N VAL C 627 9.94 -8.67 41.06
CA VAL C 627 11.29 -8.61 40.56
C VAL C 627 11.48 -7.28 39.88
N ALA C 628 10.52 -6.88 39.07
CA ALA C 628 10.59 -5.57 38.45
C ALA C 628 10.58 -4.49 39.53
N GLY C 629 9.86 -4.74 40.58
CA GLY C 629 9.86 -3.81 41.67
C GLY C 629 11.30 -3.60 42.06
N PHE C 630 11.95 -4.68 42.45
CA PHE C 630 13.35 -4.68 42.89
C PHE C 630 14.28 -4.00 41.88
N LEU C 631 14.18 -4.39 40.61
CA LEU C 631 15.10 -3.91 39.60
C LEU C 631 14.91 -2.47 39.13
N PHE C 632 13.68 -2.00 39.08
CA PHE C 632 13.43 -0.67 38.55
C PHE C 632 12.83 0.25 39.56
N ASN C 633 12.51 -0.28 40.74
CA ASN C 633 11.73 0.42 41.74
C ASN C 633 10.40 0.74 41.11
N ASP C 634 9.93 -0.22 40.31
CA ASP C 634 8.68 -0.09 39.56
C ASP C 634 8.14 -1.41 39.03
N GLU C 635 7.10 -1.89 39.67
CA GLU C 635 6.49 -3.18 39.37
C GLU C 635 5.98 -3.29 37.93
N ASP C 636 5.63 -2.16 37.31
CA ASP C 636 5.11 -2.11 35.96
C ASP C 636 6.10 -1.61 34.93
N MET C 637 7.36 -1.44 35.30
CA MET C 637 8.33 -0.98 34.30
C MET C 637 8.58 -2.00 33.23
N MET C 638 8.37 -3.25 33.58
CA MET C 638 8.63 -4.37 32.71
C MET C 638 7.84 -4.31 31.43
N ILE C 639 8.36 -5.02 30.47
CA ILE C 639 7.70 -5.16 29.20
C ILE C 639 6.81 -6.34 29.34
N ARG C 640 5.57 -6.21 28.94
CA ARG C 640 4.70 -7.35 29.07
C ARG C 640 4.15 -7.76 27.76
N VAL C 641 4.10 -9.05 27.58
CA VAL C 641 3.48 -9.63 26.45
C VAL C 641 2.35 -10.47 26.90
N ASP C 642 1.14 -10.04 26.53
CA ASP C 642 -0.07 -10.77 26.89
C ASP C 642 -0.26 -11.95 25.96
N CYS C 643 0.64 -12.93 26.09
CA CYS C 643 0.62 -14.15 25.30
C CYS C 643 -0.70 -14.90 25.41
N SER C 644 -1.51 -14.54 26.40
CA SER C 644 -2.82 -15.17 26.59
C SER C 644 -3.67 -14.96 25.35
N GLU C 645 -3.30 -13.91 24.60
CA GLU C 645 -3.95 -13.56 23.36
C GLU C 645 -3.07 -13.73 22.14
N LEU C 646 -2.70 -14.94 21.76
CA LEU C 646 -1.84 -15.07 20.60
C LEU C 646 -2.19 -16.14 19.56
N SER C 647 -3.22 -15.90 18.77
CA SER C 647 -3.50 -16.81 17.65
C SER C 647 -2.43 -16.55 16.57
N GLU C 648 -1.78 -17.62 16.08
CA GLU C 648 -0.59 -17.51 15.19
C GLU C 648 -0.60 -16.49 14.10
N LYS C 649 -1.70 -16.44 13.40
CA LYS C 649 -1.84 -15.58 12.25
C LYS C 649 -1.47 -14.17 12.56
N TYR C 650 -1.78 -13.78 13.75
CA TYR C 650 -1.59 -12.43 14.15
C TYR C 650 -0.42 -12.35 15.10
N ALA C 651 -0.29 -13.39 15.88
CA ALA C 651 0.65 -13.38 16.95
C ALA C 651 2.07 -13.08 16.55
N VAL C 652 2.54 -13.64 15.48
CA VAL C 652 3.92 -13.35 15.19
C VAL C 652 4.10 -11.89 14.87
N SER C 653 3.20 -11.38 14.06
CA SER C 653 3.30 -9.99 13.69
C SER C 653 3.02 -9.06 14.84
N LYS C 654 2.27 -9.46 15.83
CA LYS C 654 2.04 -8.51 16.90
C LYS C 654 3.35 -8.19 17.62
N LEU C 655 4.17 -9.20 17.80
CA LEU C 655 5.37 -8.97 18.56
C LEU C 655 6.49 -8.34 17.74
N LEU C 656 6.54 -8.71 16.46
CA LEU C 656 7.60 -8.25 15.58
C LEU C 656 7.21 -7.14 14.62
N GLY C 657 5.96 -7.09 14.22
CA GLY C 657 5.53 -6.13 13.23
C GLY C 657 5.72 -6.65 11.83
N THR C 658 5.37 -5.81 10.89
CA THR C 658 5.39 -6.08 9.47
C THR C 658 6.68 -5.93 8.75
N THR C 659 6.70 -6.45 7.54
CA THR C 659 7.78 -6.20 6.63
C THR C 659 7.37 -5.05 5.78
N ALA C 660 8.29 -4.51 5.01
CA ALA C 660 7.92 -3.42 4.15
C ALA C 660 6.82 -3.89 3.23
N GLY C 661 5.92 -3.02 2.87
CA GLY C 661 4.88 -3.35 1.93
C GLY C 661 3.60 -3.78 2.52
N TYR C 662 3.52 -3.91 3.82
CA TYR C 662 2.28 -4.31 4.43
C TYR C 662 1.62 -3.20 5.22
N VAL C 663 0.38 -3.41 5.63
CA VAL C 663 -0.26 -2.36 6.38
C VAL C 663 0.42 -2.13 7.67
N GLY C 664 0.89 -0.92 7.85
CA GLY C 664 1.61 -0.56 9.04
C GLY C 664 3.07 -0.84 8.82
N TYR C 665 3.90 0.03 9.36
CA TYR C 665 5.34 -0.17 9.29
C TYR C 665 5.82 0.19 10.67
N ASP C 666 4.84 0.49 11.52
CA ASP C 666 5.12 0.75 12.91
C ASP C 666 5.30 -0.56 13.58
N GLU C 667 6.41 -1.13 13.22
CA GLU C 667 6.88 -2.44 13.54
C GLU C 667 7.01 -2.57 15.00
N GLY C 668 7.08 -3.80 15.45
CA GLY C 668 7.41 -4.04 16.82
C GLY C 668 6.39 -3.83 17.88
N GLY C 669 5.11 -3.98 17.56
CA GLY C 669 4.01 -3.82 18.52
C GLY C 669 4.54 -3.87 19.94
N PHE C 670 5.05 -5.03 20.33
CA PHE C 670 5.67 -5.10 21.65
C PHE C 670 7.14 -5.41 21.75
N LEU C 671 7.65 -6.46 21.13
CA LEU C 671 8.99 -6.75 21.53
C LEU C 671 9.99 -5.86 20.90
N THR C 672 9.90 -5.71 19.61
CA THR C 672 10.92 -4.89 19.00
C THR C 672 10.95 -3.47 19.54
N ASN C 673 9.81 -2.82 19.65
CA ASN C 673 9.93 -1.46 20.07
C ASN C 673 10.34 -1.34 21.50
N GLN C 674 9.90 -2.23 22.35
CA GLN C 674 10.24 -2.02 23.72
C GLN C 674 11.68 -2.38 24.01
N LEU C 675 12.19 -3.41 23.37
CA LEU C 675 13.53 -3.86 23.62
C LEU C 675 14.55 -2.82 23.24
N GLN C 676 14.28 -2.06 22.20
CA GLN C 676 15.22 -1.04 21.78
C GLN C 676 15.41 0.09 22.76
N TYR C 677 14.48 0.27 23.70
CA TYR C 677 14.62 1.38 24.63
C TYR C 677 14.85 0.92 26.05
N LYS C 678 14.46 -0.31 26.35
CA LYS C 678 14.66 -0.84 27.67
C LYS C 678 15.36 -2.20 27.55
N PRO C 679 16.60 -2.22 27.05
CA PRO C 679 17.33 -3.38 26.60
C PRO C 679 17.70 -4.39 27.67
N TYR C 680 17.56 -4.05 28.93
CA TYR C 680 17.93 -5.00 29.97
C TYR C 680 16.77 -5.25 30.90
N SER C 681 15.61 -4.71 30.54
CA SER C 681 14.47 -4.83 31.40
C SER C 681 13.92 -6.24 31.50
N VAL C 682 13.01 -6.40 32.44
CA VAL C 682 12.34 -7.66 32.59
C VAL C 682 11.27 -7.75 31.56
N LEU C 683 11.27 -8.85 30.87
CA LEU C 683 10.28 -9.12 29.88
C LEU C 683 9.42 -10.25 30.38
N LEU C 684 8.14 -9.98 30.53
CA LEU C 684 7.18 -10.93 31.07
C LEU C 684 6.17 -11.41 30.08
N PHE C 685 6.06 -12.70 29.97
CA PHE C 685 5.10 -13.32 29.10
C PHE C 685 3.97 -14.03 29.89
N ASP C 686 2.76 -13.46 29.81
CA ASP C 686 1.64 -14.01 30.57
C ASP C 686 0.95 -15.15 29.86
N GLU C 687 0.98 -16.34 30.45
CA GLU C 687 0.38 -17.54 29.88
C GLU C 687 0.97 -17.95 28.53
N VAL C 688 2.27 -18.22 28.49
CA VAL C 688 2.88 -18.61 27.23
C VAL C 688 2.30 -19.93 26.80
N GLU C 689 1.82 -20.67 27.76
CA GLU C 689 1.12 -21.91 27.50
C GLU C 689 0.04 -21.77 26.44
N LYS C 690 -0.71 -20.67 26.46
CA LYS C 690 -1.81 -20.54 25.55
C LYS C 690 -1.45 -19.90 24.25
N ALA C 691 -0.23 -19.45 24.13
CA ALA C 691 0.14 -18.81 22.91
C ALA C 691 0.17 -19.85 21.84
N HIS C 692 -0.16 -19.49 20.64
CA HIS C 692 -0.10 -20.51 19.62
C HIS C 692 1.32 -21.08 19.57
N PRO C 693 1.51 -22.39 19.43
CA PRO C 693 2.80 -23.04 19.33
C PRO C 693 3.76 -22.36 18.38
N ASP C 694 3.27 -21.74 17.32
CA ASP C 694 4.21 -21.09 16.44
C ASP C 694 4.72 -19.77 16.97
N VAL C 695 3.90 -18.96 17.61
CA VAL C 695 4.47 -17.70 18.07
C VAL C 695 5.50 -17.94 19.14
N LEU C 696 5.34 -19.03 19.85
CA LEU C 696 6.31 -19.38 20.85
C LEU C 696 7.67 -19.61 20.25
N THR C 697 7.75 -19.87 18.95
CA THR C 697 9.04 -20.08 18.37
C THR C 697 9.73 -18.74 18.08
N VAL C 698 8.99 -17.65 18.18
CA VAL C 698 9.66 -16.38 18.07
C VAL C 698 10.45 -16.27 19.34
N MET C 699 9.77 -16.59 20.43
CA MET C 699 10.40 -16.57 21.74
C MET C 699 11.53 -17.58 21.81
N LEU C 700 11.34 -18.72 21.20
CA LEU C 700 12.39 -19.72 21.14
C LEU C 700 13.69 -19.09 20.76
N GLN C 701 13.65 -18.30 19.68
CA GLN C 701 14.84 -17.67 19.17
C GLN C 701 15.33 -16.59 20.11
N MET C 702 14.41 -15.81 20.61
CA MET C 702 14.71 -14.70 21.50
C MET C 702 15.51 -15.17 22.70
N LEU C 703 15.10 -16.29 23.24
CA LEU C 703 15.63 -16.88 24.45
C LEU C 703 17.05 -17.41 24.32
N ASP C 704 17.56 -17.53 23.11
CA ASP C 704 18.89 -18.10 22.96
C ASP C 704 19.71 -17.36 21.93
N ASP C 705 20.73 -16.68 22.42
CA ASP C 705 21.60 -15.84 21.65
C ASP C 705 20.98 -14.52 21.29
N GLY C 706 20.08 -14.02 22.14
CA GLY C 706 19.59 -12.62 22.10
C GLY C 706 18.72 -12.24 20.91
N ARG C 707 19.15 -12.63 19.74
CA ARG C 707 18.63 -12.12 18.52
C ARG C 707 17.20 -12.46 18.32
N ILE C 708 16.54 -11.46 17.88
CA ILE C 708 15.18 -11.43 17.48
C ILE C 708 15.24 -10.33 16.47
N THR C 709 14.50 -10.48 15.37
CA THR C 709 14.60 -9.44 14.35
C THR C 709 13.27 -8.79 14.08
N SER C 710 13.29 -7.53 13.71
CA SER C 710 12.02 -6.88 13.51
C SER C 710 11.45 -7.29 12.20
N GLY C 711 10.17 -7.05 12.01
CA GLY C 711 9.56 -7.32 10.73
C GLY C 711 10.24 -6.52 9.62
N GLN C 712 10.68 -5.31 9.91
CA GLN C 712 11.28 -4.45 8.88
C GLN C 712 12.76 -4.74 8.67
N GLY C 713 13.30 -5.79 9.28
CA GLY C 713 14.67 -6.20 9.01
C GLY C 713 15.79 -5.83 9.99
N LYS C 714 15.51 -5.32 11.18
CA LYS C 714 16.63 -5.00 12.06
C LYS C 714 16.85 -6.03 13.12
N THR C 715 18.09 -6.35 13.42
CA THR C 715 18.30 -7.25 14.53
C THR C 715 18.18 -6.43 15.78
N ILE C 716 17.39 -6.87 16.73
CA ILE C 716 17.20 -6.10 17.93
C ILE C 716 18.09 -6.60 19.03
N ASP C 717 18.14 -7.91 19.19
CA ASP C 717 19.01 -8.53 20.19
C ASP C 717 18.66 -8.25 21.66
N CYS C 718 17.77 -9.06 22.21
CA CYS C 718 17.36 -8.88 23.60
C CYS C 718 18.38 -9.59 24.44
N SER C 719 19.54 -9.03 24.57
CA SER C 719 20.62 -9.77 25.18
C SER C 719 20.68 -9.68 26.69
N ASN C 720 21.25 -8.61 27.19
CA ASN C 720 21.49 -8.47 28.62
C ASN C 720 20.26 -8.12 29.39
N CYS C 721 19.31 -9.05 29.45
CA CYS C 721 17.99 -8.84 30.05
C CYS C 721 17.43 -10.10 30.68
N ILE C 722 16.25 -9.99 31.28
CA ILE C 722 15.63 -11.15 31.94
C ILE C 722 14.28 -11.48 31.39
N VAL C 723 14.06 -12.73 31.04
CA VAL C 723 12.77 -13.15 30.52
C VAL C 723 12.05 -14.13 31.42
N ILE C 724 10.83 -13.78 31.78
CA ILE C 724 10.00 -14.64 32.60
C ILE C 724 8.76 -15.05 31.85
N MET C 725 8.55 -16.34 31.78
CA MET C 725 7.40 -16.88 31.10
C MET C 725 6.54 -17.62 32.07
N THR C 726 5.24 -17.54 31.88
CA THR C 726 4.33 -18.25 32.75
C THR C 726 3.36 -19.25 32.09
N SER C 727 2.97 -20.25 32.89
CA SER C 727 2.00 -21.29 32.53
C SER C 727 1.29 -21.89 33.71
N ASN C 728 0.05 -22.29 33.54
CA ASN C 728 -0.69 -22.92 34.63
C ASN C 728 -0.85 -24.40 34.36
N LEU C 729 -0.13 -24.90 33.40
CA LEU C 729 -0.22 -26.28 32.98
C LEU C 729 0.00 -27.25 34.14
N GLY C 730 0.98 -26.94 34.96
CA GLY C 730 1.35 -27.78 36.09
C GLY C 730 0.28 -27.88 37.17
N ALA C 731 -0.71 -26.99 37.12
CA ALA C 731 -1.79 -26.98 38.08
C ALA C 731 -2.48 -28.31 38.11
N GLU C 732 -2.47 -29.00 36.97
CA GLU C 732 -3.14 -30.26 36.79
C GLU C 732 -2.65 -31.33 37.73
N PHE C 733 -1.44 -31.20 38.25
CA PHE C 733 -0.94 -32.21 39.14
C PHE C 733 -0.74 -31.63 40.50
N ILE C 734 -0.45 -30.34 40.55
CA ILE C 734 -0.16 -29.69 41.81
C ILE C 734 -1.37 -29.73 42.70
N ASN C 735 -2.54 -29.62 42.07
CA ASN C 735 -3.81 -29.67 42.76
C ASN C 735 -4.10 -31.06 43.38
N SER C 736 -3.12 -31.99 43.32
CA SER C 736 -3.18 -33.27 44.00
C SER C 736 -2.92 -33.06 45.49
N GLN C 737 -2.61 -31.82 45.87
CA GLN C 737 -2.40 -31.40 47.25
C GLN C 737 -1.29 -32.14 47.92
N GLN C 738 -0.20 -32.23 47.22
CA GLN C 738 0.95 -32.92 47.73
C GLN C 738 1.73 -32.02 48.67
N GLY C 739 1.16 -31.83 49.86
CA GLY C 739 1.73 -30.95 50.87
C GLY C 739 1.77 -29.49 50.42
N SER C 740 2.97 -28.95 50.44
CA SER C 740 3.25 -27.57 50.07
C SER C 740 4.33 -27.57 49.01
N LYS C 741 5.56 -27.73 49.43
CA LYS C 741 6.67 -27.77 48.53
C LYS C 741 6.43 -28.85 47.50
N ILE C 742 6.71 -28.56 46.25
CA ILE C 742 6.51 -29.55 45.21
C ILE C 742 7.33 -30.78 45.50
N GLN C 743 6.66 -31.92 45.43
CA GLN C 743 7.23 -33.21 45.72
C GLN C 743 7.66 -33.99 44.51
N GLU C 744 8.37 -35.08 44.79
CA GLU C 744 8.79 -35.95 43.72
C GLU C 744 7.50 -36.43 43.13
N SER C 745 7.53 -36.91 41.91
CA SER C 745 6.33 -37.35 41.18
C SER C 745 5.50 -36.14 40.74
N THR C 746 5.12 -35.26 41.65
CA THR C 746 4.37 -34.08 41.26
C THR C 746 5.18 -33.37 40.21
N LYS C 747 6.44 -33.12 40.52
CA LYS C 747 7.31 -32.46 39.59
C LYS C 747 7.51 -33.25 38.30
N ASN C 748 7.36 -34.55 38.36
CA ASN C 748 7.60 -35.32 37.16
C ASN C 748 6.43 -35.12 36.25
N LEU C 749 5.25 -35.11 36.84
CA LEU C 749 4.02 -34.93 36.10
C LEU C 749 3.94 -33.55 35.54
N VAL C 750 4.37 -32.58 36.31
CA VAL C 750 4.34 -31.23 35.83
C VAL C 750 5.26 -31.13 34.65
N MET C 751 6.46 -31.65 34.78
CA MET C 751 7.36 -31.57 33.66
C MET C 751 6.91 -32.48 32.52
N GLY C 752 6.22 -33.55 32.83
CA GLY C 752 5.72 -34.39 31.78
C GLY C 752 4.82 -33.53 30.92
N ALA C 753 3.88 -32.86 31.55
CA ALA C 753 2.95 -32.03 30.83
C ALA C 753 3.64 -30.93 30.09
N VAL C 754 4.68 -30.32 30.65
CA VAL C 754 5.23 -29.21 29.91
C VAL C 754 5.92 -29.77 28.68
N ARG C 755 6.50 -30.97 28.78
CA ARG C 755 7.09 -31.63 27.64
C ARG C 755 6.07 -32.00 26.60
N GLN C 756 4.87 -32.33 27.03
CA GLN C 756 3.85 -32.65 26.05
C GLN C 756 3.35 -31.40 25.35
N HIS C 757 3.35 -30.29 26.06
CA HIS C 757 2.81 -29.07 25.50
C HIS C 757 3.79 -28.28 24.64
N PHE C 758 5.02 -28.12 25.09
CA PHE C 758 6.01 -27.33 24.36
C PHE C 758 7.02 -28.27 23.76
N ARG C 759 7.54 -27.96 22.60
CA ARG C 759 8.56 -28.87 22.10
C ARG C 759 9.86 -28.69 22.87
N PRO C 760 10.67 -29.73 23.05
CA PRO C 760 11.98 -29.71 23.69
C PRO C 760 12.87 -28.59 23.19
N GLU C 761 12.75 -28.23 21.93
CA GLU C 761 13.56 -27.16 21.37
C GLU C 761 13.44 -25.89 22.20
N PHE C 762 12.25 -25.68 22.74
CA PHE C 762 11.91 -24.55 23.54
C PHE C 762 12.32 -24.79 24.93
N LEU C 763 11.92 -25.92 25.45
CA LEU C 763 12.15 -26.16 26.84
C LEU C 763 13.61 -26.19 27.20
N ASN C 764 14.43 -26.68 26.29
CA ASN C 764 15.83 -26.81 26.55
C ASN C 764 16.54 -25.48 26.51
N ARG C 765 15.85 -24.43 26.07
CA ARG C 765 16.45 -23.11 26.01
C ARG C 765 16.11 -22.29 27.23
N ILE C 766 15.38 -22.88 28.17
CA ILE C 766 14.98 -22.16 29.35
C ILE C 766 16.06 -22.35 30.40
N SER C 767 16.50 -21.27 31.04
CA SER C 767 17.60 -21.35 31.99
C SER C 767 17.18 -22.27 33.09
N SER C 768 15.94 -22.10 33.53
CA SER C 768 15.38 -22.95 34.55
C SER C 768 13.87 -22.96 34.55
N ILE C 769 13.33 -24.13 34.78
CA ILE C 769 11.91 -24.26 34.93
C ILE C 769 11.65 -24.41 36.41
N VAL C 770 10.83 -23.55 36.93
CA VAL C 770 10.53 -23.47 38.33
C VAL C 770 9.12 -23.86 38.54
N ILE C 771 8.85 -24.71 39.50
CA ILE C 771 7.47 -25.05 39.74
C ILE C 771 7.09 -24.41 41.06
N PHE C 772 6.08 -23.56 41.06
CA PHE C 772 5.70 -22.91 42.29
C PHE C 772 5.05 -23.87 43.22
N ASN C 773 5.25 -23.64 44.49
CA ASN C 773 4.76 -24.49 45.54
C ASN C 773 3.34 -24.14 45.86
N LYS C 774 2.62 -25.04 46.50
CA LYS C 774 1.30 -24.66 46.93
C LYS C 774 1.48 -23.72 48.10
N LEU C 775 0.58 -22.80 48.28
CA LEU C 775 0.71 -22.00 49.47
C LEU C 775 0.11 -22.77 50.62
N SER C 776 0.76 -22.71 51.78
CA SER C 776 0.29 -23.34 53.00
C SER C 776 -0.56 -22.38 53.79
N ARG C 777 -1.32 -22.86 54.76
CA ARG C 777 -2.05 -21.93 55.59
C ARG C 777 -1.07 -20.96 56.26
N LYS C 778 0.10 -21.46 56.63
CA LYS C 778 1.07 -20.61 57.27
C LYS C 778 1.44 -19.49 56.30
N ALA C 779 1.57 -19.83 55.02
CA ALA C 779 1.85 -18.82 54.03
C ALA C 779 0.72 -17.83 54.01
N ILE C 780 -0.49 -18.31 54.16
CA ILE C 780 -1.62 -17.43 54.09
C ILE C 780 -1.53 -16.40 55.18
N HIS C 781 -1.11 -16.79 56.38
CA HIS C 781 -0.99 -15.78 57.42
C HIS C 781 -0.03 -14.68 57.01
N LYS C 782 1.08 -15.07 56.41
CA LYS C 782 2.06 -14.07 56.02
C LYS C 782 1.49 -13.21 54.90
N ILE C 783 0.77 -13.83 53.99
CA ILE C 783 0.21 -13.12 52.87
C ILE C 783 -0.79 -12.12 53.33
N VAL C 784 -1.63 -12.51 54.27
CA VAL C 784 -2.63 -11.59 54.77
C VAL C 784 -1.97 -10.37 55.31
N ASP C 785 -0.92 -10.53 56.07
CA ASP C 785 -0.25 -9.34 56.55
C ASP C 785 0.20 -8.46 55.41
N ILE C 786 0.86 -9.04 54.43
CA ILE C 786 1.36 -8.23 53.36
C ILE C 786 0.24 -7.53 52.65
N ARG C 787 -0.83 -8.25 52.36
CA ARG C 787 -1.93 -7.65 51.66
C ARG C 787 -2.52 -6.54 52.45
N LEU C 788 -2.65 -6.71 53.74
CA LEU C 788 -3.23 -5.65 54.49
C LEU C 788 -2.35 -4.41 54.42
N LYS C 789 -1.04 -4.60 54.40
CA LYS C 789 -0.16 -3.46 54.30
C LYS C 789 -0.27 -2.80 52.93
N GLU C 790 -0.37 -3.60 51.87
CA GLU C 790 -0.47 -3.00 50.54
C GLU C 790 -1.71 -2.17 50.44
N ILE C 791 -2.78 -2.64 51.05
CA ILE C 791 -4.02 -1.91 51.00
C ILE C 791 -3.85 -0.54 51.60
N GLU C 792 -3.19 -0.47 52.73
CA GLU C 792 -2.97 0.84 53.30
C GLU C 792 -2.12 1.72 52.41
N GLU C 793 -1.06 1.14 51.87
CA GLU C 793 -0.13 1.92 51.08
C GLU C 793 -0.75 2.47 49.81
N ARG C 794 -1.66 1.72 49.22
CA ARG C 794 -2.27 2.18 47.99
C ARG C 794 -3.37 3.22 48.20
N PHE C 795 -3.66 3.63 49.42
CA PHE C 795 -4.71 4.58 49.54
C PHE C 795 -4.27 6.00 49.18
N GLU C 796 -4.98 6.53 48.20
CA GLU C 796 -4.81 7.87 47.66
C GLU C 796 -5.17 8.94 48.68
N GLN C 797 -6.12 8.59 49.54
CA GLN C 797 -6.64 9.48 50.56
C GLN C 797 -6.07 9.08 51.89
N ASN C 798 -5.06 9.81 52.37
CA ASN C 798 -4.38 9.39 53.59
C ASN C 798 -5.10 9.79 54.86
N ASP C 799 -6.25 9.21 55.02
CA ASP C 799 -7.10 9.34 56.19
C ASP C 799 -8.02 8.16 56.08
N LYS C 800 -8.26 7.75 54.85
CA LYS C 800 -9.14 6.63 54.65
C LYS C 800 -8.32 5.38 54.71
N HIS C 801 -8.01 5.01 55.94
CA HIS C 801 -7.13 3.91 56.21
C HIS C 801 -7.56 3.23 57.50
N TYR C 802 -7.02 2.05 57.74
CA TYR C 802 -7.40 1.29 58.92
C TYR C 802 -6.36 1.24 60.01
N LYS C 803 -6.85 0.80 61.17
CA LYS C 803 -6.14 0.36 62.35
C LYS C 803 -6.80 -0.98 62.72
N LEU C 804 -7.13 -1.71 61.64
CA LEU C 804 -7.77 -3.00 61.60
C LEU C 804 -7.14 -3.79 62.67
N ASN C 805 -7.89 -4.50 63.51
CA ASN C 805 -7.22 -5.23 64.53
C ASN C 805 -6.73 -6.57 64.00
N LEU C 806 -5.78 -6.49 63.07
CA LEU C 806 -5.18 -7.59 62.37
C LEU C 806 -4.27 -8.41 63.28
N THR C 807 -4.16 -8.00 64.53
CA THR C 807 -3.41 -8.70 65.53
C THR C 807 -4.35 -9.62 66.30
N GLN C 808 -5.65 -9.38 66.11
CA GLN C 808 -6.74 -10.07 66.76
C GLN C 808 -7.25 -11.07 65.78
N GLU C 809 -8.32 -11.76 66.14
CA GLU C 809 -8.86 -12.86 65.35
C GLU C 809 -9.12 -12.51 63.89
N ALA C 810 -9.11 -11.23 63.51
CA ALA C 810 -9.33 -10.84 62.14
C ALA C 810 -8.29 -11.50 61.23
N LYS C 811 -7.06 -11.64 61.71
CA LYS C 811 -6.08 -12.25 60.84
C LYS C 811 -6.32 -13.74 60.74
N ASP C 812 -6.93 -14.30 61.78
CA ASP C 812 -7.13 -15.73 61.83
C ASP C 812 -8.29 -16.04 60.93
N PHE C 813 -9.28 -15.17 60.97
CA PHE C 813 -10.44 -15.31 60.14
C PHE C 813 -9.99 -15.32 58.71
N LEU C 814 -9.21 -14.32 58.32
CA LEU C 814 -8.82 -14.29 56.94
C LEU C 814 -8.00 -15.48 56.59
N ALA C 815 -7.09 -15.88 57.48
CA ALA C 815 -6.27 -17.02 57.15
C ALA C 815 -7.08 -18.29 57.02
N LYS C 816 -8.07 -18.44 57.87
CA LYS C 816 -8.90 -19.62 57.85
C LYS C 816 -9.78 -19.66 56.64
N TYR C 817 -10.54 -18.60 56.44
CA TYR C 817 -11.52 -18.57 55.39
C TYR C 817 -10.91 -18.44 54.02
N GLY C 818 -9.77 -17.76 53.93
CA GLY C 818 -9.16 -17.53 52.64
C GLY C 818 -8.26 -18.64 52.18
N TYR C 819 -8.09 -19.67 52.97
CA TYR C 819 -7.15 -20.68 52.54
C TYR C 819 -7.70 -21.68 51.60
N SER C 820 -8.06 -21.26 50.41
CA SER C 820 -8.49 -22.28 49.50
C SER C 820 -7.28 -23.04 49.14
N ASP C 821 -7.35 -24.31 49.33
CA ASP C 821 -6.25 -25.17 49.03
C ASP C 821 -5.79 -25.02 47.60
N ASP C 822 -6.70 -24.69 46.68
CA ASP C 822 -6.31 -24.70 45.29
C ASP C 822 -6.53 -23.41 44.50
N MET C 823 -6.67 -22.28 45.17
CA MET C 823 -6.84 -21.02 44.44
C MET C 823 -5.76 -20.05 44.81
N GLY C 824 -4.75 -20.58 45.45
CA GLY C 824 -3.63 -19.81 45.87
C GLY C 824 -4.08 -18.67 46.75
N ALA C 825 -3.55 -17.50 46.52
CA ALA C 825 -3.91 -16.37 47.35
C ALA C 825 -5.08 -15.60 46.82
N ARG C 826 -5.61 -15.95 45.68
CA ARG C 826 -6.67 -15.09 45.17
C ARG C 826 -7.88 -14.91 46.09
N PRO C 827 -8.36 -15.90 46.82
CA PRO C 827 -9.46 -15.76 47.74
C PRO C 827 -9.19 -14.69 48.78
N LEU C 828 -7.93 -14.38 49.05
CA LEU C 828 -7.70 -13.37 50.06
C LEU C 828 -8.11 -12.03 49.55
N ASN C 829 -7.97 -11.80 48.27
CA ASN C 829 -8.32 -10.50 47.78
C ASN C 829 -9.81 -10.40 47.88
N ARG C 830 -10.46 -11.48 47.53
CA ARG C 830 -11.90 -11.46 47.57
C ARG C 830 -12.44 -11.35 48.97
N LEU C 831 -11.86 -12.05 49.93
CA LEU C 831 -12.37 -11.89 51.27
C LEU C 831 -12.14 -10.52 51.74
N ILE C 832 -11.00 -9.96 51.46
CA ILE C 832 -10.84 -8.65 51.98
C ILE C 832 -11.90 -7.74 51.41
N GLN C 833 -12.20 -7.85 50.12
CA GLN C 833 -13.26 -6.98 49.66
C GLN C 833 -14.62 -7.32 50.25
N ASN C 834 -14.98 -8.60 50.28
CA ASN C 834 -16.32 -8.96 50.74
C ASN C 834 -16.53 -8.78 52.21
N GLU C 835 -15.51 -9.06 52.96
CA GLU C 835 -15.56 -9.00 54.39
C GLU C 835 -15.27 -7.62 54.91
N ILE C 836 -14.37 -6.89 54.26
CA ILE C 836 -13.97 -5.62 54.79
C ILE C 836 -14.15 -4.41 53.90
N LEU C 837 -13.56 -4.40 52.72
CA LEU C 837 -13.58 -3.15 51.97
C LEU C 837 -14.97 -2.76 51.52
N ASN C 838 -15.81 -3.72 51.18
CA ASN C 838 -17.15 -3.35 50.75
C ASN C 838 -17.89 -2.68 51.88
N LYS C 839 -17.70 -3.20 53.08
CA LYS C 839 -18.36 -2.66 54.22
C LYS C 839 -17.76 -1.31 54.52
N LEU C 840 -16.45 -1.21 54.32
CA LEU C 840 -15.76 0.03 54.56
C LEU C 840 -16.29 1.07 53.65
N ALA C 841 -16.49 0.71 52.38
CA ALA C 841 -16.98 1.69 51.45
C ALA C 841 -18.27 2.24 51.96
N LEU C 842 -19.13 1.40 52.49
CA LEU C 842 -20.38 1.93 52.96
C LEU C 842 -20.16 2.81 54.16
N ARG C 843 -19.27 2.41 55.05
CA ARG C 843 -19.02 3.23 56.23
C ARG C 843 -18.49 4.59 55.78
N ILE C 844 -17.70 4.61 54.72
CA ILE C 844 -17.18 5.86 54.21
C ILE C 844 -18.28 6.70 53.58
N LEU C 845 -19.12 6.09 52.78
CA LEU C 845 -20.17 6.83 52.10
C LEU C 845 -21.12 7.49 53.07
N LYS C 846 -21.36 6.81 54.18
CA LYS C 846 -22.24 7.35 55.19
C LYS C 846 -21.53 8.31 56.12
N ASN C 847 -20.26 8.61 55.83
CA ASN C 847 -19.44 9.50 56.62
C ASN C 847 -19.30 9.03 58.04
N GLU C 848 -19.19 7.71 58.23
CA GLU C 848 -19.00 7.11 59.53
C GLU C 848 -17.54 7.05 59.86
N ILE C 849 -16.73 7.28 58.83
CA ILE C 849 -15.30 7.19 58.88
C ILE C 849 -14.57 8.51 58.60
N LYS C 850 -13.61 8.80 59.45
CA LYS C 850 -12.67 9.88 59.28
C LYS C 850 -11.36 9.21 58.97
N ASP C 851 -10.83 8.48 59.98
CA ASP C 851 -9.62 7.71 59.84
C ASP C 851 -9.48 6.65 60.94
N LYS C 852 -8.46 5.81 60.83
CA LYS C 852 -8.12 4.78 61.81
C LYS C 852 -9.24 3.79 62.09
N GLU C 853 -9.88 3.30 61.04
CA GLU C 853 -10.99 2.36 61.18
C GLU C 853 -10.59 1.04 61.83
N THR C 854 -11.43 0.46 62.70
CA THR C 854 -11.07 -0.82 63.28
C THR C 854 -12.03 -1.96 62.93
N VAL C 855 -11.48 -3.18 62.89
CA VAL C 855 -12.18 -4.40 62.50
C VAL C 855 -11.99 -5.53 63.47
N ASN C 856 -13.07 -6.29 63.71
CA ASN C 856 -13.10 -7.47 64.57
C ASN C 856 -14.07 -8.49 64.01
N VAL C 857 -14.24 -9.65 64.67
CA VAL C 857 -15.16 -10.67 64.14
C VAL C 857 -16.34 -11.01 65.04
N VAL C 858 -17.51 -11.14 64.44
CA VAL C 858 -18.69 -11.56 65.17
C VAL C 858 -19.19 -12.91 64.67
N LEU C 859 -19.25 -13.88 65.58
CA LEU C 859 -19.63 -15.25 65.25
C LEU C 859 -18.69 -15.83 64.23
N GLU C 874 -19.43 -12.18 60.82
CA GLU C 874 -18.14 -12.57 60.28
C GLU C 874 -17.21 -11.38 60.46
N GLU C 875 -16.45 -10.93 59.47
CA GLU C 875 -15.68 -9.72 59.79
C GLU C 875 -16.66 -8.59 59.93
N CYS C 876 -16.44 -7.77 60.92
CA CYS C 876 -17.30 -6.65 61.15
C CYS C 876 -16.51 -5.40 61.33
N LEU C 877 -17.01 -4.34 60.71
CA LEU C 877 -16.36 -3.05 60.81
C LEU C 877 -17.04 -2.17 61.81
N GLU C 878 -16.23 -1.37 62.45
CA GLU C 878 -16.70 -0.40 63.39
C GLU C 878 -17.00 0.91 62.69
N VAL C 879 -17.50 1.84 63.46
CA VAL C 879 -17.81 3.17 62.98
C VAL C 879 -17.06 4.09 63.87
N LEU C 880 -16.91 5.33 63.48
CA LEU C 880 -16.33 6.19 64.45
C LEU C 880 -17.55 6.77 65.17
N PRO C 881 -17.72 6.45 66.45
CA PRO C 881 -18.92 6.68 67.26
C PRO C 881 -19.46 8.10 67.30
N ASN C 882 -18.67 9.09 66.91
CA ASN C 882 -19.13 10.45 66.95
C ASN C 882 -19.74 10.88 65.63
N HIS C 883 -19.84 9.94 64.71
CA HIS C 883 -20.39 10.17 63.39
C HIS C 883 -21.84 9.73 63.31
N GLU C 884 -22.48 10.06 62.20
CA GLU C 884 -23.86 9.69 61.94
C GLU C 884 -24.07 8.20 62.10
N GLU D 165 34.19 27.66 -34.19
CA GLU D 165 33.69 28.61 -33.20
C GLU D 165 33.02 27.91 -32.02
N TYR D 166 31.69 27.95 -31.93
CA TYR D 166 31.04 27.34 -30.78
C TYR D 166 31.36 25.88 -30.63
N LEU D 167 31.40 25.18 -31.73
CA LEU D 167 31.65 23.77 -31.71
C LEU D 167 32.97 23.46 -31.04
N SER D 168 33.96 24.36 -31.15
CA SER D 168 35.29 24.14 -30.60
C SER D 168 35.33 24.43 -29.11
N LYS D 169 34.27 24.99 -28.56
CA LYS D 169 34.22 25.34 -27.17
C LYS D 169 33.32 24.41 -26.42
N TYR D 170 32.32 23.89 -27.11
CA TYR D 170 31.30 23.11 -26.46
C TYR D 170 31.30 21.63 -26.78
N ALA D 171 32.33 21.15 -27.42
CA ALA D 171 32.39 19.76 -27.76
C ALA D 171 33.82 19.31 -27.92
N ILE D 172 34.05 18.03 -27.78
CA ILE D 172 35.39 17.52 -27.95
C ILE D 172 35.60 16.95 -29.33
N ASP D 173 36.66 17.39 -30.00
CA ASP D 173 36.87 16.87 -31.33
C ASP D 173 37.44 15.47 -31.27
N MET D 174 36.54 14.49 -31.27
CA MET D 174 36.94 13.11 -31.10
C MET D 174 37.78 12.68 -32.26
N THR D 175 37.47 13.20 -33.43
CA THR D 175 38.27 12.83 -34.57
C THR D 175 39.69 13.24 -34.32
N GLU D 176 39.91 14.43 -33.80
CA GLU D 176 41.30 14.80 -33.59
C GLU D 176 41.89 13.92 -32.52
N GLN D 177 41.13 13.60 -31.49
CA GLN D 177 41.71 12.74 -30.48
C GLN D 177 42.12 11.43 -31.12
N ALA D 178 41.31 10.94 -32.06
CA ALA D 178 41.65 9.72 -32.73
C ALA D 178 42.94 9.91 -33.50
N ARG D 179 43.09 11.07 -34.17
CA ARG D 179 44.28 11.36 -34.96
C ARG D 179 45.51 11.43 -34.10
N GLN D 180 45.32 11.87 -32.86
CA GLN D 180 46.41 12.01 -31.92
C GLN D 180 46.71 10.75 -31.15
N GLY D 181 45.95 9.69 -31.38
CA GLY D 181 46.19 8.46 -30.65
C GLY D 181 45.75 8.55 -29.19
N LYS D 182 44.85 9.48 -28.89
CA LYS D 182 44.42 9.66 -27.52
C LYS D 182 43.25 8.79 -27.14
N LEU D 183 42.72 8.06 -28.11
CA LEU D 183 41.59 7.19 -27.84
C LEU D 183 42.10 5.77 -27.74
N ASP D 184 41.51 5.00 -26.85
CA ASP D 184 41.90 3.60 -26.75
C ASP D 184 41.51 2.92 -28.04
N PRO D 185 42.28 1.97 -28.53
CA PRO D 185 41.95 1.26 -29.73
C PRO D 185 40.73 0.46 -29.46
N VAL D 186 39.90 0.30 -30.45
CA VAL D 186 38.70 -0.48 -30.24
C VAL D 186 38.76 -1.83 -30.91
N ILE D 187 38.50 -2.85 -30.13
CA ILE D 187 38.59 -4.21 -30.60
C ILE D 187 37.26 -4.85 -30.88
N GLY D 188 37.11 -5.35 -32.09
CA GLY D 188 35.87 -5.98 -32.46
C GLY D 188 34.75 -4.94 -32.53
N ARG D 189 33.56 -5.38 -32.18
CA ARG D 189 32.34 -4.58 -32.23
C ARG D 189 32.00 -4.15 -33.64
N GLU D 190 32.43 -4.93 -34.62
CA GLU D 190 32.12 -4.55 -35.98
C GLU D 190 30.65 -4.53 -36.26
N GLU D 191 29.87 -5.40 -35.68
CA GLU D 191 28.49 -5.32 -36.05
C GLU D 191 27.84 -4.05 -35.55
N GLU D 192 28.21 -3.61 -34.36
CA GLU D 192 27.63 -2.38 -33.88
C GLU D 192 28.18 -1.19 -34.67
N ILE D 193 29.47 -1.22 -34.99
CA ILE D 193 30.07 -0.12 -35.72
C ILE D 193 29.46 -0.03 -37.11
N ARG D 194 29.38 -1.16 -37.78
CA ARG D 194 28.81 -1.24 -39.12
C ARG D 194 27.37 -0.75 -39.12
N SER D 195 26.62 -1.13 -38.08
CA SER D 195 25.24 -0.71 -37.99
C SER D 195 25.15 0.78 -37.79
N THR D 196 26.03 1.32 -36.96
CA THR D 196 26.02 2.74 -36.70
C THR D 196 26.24 3.48 -38.00
N ILE D 197 27.23 3.03 -38.75
CA ILE D 197 27.53 3.64 -40.02
C ILE D 197 26.38 3.54 -40.97
N ARG D 198 25.80 2.36 -41.06
CA ARG D 198 24.69 2.17 -41.94
C ARG D 198 23.61 3.17 -41.63
N VAL D 199 23.31 3.35 -40.36
CA VAL D 199 22.28 4.32 -40.04
C VAL D 199 22.71 5.73 -40.39
N LEU D 200 23.96 6.08 -40.14
CA LEU D 200 24.43 7.42 -40.47
C LEU D 200 24.30 7.67 -41.97
N ALA D 201 24.39 6.62 -42.75
CA ALA D 201 24.30 6.72 -44.20
C ALA D 201 22.85 6.90 -44.71
N ARG D 202 21.85 6.90 -43.83
CA ARG D 202 20.45 7.08 -44.23
C ARG D 202 20.14 8.44 -44.81
N ARG D 203 19.11 8.50 -45.67
CA ARG D 203 18.67 9.77 -46.22
C ARG D 203 18.07 10.63 -45.12
N ILE D 204 17.21 10.03 -44.30
CA ILE D 204 16.54 10.79 -43.25
C ILE D 204 16.68 10.13 -41.90
N LYS D 205 16.58 10.93 -40.84
CA LYS D 205 16.65 10.37 -39.50
C LYS D 205 17.87 9.49 -39.29
N SER D 206 18.98 9.93 -39.82
CA SER D 206 20.24 9.23 -39.74
C SER D 206 20.90 9.43 -38.39
N ASN D 207 20.19 9.01 -37.35
CA ASN D 207 20.63 9.26 -36.00
C ASN D 207 20.61 8.00 -35.16
N PRO D 208 21.59 7.12 -35.24
CA PRO D 208 21.63 5.88 -34.51
C PRO D 208 21.86 6.14 -33.06
N CYS D 209 21.45 5.21 -32.24
CA CYS D 209 21.74 5.34 -30.83
C CYS D 209 22.09 4.02 -30.22
N LEU D 210 23.14 4.03 -29.43
CA LEU D 210 23.61 2.82 -28.82
C LEU D 210 22.96 2.60 -27.48
N ILE D 211 22.14 1.56 -27.40
CA ILE D 211 21.39 1.26 -26.20
C ILE D 211 21.83 -0.02 -25.55
N GLY D 212 22.06 0.00 -24.24
CA GLY D 212 22.45 -1.24 -23.57
C GLY D 212 22.78 -1.11 -22.10
N GLU D 213 23.30 -2.17 -21.51
CA GLU D 213 23.68 -2.10 -20.11
C GLU D 213 24.87 -1.20 -20.07
N PRO D 214 25.15 -0.48 -19.00
CA PRO D 214 26.30 0.37 -18.92
C PRO D 214 27.50 -0.52 -18.80
N GLY D 215 28.67 -0.02 -19.18
CA GLY D 215 29.90 -0.79 -19.03
C GLY D 215 30.05 -1.87 -20.08
N ILE D 216 29.56 -1.63 -21.28
CA ILE D 216 29.64 -2.66 -22.28
C ILE D 216 30.41 -2.21 -23.49
N GLY D 217 30.88 -0.97 -23.48
CA GLY D 217 31.66 -0.49 -24.59
C GLY D 217 30.90 0.43 -25.51
N LYS D 218 29.85 1.08 -25.03
CA LYS D 218 29.17 1.92 -25.98
C LYS D 218 30.02 3.11 -26.37
N THR D 219 30.84 3.61 -25.47
CA THR D 219 31.67 4.72 -25.87
C THR D 219 32.70 4.18 -26.80
N ALA D 220 33.21 3.00 -26.47
CA ALA D 220 34.24 2.39 -27.29
C ALA D 220 33.74 2.25 -28.71
N ILE D 221 32.48 1.92 -28.89
CA ILE D 221 31.98 1.83 -30.23
C ILE D 221 32.08 3.16 -30.93
N ILE D 222 31.71 4.23 -30.24
CA ILE D 222 31.76 5.54 -30.87
C ILE D 222 33.18 5.88 -31.23
N GLU D 223 34.10 5.58 -30.34
CA GLU D 223 35.49 5.85 -30.63
C GLU D 223 35.94 4.97 -31.78
N GLY D 224 35.40 3.78 -31.85
CA GLY D 224 35.72 2.87 -32.92
C GLY D 224 35.33 3.52 -34.21
N VAL D 225 34.16 4.15 -34.22
CA VAL D 225 33.73 4.83 -35.41
C VAL D 225 34.74 5.91 -35.72
N ALA D 226 35.17 6.66 -34.71
CA ALA D 226 36.16 7.69 -34.99
C ALA D 226 37.38 7.06 -35.62
N GLN D 227 37.79 5.88 -35.15
CA GLN D 227 38.95 5.28 -35.77
C GLN D 227 38.67 4.91 -37.21
N ARG D 228 37.48 4.38 -37.47
CA ARG D 228 37.20 3.99 -38.83
C ARG D 228 37.24 5.23 -39.69
N ILE D 229 36.77 6.36 -39.15
CA ILE D 229 36.79 7.56 -39.93
C ILE D 229 38.19 8.02 -40.22
N ILE D 230 39.07 8.04 -39.23
CA ILE D 230 40.40 8.53 -39.55
C ILE D 230 41.17 7.62 -40.49
N ASP D 231 40.76 6.37 -40.57
CA ASP D 231 41.35 5.40 -41.48
C ASP D 231 40.61 5.28 -42.80
N ASP D 232 39.56 6.11 -43.01
CA ASP D 232 38.70 6.03 -44.18
C ASP D 232 38.17 4.62 -44.42
N ASP D 233 37.81 3.96 -43.35
CA ASP D 233 37.25 2.61 -43.34
C ASP D 233 35.76 2.73 -43.10
N VAL D 234 35.24 3.79 -43.66
CA VAL D 234 33.87 4.20 -43.62
C VAL D 234 33.47 4.53 -45.05
N PRO D 235 32.18 4.64 -45.36
CA PRO D 235 31.65 5.04 -46.64
C PRO D 235 31.96 6.47 -46.90
N THR D 236 31.83 6.86 -48.14
CA THR D 236 32.16 8.20 -48.57
C THR D 236 31.40 9.28 -47.86
N ILE D 237 30.23 8.98 -47.36
CA ILE D 237 29.49 9.98 -46.62
C ILE D 237 30.25 10.38 -45.36
N LEU D 238 31.04 9.45 -44.82
CA LEU D 238 31.82 9.70 -43.63
C LEU D 238 33.28 9.99 -43.94
N GLN D 239 33.75 9.58 -45.09
CA GLN D 239 35.15 9.83 -45.38
C GLN D 239 35.36 11.34 -45.36
N GLY D 240 36.31 11.80 -44.59
CA GLY D 240 36.57 13.23 -44.47
C GLY D 240 35.68 13.93 -43.42
N ALA D 241 34.81 13.20 -42.76
CA ALA D 241 33.90 13.73 -41.75
C ALA D 241 34.63 14.02 -40.44
N LYS D 242 34.02 14.86 -39.62
CA LYS D 242 34.56 15.14 -38.30
C LYS D 242 33.53 14.80 -37.24
N LEU D 243 33.99 14.16 -36.18
CA LEU D 243 33.14 13.75 -35.08
C LEU D 243 33.44 14.50 -33.80
N PHE D 244 32.40 15.11 -33.27
CA PHE D 244 32.51 15.85 -32.04
C PHE D 244 31.67 15.24 -30.96
N SER D 245 32.14 15.31 -29.72
CA SER D 245 31.36 14.83 -28.58
C SER D 245 30.78 16.00 -27.84
N LEU D 246 29.49 16.11 -27.84
CA LEU D 246 28.86 17.24 -27.20
C LEU D 246 29.12 17.21 -25.73
N ASP D 247 29.61 18.30 -25.18
CA ASP D 247 29.77 18.33 -23.75
C ASP D 247 28.52 18.95 -23.18
N LEU D 248 27.68 18.16 -22.55
CA LEU D 248 26.41 18.69 -22.07
C LEU D 248 26.61 19.83 -21.10
N ALA D 249 27.78 19.91 -20.47
CA ALA D 249 28.07 20.98 -19.54
C ALA D 249 27.99 22.32 -20.23
N ALA D 250 28.27 22.34 -21.51
CA ALA D 250 28.24 23.54 -22.29
C ALA D 250 26.93 24.23 -22.19
N LEU D 251 25.90 23.45 -22.09
CA LEU D 251 24.59 23.98 -22.18
C LEU D 251 24.08 24.36 -20.81
N THR D 252 24.96 24.25 -19.84
CA THR D 252 24.63 24.59 -18.49
C THR D 252 25.51 25.74 -18.10
N ALA D 253 26.16 26.36 -19.09
CA ALA D 253 27.06 27.49 -18.90
C ALA D 253 26.43 28.62 -18.10
N GLY D 254 25.12 28.65 -18.03
CA GLY D 254 24.38 29.64 -17.29
C GLY D 254 23.22 30.11 -18.11
N ALA D 255 22.02 29.71 -17.71
CA ALA D 255 20.82 30.12 -18.41
C ALA D 255 20.43 31.55 -18.10
N LYS D 256 21.26 32.27 -17.37
CA LYS D 256 20.97 33.65 -17.08
C LYS D 256 20.57 34.24 -18.41
N TYR D 257 19.39 34.83 -18.46
CA TYR D 257 18.92 35.38 -19.70
C TYR D 257 18.38 34.17 -20.44
N LYS D 258 17.17 33.77 -20.05
CA LYS D 258 16.48 32.62 -20.62
C LYS D 258 16.54 32.62 -22.13
N GLY D 259 16.99 31.51 -22.70
CA GLY D 259 17.10 31.44 -24.15
C GLY D 259 18.56 31.37 -24.53
N ASP D 260 19.44 31.80 -23.62
CA ASP D 260 20.88 31.72 -23.87
C ASP D 260 21.23 30.27 -24.13
N PHE D 261 20.50 29.37 -23.47
CA PHE D 261 20.70 27.95 -23.62
C PHE D 261 20.65 27.59 -25.09
N GLU D 262 19.59 28.05 -25.74
CA GLU D 262 19.35 27.78 -27.14
C GLU D 262 20.24 28.57 -28.03
N GLU D 263 20.58 29.79 -27.63
CA GLU D 263 21.43 30.54 -28.52
C GLU D 263 22.71 29.75 -28.69
N ARG D 264 23.20 29.21 -27.59
CA ARG D 264 24.39 28.39 -27.65
C ARG D 264 24.10 27.10 -28.35
N PHE D 265 23.08 26.40 -27.91
CA PHE D 265 22.83 25.09 -28.45
C PHE D 265 22.51 25.13 -29.92
N LYS D 266 21.55 25.96 -30.30
CA LYS D 266 21.20 26.09 -31.68
C LYS D 266 22.40 26.55 -32.45
N GLY D 267 23.18 27.49 -31.90
CA GLY D 267 24.34 27.98 -32.58
C GLY D 267 25.30 26.84 -32.90
N VAL D 268 25.44 25.91 -31.97
CA VAL D 268 26.27 24.75 -32.23
C VAL D 268 25.69 23.94 -33.34
N LEU D 269 24.39 23.72 -33.29
CA LEU D 269 23.82 22.90 -34.32
C LEU D 269 24.01 23.57 -35.67
N LYS D 270 23.89 24.88 -35.70
CA LYS D 270 24.06 25.60 -36.92
C LYS D 270 25.44 25.34 -37.47
N GLU D 271 26.47 25.53 -36.65
CA GLU D 271 27.83 25.33 -37.12
C GLU D 271 28.01 23.93 -37.66
N ILE D 272 27.39 22.95 -37.02
CA ILE D 272 27.49 21.59 -37.47
C ILE D 272 26.91 21.42 -38.85
N GLU D 273 25.75 21.99 -39.08
CA GLU D 273 25.11 21.87 -40.38
C GLU D 273 25.82 22.66 -41.49
N GLU D 274 26.42 23.78 -41.16
CA GLU D 274 26.94 24.67 -42.18
C GLU D 274 28.20 24.28 -42.95
N SER D 275 27.99 23.44 -43.97
CA SER D 275 28.96 23.05 -45.03
C SER D 275 30.33 22.46 -44.70
N LYS D 276 30.93 22.82 -43.59
CA LYS D 276 32.29 22.41 -43.32
C LYS D 276 32.39 20.93 -43.05
N THR D 277 32.48 20.18 -44.15
CA THR D 277 32.44 18.73 -44.28
C THR D 277 31.27 18.19 -43.50
N LEU D 278 31.18 16.89 -43.42
CA LEU D 278 30.11 16.34 -42.65
C LEU D 278 30.55 16.30 -41.23
N ILE D 279 29.78 16.95 -40.39
CA ILE D 279 30.08 16.93 -39.00
C ILE D 279 29.01 16.16 -38.32
N VAL D 280 29.44 15.17 -37.56
CA VAL D 280 28.54 14.30 -36.85
C VAL D 280 28.71 14.61 -35.39
N LEU D 281 27.60 14.72 -34.71
CA LEU D 281 27.68 15.03 -33.31
C LEU D 281 27.33 13.82 -32.48
N PHE D 282 28.20 13.50 -31.56
CA PHE D 282 27.96 12.43 -30.64
C PHE D 282 27.46 12.97 -29.33
N ILE D 283 26.33 12.45 -28.90
CA ILE D 283 25.80 12.93 -27.65
C ILE D 283 25.67 11.80 -26.66
N ASP D 284 26.56 11.81 -25.70
CA ASP D 284 26.52 10.84 -24.65
C ASP D 284 25.48 11.35 -23.72
N GLU D 285 25.11 10.57 -22.74
CA GLU D 285 24.12 11.04 -21.79
C GLU D 285 22.94 11.58 -22.56
N ILE D 286 22.43 10.84 -23.54
CA ILE D 286 21.40 11.40 -24.42
C ILE D 286 20.18 11.86 -23.64
N HIS D 287 19.98 11.32 -22.44
CA HIS D 287 18.84 11.68 -21.62
C HIS D 287 18.89 13.10 -21.15
N MET D 288 20.03 13.73 -21.21
CA MET D 288 20.10 15.07 -20.74
C MET D 288 19.42 16.02 -21.71
N LEU D 289 19.08 15.54 -22.90
CA LEU D 289 18.38 16.37 -23.87
C LEU D 289 16.95 16.64 -23.39
N MET D 290 16.49 15.86 -22.40
CA MET D 290 15.18 16.05 -21.84
C MET D 290 15.10 17.34 -21.06
N GLY D 291 16.25 17.84 -20.60
CA GLY D 291 16.28 19.05 -19.83
C GLY D 291 15.35 18.89 -18.65
N ASN D 292 14.64 19.95 -18.29
CA ASN D 292 13.72 19.91 -17.16
C ASN D 292 12.39 19.26 -17.47
N GLY D 293 12.41 18.02 -17.92
CA GLY D 293 11.13 17.36 -18.14
C GLY D 293 10.38 17.96 -19.30
N LYS D 294 11.05 18.19 -20.43
CA LYS D 294 10.46 18.85 -21.58
C LYS D 294 10.23 20.31 -21.21
N ASP D 295 9.03 20.85 -21.39
CA ASP D 295 8.85 22.27 -21.07
C ASP D 295 9.95 23.09 -21.69
N ASP D 296 10.85 23.68 -20.90
CA ASP D 296 11.90 24.52 -21.48
C ASP D 296 12.71 23.78 -22.56
N ALA D 297 12.90 22.48 -22.38
CA ALA D 297 13.65 21.72 -23.38
C ALA D 297 12.85 21.75 -24.67
N ALA D 298 11.53 21.76 -24.56
CA ALA D 298 10.66 21.84 -25.72
C ALA D 298 11.12 21.01 -26.90
N ASN D 299 11.44 21.74 -27.98
CA ASN D 299 11.85 21.24 -29.26
C ASN D 299 13.37 21.21 -29.43
N ILE D 300 14.09 21.20 -28.33
CA ILE D 300 15.53 21.17 -28.38
C ILE D 300 15.99 20.10 -29.32
N LEU D 301 16.74 20.46 -30.34
CA LEU D 301 17.26 19.50 -31.33
C LEU D 301 16.25 18.54 -31.98
N LYS D 302 14.97 18.72 -31.71
CA LYS D 302 13.99 17.78 -32.21
C LYS D 302 13.64 17.91 -33.69
N PRO D 303 12.97 18.96 -34.14
CA PRO D 303 12.63 19.07 -35.53
C PRO D 303 13.90 19.13 -36.34
N ALA D 304 14.98 19.58 -35.71
CA ALA D 304 16.21 19.67 -36.43
C ALA D 304 16.65 18.28 -36.88
N LEU D 305 16.57 17.30 -36.00
CA LEU D 305 16.97 15.96 -36.41
C LEU D 305 16.01 15.35 -37.39
N SER D 306 14.76 15.78 -37.38
CA SER D 306 13.79 15.18 -38.29
C SER D 306 14.13 15.48 -39.75
N ARG D 307 15.02 16.44 -40.01
CA ARG D 307 15.36 16.77 -41.37
C ARG D 307 16.46 15.88 -41.95
N GLY D 308 17.07 15.02 -41.13
CA GLY D 308 18.17 14.19 -41.61
C GLY D 308 19.48 14.97 -41.55
N GLN D 309 19.38 16.16 -41.02
CA GLN D 309 20.46 17.11 -40.86
C GLN D 309 21.08 16.93 -39.51
N LEU D 310 22.26 17.49 -39.29
CA LEU D 310 22.87 17.38 -37.98
C LEU D 310 22.97 15.96 -37.50
N LYS D 311 23.48 15.05 -38.31
CA LYS D 311 23.51 13.66 -37.88
C LYS D 311 24.00 13.52 -36.45
N VAL D 312 23.21 12.85 -35.63
CA VAL D 312 23.56 12.60 -34.23
C VAL D 312 23.66 11.15 -33.86
N ILE D 313 24.75 10.81 -33.21
CA ILE D 313 24.92 9.48 -32.72
C ILE D 313 24.70 9.61 -31.26
N GLY D 314 23.80 8.85 -30.69
CA GLY D 314 23.60 8.99 -29.27
C GLY D 314 24.03 7.76 -28.52
N ALA D 315 24.14 7.86 -27.22
CA ALA D 315 24.38 6.66 -26.45
C ALA D 315 23.75 6.79 -25.09
N THR D 316 23.22 5.67 -24.61
CA THR D 316 22.59 5.65 -23.30
C THR D 316 22.28 4.26 -22.73
N THR D 317 22.23 4.23 -21.43
CA THR D 317 21.90 3.07 -20.64
C THR D 317 20.45 2.65 -20.81
N ASN D 318 20.19 1.36 -20.88
CA ASN D 318 18.82 0.86 -20.97
C ASN D 318 17.83 1.59 -20.08
N ASN D 319 18.20 1.82 -18.84
CA ASN D 319 17.29 2.47 -17.92
C ASN D 319 17.09 3.93 -18.24
N GLU D 320 18.11 4.56 -18.78
CA GLU D 320 17.97 5.94 -19.11
C GLU D 320 17.08 6.04 -20.29
N TYR D 321 17.29 5.12 -21.22
CA TYR D 321 16.55 5.12 -22.43
C TYR D 321 15.12 5.10 -22.08
N ARG D 322 14.73 4.17 -21.24
CA ARG D 322 13.35 4.13 -20.82
C ARG D 322 12.86 5.43 -20.22
N SER D 323 13.66 6.04 -19.33
CA SER D 323 13.24 7.29 -18.66
C SER D 323 13.11 8.46 -19.64
N ILE D 324 13.65 8.32 -20.85
CA ILE D 324 13.53 9.35 -21.86
C ILE D 324 12.38 9.05 -22.76
N VAL D 325 12.44 7.89 -23.37
CA VAL D 325 11.55 7.63 -24.45
C VAL D 325 10.15 7.46 -24.01
N GLU D 326 9.94 6.99 -22.80
CA GLU D 326 8.56 6.82 -22.42
C GLU D 326 7.98 8.09 -21.84
N LYS D 327 8.78 9.14 -21.79
CA LYS D 327 8.33 10.38 -21.23
C LYS D 327 8.26 11.40 -22.36
N ASP D 328 9.10 11.20 -23.37
CA ASP D 328 9.16 12.12 -24.49
C ASP D 328 8.41 11.62 -25.73
N GLY D 329 8.59 10.35 -26.10
CA GLY D 329 7.96 9.82 -27.32
C GLY D 329 8.68 10.28 -28.60
N ALA D 330 8.60 11.57 -28.84
CA ALA D 330 9.15 12.17 -30.02
C ALA D 330 10.65 11.95 -30.16
N PHE D 331 11.42 12.04 -29.08
CA PHE D 331 12.82 11.79 -29.31
C PHE D 331 13.05 10.41 -29.81
N GLU D 332 12.35 9.44 -29.26
CA GLU D 332 12.62 8.09 -29.66
C GLU D 332 12.41 7.94 -31.14
N ARG D 333 11.33 8.47 -31.67
CA ARG D 333 11.09 8.33 -33.10
C ARG D 333 12.24 8.88 -33.94
N ARG D 334 12.92 9.91 -33.44
CA ARG D 334 14.00 10.54 -34.17
C ARG D 334 15.33 9.80 -34.13
N PHE D 335 15.39 8.71 -33.37
CA PHE D 335 16.62 7.94 -33.27
C PHE D 335 16.43 6.50 -33.71
N GLN D 336 17.48 5.90 -34.21
CA GLN D 336 17.43 4.48 -34.54
C GLN D 336 18.17 3.65 -33.52
N LYS D 337 17.41 2.94 -32.74
CA LYS D 337 18.00 2.11 -31.72
C LYS D 337 18.82 0.99 -32.29
N ILE D 338 20.01 0.84 -31.73
CA ILE D 338 20.89 -0.26 -32.01
C ILE D 338 21.17 -0.94 -30.70
N GLU D 339 20.86 -2.21 -30.61
CA GLU D 339 21.13 -2.85 -29.35
C GLU D 339 22.61 -3.11 -29.28
N VAL D 340 23.21 -2.95 -28.12
CA VAL D 340 24.62 -3.27 -27.99
C VAL D 340 24.81 -4.48 -27.09
N ALA D 341 25.46 -5.51 -27.60
CA ALA D 341 25.59 -6.74 -26.81
C ALA D 341 26.86 -6.83 -25.99
N GLU D 342 26.77 -7.45 -24.82
CA GLU D 342 27.95 -7.72 -24.01
C GLU D 342 28.73 -8.85 -24.69
N PRO D 343 30.06 -8.79 -24.80
CA PRO D 343 30.87 -9.83 -25.37
C PRO D 343 30.97 -11.06 -24.50
N SER D 344 31.22 -12.19 -25.13
CA SER D 344 31.50 -13.45 -24.47
C SER D 344 32.86 -13.42 -23.86
N VAL D 345 33.20 -14.42 -23.07
CA VAL D 345 34.53 -14.43 -22.48
C VAL D 345 35.60 -14.46 -23.56
N ARG D 346 35.42 -15.26 -24.59
CA ARG D 346 36.43 -15.29 -25.63
C ARG D 346 36.56 -13.93 -26.29
N GLN D 347 35.44 -13.26 -26.53
CA GLN D 347 35.53 -11.94 -27.12
C GLN D 347 36.19 -10.97 -26.14
N THR D 348 35.89 -11.13 -24.87
CA THR D 348 36.45 -10.28 -23.87
C THR D 348 37.95 -10.40 -23.86
N VAL D 349 38.46 -11.62 -23.91
CA VAL D 349 39.90 -11.70 -23.87
C VAL D 349 40.49 -11.13 -25.14
N ALA D 350 39.76 -11.17 -26.24
CA ALA D 350 40.30 -10.54 -27.43
C ALA D 350 40.50 -9.06 -27.14
N ILE D 351 39.55 -8.46 -26.44
CA ILE D 351 39.67 -7.04 -26.13
C ILE D 351 40.84 -6.81 -25.23
N LEU D 352 40.97 -7.63 -24.21
CA LEU D 352 42.06 -7.43 -23.31
C LEU D 352 43.39 -7.52 -24.02
N ARG D 353 43.52 -8.50 -24.91
CA ARG D 353 44.77 -8.63 -25.61
C ARG D 353 45.03 -7.39 -26.42
N GLY D 354 44.01 -6.90 -27.09
CA GLY D 354 44.19 -5.70 -27.89
C GLY D 354 44.64 -4.52 -27.06
N LEU D 355 44.17 -4.44 -25.84
CA LEU D 355 44.54 -3.36 -24.98
C LEU D 355 45.78 -3.63 -24.16
N GLN D 356 46.29 -4.85 -24.24
CA GLN D 356 47.47 -5.17 -23.48
C GLN D 356 48.56 -4.13 -23.55
N PRO D 357 49.02 -3.65 -24.73
CA PRO D 357 50.08 -2.68 -24.80
C PRO D 357 49.69 -1.38 -24.17
N LYS D 358 48.41 -1.10 -24.06
CA LYS D 358 48.06 0.15 -23.44
C LYS D 358 48.32 0.00 -21.99
N TYR D 359 47.98 -1.15 -21.45
CA TYR D 359 48.16 -1.32 -20.03
C TYR D 359 49.60 -1.47 -19.67
N GLU D 360 50.38 -2.11 -20.54
CA GLU D 360 51.78 -2.26 -20.21
C GLU D 360 52.41 -0.88 -20.14
N ILE D 361 52.05 -0.02 -21.08
CA ILE D 361 52.56 1.33 -21.10
C ILE D 361 52.06 2.13 -19.94
N HIS D 362 50.78 2.02 -19.63
CA HIS D 362 50.17 2.80 -18.58
C HIS D 362 50.89 2.62 -17.27
N HIS D 363 51.30 1.39 -16.99
CA HIS D 363 51.91 1.13 -15.72
C HIS D 363 53.38 0.77 -15.76
N GLY D 364 53.94 0.55 -16.95
CA GLY D 364 55.34 0.19 -17.02
C GLY D 364 55.53 -1.22 -16.53
N VAL D 365 54.59 -2.08 -16.86
CA VAL D 365 54.61 -3.45 -16.40
C VAL D 365 54.52 -4.39 -17.54
N ARG D 366 54.86 -5.65 -17.34
CA ARG D 366 54.66 -6.65 -18.37
C ARG D 366 53.39 -7.43 -18.05
N ILE D 367 52.63 -7.82 -19.06
CA ILE D 367 51.45 -8.64 -18.77
C ILE D 367 51.50 -10.02 -19.39
N LEU D 368 51.25 -11.03 -18.59
CA LEU D 368 51.19 -12.39 -19.09
C LEU D 368 49.88 -12.63 -19.85
N ASP D 369 49.95 -13.18 -21.05
CA ASP D 369 48.71 -13.42 -21.79
C ASP D 369 47.74 -14.27 -21.01
N SER D 370 48.24 -15.32 -20.36
CA SER D 370 47.36 -16.18 -19.62
C SER D 370 46.63 -15.40 -18.56
N ALA D 371 47.31 -14.42 -17.96
CA ALA D 371 46.69 -13.63 -16.92
C ALA D 371 45.49 -12.90 -17.46
N LEU D 372 45.60 -12.41 -18.69
CA LEU D 372 44.47 -11.70 -19.24
C LEU D 372 43.30 -12.64 -19.39
N VAL D 373 43.59 -13.86 -19.78
CA VAL D 373 42.53 -14.81 -19.95
C VAL D 373 41.87 -15.11 -18.63
N THR D 374 42.68 -15.29 -17.61
CA THR D 374 42.16 -15.53 -16.28
C THR D 374 41.26 -14.41 -15.87
N ALA D 375 41.69 -13.18 -16.08
CA ALA D 375 40.88 -12.06 -15.66
C ALA D 375 39.52 -12.11 -16.28
N ALA D 376 39.43 -12.43 -17.55
CA ALA D 376 38.09 -12.43 -18.12
C ALA D 376 37.23 -13.54 -17.54
N GLN D 377 37.76 -14.75 -17.45
CA GLN D 377 36.90 -15.80 -16.95
C GLN D 377 36.50 -15.50 -15.52
N LEU D 378 37.49 -15.14 -14.74
CA LEU D 378 37.31 -14.86 -13.34
C LEU D 378 36.30 -13.77 -13.16
N ALA D 379 36.46 -12.68 -13.89
CA ALA D 379 35.57 -11.56 -13.75
C ALA D 379 34.15 -11.96 -14.00
N LYS D 380 33.92 -12.78 -15.01
CA LYS D 380 32.55 -13.16 -15.25
C LYS D 380 31.99 -13.82 -14.02
N ARG D 381 32.76 -14.71 -13.42
CA ARG D 381 32.31 -15.46 -12.27
C ARG D 381 32.20 -14.67 -10.97
N TYR D 382 33.15 -13.78 -10.70
CA TYR D 382 33.14 -13.12 -9.41
C TYR D 382 32.77 -11.66 -9.36
N LEU D 383 32.43 -11.05 -10.47
CA LEU D 383 32.00 -9.66 -10.41
C LEU D 383 30.66 -9.48 -11.12
N PRO D 384 29.65 -10.30 -10.78
CA PRO D 384 28.41 -10.48 -11.51
C PRO D 384 27.60 -9.25 -11.76
N TYR D 385 27.79 -8.21 -10.97
CA TYR D 385 26.97 -7.03 -11.16
C TYR D 385 27.49 -6.12 -12.25
N ARG D 386 28.70 -6.37 -12.73
CA ARG D 386 29.24 -5.47 -13.73
C ARG D 386 29.66 -6.23 -14.97
N ARG D 387 29.34 -5.66 -16.11
CA ARG D 387 29.56 -6.33 -17.39
C ARG D 387 31.04 -6.47 -17.74
N LEU D 388 31.36 -7.52 -18.51
CA LEU D 388 32.73 -7.90 -18.80
C LEU D 388 33.67 -6.86 -19.38
N PRO D 389 33.30 -6.04 -20.34
CA PRO D 389 34.16 -5.02 -20.85
C PRO D 389 34.77 -4.20 -19.73
N ASP D 390 34.08 -4.00 -18.61
CA ASP D 390 34.72 -3.27 -17.55
C ASP D 390 35.33 -4.20 -16.56
N SER D 391 34.59 -5.22 -16.18
CA SER D 391 35.05 -6.05 -15.10
C SER D 391 36.36 -6.74 -15.43
N ALA D 392 36.49 -7.25 -16.64
CA ALA D 392 37.72 -7.92 -16.99
C ALA D 392 38.87 -6.91 -16.97
N LEU D 393 38.61 -5.72 -17.47
CA LEU D 393 39.65 -4.72 -17.53
C LEU D 393 39.96 -4.14 -16.18
N ASP D 394 38.99 -4.09 -15.31
CA ASP D 394 39.27 -3.54 -14.01
C ASP D 394 40.26 -4.45 -13.32
N LEU D 395 40.09 -5.75 -13.48
CA LEU D 395 41.05 -6.62 -12.83
C LEU D 395 42.43 -6.41 -13.41
N VAL D 396 42.50 -6.23 -14.72
CA VAL D 396 43.79 -6.04 -15.34
C VAL D 396 44.44 -4.73 -14.94
N ASP D 397 43.71 -3.64 -15.05
CA ASP D 397 44.31 -2.34 -14.78
C ASP D 397 44.67 -2.24 -13.31
N ILE D 398 43.87 -2.85 -12.45
CA ILE D 398 44.21 -2.82 -11.05
C ILE D 398 45.44 -3.66 -10.80
N SER D 399 45.50 -4.83 -11.40
CA SER D 399 46.66 -5.68 -11.21
C SER D 399 47.93 -5.02 -11.71
N CYS D 400 47.82 -4.35 -12.84
CA CYS D 400 48.96 -3.66 -13.40
C CYS D 400 49.38 -2.57 -12.44
N ALA D 401 48.40 -1.84 -11.93
CA ALA D 401 48.70 -0.82 -10.97
C ALA D 401 49.39 -1.45 -9.79
N GLY D 402 48.92 -2.62 -9.40
CA GLY D 402 49.49 -3.36 -8.28
C GLY D 402 50.96 -3.57 -8.47
N VAL D 403 51.34 -4.06 -9.64
CA VAL D 403 52.74 -4.29 -9.91
C VAL D 403 53.51 -2.98 -9.85
N ALA D 404 52.95 -1.92 -10.42
CA ALA D 404 53.64 -0.63 -10.37
C ALA D 404 53.82 -0.16 -8.92
N VAL D 405 52.81 -0.36 -8.12
CA VAL D 405 52.87 0.00 -6.73
C VAL D 405 53.96 -0.79 -6.05
N ALA D 406 54.01 -2.07 -6.36
CA ALA D 406 55.04 -2.89 -5.78
C ALA D 406 56.40 -2.34 -6.12
N ARG D 407 56.61 -1.91 -7.37
CA ARG D 407 57.93 -1.39 -7.69
C ARG D 407 58.23 -0.19 -6.81
N ASP D 408 57.23 0.67 -6.67
CA ASP D 408 57.40 1.88 -5.89
C ASP D 408 57.51 1.65 -4.40
N SER D 409 57.17 0.45 -3.90
CA SER D 409 57.27 0.20 -2.47
C SER D 409 58.71 0.30 -1.97
N LYS D 410 59.68 0.23 -2.91
CA LYS D 410 61.11 0.36 -2.68
C LYS D 410 61.58 0.07 -1.27
N GLN D 538 59.83 -10.59 -13.06
CA GLN D 538 59.58 -9.79 -11.87
C GLN D 538 58.33 -8.94 -12.00
N ASN D 539 58.46 -7.83 -12.71
CA ASN D 539 57.39 -6.86 -12.81
C ASN D 539 56.40 -7.25 -13.87
N VAL D 540 55.74 -8.37 -13.63
CA VAL D 540 54.82 -8.92 -14.59
C VAL D 540 53.53 -9.33 -13.94
N VAL D 541 52.43 -9.08 -14.62
CA VAL D 541 51.16 -9.51 -14.11
C VAL D 541 50.97 -10.96 -14.46
N ASP D 542 50.87 -11.80 -13.44
CA ASP D 542 50.67 -13.22 -13.60
C ASP D 542 49.21 -13.58 -13.38
N SER D 543 48.86 -14.82 -13.66
CA SER D 543 47.51 -15.27 -13.41
C SER D 543 47.21 -15.12 -11.93
N ASP D 544 48.16 -15.50 -11.08
CA ASP D 544 47.95 -15.37 -9.65
C ASP D 544 47.92 -13.91 -9.23
N THR D 545 48.52 -13.02 -10.00
CA THR D 545 48.44 -11.62 -9.65
C THR D 545 47.00 -11.22 -9.79
N ILE D 546 46.38 -11.66 -10.89
CA ILE D 546 44.99 -11.34 -11.12
C ILE D 546 44.14 -11.92 -10.03
N SER D 547 44.43 -13.14 -9.67
CA SER D 547 43.66 -13.81 -8.68
C SER D 547 43.71 -13.02 -7.37
N GLU D 548 44.90 -12.62 -6.93
CA GLU D 548 45.00 -11.83 -5.71
C GLU D 548 44.23 -10.54 -5.81
N THR D 549 44.30 -9.89 -6.95
CA THR D 549 43.57 -8.66 -7.07
C THR D 549 42.10 -8.92 -6.88
N ALA D 550 41.60 -9.96 -7.52
CA ALA D 550 40.20 -10.24 -7.39
C ALA D 550 39.85 -10.48 -5.94
N ALA D 551 40.73 -11.17 -5.23
CA ALA D 551 40.44 -11.45 -3.84
C ALA D 551 40.32 -10.16 -3.08
N ARG D 552 41.13 -9.18 -3.42
CA ARG D 552 41.08 -7.93 -2.69
C ARG D 552 39.78 -7.20 -2.93
N LEU D 553 39.30 -7.27 -4.14
CA LEU D 553 38.11 -6.53 -4.52
C LEU D 553 36.81 -7.24 -4.15
N THR D 554 36.81 -8.56 -4.18
CA THR D 554 35.61 -9.31 -3.89
C THR D 554 35.59 -9.84 -2.49
N GLY D 555 36.76 -9.92 -1.88
CA GLY D 555 36.91 -10.45 -0.55
C GLY D 555 36.97 -11.96 -0.52
N ILE D 556 36.86 -12.61 -1.68
CA ILE D 556 36.82 -14.05 -1.67
C ILE D 556 38.18 -14.73 -1.57
N PRO D 557 38.45 -15.43 -0.46
CA PRO D 557 39.72 -16.01 -0.05
C PRO D 557 40.18 -17.13 -0.95
N VAL D 558 39.25 -17.64 -1.73
CA VAL D 558 39.50 -18.72 -2.65
C VAL D 558 40.59 -18.32 -3.60
N LYS D 559 40.59 -17.06 -3.96
CA LYS D 559 41.53 -16.58 -4.93
C LYS D 559 42.89 -16.17 -4.34
N LYS D 560 43.08 -16.30 -3.04
CA LYS D 560 44.38 -15.93 -2.48
C LYS D 560 45.41 -17.04 -2.69
N LEU D 561 44.98 -18.28 -2.52
CA LEU D 561 45.81 -19.50 -2.70
C LEU D 561 47.09 -19.62 -1.85
N SER D 562 47.13 -19.00 -0.67
CA SER D 562 48.33 -19.10 0.17
C SER D 562 48.64 -20.47 0.67
N GLU D 563 49.92 -20.79 0.74
CA GLU D 563 50.34 -22.05 1.31
C GLU D 563 49.85 -22.25 2.74
N SER D 564 49.76 -21.17 3.50
CA SER D 564 49.39 -21.29 4.90
C SER D 564 47.96 -21.81 5.06
N GLU D 565 47.15 -21.60 4.03
CA GLU D 565 45.80 -22.04 4.06
C GLU D 565 45.77 -23.52 3.93
N ASN D 566 46.76 -24.10 3.26
CA ASN D 566 46.68 -25.51 3.02
C ASN D 566 46.66 -26.21 4.34
N GLU D 567 47.49 -25.78 5.26
CA GLU D 567 47.46 -26.48 6.52
C GLU D 567 46.17 -26.24 7.24
N LYS D 568 45.65 -25.02 7.21
CA LYS D 568 44.40 -24.83 7.93
C LYS D 568 43.28 -25.63 7.32
N LEU D 569 43.26 -25.74 6.01
CA LEU D 569 42.19 -26.44 5.35
C LEU D 569 42.29 -27.94 5.45
N ILE D 570 43.47 -28.52 5.29
CA ILE D 570 43.53 -29.98 5.37
C ILE D 570 43.30 -30.39 6.80
N HIS D 571 43.55 -29.49 7.75
CA HIS D 571 43.30 -29.75 9.14
C HIS D 571 42.09 -29.00 9.66
N MET D 572 41.22 -28.51 8.78
CA MET D 572 40.08 -27.79 9.29
C MET D 572 39.27 -28.65 10.21
N GLU D 573 39.16 -29.93 9.89
CA GLU D 573 38.39 -30.85 10.69
C GLU D 573 38.99 -30.97 12.07
N ARG D 574 40.31 -30.94 12.13
CA ARG D 574 41.01 -31.05 13.39
C ARG D 574 40.57 -29.91 14.28
N ASP D 575 40.63 -28.72 13.72
CA ASP D 575 40.31 -27.57 14.51
C ASP D 575 38.83 -27.46 14.80
N LEU D 576 37.97 -27.80 13.86
CA LEU D 576 36.57 -27.74 14.20
C LEU D 576 36.26 -28.74 15.29
N SER D 577 36.90 -29.91 15.25
CA SER D 577 36.65 -30.97 16.22
C SER D 577 37.18 -30.61 17.60
N SER D 578 37.96 -29.54 17.67
CA SER D 578 38.51 -29.12 18.92
C SER D 578 37.57 -28.13 19.58
N GLU D 579 36.56 -27.68 18.82
CA GLU D 579 35.57 -26.74 19.30
C GLU D 579 34.25 -27.46 19.49
N VAL D 580 33.96 -28.31 18.53
CA VAL D 580 32.76 -29.12 18.52
C VAL D 580 33.18 -30.53 18.79
N VAL D 581 32.63 -31.13 19.80
CA VAL D 581 33.04 -32.45 20.16
C VAL D 581 32.30 -33.51 19.43
N GLY D 582 33.03 -34.45 18.88
CA GLY D 582 32.39 -35.50 18.15
C GLY D 582 31.73 -34.86 16.96
N GLN D 583 30.61 -35.42 16.53
CA GLN D 583 29.91 -34.90 15.38
C GLN D 583 30.84 -34.85 14.17
N MET D 584 31.69 -35.85 14.03
CA MET D 584 32.63 -35.77 12.95
C MET D 584 32.02 -35.78 11.59
N ASP D 585 30.89 -36.41 11.39
CA ASP D 585 30.41 -36.36 10.03
C ASP D 585 30.01 -34.96 9.66
N ALA D 586 29.43 -34.24 10.59
CA ALA D 586 29.03 -32.88 10.29
C ALA D 586 30.26 -32.05 10.02
N ILE D 587 31.27 -32.29 10.81
CA ILE D 587 32.49 -31.56 10.63
C ILE D 587 33.08 -31.82 9.27
N LYS D 588 33.09 -33.08 8.85
CA LYS D 588 33.61 -33.44 7.55
C LYS D 588 32.78 -32.85 6.44
N ALA D 589 31.47 -32.85 6.63
CA ALA D 589 30.60 -32.34 5.59
C ALA D 589 30.94 -30.91 5.28
N VAL D 590 31.10 -30.13 6.32
CA VAL D 590 31.43 -28.75 6.11
C VAL D 590 32.80 -28.57 5.55
N SER D 591 33.74 -29.26 6.11
CA SER D 591 35.08 -29.07 5.67
C SER D 591 35.20 -29.40 4.20
N ASN D 592 34.50 -30.43 3.73
CA ASN D 592 34.56 -30.72 2.32
C ASN D 592 34.05 -29.55 1.50
N ALA D 593 32.96 -28.92 1.94
CA ALA D 593 32.47 -27.80 1.17
C ALA D 593 33.45 -26.67 1.16
N VAL D 594 34.06 -26.40 2.30
CA VAL D 594 34.98 -25.31 2.35
C VAL D 594 36.14 -25.58 1.47
N ARG D 595 36.65 -26.79 1.53
CA ARG D 595 37.76 -27.16 0.71
C ARG D 595 37.41 -27.12 -0.78
N LEU D 596 36.21 -27.52 -1.19
CA LEU D 596 35.92 -27.42 -2.62
C LEU D 596 35.95 -25.97 -3.05
N SER D 597 35.45 -25.10 -2.19
CA SER D 597 35.47 -23.72 -2.57
C SER D 597 36.89 -23.20 -2.63
N ARG D 598 37.65 -23.41 -1.56
CA ARG D 598 38.99 -22.88 -1.46
C ARG D 598 39.95 -23.43 -2.50
N SER D 599 39.78 -24.69 -2.86
CA SER D 599 40.64 -25.30 -3.84
C SER D 599 40.25 -24.95 -5.27
N GLY D 600 39.10 -24.29 -5.46
CA GLY D 600 38.62 -23.94 -6.78
C GLY D 600 37.87 -25.05 -7.53
N LEU D 601 37.30 -26.01 -6.81
CA LEU D 601 36.58 -27.09 -7.46
C LEU D 601 35.09 -26.91 -7.40
N ALA D 602 34.61 -26.13 -6.46
CA ALA D 602 33.18 -25.95 -6.28
C ALA D 602 32.53 -25.44 -7.56
N ASN D 603 31.34 -25.95 -7.82
CA ASN D 603 30.57 -25.56 -8.98
C ASN D 603 29.88 -24.25 -8.73
N PRO D 604 30.17 -23.18 -9.49
CA PRO D 604 29.62 -21.84 -9.28
C PRO D 604 28.12 -21.76 -9.21
N ARG D 605 27.41 -22.74 -9.71
CA ARG D 605 25.98 -22.61 -9.64
C ARG D 605 25.38 -23.24 -8.40
N GLN D 606 26.19 -23.84 -7.57
CA GLN D 606 25.63 -24.43 -6.37
C GLN D 606 26.29 -23.94 -5.09
N PRO D 607 25.74 -22.93 -4.42
CA PRO D 607 26.25 -22.46 -3.18
C PRO D 607 26.33 -23.70 -2.36
N ALA D 608 27.34 -23.87 -1.55
CA ALA D 608 27.39 -25.13 -0.84
C ALA D 608 26.23 -25.17 0.08
N SER D 609 25.61 -26.32 0.28
CA SER D 609 24.55 -26.29 1.26
C SER D 609 24.35 -27.53 2.07
N PHE D 610 23.92 -27.30 3.29
CA PHE D 610 23.64 -28.42 4.13
C PHE D 610 22.36 -28.29 4.86
N LEU D 611 21.77 -29.43 5.11
CA LEU D 611 20.62 -29.46 5.99
C LEU D 611 21.01 -30.29 7.17
N PHE D 612 21.17 -29.65 8.31
CA PHE D 612 21.61 -30.36 9.48
C PHE D 612 20.46 -30.77 10.33
N LEU D 613 20.37 -32.05 10.58
CA LEU D 613 19.32 -32.60 11.37
C LEU D 613 19.91 -33.09 12.67
N GLY D 614 19.17 -32.98 13.75
CA GLY D 614 19.70 -33.52 14.99
C GLY D 614 18.93 -33.09 16.19
N LEU D 615 19.28 -33.61 17.35
CA LEU D 615 18.62 -33.23 18.58
C LEU D 615 19.05 -31.84 18.95
N SER D 616 18.20 -31.14 19.66
CA SER D 616 18.63 -29.82 20.09
C SER D 616 19.82 -30.04 20.97
N GLY D 617 20.75 -29.09 21.04
CA GLY D 617 21.87 -29.28 21.93
C GLY D 617 22.96 -30.15 21.31
N SER D 618 22.79 -30.57 20.06
CA SER D 618 23.77 -31.41 19.41
C SER D 618 24.86 -30.61 18.74
N GLY D 619 24.70 -29.28 18.66
CA GLY D 619 25.70 -28.44 18.03
C GLY D 619 25.36 -27.99 16.61
N LYS D 620 24.09 -27.97 16.22
CA LYS D 620 23.80 -27.53 14.87
C LYS D 620 24.19 -26.07 14.68
N THR D 621 23.64 -25.20 15.52
CA THR D 621 23.98 -23.80 15.42
C THR D 621 25.44 -23.62 15.71
N GLU D 622 25.89 -24.29 16.75
CA GLU D 622 27.27 -24.14 17.15
C GLU D 622 28.23 -24.47 16.06
N LEU D 623 27.99 -25.55 15.33
CA LEU D 623 28.92 -25.87 14.29
C LEU D 623 28.95 -24.76 13.32
N ALA D 624 27.79 -24.31 12.90
CA ALA D 624 27.79 -23.26 11.90
C ALA D 624 28.58 -22.07 12.36
N LYS D 625 28.45 -21.72 13.63
CA LYS D 625 29.19 -20.58 14.11
C LYS D 625 30.66 -20.82 14.14
N LYS D 626 31.08 -22.01 14.49
CA LYS D 626 32.52 -22.24 14.57
C LYS D 626 33.09 -22.24 13.16
N VAL D 627 32.30 -22.70 12.20
CA VAL D 627 32.72 -22.66 10.83
C VAL D 627 32.85 -21.24 10.39
N ALA D 628 31.85 -20.43 10.68
CA ALA D 628 31.97 -19.04 10.29
C ALA D 628 33.18 -18.44 10.97
N GLY D 629 33.40 -18.80 12.21
CA GLY D 629 34.55 -18.30 12.93
C GLY D 629 35.76 -18.56 12.09
N PHE D 630 35.99 -19.82 11.75
CA PHE D 630 37.12 -20.21 10.93
C PHE D 630 37.23 -19.41 9.65
N LEU D 631 36.13 -19.29 8.93
CA LEU D 631 36.14 -18.64 7.63
C LEU D 631 36.42 -17.16 7.65
N PHE D 632 35.98 -16.47 8.70
CA PHE D 632 36.16 -15.03 8.75
C PHE D 632 37.01 -14.59 9.92
N ASN D 633 37.39 -15.53 10.78
CA ASN D 633 38.07 -15.24 12.03
C ASN D 633 37.19 -14.33 12.87
N ASP D 634 35.88 -14.57 12.74
CA ASP D 634 34.84 -13.80 13.42
C ASP D 634 33.44 -14.40 13.30
N GLU D 635 32.94 -14.99 14.36
CA GLU D 635 31.63 -15.64 14.32
C GLU D 635 30.47 -14.68 14.03
N ASP D 636 30.66 -13.39 14.27
CA ASP D 636 29.59 -12.43 14.07
C ASP D 636 29.39 -12.07 12.61
N MET D 637 30.25 -12.57 11.75
CA MET D 637 30.11 -12.33 10.33
C MET D 637 28.97 -13.12 9.72
N MET D 638 28.43 -14.07 10.46
CA MET D 638 27.35 -14.89 9.97
C MET D 638 26.06 -14.12 9.71
N ILE D 639 25.36 -14.46 8.65
CA ILE D 639 24.06 -13.90 8.36
C ILE D 639 23.02 -14.87 8.85
N ARG D 640 22.14 -14.45 9.73
CA ARG D 640 21.22 -15.41 10.28
C ARG D 640 19.79 -15.11 9.99
N VAL D 641 19.04 -16.16 9.82
CA VAL D 641 17.62 -16.09 9.62
C VAL D 641 16.82 -16.85 10.65
N ASP D 642 15.97 -16.11 11.32
CA ASP D 642 15.18 -16.68 12.37
C ASP D 642 13.97 -17.32 11.73
N CYS D 643 14.08 -18.60 11.39
CA CYS D 643 13.04 -19.19 10.57
C CYS D 643 11.70 -19.25 11.23
N SER D 644 11.71 -19.19 12.54
CA SER D 644 10.49 -19.24 13.30
C SER D 644 9.62 -18.02 13.06
N GLU D 645 10.22 -16.97 12.52
CA GLU D 645 9.51 -15.75 12.26
C GLU D 645 8.93 -15.77 10.86
N LEU D 646 9.21 -16.81 10.10
CA LEU D 646 8.85 -16.80 8.71
C LEU D 646 7.45 -17.32 8.38
N SER D 647 6.49 -16.53 8.83
CA SER D 647 5.08 -16.74 8.52
C SER D 647 4.89 -16.38 7.04
N GLU D 648 4.02 -17.09 6.34
CA GLU D 648 3.85 -16.92 4.90
C GLU D 648 3.79 -15.49 4.36
N LYS D 649 2.97 -14.65 4.96
CA LYS D 649 2.78 -13.33 4.39
C LYS D 649 3.97 -12.46 4.43
N TYR D 650 4.90 -12.74 5.29
CA TYR D 650 5.99 -11.82 5.44
C TYR D 650 7.28 -12.35 5.00
N ALA D 651 7.48 -13.60 5.23
CA ALA D 651 8.79 -14.17 5.10
C ALA D 651 9.46 -13.90 3.79
N VAL D 652 8.74 -13.97 2.71
CA VAL D 652 9.43 -13.77 1.49
C VAL D 652 9.93 -12.35 1.41
N SER D 653 9.06 -11.41 1.73
CA SER D 653 9.45 -10.02 1.65
C SER D 653 10.46 -9.65 2.72
N LYS D 654 10.46 -10.36 3.82
CA LYS D 654 11.40 -10.02 4.86
C LYS D 654 12.81 -10.34 4.43
N LEU D 655 12.96 -11.43 3.72
CA LEU D 655 14.28 -11.84 3.30
C LEU D 655 14.74 -11.17 2.03
N LEU D 656 13.82 -11.01 1.08
CA LEU D 656 14.15 -10.48 -0.22
C LEU D 656 13.79 -9.04 -0.41
N GLY D 657 12.83 -8.56 0.33
CA GLY D 657 12.41 -7.21 0.13
C GLY D 657 11.08 -7.09 -0.55
N THR D 658 10.66 -5.86 -0.62
CA THR D 658 9.40 -5.45 -1.14
C THR D 658 9.52 -4.63 -2.38
N THR D 659 8.70 -4.97 -3.32
CA THR D 659 8.58 -4.38 -4.63
C THR D 659 8.12 -2.95 -4.68
N ALA D 660 8.72 -2.24 -5.62
CA ALA D 660 8.42 -0.85 -5.84
C ALA D 660 6.93 -0.66 -5.89
N GLY D 661 6.49 0.48 -5.39
CA GLY D 661 5.09 0.82 -5.34
C GLY D 661 4.44 0.51 -4.00
N TYR D 662 5.11 -0.29 -3.19
CA TYR D 662 4.54 -0.64 -1.89
C TYR D 662 5.32 0.03 -0.79
N VAL D 663 4.69 0.18 0.38
CA VAL D 663 5.35 0.92 1.46
C VAL D 663 6.67 0.38 1.87
N GLY D 664 7.69 1.17 1.65
CA GLY D 664 9.03 0.83 2.01
C GLY D 664 9.69 0.16 0.83
N TYR D 665 10.81 0.72 0.40
CA TYR D 665 11.55 0.11 -0.68
C TYR D 665 12.85 -0.43 -0.12
N ASP D 666 12.84 -0.67 1.20
CA ASP D 666 14.02 -1.20 1.87
C ASP D 666 14.14 -2.66 1.63
N GLU D 667 14.37 -2.93 0.38
CA GLU D 667 14.42 -4.24 -0.07
C GLU D 667 15.56 -4.87 0.62
N GLY D 668 15.52 -6.16 0.64
CA GLY D 668 16.61 -6.91 1.13
C GLY D 668 16.64 -7.23 2.55
N GLY D 669 15.75 -6.65 3.37
CA GLY D 669 15.73 -6.93 4.80
C GLY D 669 17.02 -7.59 5.20
N PHE D 670 17.02 -8.93 5.21
CA PHE D 670 18.25 -9.64 5.49
C PHE D 670 19.04 -10.26 4.34
N LEU D 671 18.43 -10.92 3.36
CA LEU D 671 19.35 -11.61 2.49
C LEU D 671 19.93 -10.72 1.45
N THR D 672 19.11 -9.94 0.78
CA THR D 672 19.74 -9.17 -0.27
C THR D 672 20.72 -8.20 0.31
N ASN D 673 20.32 -7.57 1.40
CA ASN D 673 21.17 -6.55 1.94
C ASN D 673 22.46 -7.09 2.45
N GLN D 674 22.50 -8.30 2.93
CA GLN D 674 23.79 -8.75 3.38
C GLN D 674 24.61 -9.31 2.21
N LEU D 675 23.95 -10.05 1.33
CA LEU D 675 24.63 -10.73 0.27
C LEU D 675 25.25 -9.79 -0.74
N GLN D 676 24.67 -8.62 -0.93
CA GLN D 676 25.27 -7.71 -1.89
C GLN D 676 26.55 -7.04 -1.39
N TYR D 677 26.95 -7.28 -0.15
CA TYR D 677 28.21 -6.69 0.32
C TYR D 677 29.21 -7.73 0.73
N LYS D 678 28.74 -8.88 1.19
CA LYS D 678 29.67 -9.87 1.68
C LYS D 678 29.40 -11.23 1.02
N PRO D 679 29.78 -11.36 -0.25
CA PRO D 679 29.45 -12.43 -1.16
C PRO D 679 29.58 -13.83 -0.65
N TYR D 680 30.53 -14.08 0.23
CA TYR D 680 30.71 -15.43 0.70
C TYR D 680 30.38 -15.63 2.17
N SER D 681 29.47 -14.80 2.67
CA SER D 681 29.03 -14.96 4.04
C SER D 681 28.32 -16.29 4.22
N VAL D 682 28.42 -16.85 5.41
CA VAL D 682 27.68 -18.05 5.66
C VAL D 682 26.27 -17.70 6.03
N LEU D 683 25.30 -18.33 5.40
CA LEU D 683 23.93 -18.06 5.79
C LEU D 683 23.53 -19.12 6.77
N LEU D 684 22.82 -18.76 7.80
CA LEU D 684 22.33 -19.74 8.73
C LEU D 684 20.86 -19.60 8.99
N PHE D 685 20.14 -20.67 8.73
CA PHE D 685 18.72 -20.71 8.93
C PHE D 685 18.34 -21.58 10.14
N ASP D 686 17.85 -20.93 11.18
CA ASP D 686 17.54 -21.64 12.41
C ASP D 686 16.14 -22.20 12.42
N GLU D 687 16.02 -23.53 12.49
CA GLU D 687 14.73 -24.26 12.43
C GLU D 687 13.95 -24.01 11.17
N VAL D 688 14.50 -24.45 10.06
CA VAL D 688 13.86 -24.19 8.80
C VAL D 688 12.54 -24.87 8.69
N GLU D 689 12.31 -25.92 9.46
CA GLU D 689 11.03 -26.58 9.42
C GLU D 689 9.90 -25.68 9.86
N LYS D 690 10.20 -24.59 10.57
CA LYS D 690 9.14 -23.71 11.00
C LYS D 690 8.83 -22.66 9.97
N ALA D 691 9.65 -22.55 8.96
CA ALA D 691 9.34 -21.56 7.98
C ALA D 691 8.18 -22.06 7.20
N HIS D 692 7.32 -21.18 6.77
CA HIS D 692 6.23 -21.64 5.93
C HIS D 692 6.84 -22.24 4.67
N PRO D 693 6.29 -23.32 4.11
CA PRO D 693 6.76 -23.92 2.87
C PRO D 693 6.98 -22.92 1.74
N ASP D 694 6.24 -21.83 1.71
CA ASP D 694 6.42 -20.85 0.65
C ASP D 694 7.82 -20.25 0.73
N VAL D 695 8.34 -20.17 1.92
CA VAL D 695 9.60 -19.56 2.16
C VAL D 695 10.69 -20.49 1.77
N LEU D 696 10.48 -21.75 2.14
CA LEU D 696 11.44 -22.78 1.83
C LEU D 696 11.56 -22.85 0.32
N THR D 697 10.45 -22.63 -0.36
CA THR D 697 10.49 -22.57 -1.79
C THR D 697 11.46 -21.51 -2.27
N VAL D 698 11.43 -20.35 -1.66
CA VAL D 698 12.39 -19.35 -2.08
C VAL D 698 13.81 -19.88 -1.92
N MET D 699 14.07 -20.57 -0.83
CA MET D 699 15.40 -21.14 -0.66
C MET D 699 15.73 -22.05 -1.82
N LEU D 700 14.77 -22.83 -2.27
CA LEU D 700 15.04 -23.70 -3.42
C LEU D 700 15.53 -22.90 -4.60
N GLN D 701 14.95 -21.75 -4.82
CA GLN D 701 15.43 -20.96 -5.94
C GLN D 701 16.85 -20.51 -5.68
N MET D 702 17.08 -20.04 -4.47
CA MET D 702 18.39 -19.54 -4.10
C MET D 702 19.50 -20.55 -4.25
N LEU D 703 19.19 -21.79 -3.91
CA LEU D 703 20.13 -22.89 -3.90
C LEU D 703 20.56 -23.36 -5.26
N ASP D 704 20.10 -22.74 -6.32
CA ASP D 704 20.59 -23.12 -7.62
C ASP D 704 20.88 -21.83 -8.37
N ASP D 705 22.09 -21.74 -8.89
CA ASP D 705 22.66 -20.61 -9.57
C ASP D 705 22.97 -19.46 -8.62
N GLY D 706 22.59 -19.60 -7.35
CA GLY D 706 22.75 -18.53 -6.38
C GLY D 706 21.77 -17.43 -6.74
N ARG D 707 20.81 -17.74 -7.62
CA ARG D 707 19.99 -16.67 -8.10
C ARG D 707 18.76 -16.42 -7.29
N ILE D 708 18.75 -15.22 -6.79
CA ILE D 708 17.72 -14.70 -5.96
C ILE D 708 17.32 -13.38 -6.54
N THR D 709 16.05 -13.11 -6.73
CA THR D 709 15.74 -11.77 -7.20
C THR D 709 15.44 -10.91 -6.00
N SER D 710 15.71 -9.63 -6.07
CA SER D 710 15.38 -8.75 -4.98
C SER D 710 13.98 -8.26 -5.13
N GLY D 711 13.41 -7.69 -4.09
CA GLY D 711 12.08 -7.12 -4.21
C GLY D 711 11.97 -6.06 -5.31
N GLN D 712 13.03 -5.28 -5.53
CA GLN D 712 13.01 -4.23 -6.55
C GLN D 712 13.48 -4.73 -7.93
N GLY D 713 13.65 -6.03 -8.10
CA GLY D 713 13.99 -6.57 -9.41
C GLY D 713 15.47 -6.75 -9.79
N LYS D 714 16.37 -6.81 -8.84
CA LYS D 714 17.78 -6.98 -9.18
C LYS D 714 18.15 -8.41 -8.86
N THR D 715 19.26 -8.92 -9.36
CA THR D 715 19.61 -10.26 -8.91
C THR D 715 20.79 -10.19 -7.97
N ILE D 716 20.87 -11.18 -7.09
CA ILE D 716 21.96 -11.24 -6.15
C ILE D 716 23.10 -12.09 -6.61
N ASP D 717 22.78 -13.26 -7.13
CA ASP D 717 23.79 -14.17 -7.61
C ASP D 717 24.78 -14.54 -6.50
N CYS D 718 24.24 -15.05 -5.41
CA CYS D 718 25.07 -15.41 -4.27
C CYS D 718 25.71 -16.75 -4.50
N SER D 719 26.65 -16.78 -5.40
CA SER D 719 27.28 -18.02 -5.83
C SER D 719 28.23 -18.60 -4.84
N ASN D 720 29.29 -17.87 -4.55
CA ASN D 720 30.32 -18.41 -3.71
C ASN D 720 30.08 -18.27 -2.25
N CYS D 721 29.15 -19.02 -1.73
CA CYS D 721 28.85 -18.91 -0.32
C CYS D 721 28.41 -20.24 0.23
N ILE D 722 28.19 -20.28 1.52
CA ILE D 722 27.76 -21.50 2.18
C ILE D 722 26.43 -21.28 2.84
N VAL D 723 25.50 -22.19 2.62
CA VAL D 723 24.21 -22.09 3.21
C VAL D 723 23.93 -23.21 4.17
N ILE D 724 23.65 -22.85 5.40
CA ILE D 724 23.34 -23.85 6.39
C ILE D 724 21.94 -23.77 6.89
N MET D 725 21.25 -24.87 6.76
CA MET D 725 19.90 -24.94 7.24
C MET D 725 19.89 -25.94 8.37
N THR D 726 19.18 -25.64 9.43
CA THR D 726 19.08 -26.56 10.55
C THR D 726 17.67 -26.99 10.83
N SER D 727 17.50 -28.19 11.36
CA SER D 727 16.18 -28.72 11.71
C SER D 727 16.16 -29.77 12.81
N ASN D 728 15.08 -29.79 13.55
CA ASN D 728 14.87 -30.74 14.63
C ASN D 728 13.83 -31.80 14.28
N LEU D 729 13.49 -31.93 13.00
CA LEU D 729 12.45 -32.88 12.62
C LEU D 729 12.72 -34.32 12.99
N GLY D 730 13.97 -34.73 12.90
CA GLY D 730 14.29 -36.12 13.17
C GLY D 730 14.54 -36.40 14.63
N ALA D 731 14.34 -35.40 15.47
CA ALA D 731 14.62 -35.59 16.88
C ALA D 731 13.86 -36.76 17.44
N GLU D 732 12.63 -36.95 16.98
CA GLU D 732 11.80 -38.02 17.46
C GLU D 732 12.40 -39.41 17.23
N PHE D 733 13.31 -39.55 16.28
CA PHE D 733 13.86 -40.86 16.04
C PHE D 733 15.24 -40.97 16.64
N ILE D 734 15.92 -39.86 16.70
CA ILE D 734 17.25 -39.86 17.26
C ILE D 734 17.11 -40.24 18.72
N ASN D 735 16.05 -39.74 19.32
CA ASN D 735 15.70 -40.01 20.70
C ASN D 735 15.49 -41.49 21.01
N SER D 736 15.48 -42.38 19.99
CA SER D 736 15.38 -43.80 20.24
C SER D 736 16.60 -44.29 20.98
N GLN D 737 17.68 -43.51 20.87
CA GLN D 737 18.98 -43.79 21.46
C GLN D 737 19.59 -45.09 20.99
N GLN D 738 19.17 -45.62 19.84
CA GLN D 738 19.72 -46.89 19.45
C GLN D 738 21.10 -46.81 18.81
N GLY D 739 22.09 -46.53 19.63
CA GLY D 739 23.46 -46.36 19.16
C GLY D 739 24.27 -45.32 19.93
N SER D 740 25.12 -44.63 19.16
CA SER D 740 26.04 -43.60 19.60
C SER D 740 26.05 -42.68 18.40
N LYS D 741 26.74 -43.11 17.37
CA LYS D 741 26.59 -42.51 16.07
C LYS D 741 25.17 -42.80 15.68
N ILE D 742 24.47 -41.87 15.06
CA ILE D 742 23.13 -42.23 14.65
C ILE D 742 23.25 -43.50 13.88
N GLN D 743 22.39 -44.42 14.18
CA GLN D 743 22.42 -45.71 13.54
C GLN D 743 21.74 -45.68 12.18
N GLU D 744 22.14 -46.61 11.34
CA GLU D 744 21.52 -46.79 10.05
C GLU D 744 20.08 -47.13 10.34
N SER D 745 19.20 -47.02 9.37
CA SER D 745 17.76 -47.28 9.55
C SER D 745 17.11 -46.14 10.32
N THR D 746 17.60 -45.86 11.53
CA THR D 746 17.12 -44.71 12.28
C THR D 746 17.29 -43.52 11.38
N LYS D 747 18.45 -43.48 10.75
CA LYS D 747 18.73 -42.48 9.75
C LYS D 747 17.61 -42.37 8.73
N ASN D 748 17.04 -43.48 8.30
CA ASN D 748 15.99 -43.42 7.30
C ASN D 748 14.72 -42.87 7.91
N LEU D 749 14.53 -43.12 9.20
CA LEU D 749 13.33 -42.63 9.85
C LEU D 749 13.42 -41.13 9.85
N VAL D 750 14.65 -40.64 10.05
CA VAL D 750 14.90 -39.22 10.02
C VAL D 750 14.61 -38.72 8.63
N MET D 751 15.08 -39.42 7.61
CA MET D 751 14.77 -38.97 6.26
C MET D 751 13.29 -38.95 6.06
N GLY D 752 12.60 -39.87 6.69
CA GLY D 752 11.16 -39.91 6.61
C GLY D 752 10.61 -38.59 7.10
N ALA D 753 11.02 -38.18 8.30
CA ALA D 753 10.54 -36.93 8.87
C ALA D 753 10.83 -35.77 7.95
N VAL D 754 11.96 -35.81 7.31
CA VAL D 754 12.31 -34.75 6.41
C VAL D 754 11.42 -34.76 5.17
N ARG D 755 11.25 -35.93 4.59
CA ARG D 755 10.46 -36.11 3.38
C ARG D 755 9.00 -35.80 3.58
N GLN D 756 8.52 -35.96 4.79
CA GLN D 756 7.14 -35.67 5.06
C GLN D 756 6.93 -34.21 5.42
N HIS D 757 8.00 -33.43 5.45
CA HIS D 757 7.91 -32.05 5.84
C HIS D 757 8.26 -31.14 4.67
N PHE D 758 9.36 -31.43 4.02
CA PHE D 758 9.80 -30.61 2.91
C PHE D 758 9.46 -31.38 1.67
N ARG D 759 9.11 -30.71 0.60
CA ARG D 759 8.86 -31.47 -0.61
C ARG D 759 10.19 -31.96 -1.21
N PRO D 760 10.24 -33.14 -1.86
CA PRO D 760 11.38 -33.71 -2.55
C PRO D 760 12.08 -32.75 -3.49
N GLU D 761 11.31 -31.83 -4.04
CA GLU D 761 11.77 -30.81 -4.97
C GLU D 761 12.85 -29.93 -4.36
N PHE D 762 12.81 -29.85 -3.06
CA PHE D 762 13.72 -29.12 -2.24
C PHE D 762 14.79 -30.02 -1.74
N LEU D 763 14.37 -31.15 -1.23
CA LEU D 763 15.31 -31.99 -0.56
C LEU D 763 16.42 -32.49 -1.43
N ASN D 764 16.15 -32.84 -2.68
CA ASN D 764 17.26 -33.36 -3.45
C ASN D 764 18.23 -32.26 -3.87
N ARG D 765 17.93 -31.02 -3.50
CA ARG D 765 18.76 -29.90 -3.88
C ARG D 765 19.87 -29.57 -2.89
N ILE D 766 19.78 -30.12 -1.68
CA ILE D 766 20.78 -29.84 -0.65
C ILE D 766 22.07 -30.56 -0.98
N SER D 767 23.24 -29.90 -0.86
CA SER D 767 24.47 -30.61 -1.23
C SER D 767 24.52 -31.90 -0.44
N SER D 768 24.24 -31.80 0.85
CA SER D 768 24.16 -32.99 1.67
C SER D 768 23.28 -32.79 2.89
N ILE D 769 22.51 -33.81 3.21
CA ILE D 769 21.74 -33.77 4.42
C ILE D 769 22.61 -34.45 5.43
N VAL D 770 22.83 -33.77 6.52
CA VAL D 770 23.75 -34.20 7.54
C VAL D 770 23.04 -34.44 8.83
N ILE D 771 23.32 -35.54 9.50
CA ILE D 771 22.69 -35.76 10.76
C ILE D 771 23.73 -35.76 11.86
N PHE D 772 23.51 -34.97 12.88
CA PHE D 772 24.39 -34.93 14.02
C PHE D 772 24.11 -36.10 14.92
N ASN D 773 25.10 -36.57 15.63
CA ASN D 773 24.89 -37.69 16.51
C ASN D 773 24.38 -37.25 17.83
N LYS D 774 23.75 -38.13 18.55
CA LYS D 774 23.42 -37.78 19.91
C LYS D 774 24.76 -37.74 20.60
N LEU D 775 24.92 -36.94 21.62
CA LEU D 775 26.21 -36.93 22.28
C LEU D 775 26.36 -38.15 23.16
N SER D 776 27.56 -38.71 23.19
CA SER D 776 27.89 -39.80 24.09
C SER D 776 28.37 -39.26 25.40
N ARG D 777 28.36 -40.09 26.44
CA ARG D 777 28.90 -39.64 27.70
C ARG D 777 30.34 -39.16 27.53
N LYS D 778 31.10 -39.86 26.70
CA LYS D 778 32.48 -39.50 26.49
C LYS D 778 32.56 -38.12 25.87
N ALA D 779 31.66 -37.83 24.95
CA ALA D 779 31.64 -36.52 24.35
C ALA D 779 31.42 -35.48 25.42
N ILE D 780 30.57 -35.80 26.37
CA ILE D 780 30.25 -34.84 27.39
C ILE D 780 31.49 -34.48 28.15
N HIS D 781 32.32 -35.46 28.45
CA HIS D 781 33.53 -35.10 29.19
C HIS D 781 34.32 -34.05 28.43
N LYS D 782 34.45 -34.22 27.13
CA LYS D 782 35.20 -33.26 26.36
C LYS D 782 34.48 -31.91 26.30
N ILE D 783 33.17 -31.96 26.19
CA ILE D 783 32.40 -30.73 26.09
C ILE D 783 32.53 -29.91 27.33
N VAL D 784 32.47 -30.57 28.47
CA VAL D 784 32.59 -29.87 29.71
C VAL D 784 33.88 -29.14 29.74
N ASP D 785 34.95 -29.80 29.35
CA ASP D 785 36.21 -29.12 29.37
C ASP D 785 36.15 -27.88 28.51
N ILE D 786 35.57 -28.02 27.33
CA ILE D 786 35.50 -26.88 26.45
C ILE D 786 34.71 -25.75 27.02
N ARG D 787 33.56 -26.04 27.60
CA ARG D 787 32.79 -24.93 28.14
C ARG D 787 33.54 -24.26 29.24
N LEU D 788 34.23 -25.03 30.06
CA LEU D 788 34.91 -24.38 31.13
C LEU D 788 35.94 -23.41 30.57
N LYS D 789 36.59 -23.79 29.47
CA LYS D 789 37.55 -22.87 28.89
C LYS D 789 36.84 -21.65 28.34
N GLU D 790 35.71 -21.83 27.66
CA GLU D 790 35.04 -20.66 27.11
C GLU D 790 34.62 -19.74 28.22
N ILE D 791 34.20 -20.32 29.32
CA ILE D 791 33.76 -19.52 30.42
C ILE D 791 34.89 -18.66 30.90
N GLU D 792 36.07 -19.23 31.06
CA GLU D 792 37.15 -18.38 31.48
C GLU D 792 37.45 -17.32 30.43
N GLU D 793 37.40 -17.71 29.17
CA GLU D 793 37.73 -16.80 28.09
C GLU D 793 36.79 -15.63 28.00
N ARG D 794 35.51 -15.85 28.29
CA ARG D 794 34.54 -14.78 28.20
C ARG D 794 34.54 -13.87 29.43
N PHE D 795 35.43 -14.12 30.36
CA PHE D 795 35.48 -13.26 31.49
C PHE D 795 36.27 -12.04 31.09
N GLU D 796 35.55 -11.08 30.57
CA GLU D 796 36.13 -9.89 30.01
C GLU D 796 36.87 -9.11 31.09
N GLN D 797 36.36 -9.16 32.32
CA GLN D 797 37.04 -8.55 33.45
C GLN D 797 37.82 -9.63 34.16
N ASN D 798 38.98 -9.97 33.61
CA ASN D 798 39.70 -11.18 33.99
C ASN D 798 40.45 -11.19 35.32
N ASP D 799 39.76 -10.74 36.35
CA ASP D 799 40.19 -10.90 37.72
C ASP D 799 39.31 -12.06 38.07
N LYS D 800 38.18 -12.04 37.42
CA LYS D 800 37.15 -13.02 37.63
C LYS D 800 37.54 -14.21 36.81
N HIS D 801 38.44 -15.02 37.33
CA HIS D 801 38.93 -16.13 36.54
C HIS D 801 39.15 -17.33 37.42
N TYR D 802 39.20 -18.49 36.78
CA TYR D 802 39.41 -19.76 37.45
C TYR D 802 40.80 -20.31 37.48
N LYS D 803 41.00 -21.14 38.50
CA LYS D 803 42.11 -22.06 38.62
C LYS D 803 41.38 -23.39 38.44
N LEU D 804 40.11 -23.31 38.81
CA LEU D 804 39.08 -24.34 38.81
C LEU D 804 39.31 -25.40 39.84
N ASN D 805 40.50 -25.99 39.81
CA ASN D 805 40.83 -27.08 40.72
C ASN D 805 39.90 -28.21 40.39
N LEU D 806 40.02 -29.35 41.08
CA LEU D 806 39.17 -30.49 40.73
C LEU D 806 39.15 -30.65 39.24
N THR D 807 40.31 -30.59 38.63
CA THR D 807 40.40 -30.56 37.20
C THR D 807 39.98 -31.86 36.53
N GLN D 808 39.69 -32.88 37.33
CA GLN D 808 39.16 -34.11 36.86
C GLN D 808 37.81 -34.28 37.53
N GLU D 809 37.81 -34.23 38.86
CA GLU D 809 36.63 -34.48 39.67
C GLU D 809 35.44 -33.62 39.32
N ALA D 810 35.66 -32.32 39.11
CA ALA D 810 34.55 -31.44 38.80
C ALA D 810 34.06 -31.73 37.44
N LYS D 811 34.99 -32.00 36.57
CA LYS D 811 34.58 -32.21 35.21
C LYS D 811 33.78 -33.47 35.15
N ASP D 812 34.18 -34.46 35.91
CA ASP D 812 33.48 -35.72 35.91
C ASP D 812 32.16 -35.58 36.60
N PHE D 813 32.09 -34.79 37.66
CA PHE D 813 30.82 -34.57 38.30
C PHE D 813 29.87 -34.00 37.27
N LEU D 814 30.30 -32.94 36.60
CA LEU D 814 29.46 -32.30 35.63
C LEU D 814 29.12 -33.25 34.52
N ALA D 815 30.09 -34.01 34.05
CA ALA D 815 29.81 -34.89 32.95
C ALA D 815 28.79 -35.92 33.34
N LYS D 816 28.89 -36.42 34.55
CA LYS D 816 27.93 -37.40 34.97
C LYS D 816 26.55 -36.82 35.03
N TYR D 817 26.41 -35.73 35.75
CA TYR D 817 25.11 -35.18 36.00
C TYR D 817 24.50 -34.48 34.82
N GLY D 818 25.32 -33.97 33.91
CA GLY D 818 24.80 -33.26 32.77
C GLY D 818 24.51 -34.15 31.60
N TYR D 819 24.80 -35.44 31.68
CA TYR D 819 24.58 -36.24 30.50
C TYR D 819 23.16 -36.62 30.24
N SER D 820 22.39 -35.66 29.77
CA SER D 820 21.01 -35.94 29.44
C SER D 820 20.97 -36.46 28.03
N ASP D 821 20.45 -37.66 27.91
CA ASP D 821 20.39 -38.41 26.67
C ASP D 821 19.72 -37.69 25.51
N ASP D 822 18.73 -36.86 25.82
CA ASP D 822 18.00 -36.16 24.79
C ASP D 822 18.07 -34.64 24.82
N MET D 823 19.06 -34.05 25.49
CA MET D 823 19.14 -32.59 25.51
C MET D 823 20.50 -32.07 25.09
N GLY D 824 21.28 -32.97 24.56
CA GLY D 824 22.60 -32.62 24.08
C GLY D 824 23.44 -31.98 25.16
N ALA D 825 24.14 -30.93 24.79
CA ALA D 825 25.02 -30.22 25.71
C ALA D 825 24.33 -29.15 26.52
N ARG D 826 23.06 -28.88 26.25
CA ARG D 826 22.48 -27.77 26.96
C ARG D 826 22.50 -27.90 28.47
N PRO D 827 22.25 -29.06 29.07
CA PRO D 827 22.32 -29.26 30.49
C PRO D 827 23.68 -28.96 31.04
N LEU D 828 24.73 -28.99 30.23
CA LEU D 828 26.00 -28.73 30.84
C LEU D 828 26.10 -27.27 31.08
N ASN D 829 25.55 -26.50 30.16
CA ASN D 829 25.59 -25.08 30.37
C ASN D 829 24.81 -24.77 31.61
N ARG D 830 23.66 -25.42 31.75
CA ARG D 830 22.85 -25.14 32.89
C ARG D 830 23.49 -25.57 34.20
N LEU D 831 24.13 -26.73 34.23
CA LEU D 831 24.73 -27.14 35.48
C LEU D 831 25.82 -26.21 35.87
N ILE D 832 26.61 -25.77 34.92
CA ILE D 832 27.67 -24.90 35.34
C ILE D 832 27.09 -23.65 35.93
N GLN D 833 26.07 -23.09 35.31
CA GLN D 833 25.54 -21.90 35.95
C GLN D 833 24.93 -22.20 37.31
N ASN D 834 24.17 -23.27 37.40
CA ASN D 834 23.45 -23.57 38.62
C ASN D 834 24.31 -24.01 39.78
N GLU D 835 25.37 -24.72 39.48
CA GLU D 835 26.21 -25.26 40.51
C GLU D 835 27.46 -24.45 40.75
N ILE D 836 27.92 -23.71 39.75
CA ILE D 836 29.16 -23.00 39.93
C ILE D 836 29.03 -21.49 39.79
N LEU D 837 28.57 -21.01 38.65
CA LEU D 837 28.60 -19.58 38.45
C LEU D 837 27.68 -18.84 39.38
N ASN D 838 26.52 -19.39 39.68
CA ASN D 838 25.66 -18.66 40.60
C ASN D 838 26.35 -18.52 41.94
N LYS D 839 27.05 -19.55 42.36
CA LYS D 839 27.70 -19.47 43.65
C LYS D 839 28.82 -18.47 43.56
N LEU D 840 29.45 -18.42 42.39
CA LEU D 840 30.52 -17.49 42.18
C LEU D 840 29.99 -16.11 42.27
N ALA D 841 28.83 -15.87 41.70
CA ALA D 841 28.27 -14.54 41.76
C ALA D 841 28.15 -14.13 43.20
N LEU D 842 27.77 -15.05 44.08
CA LEU D 842 27.67 -14.62 45.45
C LEU D 842 29.03 -14.42 46.06
N ARG D 843 30.00 -15.23 45.69
CA ARG D 843 31.31 -15.05 46.26
C ARG D 843 31.89 -13.70 45.80
N ILE D 844 31.55 -13.29 44.57
CA ILE D 844 32.00 -12.01 44.10
C ILE D 844 31.30 -10.89 44.82
N LEU D 845 29.99 -10.99 44.90
CA LEU D 845 29.18 -9.96 45.52
C LEU D 845 29.50 -9.78 46.97
N LYS D 846 29.84 -10.86 47.65
CA LYS D 846 30.17 -10.81 49.05
C LYS D 846 31.62 -10.46 49.29
N ASN D 847 32.38 -10.14 48.24
CA ASN D 847 33.78 -9.80 48.37
C ASN D 847 34.54 -10.94 49.03
N GLU D 848 34.22 -12.15 48.64
CA GLU D 848 34.88 -13.32 49.17
C GLU D 848 35.94 -13.77 48.22
N ILE D 849 35.71 -13.60 46.93
CA ILE D 849 36.72 -14.00 45.99
C ILE D 849 36.93 -12.88 45.00
N LYS D 850 38.17 -12.50 44.79
CA LYS D 850 38.49 -11.44 43.85
C LYS D 850 39.11 -12.02 42.57
N ASP D 851 39.90 -13.06 42.74
CA ASP D 851 40.55 -13.76 41.63
C ASP D 851 40.95 -15.17 42.05
N LYS D 852 41.60 -15.95 41.17
CA LYS D 852 42.06 -17.29 41.51
C LYS D 852 40.96 -18.24 42.04
N GLU D 853 39.85 -18.39 41.30
CA GLU D 853 38.72 -19.21 41.72
C GLU D 853 38.92 -20.75 41.80
N THR D 854 38.52 -21.32 42.95
CA THR D 854 38.59 -22.74 43.31
C THR D 854 37.26 -23.43 43.56
N VAL D 855 37.05 -24.57 42.90
CA VAL D 855 35.83 -25.36 43.06
C VAL D 855 36.14 -26.61 43.89
N ASN D 856 35.28 -26.92 44.84
CA ASN D 856 35.38 -28.12 45.68
C ASN D 856 34.16 -29.02 45.50
N VAL D 857 34.31 -30.33 45.69
CA VAL D 857 33.15 -31.22 45.60
C VAL D 857 32.45 -31.32 46.95
N VAL D 858 31.13 -31.21 46.93
CA VAL D 858 30.33 -31.29 48.14
C VAL D 858 29.59 -32.60 48.24
N LEU D 859 29.90 -33.37 49.27
CA LEU D 859 29.31 -34.68 49.44
C LEU D 859 28.47 -34.71 50.69
N GLU D 874 26.75 -31.82 45.46
CA GLU D 874 27.02 -30.77 44.47
C GLU D 874 28.48 -30.35 44.53
N GLU D 875 28.73 -29.08 44.22
CA GLU D 875 30.04 -28.45 44.21
C GLU D 875 29.95 -27.07 44.85
N CYS D 876 31.07 -26.55 45.35
CA CYS D 876 31.04 -25.21 45.92
C CYS D 876 32.33 -24.47 45.72
N LEU D 877 32.33 -23.20 46.06
CA LEU D 877 33.50 -22.36 45.91
C LEU D 877 34.12 -21.99 47.21
N GLU D 878 35.45 -21.93 47.25
CA GLU D 878 36.17 -21.57 48.47
C GLU D 878 36.58 -20.11 48.59
N VAL D 879 36.26 -19.51 49.73
CA VAL D 879 36.54 -18.10 50.04
C VAL D 879 38.03 -17.76 50.16
N LEU D 880 38.47 -16.69 49.50
CA LEU D 880 39.85 -16.28 49.58
C LEU D 880 39.96 -15.11 50.60
N PRO D 881 39.58 -13.84 50.28
CA PRO D 881 39.43 -12.81 51.30
C PRO D 881 38.37 -13.21 52.29
N ASN D 882 38.53 -12.85 53.54
CA ASN D 882 37.55 -13.27 54.53
C ASN D 882 36.28 -12.44 54.66
N HIS D 883 35.44 -12.52 53.64
CA HIS D 883 34.11 -11.86 53.65
C HIS D 883 34.21 -10.34 53.87
N GLU D 884 34.83 -9.62 52.95
CA GLU D 884 35.06 -8.21 53.14
C GLU D 884 33.82 -7.36 52.89
N GLU E 165 11.57 41.18 -42.12
CA GLU E 165 10.42 40.40 -41.69
C GLU E 165 10.79 39.43 -40.60
N TYR E 166 9.99 39.34 -39.55
CA TYR E 166 10.33 38.46 -38.45
C TYR E 166 10.24 37.02 -38.86
N LEU E 167 9.38 36.73 -39.81
CA LEU E 167 9.27 35.36 -40.24
C LEU E 167 10.58 34.93 -40.90
N SER E 168 11.35 35.86 -41.47
CA SER E 168 12.59 35.46 -42.10
C SER E 168 13.65 35.13 -41.05
N LYS E 169 13.36 35.47 -39.79
CA LYS E 169 14.28 35.27 -38.70
C LYS E 169 13.84 34.09 -37.88
N TYR E 170 12.52 33.92 -37.76
CA TYR E 170 11.99 32.89 -36.89
C TYR E 170 11.16 31.80 -37.55
N ALA E 171 10.96 31.83 -38.86
CA ALA E 171 10.11 30.80 -39.41
C ALA E 171 10.52 30.32 -40.79
N ILE E 172 10.08 29.12 -41.11
CA ILE E 172 10.37 28.58 -42.41
C ILE E 172 9.20 28.70 -43.35
N ASP E 173 9.43 29.22 -44.55
CA ASP E 173 8.35 29.31 -45.50
C ASP E 173 8.11 27.93 -46.05
N MET E 174 7.21 27.21 -45.41
CA MET E 174 6.95 25.83 -45.75
C MET E 174 6.46 25.76 -47.16
N THR E 175 5.67 26.73 -47.55
CA THR E 175 5.16 26.75 -48.91
C THR E 175 6.34 26.79 -49.88
N GLU E 176 7.30 27.65 -49.63
CA GLU E 176 8.43 27.68 -50.55
C GLU E 176 9.24 26.40 -50.46
N GLN E 177 9.40 25.84 -49.28
CA GLN E 177 10.21 24.65 -49.20
C GLN E 177 9.55 23.55 -50.02
N ALA E 178 8.23 23.51 -50.00
CA ALA E 178 7.53 22.53 -50.82
C ALA E 178 7.80 22.83 -52.29
N ARG E 179 7.79 24.10 -52.67
CA ARG E 179 8.06 24.45 -54.07
C ARG E 179 9.44 24.00 -54.51
N GLN E 180 10.39 24.00 -53.58
CA GLN E 180 11.74 23.59 -53.87
C GLN E 180 11.95 22.09 -53.81
N GLY E 181 10.90 21.33 -53.49
CA GLY E 181 11.01 19.87 -53.43
C GLY E 181 11.69 19.36 -52.16
N LYS E 182 11.67 20.16 -51.10
CA LYS E 182 12.34 19.75 -49.88
C LYS E 182 11.42 18.93 -48.99
N LEU E 183 10.12 19.01 -49.27
CA LEU E 183 9.10 18.30 -48.53
C LEU E 183 8.66 17.11 -49.35
N ASP E 184 8.60 15.95 -48.72
CA ASP E 184 8.22 14.74 -49.42
C ASP E 184 6.72 14.73 -49.75
N PRO E 185 6.33 14.28 -50.94
CA PRO E 185 4.99 14.33 -51.50
C PRO E 185 3.91 13.51 -50.82
N VAL E 186 3.55 13.91 -49.62
CA VAL E 186 2.48 13.29 -48.81
C VAL E 186 1.65 12.28 -49.58
N ILE E 187 1.69 11.03 -49.18
CA ILE E 187 0.92 10.00 -49.86
C ILE E 187 -0.19 9.37 -49.03
N GLY E 188 -1.38 9.36 -49.61
CA GLY E 188 -2.53 8.68 -49.03
C GLY E 188 -3.37 9.48 -48.04
N ARG E 189 -2.87 10.56 -47.50
CA ARG E 189 -3.63 11.32 -46.50
C ARG E 189 -4.63 12.26 -47.12
N GLU E 190 -5.54 11.69 -47.89
CA GLU E 190 -6.48 12.50 -48.62
C GLU E 190 -7.49 13.12 -47.68
N GLU E 191 -8.11 12.33 -46.83
CA GLU E 191 -9.11 12.91 -45.98
C GLU E 191 -8.50 13.79 -44.95
N GLU E 192 -7.36 13.41 -44.42
CA GLU E 192 -6.79 14.21 -43.36
C GLU E 192 -6.52 15.61 -43.85
N ILE E 193 -6.05 15.73 -45.08
CA ILE E 193 -5.81 17.05 -45.60
C ILE E 193 -7.13 17.75 -45.79
N ARG E 194 -8.13 17.06 -46.36
CA ARG E 194 -9.40 17.70 -46.59
C ARG E 194 -9.99 18.23 -45.31
N SER E 195 -9.92 17.43 -44.25
CA SER E 195 -10.43 17.83 -42.97
C SER E 195 -9.60 18.92 -42.36
N THR E 196 -8.30 18.89 -42.52
CA THR E 196 -7.50 19.94 -41.95
C THR E 196 -7.94 21.26 -42.56
N ILE E 197 -8.10 21.25 -43.87
CA ILE E 197 -8.54 22.44 -44.54
C ILE E 197 -9.95 22.80 -44.16
N ARG E 198 -10.84 21.81 -44.12
CA ARG E 198 -12.22 22.09 -43.77
C ARG E 198 -12.24 22.76 -42.40
N VAL E 199 -11.40 22.32 -41.48
CA VAL E 199 -11.38 22.96 -40.20
C VAL E 199 -11.01 24.41 -40.40
N LEU E 200 -10.04 24.70 -41.24
CA LEU E 200 -9.72 26.11 -41.44
C LEU E 200 -10.96 26.84 -41.98
N ALA E 201 -11.79 26.14 -42.78
CA ALA E 201 -13.02 26.70 -43.35
C ALA E 201 -14.15 26.85 -42.32
N ARG E 202 -14.03 26.16 -41.20
CA ARG E 202 -15.06 26.21 -40.16
C ARG E 202 -14.96 27.50 -39.35
N ARG E 203 -16.02 27.83 -38.62
CA ARG E 203 -15.99 29.06 -37.82
C ARG E 203 -15.76 28.67 -36.37
N ILE E 204 -16.41 27.60 -35.94
CA ILE E 204 -16.29 27.15 -34.57
C ILE E 204 -15.04 26.29 -34.44
N LYS E 205 -14.16 26.65 -33.49
CA LYS E 205 -12.91 25.92 -33.28
C LYS E 205 -12.16 25.76 -34.62
N SER E 206 -12.18 26.83 -35.41
CA SER E 206 -11.58 26.85 -36.75
C SER E 206 -10.09 27.00 -36.73
N ASN E 207 -9.42 26.06 -36.09
CA ASN E 207 -8.00 26.17 -35.91
C ASN E 207 -7.40 24.79 -35.57
N PRO E 208 -7.19 23.91 -36.53
CA PRO E 208 -6.89 22.51 -36.30
C PRO E 208 -5.52 22.16 -35.76
N CYS E 209 -5.50 21.06 -35.01
CA CYS E 209 -4.26 20.40 -34.64
C CYS E 209 -4.32 18.93 -34.92
N LEU E 210 -3.23 18.41 -35.43
CA LEU E 210 -3.15 17.00 -35.72
C LEU E 210 -2.63 16.29 -34.51
N ILE E 211 -3.44 15.43 -33.95
CA ILE E 211 -3.12 14.75 -32.72
C ILE E 211 -2.96 13.26 -32.95
N GLY E 212 -1.92 12.66 -32.39
CA GLY E 212 -1.83 11.22 -32.60
C GLY E 212 -0.54 10.59 -32.13
N GLU E 213 -0.29 9.38 -32.56
CA GLU E 213 0.92 8.72 -32.14
C GLU E 213 2.09 9.34 -32.89
N PRO E 214 3.27 9.42 -32.33
CA PRO E 214 4.46 9.85 -33.01
C PRO E 214 4.76 8.90 -34.14
N GLY E 215 5.29 9.40 -35.23
CA GLY E 215 5.72 8.54 -36.35
C GLY E 215 4.63 8.11 -37.33
N ILE E 216 3.48 8.79 -37.34
CA ILE E 216 2.43 8.39 -38.25
C ILE E 216 2.26 9.33 -39.42
N GLY E 217 2.98 10.43 -39.45
CA GLY E 217 2.87 11.32 -40.60
C GLY E 217 2.10 12.59 -40.32
N LYS E 218 2.07 13.07 -39.10
CA LYS E 218 1.32 14.28 -38.89
C LYS E 218 2.00 15.46 -39.52
N THR E 219 3.32 15.44 -39.59
CA THR E 219 3.98 16.54 -40.23
C THR E 219 3.72 16.32 -41.69
N ALA E 220 3.80 15.07 -42.12
CA ALA E 220 3.57 14.80 -43.54
C ALA E 220 2.22 15.35 -43.96
N ILE E 221 1.21 15.26 -43.10
CA ILE E 221 -0.07 15.83 -43.48
C ILE E 221 0.05 17.32 -43.66
N ILE E 222 0.66 18.03 -42.72
CA ILE E 222 0.73 19.46 -42.97
C ILE E 222 1.61 19.78 -44.18
N GLU E 223 2.61 18.96 -44.45
CA GLU E 223 3.44 19.18 -45.63
C GLU E 223 2.55 19.01 -46.83
N GLY E 224 1.64 18.06 -46.74
CA GLY E 224 0.68 17.81 -47.77
C GLY E 224 -0.19 19.02 -48.00
N VAL E 225 -0.53 19.72 -46.92
CA VAL E 225 -1.33 20.91 -47.07
C VAL E 225 -0.55 21.92 -47.87
N ALA E 226 0.72 22.09 -47.54
CA ALA E 226 1.50 23.06 -48.31
C ALA E 226 1.50 22.69 -49.77
N GLN E 227 1.69 21.41 -50.07
CA GLN E 227 1.77 21.03 -51.45
C GLN E 227 0.44 21.22 -52.13
N ARG E 228 -0.62 20.92 -51.43
CA ARG E 228 -1.93 21.03 -52.03
C ARG E 228 -2.20 22.51 -52.37
N ILE E 229 -1.73 23.43 -51.51
CA ILE E 229 -1.93 24.84 -51.80
C ILE E 229 -1.17 25.20 -53.07
N ILE E 230 0.05 24.75 -53.15
CA ILE E 230 0.91 25.01 -54.29
C ILE E 230 0.33 24.49 -55.58
N ASP E 231 -0.22 23.29 -55.51
CA ASP E 231 -0.82 22.61 -56.65
C ASP E 231 -2.13 23.25 -57.09
N ASP E 232 -2.64 24.21 -56.31
CA ASP E 232 -3.91 24.86 -56.56
C ASP E 232 -5.06 23.88 -56.46
N ASP E 233 -4.96 22.96 -55.51
CA ASP E 233 -6.01 21.98 -55.28
C ASP E 233 -6.76 22.29 -54.00
N VAL E 234 -6.69 23.54 -53.57
CA VAL E 234 -7.33 23.92 -52.33
C VAL E 234 -8.44 24.91 -52.56
N PRO E 235 -9.36 24.99 -51.62
CA PRO E 235 -10.45 25.92 -51.58
C PRO E 235 -9.94 27.34 -51.66
N THR E 236 -10.77 28.21 -52.14
CA THR E 236 -10.40 29.58 -52.34
C THR E 236 -10.00 30.28 -51.07
N ILE E 237 -10.48 29.82 -49.93
CA ILE E 237 -10.17 30.49 -48.68
C ILE E 237 -8.68 30.43 -48.33
N LEU E 238 -7.93 29.49 -48.90
CA LEU E 238 -6.52 29.39 -48.64
C LEU E 238 -5.76 29.30 -49.94
N GLN E 239 -6.42 29.66 -51.01
CA GLN E 239 -5.79 29.59 -52.30
C GLN E 239 -4.79 30.70 -52.37
N GLY E 240 -3.55 30.36 -52.62
CA GLY E 240 -2.48 31.35 -52.64
C GLY E 240 -1.94 31.67 -51.24
N ALA E 241 -2.43 30.97 -50.23
CA ALA E 241 -2.01 31.20 -48.85
C ALA E 241 -0.56 30.83 -48.65
N LYS E 242 0.07 31.44 -47.66
CA LYS E 242 1.45 31.07 -47.34
C LYS E 242 1.53 30.43 -45.98
N LEU E 243 2.22 29.31 -45.90
CA LEU E 243 2.38 28.56 -44.66
C LEU E 243 3.79 28.63 -44.08
N PHE E 244 3.86 29.01 -42.80
CA PHE E 244 5.15 29.12 -42.11
C PHE E 244 5.32 28.25 -40.90
N SER E 245 6.53 27.70 -40.69
CA SER E 245 6.85 26.90 -39.49
C SER E 245 7.56 27.73 -38.48
N LEU E 246 6.96 27.95 -37.34
CA LEU E 246 7.57 28.86 -36.37
C LEU E 246 8.45 28.19 -35.34
N ASP E 247 9.68 28.70 -35.23
CA ASP E 247 10.72 28.24 -34.33
C ASP E 247 10.55 28.59 -32.85
N LEU E 248 11.30 27.89 -32.00
CA LEU E 248 11.39 28.18 -30.59
C LEU E 248 12.00 29.53 -30.43
N ALA E 249 12.91 29.83 -31.36
CA ALA E 249 13.68 31.07 -31.42
C ALA E 249 12.79 32.27 -31.41
N ALA E 250 11.51 32.13 -31.76
CA ALA E 250 10.65 33.29 -31.69
C ALA E 250 10.78 33.86 -30.29
N LEU E 251 10.94 33.00 -29.28
CA LEU E 251 11.19 33.47 -27.94
C LEU E 251 12.65 33.19 -27.59
N THR E 252 13.14 32.02 -27.98
CA THR E 252 14.46 31.60 -27.54
C THR E 252 15.61 32.29 -28.26
N ALA E 253 15.29 33.30 -29.06
CA ALA E 253 16.28 34.19 -29.65
C ALA E 253 17.12 34.80 -28.53
N GLY E 254 16.54 34.90 -27.33
CA GLY E 254 17.26 35.41 -26.18
C GLY E 254 16.43 36.34 -25.33
N ALA E 255 16.29 36.02 -24.03
CA ALA E 255 15.56 36.86 -23.10
C ALA E 255 16.37 38.03 -22.65
N LYS E 256 17.59 38.17 -23.14
CA LYS E 256 18.37 39.32 -22.74
C LYS E 256 17.44 40.48 -23.03
N TYR E 257 17.06 41.20 -21.99
CA TYR E 257 16.02 42.25 -22.01
C TYR E 257 14.69 41.61 -21.67
N LYS E 258 14.41 41.52 -20.38
CA LYS E 258 13.18 40.93 -19.90
C LYS E 258 12.02 41.49 -20.69
N GLY E 259 11.19 40.58 -21.19
CA GLY E 259 10.03 40.93 -22.00
C GLY E 259 10.30 40.80 -23.48
N ASP E 260 11.56 40.57 -23.87
CA ASP E 260 11.86 40.44 -25.29
C ASP E 260 11.09 39.29 -25.89
N PHE E 261 10.77 38.27 -25.09
CA PHE E 261 10.02 37.14 -25.59
C PHE E 261 8.73 37.63 -26.21
N GLU E 262 8.09 38.59 -25.56
CA GLU E 262 6.85 39.12 -26.07
C GLU E 262 7.11 40.06 -27.20
N GLU E 263 8.22 40.77 -27.15
CA GLU E 263 8.44 41.74 -28.22
C GLU E 263 8.57 40.97 -29.52
N ARG E 264 9.23 39.82 -29.45
CA ARG E 264 9.44 39.01 -30.62
C ARG E 264 8.20 38.25 -31.00
N PHE E 265 7.50 37.69 -30.02
CA PHE E 265 6.41 36.88 -30.42
C PHE E 265 5.31 37.78 -30.96
N LYS E 266 5.08 38.94 -30.32
CA LYS E 266 4.07 39.87 -30.78
C LYS E 266 4.43 40.36 -32.16
N GLY E 267 5.72 40.60 -32.40
CA GLY E 267 6.21 41.02 -33.69
C GLY E 267 5.72 40.04 -34.73
N VAL E 268 6.01 38.77 -34.47
CA VAL E 268 5.61 37.70 -35.37
C VAL E 268 4.10 37.57 -35.51
N LEU E 269 3.36 37.63 -34.41
CA LEU E 269 1.93 37.46 -34.55
C LEU E 269 1.35 38.56 -35.42
N LYS E 270 1.82 39.78 -35.24
CA LYS E 270 1.30 40.86 -36.04
C LYS E 270 1.62 40.63 -37.49
N GLU E 271 2.89 40.35 -37.77
CA GLU E 271 3.35 40.14 -39.12
C GLU E 271 2.58 39.05 -39.83
N ILE E 272 2.27 37.97 -39.13
CA ILE E 272 1.53 36.90 -39.75
C ILE E 272 0.14 37.39 -40.15
N GLU E 273 -0.53 38.12 -39.26
CA GLU E 273 -1.87 38.62 -39.56
C GLU E 273 -1.83 39.74 -40.60
N GLU E 274 -0.75 40.51 -40.58
CA GLU E 274 -0.56 41.69 -41.40
C GLU E 274 -0.70 41.56 -42.91
N SER E 275 -1.94 41.62 -43.40
CA SER E 275 -2.26 41.99 -44.79
C SER E 275 -1.94 41.01 -45.91
N LYS E 276 -0.77 40.41 -45.88
CA LYS E 276 -0.27 39.62 -46.98
C LYS E 276 -0.98 38.30 -47.17
N THR E 277 -2.18 38.38 -47.75
CA THR E 277 -3.09 37.27 -47.98
C THR E 277 -3.20 36.41 -46.73
N LEU E 278 -3.78 35.25 -46.86
CA LEU E 278 -3.87 34.39 -45.72
C LEU E 278 -2.54 33.77 -45.40
N ILE E 279 -2.07 34.01 -44.20
CA ILE E 279 -0.85 33.43 -43.73
C ILE E 279 -1.27 32.42 -42.69
N VAL E 280 -0.76 31.21 -42.81
CA VAL E 280 -1.11 30.15 -41.90
C VAL E 280 0.13 29.77 -41.14
N LEU E 281 -0.04 29.59 -39.84
CA LEU E 281 1.05 29.24 -38.97
C LEU E 281 1.11 27.77 -38.60
N PHE E 282 2.26 27.16 -38.76
CA PHE E 282 2.53 25.79 -38.37
C PHE E 282 3.34 25.68 -37.11
N ILE E 283 2.76 25.04 -36.10
CA ILE E 283 3.54 24.83 -34.90
C ILE E 283 3.70 23.37 -34.60
N ASP E 284 4.93 22.94 -34.76
CA ASP E 284 5.34 21.57 -34.55
C ASP E 284 5.47 21.35 -33.05
N GLU E 285 4.80 20.34 -32.50
CA GLU E 285 4.89 20.07 -31.08
C GLU E 285 4.44 21.27 -30.27
N ILE E 286 3.16 21.57 -30.43
CA ILE E 286 2.50 22.71 -29.82
C ILE E 286 2.57 22.75 -28.31
N HIS E 287 2.97 21.66 -27.67
CA HIS E 287 3.12 21.70 -26.23
C HIS E 287 4.17 22.72 -25.82
N MET E 288 5.08 23.06 -26.72
CA MET E 288 6.11 24.03 -26.37
C MET E 288 5.50 25.38 -26.04
N LEU E 289 4.28 25.61 -26.52
CA LEU E 289 3.58 26.87 -26.39
C LEU E 289 3.06 27.07 -24.99
N MET E 290 3.11 26.00 -24.19
CA MET E 290 2.64 26.01 -22.83
C MET E 290 3.57 26.85 -21.96
N GLY E 291 4.83 26.97 -22.39
CA GLY E 291 5.80 27.68 -21.59
C GLY E 291 5.98 26.89 -20.32
N ASN E 292 6.67 27.44 -19.33
CA ASN E 292 6.84 26.71 -18.08
C ASN E 292 5.62 26.87 -17.19
N GLY E 293 4.48 26.36 -17.62
CA GLY E 293 3.27 26.48 -16.81
C GLY E 293 2.68 27.87 -16.90
N LYS E 294 2.32 28.32 -18.11
CA LYS E 294 1.84 29.68 -18.37
C LYS E 294 2.98 30.65 -18.10
N ASP E 295 2.78 31.75 -17.35
CA ASP E 295 3.90 32.71 -17.22
C ASP E 295 4.56 33.04 -18.57
N ASP E 296 5.63 32.30 -18.89
CA ASP E 296 6.46 32.44 -20.08
C ASP E 296 5.63 32.33 -21.34
N ALA E 297 4.54 31.60 -21.24
CA ALA E 297 3.64 31.43 -22.35
C ALA E 297 3.17 32.80 -22.81
N ALA E 298 3.09 33.76 -21.88
CA ALA E 298 2.71 35.11 -22.18
C ALA E 298 1.47 35.20 -23.04
N ASN E 299 1.62 35.87 -24.18
CA ASN E 299 0.54 36.07 -25.11
C ASN E 299 0.56 35.05 -26.20
N ILE E 300 1.23 33.93 -26.00
CA ILE E 300 1.23 33.00 -27.09
C ILE E 300 -0.13 32.53 -27.46
N LEU E 301 -0.54 33.08 -28.58
CA LEU E 301 -1.77 32.86 -29.26
C LEU E 301 -2.95 33.18 -28.38
N LYS E 302 -2.76 34.03 -27.40
CA LYS E 302 -3.85 34.26 -26.48
C LYS E 302 -4.87 35.19 -27.14
N PRO E 303 -4.54 36.47 -27.49
CA PRO E 303 -5.46 37.36 -28.14
C PRO E 303 -5.75 36.90 -29.56
N ALA E 304 -4.87 36.09 -30.13
CA ALA E 304 -5.09 35.61 -31.47
C ALA E 304 -6.22 34.63 -31.52
N LEU E 305 -6.14 33.62 -30.67
CA LEU E 305 -7.15 32.60 -30.70
C LEU E 305 -8.45 33.21 -30.28
N SER E 306 -8.38 34.14 -29.35
CA SER E 306 -9.54 34.81 -28.83
C SER E 306 -10.40 35.47 -29.91
N ARG E 307 -9.79 35.85 -31.05
CA ARG E 307 -10.49 36.53 -32.11
C ARG E 307 -10.63 35.72 -33.39
N GLY E 308 -10.16 34.48 -33.39
CA GLY E 308 -10.23 33.67 -34.61
C GLY E 308 -9.24 34.13 -35.68
N GLN E 309 -8.14 34.75 -35.26
CA GLN E 309 -7.14 35.28 -36.19
C GLN E 309 -5.92 34.39 -36.25
N LEU E 310 -5.03 34.64 -37.21
CA LEU E 310 -3.82 33.84 -37.29
C LEU E 310 -4.07 32.36 -37.25
N LYS E 311 -4.88 31.82 -38.14
CA LYS E 311 -5.11 30.38 -38.03
C LYS E 311 -3.81 29.62 -38.02
N VAL E 312 -3.76 28.68 -37.08
CA VAL E 312 -2.62 27.86 -36.84
C VAL E 312 -2.95 26.41 -37.07
N ILE E 313 -2.11 25.74 -37.81
CA ILE E 313 -2.26 24.32 -37.94
C ILE E 313 -1.22 23.80 -37.02
N GLY E 314 -1.61 23.05 -36.03
CA GLY E 314 -0.57 22.57 -35.14
C GLY E 314 -0.57 21.08 -35.15
N ALA E 315 0.33 20.51 -34.37
CA ALA E 315 0.36 19.07 -34.25
C ALA E 315 1.13 18.66 -33.02
N THR E 316 0.70 17.54 -32.44
CA THR E 316 1.43 16.97 -31.33
C THR E 316 1.06 15.56 -30.97
N THR E 317 1.98 14.96 -30.25
CA THR E 317 1.79 13.67 -29.65
C THR E 317 0.53 13.66 -28.81
N ASN E 318 -0.33 12.68 -29.00
CA ASN E 318 -1.55 12.55 -28.22
C ASN E 318 -1.35 12.72 -26.70
N ASN E 319 -0.28 12.19 -26.20
CA ASN E 319 0.00 12.29 -24.78
C ASN E 319 0.24 13.73 -24.40
N GLU E 320 0.87 14.48 -25.28
CA GLU E 320 1.15 15.87 -25.02
C GLU E 320 -0.11 16.64 -25.13
N TYR E 321 -0.98 16.19 -26.01
CA TYR E 321 -2.24 16.87 -26.14
C TYR E 321 -2.87 16.89 -24.79
N ARG E 322 -2.91 15.75 -24.12
CA ARG E 322 -3.50 15.70 -22.80
C ARG E 322 -2.79 16.65 -21.84
N SER E 323 -1.47 16.73 -21.96
CA SER E 323 -0.70 17.65 -21.14
C SER E 323 -1.16 19.08 -21.36
N ILE E 324 -1.37 19.46 -22.62
CA ILE E 324 -1.83 20.80 -22.99
C ILE E 324 -3.19 21.10 -22.44
N VAL E 325 -4.07 20.12 -22.52
CA VAL E 325 -5.39 20.32 -22.02
C VAL E 325 -5.29 20.72 -20.56
N GLU E 326 -4.47 20.02 -19.79
CA GLU E 326 -4.32 20.38 -18.40
C GLU E 326 -3.54 21.68 -18.17
N LYS E 327 -2.45 21.88 -18.89
CA LYS E 327 -1.62 23.06 -18.66
C LYS E 327 -2.26 24.38 -19.08
N ASP E 328 -2.94 24.39 -20.23
CA ASP E 328 -3.55 25.61 -20.72
C ASP E 328 -5.06 25.62 -20.63
N GLY E 329 -5.70 24.55 -21.10
CA GLY E 329 -7.17 24.49 -21.12
C GLY E 329 -7.79 25.28 -22.27
N ALA E 330 -7.46 26.57 -22.35
CA ALA E 330 -7.98 27.43 -23.39
C ALA E 330 -7.62 26.90 -24.75
N PHE E 331 -6.43 26.35 -24.91
CA PHE E 331 -6.12 25.81 -26.20
C PHE E 331 -7.11 24.74 -26.59
N GLU E 332 -7.49 23.85 -25.68
CA GLU E 332 -8.45 22.83 -26.09
C GLU E 332 -9.74 23.44 -26.57
N ARG E 333 -10.14 24.55 -25.95
CA ARG E 333 -11.38 25.21 -26.31
C ARG E 333 -11.28 25.98 -27.61
N ARG E 334 -10.06 26.24 -28.06
CA ARG E 334 -9.88 26.98 -29.31
C ARG E 334 -9.43 26.14 -30.48
N PHE E 335 -8.54 25.19 -30.24
CA PHE E 335 -8.03 24.36 -31.30
C PHE E 335 -8.91 23.16 -31.54
N GLN E 336 -9.02 22.80 -32.79
CA GLN E 336 -9.76 21.59 -33.10
C GLN E 336 -8.88 20.38 -33.00
N LYS E 337 -9.33 19.41 -32.26
CA LYS E 337 -8.59 18.17 -32.15
C LYS E 337 -8.91 17.28 -33.34
N ILE E 338 -7.90 16.90 -34.11
CA ILE E 338 -8.10 15.95 -35.19
C ILE E 338 -7.23 14.76 -34.94
N GLU E 339 -7.82 13.64 -34.62
CA GLU E 339 -6.95 12.52 -34.37
C GLU E 339 -6.53 11.93 -35.69
N VAL E 340 -5.27 11.64 -35.82
CA VAL E 340 -4.76 11.05 -37.03
C VAL E 340 -4.33 9.62 -36.77
N ALA E 341 -4.90 8.68 -37.51
CA ALA E 341 -4.61 7.25 -37.34
C ALA E 341 -3.34 6.80 -38.04
N GLU E 342 -2.77 5.69 -37.55
CA GLU E 342 -1.66 5.04 -38.25
C GLU E 342 -2.21 4.42 -39.54
N PRO E 343 -1.57 4.58 -40.70
CA PRO E 343 -1.92 3.96 -41.97
C PRO E 343 -1.86 2.45 -41.88
N SER E 344 -2.64 1.76 -42.70
CA SER E 344 -2.60 0.29 -42.74
C SER E 344 -1.33 -0.17 -43.39
N VAL E 345 -1.06 -1.47 -43.33
CA VAL E 345 0.14 -1.97 -43.98
C VAL E 345 0.09 -1.68 -45.46
N ARG E 346 -1.06 -1.88 -46.10
CA ARG E 346 -1.14 -1.61 -47.52
C ARG E 346 -0.94 -0.14 -47.80
N GLN E 347 -1.49 0.73 -46.95
CA GLN E 347 -1.31 2.16 -47.16
C GLN E 347 0.13 2.51 -46.98
N THR E 348 0.77 1.84 -46.04
CA THR E 348 2.15 2.09 -45.76
C THR E 348 2.92 1.74 -47.01
N VAL E 349 2.57 0.64 -47.66
CA VAL E 349 3.28 0.30 -48.85
C VAL E 349 3.09 1.39 -49.87
N ALA E 350 1.88 1.90 -50.01
CA ALA E 350 1.67 2.97 -50.97
C ALA E 350 2.57 4.15 -50.64
N ILE E 351 2.72 4.46 -49.36
CA ILE E 351 3.58 5.57 -48.99
C ILE E 351 4.99 5.28 -49.40
N LEU E 352 5.44 4.07 -49.11
CA LEU E 352 6.80 3.75 -49.42
C LEU E 352 7.02 3.87 -50.90
N ARG E 353 6.05 3.40 -51.66
CA ARG E 353 6.13 3.43 -53.10
C ARG E 353 6.24 4.85 -53.58
N GLY E 354 5.43 5.72 -53.02
CA GLY E 354 5.48 7.12 -53.40
C GLY E 354 6.82 7.77 -53.10
N LEU E 355 7.45 7.37 -52.01
CA LEU E 355 8.71 7.97 -51.64
C LEU E 355 9.90 7.23 -52.22
N GLN E 356 9.63 6.04 -52.72
CA GLN E 356 10.63 5.17 -53.27
C GLN E 356 11.71 5.86 -54.09
N PRO E 357 11.40 6.71 -55.09
CA PRO E 357 12.42 7.35 -55.89
C PRO E 357 13.32 8.26 -55.10
N LYS E 358 12.88 8.75 -53.95
CA LYS E 358 13.76 9.63 -53.20
C LYS E 358 14.86 8.80 -52.60
N TYR E 359 14.52 7.56 -52.29
CA TYR E 359 15.51 6.71 -51.69
C TYR E 359 16.39 6.17 -52.77
N GLU E 360 15.80 5.78 -53.88
CA GLU E 360 16.59 5.21 -54.93
C GLU E 360 17.62 6.20 -55.43
N ILE E 361 17.19 7.45 -55.59
CA ILE E 361 18.08 8.49 -56.05
C ILE E 361 19.15 8.81 -55.05
N HIS E 362 18.75 8.98 -53.80
CA HIS E 362 19.71 9.33 -52.78
C HIS E 362 20.79 8.26 -52.66
N HIS E 363 20.36 7.02 -52.60
CA HIS E 363 21.27 5.92 -52.37
C HIS E 363 21.93 5.33 -53.61
N GLY E 364 21.39 5.60 -54.80
CA GLY E 364 22.01 5.04 -55.99
C GLY E 364 21.67 3.56 -56.17
N VAL E 365 20.49 3.20 -55.73
CA VAL E 365 20.03 1.82 -55.78
C VAL E 365 18.65 1.72 -56.37
N ARG E 366 18.29 0.56 -56.86
CA ARG E 366 16.92 0.31 -57.28
C ARG E 366 16.25 -0.52 -56.21
N ILE E 367 14.98 -0.25 -55.93
CA ILE E 367 14.26 -1.02 -54.92
C ILE E 367 13.11 -1.80 -55.51
N LEU E 368 13.08 -3.09 -55.27
CA LEU E 368 11.98 -3.89 -55.81
C LEU E 368 10.70 -3.50 -55.12
N ASP E 369 9.60 -3.44 -55.85
CA ASP E 369 8.36 -3.09 -55.17
C ASP E 369 8.04 -4.13 -54.10
N SER E 370 8.41 -5.39 -54.35
CA SER E 370 8.14 -6.42 -53.39
C SER E 370 8.92 -6.20 -52.10
N ALA E 371 10.03 -5.47 -52.20
CA ALA E 371 10.83 -5.17 -51.04
C ALA E 371 10.06 -4.20 -50.19
N LEU E 372 9.36 -3.30 -50.83
CA LEU E 372 8.62 -2.33 -50.07
C LEU E 372 7.50 -3.03 -49.36
N VAL E 373 6.91 -4.01 -50.03
CA VAL E 373 5.84 -4.77 -49.41
C VAL E 373 6.39 -5.48 -48.20
N THR E 374 7.54 -6.10 -48.40
CA THR E 374 8.19 -6.83 -47.35
C THR E 374 8.44 -5.93 -46.15
N ALA E 375 8.98 -4.73 -46.39
CA ALA E 375 9.27 -3.83 -45.29
C ALA E 375 8.03 -3.46 -44.53
N ALA E 376 6.95 -3.18 -45.23
CA ALA E 376 5.76 -2.79 -44.51
C ALA E 376 5.29 -3.94 -43.62
N GLN E 377 5.39 -5.16 -44.13
CA GLN E 377 4.94 -6.27 -43.36
C GLN E 377 5.84 -6.52 -42.16
N LEU E 378 7.14 -6.48 -42.37
CA LEU E 378 8.05 -6.74 -41.28
C LEU E 378 7.92 -5.70 -40.23
N ALA E 379 7.72 -4.47 -40.64
CA ALA E 379 7.58 -3.43 -39.67
C ALA E 379 6.42 -3.74 -38.76
N LYS E 380 5.34 -4.23 -39.33
CA LYS E 380 4.17 -4.49 -38.53
C LYS E 380 4.42 -5.57 -37.49
N ARG E 381 5.16 -6.60 -37.86
CA ARG E 381 5.37 -7.68 -36.90
C ARG E 381 6.57 -7.52 -35.97
N TYR E 382 7.64 -6.87 -36.43
CA TYR E 382 8.84 -6.81 -35.63
C TYR E 382 9.21 -5.47 -35.05
N LEU E 383 8.46 -4.42 -35.34
CA LEU E 383 8.79 -3.15 -34.72
C LEU E 383 7.56 -2.55 -34.05
N PRO E 384 6.93 -3.25 -33.09
CA PRO E 384 5.67 -2.88 -32.47
C PRO E 384 5.74 -1.61 -31.68
N TYR E 385 6.94 -1.16 -31.38
CA TYR E 385 7.10 0.04 -30.58
C TYR E 385 7.11 1.28 -31.44
N ARG E 386 7.07 1.10 -32.75
CA ARG E 386 7.17 2.21 -33.66
C ARG E 386 6.18 2.13 -34.81
N ARG E 387 5.51 3.23 -35.10
CA ARG E 387 4.43 3.26 -36.07
C ARG E 387 4.90 3.03 -37.50
N LEU E 388 4.02 2.43 -38.32
CA LEU E 388 4.40 2.00 -39.66
C LEU E 388 5.02 3.00 -40.60
N PRO E 389 4.57 4.22 -40.76
CA PRO E 389 5.24 5.12 -41.66
C PRO E 389 6.69 5.16 -41.27
N ASP E 390 6.98 5.50 -40.01
CA ASP E 390 8.40 5.45 -39.64
C ASP E 390 9.03 4.10 -39.74
N SER E 391 8.38 3.07 -39.24
CA SER E 391 9.04 1.77 -39.17
C SER E 391 9.33 1.22 -40.55
N ALA E 392 8.38 1.30 -41.45
CA ALA E 392 8.65 0.79 -42.76
C ALA E 392 9.73 1.63 -43.42
N LEU E 393 9.66 2.96 -43.24
CA LEU E 393 10.69 3.77 -43.84
C LEU E 393 12.04 3.49 -43.24
N ASP E 394 12.09 3.24 -41.96
CA ASP E 394 13.37 2.95 -41.37
C ASP E 394 13.91 1.69 -42.00
N LEU E 395 13.08 0.68 -42.16
CA LEU E 395 13.60 -0.52 -42.75
C LEU E 395 14.07 -0.31 -44.17
N VAL E 396 13.32 0.46 -44.94
CA VAL E 396 13.72 0.68 -46.31
C VAL E 396 14.93 1.55 -46.44
N ASP E 397 14.93 2.67 -45.73
CA ASP E 397 16.00 3.63 -45.79
C ASP E 397 17.27 2.96 -45.31
N ILE E 398 17.19 2.29 -44.17
CA ILE E 398 18.35 1.62 -43.65
C ILE E 398 18.81 0.53 -44.59
N SER E 399 17.90 -0.28 -45.11
CA SER E 399 18.34 -1.34 -46.00
C SER E 399 19.04 -0.82 -47.20
N CYS E 400 18.45 0.21 -47.82
CA CYS E 400 19.03 0.83 -48.99
C CYS E 400 20.37 1.47 -48.62
N ALA E 401 20.46 2.01 -47.40
CA ALA E 401 21.69 2.63 -46.96
C ALA E 401 22.74 1.55 -46.90
N GLY E 402 22.31 0.39 -46.41
CA GLY E 402 23.14 -0.78 -46.29
C GLY E 402 23.70 -1.10 -47.63
N VAL E 403 22.83 -1.23 -48.61
CA VAL E 403 23.32 -1.54 -49.92
C VAL E 403 24.28 -0.46 -50.42
N ALA E 404 23.90 0.80 -50.26
CA ALA E 404 24.74 1.88 -50.72
C ALA E 404 26.13 1.86 -50.10
N VAL E 405 26.23 1.42 -48.85
CA VAL E 405 27.49 1.33 -48.14
C VAL E 405 28.23 0.02 -48.39
N ALA E 406 27.56 -1.09 -48.14
CA ALA E 406 28.17 -2.40 -48.25
C ALA E 406 28.65 -2.65 -49.66
N ARG E 407 27.91 -2.14 -50.62
CA ARG E 407 28.25 -2.29 -52.01
C ARG E 407 28.61 -0.93 -52.59
N ASP E 408 29.19 -0.06 -51.78
CA ASP E 408 29.59 1.26 -52.27
C ASP E 408 30.37 1.16 -53.57
N SER E 409 31.26 0.20 -53.60
CA SER E 409 32.18 -0.09 -54.67
C SER E 409 31.67 -1.03 -55.76
N LYS E 410 30.42 -1.50 -55.67
CA LYS E 410 29.91 -2.49 -56.61
C LYS E 410 28.44 -2.81 -56.46
N GLN E 538 25.34 -0.29 -53.80
CA GLN E 538 24.70 0.40 -54.89
C GLN E 538 23.79 -0.57 -55.66
N ASN E 539 23.03 -0.02 -56.61
CA ASN E 539 22.26 -0.79 -57.57
C ASN E 539 21.03 -1.62 -57.13
N VAL E 540 21.16 -2.55 -56.19
CA VAL E 540 19.97 -3.37 -55.87
C VAL E 540 19.58 -3.54 -54.42
N VAL E 541 18.31 -3.28 -54.13
CA VAL E 541 17.70 -3.52 -52.83
C VAL E 541 16.54 -4.48 -53.01
N ASP E 542 16.48 -5.51 -52.18
CA ASP E 542 15.42 -6.47 -52.33
C ASP E 542 14.83 -6.93 -51.01
N SER E 543 13.91 -7.90 -51.08
CA SER E 543 13.21 -8.39 -49.90
C SER E 543 14.13 -9.02 -48.89
N ASP E 544 15.11 -9.77 -49.34
CA ASP E 544 15.97 -10.43 -48.38
C ASP E 544 16.80 -9.41 -47.67
N THR E 545 17.18 -8.36 -48.36
CA THR E 545 17.94 -7.32 -47.72
C THR E 545 17.09 -6.70 -46.65
N ILE E 546 15.81 -6.48 -46.95
CA ILE E 546 14.96 -5.89 -45.95
C ILE E 546 14.90 -6.80 -44.74
N SER E 547 14.76 -8.09 -44.97
CA SER E 547 14.66 -9.04 -43.90
C SER E 547 15.91 -8.97 -43.03
N GLU E 548 17.07 -8.98 -43.66
CA GLU E 548 18.31 -8.88 -42.93
C GLU E 548 18.37 -7.63 -42.09
N THR E 549 17.97 -6.50 -42.65
CA THR E 549 18.01 -5.27 -41.91
C THR E 549 17.15 -5.37 -40.69
N ALA E 550 15.95 -5.91 -40.84
CA ALA E 550 15.08 -6.00 -39.69
C ALA E 550 15.78 -6.80 -38.61
N ALA E 551 16.43 -7.89 -38.98
CA ALA E 551 17.10 -8.66 -37.97
C ALA E 551 18.19 -7.84 -37.31
N ARG E 552 18.91 -7.06 -38.08
CA ARG E 552 19.97 -6.25 -37.50
C ARG E 552 19.47 -5.22 -36.51
N LEU E 553 18.31 -4.64 -36.77
CA LEU E 553 17.81 -3.60 -35.91
C LEU E 553 17.04 -4.12 -34.71
N THR E 554 16.42 -5.29 -34.85
CA THR E 554 15.60 -5.82 -33.78
C THR E 554 16.21 -6.99 -33.04
N GLY E 555 17.17 -7.64 -33.68
CA GLY E 555 17.80 -8.84 -33.16
C GLY E 555 17.01 -10.10 -33.47
N ILE E 556 15.87 -9.96 -34.14
CA ILE E 556 15.08 -11.12 -34.40
C ILE E 556 15.76 -12.06 -35.39
N PRO E 557 16.17 -13.25 -34.95
CA PRO E 557 16.96 -14.21 -35.70
C PRO E 557 16.19 -14.82 -36.82
N VAL E 558 14.89 -14.73 -36.73
CA VAL E 558 14.01 -15.32 -37.69
C VAL E 558 14.24 -14.75 -39.06
N LYS E 559 14.58 -13.48 -39.12
CA LYS E 559 14.71 -12.85 -40.39
C LYS E 559 16.10 -12.88 -41.00
N LYS E 560 17.04 -13.59 -40.36
CA LYS E 560 18.39 -13.68 -40.92
C LYS E 560 18.47 -14.60 -42.15
N LEU E 561 17.67 -15.67 -42.13
CA LEU E 561 17.54 -16.67 -43.22
C LEU E 561 18.78 -17.51 -43.60
N SER E 562 19.76 -17.70 -42.70
CA SER E 562 20.97 -18.46 -43.05
C SER E 562 20.82 -19.96 -43.23
N GLU E 563 21.55 -20.48 -44.21
CA GLU E 563 21.59 -21.90 -44.51
C GLU E 563 22.28 -22.68 -43.40
N SER E 564 23.23 -22.04 -42.73
CA SER E 564 23.96 -22.74 -41.70
C SER E 564 23.04 -22.95 -40.54
N GLU E 565 22.19 -21.96 -40.30
CA GLU E 565 21.26 -22.08 -39.21
C GLU E 565 20.26 -23.14 -39.58
N ASN E 566 19.89 -23.24 -40.87
CA ASN E 566 18.96 -24.29 -41.23
C ASN E 566 19.54 -25.61 -40.78
N GLU E 567 20.83 -25.83 -41.00
CA GLU E 567 21.36 -27.10 -40.57
C GLU E 567 21.27 -27.26 -39.07
N LYS E 568 21.51 -26.20 -38.33
CA LYS E 568 21.44 -26.35 -36.89
C LYS E 568 20.03 -26.67 -36.47
N LEU E 569 19.08 -26.02 -37.09
CA LEU E 569 17.67 -26.16 -36.78
C LEU E 569 17.16 -27.54 -37.12
N ILE E 570 17.68 -28.08 -38.20
CA ILE E 570 17.37 -29.43 -38.63
C ILE E 570 17.92 -30.40 -37.62
N HIS E 571 19.13 -30.15 -37.16
CA HIS E 571 19.78 -31.00 -36.21
C HIS E 571 19.62 -30.61 -34.75
N MET E 572 18.93 -29.52 -34.44
CA MET E 572 18.75 -29.12 -33.05
C MET E 572 18.21 -30.27 -32.23
N GLU E 573 17.26 -30.99 -32.81
CA GLU E 573 16.61 -32.13 -32.18
C GLU E 573 17.64 -33.18 -31.76
N ARG E 574 18.71 -33.28 -32.51
CA ARG E 574 19.79 -34.20 -32.23
C ARG E 574 20.73 -33.60 -31.23
N ASP E 575 21.15 -32.37 -31.49
CA ASP E 575 22.17 -31.79 -30.68
C ASP E 575 21.75 -31.53 -29.27
N LEU E 576 20.50 -31.19 -29.04
CA LEU E 576 20.09 -31.01 -27.67
C LEU E 576 20.22 -32.30 -26.89
N SER E 577 20.16 -33.46 -27.55
CA SER E 577 20.21 -34.72 -26.83
C SER E 577 21.61 -34.99 -26.28
N SER E 578 22.58 -34.18 -26.71
CA SER E 578 23.92 -34.35 -26.22
C SER E 578 24.10 -33.57 -24.93
N GLU E 579 23.15 -32.68 -24.62
CA GLU E 579 23.20 -31.89 -23.41
C GLU E 579 22.20 -32.43 -22.43
N VAL E 580 21.03 -32.78 -22.95
CA VAL E 580 19.96 -33.33 -22.17
C VAL E 580 19.73 -34.74 -22.62
N VAL E 581 19.89 -35.68 -21.73
CA VAL E 581 19.76 -37.06 -22.10
C VAL E 581 18.37 -37.55 -21.98
N GLY E 582 17.90 -38.20 -23.01
CA GLY E 582 16.54 -38.67 -22.97
C GLY E 582 15.68 -37.44 -23.02
N GLN E 583 14.47 -37.54 -22.53
CA GLN E 583 13.54 -36.41 -22.61
C GLN E 583 13.36 -36.02 -24.07
N MET E 584 13.37 -37.00 -24.94
CA MET E 584 13.27 -36.71 -26.35
C MET E 584 12.02 -35.95 -26.68
N ASP E 585 10.96 -36.17 -25.95
CA ASP E 585 9.74 -35.45 -26.27
C ASP E 585 9.92 -33.97 -26.02
N ALA E 586 10.69 -33.61 -25.01
CA ALA E 586 10.86 -32.20 -24.70
C ALA E 586 11.74 -31.60 -25.77
N ILE E 587 12.72 -32.37 -26.14
CA ILE E 587 13.65 -31.94 -27.14
C ILE E 587 12.93 -31.68 -28.44
N LYS E 588 12.07 -32.60 -28.83
CA LYS E 588 11.32 -32.47 -30.05
C LYS E 588 10.35 -31.33 -29.96
N ALA E 589 9.69 -31.18 -28.82
CA ALA E 589 8.73 -30.12 -28.70
C ALA E 589 9.39 -28.77 -28.89
N VAL E 590 10.55 -28.59 -28.27
CA VAL E 590 11.22 -27.32 -28.41
C VAL E 590 11.73 -27.12 -29.78
N SER E 591 12.35 -28.14 -30.33
CA SER E 591 12.93 -28.01 -31.62
C SER E 591 11.85 -27.62 -32.62
N ASN E 592 10.69 -28.24 -32.51
CA ASN E 592 9.64 -27.90 -33.41
C ASN E 592 9.27 -26.45 -33.28
N ALA E 593 9.13 -25.96 -32.06
CA ALA E 593 8.74 -24.58 -31.91
C ALA E 593 9.75 -23.63 -32.47
N VAL E 594 11.01 -23.94 -32.27
CA VAL E 594 12.01 -23.05 -32.77
C VAL E 594 11.93 -23.06 -34.27
N ARG E 595 11.79 -24.24 -34.85
CA ARG E 595 11.68 -24.32 -36.27
C ARG E 595 10.45 -23.58 -36.78
N LEU E 596 9.33 -23.61 -36.07
CA LEU E 596 8.15 -22.88 -36.55
C LEU E 596 8.44 -21.41 -36.62
N SER E 597 9.18 -20.91 -35.66
CA SER E 597 9.49 -19.51 -35.68
C SER E 597 10.39 -19.18 -36.86
N ARG E 598 11.47 -19.93 -36.98
CA ARG E 598 12.47 -19.64 -38.00
C ARG E 598 11.93 -19.80 -39.41
N SER E 599 11.04 -20.78 -39.59
CA SER E 599 10.44 -21.08 -40.87
C SER E 599 9.30 -20.13 -41.23
N GLY E 600 8.90 -19.25 -40.32
CA GLY E 600 7.82 -18.33 -40.59
C GLY E 600 6.42 -18.90 -40.44
N LEU E 601 6.25 -19.96 -39.67
CA LEU E 601 4.93 -20.55 -39.51
C LEU E 601 4.30 -20.15 -38.20
N ALA E 602 5.13 -19.90 -37.19
CA ALA E 602 4.66 -19.61 -35.85
C ALA E 602 3.66 -18.47 -35.86
N ASN E 603 2.63 -18.63 -35.04
CA ASN E 603 1.54 -17.69 -34.88
C ASN E 603 1.91 -16.31 -34.32
N PRO E 604 1.79 -15.22 -35.09
CA PRO E 604 2.09 -13.84 -34.75
C PRO E 604 1.37 -13.32 -33.51
N ARG E 605 0.32 -14.00 -33.08
CA ARG E 605 -0.40 -13.53 -31.93
C ARG E 605 0.03 -14.17 -30.62
N GLN E 606 1.06 -14.98 -30.63
CA GLN E 606 1.44 -15.56 -29.36
C GLN E 606 2.90 -15.98 -29.34
N PRO E 607 3.53 -16.03 -28.19
CA PRO E 607 4.86 -16.55 -28.02
C PRO E 607 4.79 -18.04 -28.14
N ALA E 608 5.91 -18.67 -28.43
CA ALA E 608 5.89 -20.13 -28.36
C ALA E 608 5.67 -20.45 -26.91
N SER E 609 4.94 -21.50 -26.57
CA SER E 609 4.81 -21.75 -25.14
C SER E 609 4.77 -23.19 -24.69
N PHE E 610 5.57 -23.47 -23.68
CA PHE E 610 5.64 -24.81 -23.15
C PHE E 610 5.42 -24.89 -21.69
N LEU E 611 4.84 -25.99 -21.29
CA LEU E 611 4.82 -26.31 -19.88
C LEU E 611 5.54 -27.61 -19.69
N PHE E 612 6.60 -27.56 -18.93
CA PHE E 612 7.40 -28.71 -18.66
C PHE E 612 7.09 -29.27 -17.31
N LEU E 613 6.57 -30.47 -17.30
CA LEU E 613 6.20 -31.09 -16.06
C LEU E 613 7.17 -32.20 -15.76
N GLY E 614 7.54 -32.37 -14.51
CA GLY E 614 8.41 -33.51 -14.24
C GLY E 614 9.08 -33.50 -12.89
N LEU E 615 9.67 -34.63 -12.54
CA LEU E 615 10.38 -34.75 -11.28
C LEU E 615 11.58 -33.86 -11.29
N SER E 616 11.90 -33.30 -10.14
CA SER E 616 13.10 -32.50 -10.10
C SER E 616 14.26 -33.37 -10.50
N GLY E 617 15.21 -32.83 -11.25
CA GLY E 617 16.34 -33.62 -11.66
C GLY E 617 16.07 -34.29 -13.00
N SER E 618 14.87 -34.08 -13.53
CA SER E 618 14.54 -34.63 -14.83
C SER E 618 15.11 -33.72 -15.91
N GLY E 619 15.51 -32.50 -15.54
CA GLY E 619 16.14 -31.59 -16.48
C GLY E 619 15.23 -30.54 -17.06
N LYS E 620 14.19 -30.16 -16.35
CA LYS E 620 13.35 -29.14 -16.92
C LYS E 620 14.12 -27.85 -17.09
N THR E 621 14.75 -27.37 -16.01
CA THR E 621 15.45 -26.13 -16.12
C THR E 621 16.59 -26.33 -17.04
N GLU E 622 17.27 -27.45 -16.89
CA GLU E 622 18.41 -27.69 -17.70
C GLU E 622 18.05 -27.58 -19.17
N LEU E 623 16.92 -28.11 -19.58
CA LEU E 623 16.62 -27.97 -20.97
C LEU E 623 16.48 -26.52 -21.32
N ALA E 624 15.76 -25.75 -20.53
CA ALA E 624 15.60 -24.35 -20.90
C ALA E 624 16.95 -23.68 -21.07
N LYS E 625 17.88 -24.01 -20.20
CA LYS E 625 19.20 -23.43 -20.32
C LYS E 625 19.82 -23.84 -21.62
N LYS E 626 19.65 -25.08 -22.00
CA LYS E 626 20.32 -25.53 -23.20
C LYS E 626 19.68 -24.93 -24.42
N VAL E 627 18.41 -24.60 -24.35
CA VAL E 627 17.78 -23.97 -25.49
C VAL E 627 18.43 -22.62 -25.69
N ALA E 628 18.58 -21.87 -24.61
CA ALA E 628 19.24 -20.56 -24.71
C ALA E 628 20.69 -20.73 -25.17
N GLY E 629 21.31 -21.80 -24.74
CA GLY E 629 22.65 -22.08 -25.18
C GLY E 629 22.62 -22.21 -26.69
N PHE E 630 21.79 -23.08 -27.20
CA PHE E 630 21.68 -23.27 -28.64
C PHE E 630 21.40 -21.98 -29.37
N LEU E 631 20.40 -21.24 -28.92
CA LEU E 631 19.97 -20.06 -29.62
C LEU E 631 20.90 -18.86 -29.55
N PHE E 632 21.55 -18.65 -28.41
CA PHE E 632 22.34 -17.45 -28.23
C PHE E 632 23.79 -17.71 -27.94
N ASN E 633 24.15 -18.98 -27.76
CA ASN E 633 25.46 -19.38 -27.28
C ASN E 633 25.65 -18.73 -25.92
N ASP E 634 24.55 -18.65 -25.17
CA ASP E 634 24.57 -18.01 -23.88
C ASP E 634 23.43 -18.43 -22.97
N GLU E 635 23.69 -19.32 -22.03
CA GLU E 635 22.64 -19.81 -21.17
C GLU E 635 22.12 -18.70 -20.24
N ASP E 636 22.94 -17.67 -20.02
CA ASP E 636 22.63 -16.60 -19.10
C ASP E 636 21.76 -15.57 -19.77
N MET E 637 21.52 -15.76 -21.04
CA MET E 637 20.70 -14.87 -21.79
C MET E 637 19.25 -14.90 -21.31
N MET E 638 18.82 -16.02 -20.71
CA MET E 638 17.41 -16.17 -20.37
C MET E 638 16.84 -15.18 -19.40
N ILE E 639 15.61 -14.78 -19.65
CA ILE E 639 14.94 -13.89 -18.74
C ILE E 639 14.21 -14.72 -17.76
N ARG E 640 14.86 -14.98 -16.66
CA ARG E 640 14.27 -15.87 -15.70
C ARG E 640 13.38 -15.17 -14.72
N VAL E 641 12.29 -15.81 -14.41
CA VAL E 641 11.35 -15.38 -13.41
C VAL E 641 11.24 -16.43 -12.35
N ASP E 642 11.67 -16.07 -11.17
CA ASP E 642 11.65 -17.00 -10.08
C ASP E 642 10.27 -17.10 -9.50
N CYS E 643 9.35 -17.68 -10.28
CA CYS E 643 7.95 -17.78 -9.90
C CYS E 643 7.70 -18.42 -8.54
N SER E 644 8.61 -19.30 -8.15
CA SER E 644 8.49 -20.01 -6.87
C SER E 644 8.50 -19.07 -5.68
N GLU E 645 8.69 -17.78 -5.94
CA GLU E 645 8.72 -16.79 -4.88
C GLU E 645 7.83 -15.61 -5.20
N LEU E 646 6.56 -15.88 -5.53
CA LEU E 646 5.62 -14.81 -5.86
C LEU E 646 4.36 -14.79 -4.99
N SER E 647 3.98 -13.57 -4.62
CA SER E 647 2.75 -13.27 -3.90
C SER E 647 2.25 -11.97 -4.52
N GLU E 648 0.99 -11.96 -4.97
CA GLU E 648 0.46 -10.85 -5.78
C GLU E 648 0.82 -9.47 -5.41
N LYS E 649 0.79 -9.19 -4.13
CA LYS E 649 0.97 -7.84 -3.69
C LYS E 649 2.27 -7.25 -4.12
N TYR E 650 3.24 -8.08 -4.47
CA TYR E 650 4.48 -7.53 -4.90
C TYR E 650 4.80 -8.10 -6.25
N ALA E 651 4.36 -9.33 -6.44
CA ALA E 651 4.70 -10.10 -7.61
C ALA E 651 4.23 -9.51 -8.91
N VAL E 652 3.01 -9.02 -8.95
CA VAL E 652 2.59 -8.54 -10.24
C VAL E 652 3.43 -7.35 -10.64
N SER E 653 3.63 -6.45 -9.69
CA SER E 653 4.42 -5.28 -9.96
C SER E 653 5.88 -5.59 -10.22
N LYS E 654 6.45 -6.55 -9.52
CA LYS E 654 7.86 -6.85 -9.75
C LYS E 654 8.11 -7.25 -11.18
N LEU E 655 7.15 -7.94 -11.77
CA LEU E 655 7.34 -8.38 -13.11
C LEU E 655 6.94 -7.35 -14.15
N LEU E 656 5.91 -6.54 -13.86
CA LEU E 656 5.41 -5.56 -14.83
C LEU E 656 5.83 -4.11 -14.61
N GLY E 657 6.14 -3.74 -13.40
CA GLY E 657 6.46 -2.37 -13.07
C GLY E 657 5.33 -1.70 -12.34
N THR E 658 5.65 -0.56 -11.77
CA THR E 658 4.74 0.27 -10.99
C THR E 658 3.94 1.29 -11.77
N THR E 659 2.90 1.77 -11.11
CA THR E 659 2.08 2.86 -11.60
C THR E 659 2.72 4.19 -11.29
N ALA E 660 2.63 5.12 -12.22
CA ALA E 660 3.20 6.45 -12.02
C ALA E 660 2.83 6.96 -10.64
N GLY E 661 3.76 7.66 -10.01
CA GLY E 661 3.53 8.21 -8.69
C GLY E 661 4.17 7.36 -7.60
N TYR E 662 3.81 6.09 -7.55
CA TYR E 662 4.35 5.19 -6.54
C TYR E 662 5.87 5.17 -6.59
N VAL E 663 6.48 5.22 -5.41
CA VAL E 663 7.93 5.21 -5.31
C VAL E 663 8.50 4.00 -6.03
N GLY E 664 9.48 4.24 -6.88
CA GLY E 664 10.11 3.17 -7.64
C GLY E 664 9.60 3.10 -9.07
N TYR E 665 10.41 3.57 -10.00
CA TYR E 665 10.02 3.54 -11.41
C TYR E 665 10.97 2.68 -12.25
N ASP E 666 11.44 1.61 -11.62
CA ASP E 666 12.32 0.63 -12.24
C ASP E 666 11.40 -0.36 -12.92
N GLU E 667 10.76 0.20 -13.92
CA GLU E 667 9.67 -0.41 -14.57
C GLU E 667 10.05 -1.70 -15.18
N GLY E 668 9.22 -2.67 -14.94
CA GLY E 668 9.41 -3.92 -15.56
C GLY E 668 10.34 -4.85 -14.91
N GLY E 669 10.84 -4.52 -13.70
CA GLY E 669 11.76 -5.37 -12.96
C GLY E 669 12.33 -6.48 -13.81
N PHE E 670 11.54 -7.53 -14.06
CA PHE E 670 12.02 -8.57 -14.95
C PHE E 670 11.34 -8.69 -16.30
N LEU E 671 10.02 -8.78 -16.38
CA LEU E 671 9.52 -9.11 -17.68
C LEU E 671 9.43 -7.97 -18.62
N THR E 672 8.82 -6.88 -18.22
CA THR E 672 8.71 -5.91 -19.29
C THR E 672 10.06 -5.23 -19.47
N ASN E 673 10.88 -5.23 -18.44
CA ASN E 673 12.16 -4.63 -18.60
C ASN E 673 12.99 -5.39 -19.59
N GLN E 674 13.10 -6.68 -19.42
CA GLN E 674 13.95 -7.40 -20.32
C GLN E 674 13.34 -7.57 -21.69
N LEU E 675 12.04 -7.69 -21.80
CA LEU E 675 11.43 -7.86 -23.11
C LEU E 675 11.69 -6.68 -24.01
N GLN E 676 11.76 -5.48 -23.46
CA GLN E 676 12.04 -4.33 -24.29
C GLN E 676 13.43 -4.36 -24.92
N TYR E 677 14.34 -5.17 -24.38
CA TYR E 677 15.69 -5.19 -24.93
C TYR E 677 16.05 -6.50 -25.63
N LYS E 678 15.42 -7.60 -25.23
CA LYS E 678 15.72 -8.88 -25.85
C LYS E 678 14.45 -9.61 -26.27
N PRO E 679 13.72 -9.11 -27.26
CA PRO E 679 12.39 -9.57 -27.62
C PRO E 679 12.28 -10.99 -28.16
N TYR E 680 13.39 -11.60 -28.54
CA TYR E 680 13.37 -12.97 -29.06
C TYR E 680 14.08 -13.93 -28.14
N SER E 681 14.27 -13.51 -26.91
CA SER E 681 14.86 -14.33 -25.88
C SER E 681 13.89 -15.34 -25.33
N VAL E 682 14.37 -16.19 -24.45
CA VAL E 682 13.52 -17.17 -23.83
C VAL E 682 13.13 -16.70 -22.45
N LEU E 683 11.85 -16.79 -22.12
CA LEU E 683 11.40 -16.44 -20.79
C LEU E 683 11.34 -17.73 -20.04
N LEU E 684 11.75 -17.72 -18.80
CA LEU E 684 11.71 -18.95 -18.03
C LEU E 684 11.06 -18.79 -16.70
N PHE E 685 10.02 -19.55 -16.47
CA PHE E 685 9.28 -19.46 -15.22
C PHE E 685 9.56 -20.67 -14.33
N ASP E 686 10.32 -20.45 -13.26
CA ASP E 686 10.71 -21.56 -12.41
C ASP E 686 9.62 -21.89 -11.41
N GLU E 687 9.07 -23.10 -11.49
CA GLU E 687 7.98 -23.51 -10.61
C GLU E 687 6.80 -22.57 -10.75
N VAL E 688 6.31 -22.50 -11.96
CA VAL E 688 5.24 -21.59 -12.29
C VAL E 688 3.98 -21.86 -11.48
N GLU E 689 3.78 -23.09 -11.05
CA GLU E 689 2.59 -23.42 -10.26
C GLU E 689 2.57 -22.73 -8.91
N LYS E 690 3.71 -22.24 -8.47
CA LYS E 690 3.73 -21.56 -7.20
C LYS E 690 3.49 -20.09 -7.38
N ALA E 691 3.36 -19.66 -8.62
CA ALA E 691 3.12 -18.27 -8.81
C ALA E 691 1.79 -17.95 -8.22
N HIS E 692 1.65 -16.79 -7.66
CA HIS E 692 0.34 -16.41 -7.16
C HIS E 692 -0.61 -16.37 -8.36
N PRO E 693 -1.87 -16.81 -8.23
CA PRO E 693 -2.88 -16.76 -9.28
C PRO E 693 -3.01 -15.43 -10.01
N ASP E 694 -2.74 -14.33 -9.35
CA ASP E 694 -2.87 -13.07 -10.05
C ASP E 694 -1.72 -12.84 -11.01
N VAL E 695 -0.63 -13.53 -10.76
CA VAL E 695 0.50 -13.39 -11.65
C VAL E 695 0.25 -14.34 -12.78
N LEU E 696 -0.30 -15.52 -12.45
CA LEU E 696 -0.57 -16.49 -13.51
C LEU E 696 -1.49 -15.84 -14.50
N THR E 697 -2.40 -15.03 -14.01
CA THR E 697 -3.30 -14.29 -14.86
C THR E 697 -2.52 -13.44 -15.83
N VAL E 698 -1.50 -12.73 -15.34
CA VAL E 698 -0.69 -11.93 -16.24
C VAL E 698 -0.07 -12.83 -17.28
N MET E 699 0.43 -13.96 -16.81
CA MET E 699 1.05 -14.91 -17.71
C MET E 699 0.05 -15.39 -18.74
N LEU E 700 -1.21 -15.58 -18.37
CA LEU E 700 -2.17 -16.00 -19.37
C LEU E 700 -2.10 -15.02 -20.52
N GLN E 701 -2.13 -13.73 -20.21
CA GLN E 701 -2.06 -12.76 -21.30
C GLN E 701 -0.82 -12.97 -22.13
N MET E 702 0.29 -13.23 -21.47
CA MET E 702 1.55 -13.46 -22.16
C MET E 702 1.38 -14.57 -23.18
N LEU E 703 0.69 -15.61 -22.78
CA LEU E 703 0.46 -16.77 -23.59
C LEU E 703 -0.69 -16.59 -24.58
N ASP E 704 -1.35 -15.44 -24.54
CA ASP E 704 -2.54 -15.18 -25.34
C ASP E 704 -2.54 -13.76 -25.81
N ASP E 705 -2.15 -13.55 -27.05
CA ASP E 705 -1.98 -12.23 -27.65
C ASP E 705 -0.57 -11.74 -27.33
N GLY E 706 -0.13 -11.85 -26.09
CA GLY E 706 1.23 -11.49 -25.77
C GLY E 706 1.46 -10.01 -25.58
N ARG E 707 0.41 -9.22 -25.72
CA ARG E 707 0.59 -7.80 -25.61
C ARG E 707 0.53 -7.36 -24.16
N ILE E 708 1.58 -7.73 -23.45
CA ILE E 708 1.77 -7.48 -22.03
C ILE E 708 1.86 -6.02 -21.77
N THR E 709 1.18 -5.54 -20.73
CA THR E 709 1.29 -4.13 -20.48
C THR E 709 2.12 -3.87 -19.26
N SER E 710 2.81 -2.75 -19.30
CA SER E 710 3.68 -2.37 -18.21
C SER E 710 3.00 -1.51 -17.19
N GLY E 711 3.67 -1.31 -16.07
CA GLY E 711 3.18 -0.44 -15.03
C GLY E 711 2.90 0.99 -15.50
N GLN E 712 3.69 1.49 -16.45
CA GLN E 712 3.50 2.85 -16.96
C GLN E 712 2.51 2.88 -18.13
N GLY E 713 1.84 1.74 -18.41
CA GLY E 713 0.84 1.64 -19.46
C GLY E 713 1.35 1.32 -20.87
N LYS E 714 2.55 0.81 -21.01
CA LYS E 714 3.08 0.51 -22.33
C LYS E 714 2.76 -0.88 -22.76
N THR E 715 2.57 -1.08 -24.06
CA THR E 715 2.41 -2.43 -24.54
C THR E 715 3.79 -2.95 -24.87
N ILE E 716 4.08 -4.15 -24.44
CA ILE E 716 5.36 -4.76 -24.63
C ILE E 716 5.43 -5.70 -25.83
N ASP E 717 4.44 -6.57 -25.99
CA ASP E 717 4.43 -7.50 -27.12
C ASP E 717 5.51 -8.55 -27.11
N CYS E 718 5.24 -9.63 -26.40
CA CYS E 718 6.19 -10.71 -26.28
C CYS E 718 5.91 -11.79 -27.30
N SER E 719 5.18 -11.49 -28.37
CA SER E 719 4.86 -12.57 -29.29
C SER E 719 6.06 -13.10 -30.04
N ASN E 720 7.17 -12.36 -30.03
CA ASN E 720 8.33 -12.82 -30.75
C ASN E 720 9.27 -13.64 -29.88
N CYS E 721 8.88 -13.87 -28.62
CA CYS E 721 9.74 -14.61 -27.70
C CYS E 721 9.32 -16.07 -27.57
N ILE E 722 10.10 -16.81 -26.80
CA ILE E 722 9.77 -18.20 -26.46
C ILE E 722 9.52 -18.30 -24.98
N VAL E 723 8.44 -18.94 -24.57
CA VAL E 723 8.16 -19.09 -23.16
C VAL E 723 8.20 -20.50 -22.64
N ILE E 724 9.02 -20.72 -21.64
CA ILE E 724 9.07 -22.01 -21.01
C ILE E 724 8.68 -21.91 -19.57
N MET E 725 7.71 -22.70 -19.19
CA MET E 725 7.30 -22.73 -17.82
C MET E 725 7.59 -24.09 -17.30
N THR E 726 7.94 -24.16 -16.05
CA THR E 726 8.20 -25.43 -15.43
C THR E 726 7.34 -25.67 -14.23
N SER E 727 7.09 -26.93 -13.95
CA SER E 727 6.32 -27.38 -12.78
C SER E 727 6.62 -28.80 -12.38
N ASN E 728 6.43 -29.09 -11.11
CA ASN E 728 6.63 -30.45 -10.66
C ASN E 728 5.38 -31.03 -10.01
N LEU E 729 4.21 -30.51 -10.36
CA LEU E 729 2.99 -31.02 -9.75
C LEU E 729 2.84 -32.50 -10.03
N GLY E 730 3.26 -32.89 -11.21
CA GLY E 730 3.14 -34.25 -11.67
C GLY E 730 4.05 -35.22 -10.96
N ALA E 731 4.90 -34.72 -10.08
CA ALA E 731 5.79 -35.58 -9.36
C ALA E 731 5.04 -36.68 -8.68
N GLU E 732 3.83 -36.36 -8.23
CA GLU E 732 3.02 -37.31 -7.53
C GLU E 732 2.73 -38.58 -8.31
N PHE E 733 2.65 -38.47 -9.61
CA PHE E 733 2.27 -39.63 -10.38
C PHE E 733 3.47 -40.18 -11.11
N ILE E 734 4.45 -39.35 -11.33
CA ILE E 734 5.63 -39.83 -12.00
C ILE E 734 6.28 -40.84 -11.08
N ASN E 735 6.21 -40.53 -9.79
CA ASN E 735 6.73 -41.38 -8.72
C ASN E 735 5.97 -42.70 -8.58
N SER E 736 5.02 -42.99 -9.48
CA SER E 736 4.34 -44.27 -9.59
C SER E 736 5.30 -45.35 -10.02
N GLN E 737 6.45 -44.91 -10.51
CA GLN E 737 7.53 -45.73 -10.99
C GLN E 737 7.10 -46.60 -12.15
N GLN E 738 6.17 -46.11 -12.95
CA GLN E 738 5.78 -46.89 -14.07
C GLN E 738 6.77 -46.78 -15.22
N GLY E 739 7.85 -47.52 -15.06
CA GLY E 739 8.96 -47.60 -16.01
C GLY E 739 9.81 -46.34 -16.15
N SER E 740 9.88 -45.85 -17.38
CA SER E 740 10.67 -44.68 -17.76
C SER E 740 9.80 -43.64 -18.43
N LYS E 741 9.49 -43.88 -19.68
CA LYS E 741 8.65 -42.97 -20.43
C LYS E 741 7.34 -42.80 -19.71
N ILE E 742 6.84 -41.58 -19.67
CA ILE E 742 5.56 -41.37 -19.01
C ILE E 742 4.51 -42.20 -19.69
N GLN E 743 3.75 -42.91 -18.89
CA GLN E 743 2.74 -43.81 -19.36
C GLN E 743 1.34 -43.26 -19.44
N GLU E 744 0.50 -44.02 -20.09
CA GLU E 744 -0.90 -43.69 -20.17
C GLU E 744 -1.40 -43.68 -18.76
N SER E 745 -2.46 -42.94 -18.51
CA SER E 745 -3.05 -42.77 -17.18
C SER E 745 -2.17 -41.88 -16.32
N THR E 746 -0.90 -42.23 -16.15
CA THR E 746 0.01 -41.41 -15.39
C THR E 746 -0.05 -40.00 -15.91
N LYS E 747 0.06 -39.87 -17.22
CA LYS E 747 0.02 -38.55 -17.82
C LYS E 747 -1.29 -37.81 -17.54
N ASN E 748 -2.37 -38.54 -17.29
CA ASN E 748 -3.64 -37.90 -17.09
C ASN E 748 -3.72 -37.46 -15.67
N LEU E 749 -3.12 -38.24 -14.79
CA LEU E 749 -3.12 -37.93 -13.38
C LEU E 749 -2.29 -36.69 -13.21
N VAL E 750 -1.22 -36.60 -13.98
CA VAL E 750 -0.41 -35.42 -13.95
C VAL E 750 -1.23 -34.27 -14.41
N MET E 751 -1.91 -34.43 -15.52
CA MET E 751 -2.72 -33.34 -15.96
C MET E 751 -3.84 -33.06 -15.01
N GLY E 752 -4.31 -34.05 -14.30
CA GLY E 752 -5.36 -33.82 -13.34
C GLY E 752 -4.87 -32.76 -12.38
N ALA E 753 -3.70 -32.99 -11.79
CA ALA E 753 -3.17 -32.03 -10.84
C ALA E 753 -3.01 -30.68 -11.48
N VAL E 754 -2.57 -30.67 -12.71
CA VAL E 754 -2.38 -29.41 -13.37
C VAL E 754 -3.70 -28.69 -13.53
N ARG E 755 -4.72 -29.40 -13.97
CA ARG E 755 -6.04 -28.85 -14.21
C ARG E 755 -6.70 -28.38 -12.93
N GLN E 756 -6.43 -29.08 -11.85
CA GLN E 756 -6.98 -28.69 -10.57
C GLN E 756 -6.32 -27.42 -10.07
N HIS E 757 -5.02 -27.32 -10.33
CA HIS E 757 -4.23 -26.22 -9.85
C HIS E 757 -4.36 -24.93 -10.67
N PHE E 758 -4.28 -25.05 -11.99
CA PHE E 758 -4.33 -23.88 -12.87
C PHE E 758 -5.69 -23.87 -13.52
N ARG E 759 -6.23 -22.71 -13.78
CA ARG E 759 -7.51 -22.75 -14.47
C ARG E 759 -7.29 -23.10 -15.95
N PRO E 760 -8.20 -23.85 -16.60
CA PRO E 760 -8.15 -24.24 -18.00
C PRO E 760 -7.86 -23.13 -18.97
N GLU E 761 -8.30 -21.92 -18.71
CA GLU E 761 -8.02 -20.84 -19.66
C GLU E 761 -6.53 -20.59 -19.80
N PHE E 762 -5.79 -20.92 -18.76
CA PHE E 762 -4.36 -20.75 -18.74
C PHE E 762 -3.79 -21.91 -19.49
N LEU E 763 -4.25 -23.07 -19.10
CA LEU E 763 -3.69 -24.29 -19.63
C LEU E 763 -3.90 -24.43 -21.12
N ASN E 764 -5.01 -23.94 -21.62
CA ASN E 764 -5.32 -24.09 -23.01
C ASN E 764 -4.66 -23.04 -23.88
N ARG E 765 -3.81 -22.22 -23.27
CA ARG E 765 -3.03 -21.25 -23.99
C ARG E 765 -1.58 -21.70 -24.09
N ILE E 766 -1.30 -22.89 -23.60
CA ILE E 766 0.03 -23.45 -23.68
C ILE E 766 0.15 -24.14 -25.03
N SER E 767 1.23 -23.92 -25.78
CA SER E 767 1.31 -24.52 -27.10
C SER E 767 1.33 -26.02 -26.93
N SER E 768 2.13 -26.46 -25.96
CA SER E 768 2.22 -27.87 -25.63
C SER E 768 2.63 -28.13 -24.20
N ILE E 769 2.23 -29.28 -23.70
CA ILE E 769 2.62 -29.70 -22.38
C ILE E 769 3.43 -30.95 -22.51
N VAL E 770 4.61 -30.93 -21.94
CA VAL E 770 5.48 -32.07 -22.02
C VAL E 770 5.80 -32.57 -20.65
N ILE E 771 5.62 -33.85 -20.46
CA ILE E 771 5.95 -34.40 -19.18
C ILE E 771 7.25 -35.16 -19.39
N PHE E 772 8.25 -34.81 -18.62
CA PHE E 772 9.56 -35.40 -18.74
C PHE E 772 9.55 -36.81 -18.24
N ASN E 773 10.42 -37.62 -18.78
CA ASN E 773 10.50 -39.03 -18.45
C ASN E 773 11.42 -39.27 -17.28
N LYS E 774 11.29 -40.43 -16.63
CA LYS E 774 12.24 -40.75 -15.60
C LYS E 774 13.56 -41.08 -16.26
N LEU E 775 14.66 -40.76 -15.60
CA LEU E 775 15.97 -41.03 -16.20
C LEU E 775 16.45 -42.43 -15.93
N SER E 776 16.04 -43.35 -16.79
CA SER E 776 16.35 -44.75 -16.62
C SER E 776 17.83 -44.97 -16.67
N ARG E 777 18.28 -46.13 -16.22
CA ARG E 777 19.71 -46.44 -16.18
C ARG E 777 20.41 -46.11 -17.49
N LYS E 778 19.77 -46.36 -18.62
CA LYS E 778 20.41 -46.04 -19.89
C LYS E 778 20.84 -44.58 -19.91
N ALA E 779 19.90 -43.72 -19.51
CA ALA E 779 20.14 -42.30 -19.52
C ALA E 779 21.25 -41.98 -18.58
N ILE E 780 21.24 -42.66 -17.46
CA ILE E 780 22.21 -42.38 -16.45
C ILE E 780 23.60 -42.60 -16.97
N HIS E 781 23.82 -43.65 -17.74
CA HIS E 781 25.15 -43.82 -18.24
C HIS E 781 25.60 -42.66 -19.11
N LYS E 782 24.71 -42.21 -19.99
CA LYS E 782 25.11 -41.12 -20.86
C LYS E 782 25.30 -39.84 -20.06
N ILE E 783 24.45 -39.64 -19.06
CA ILE E 783 24.53 -38.46 -18.25
C ILE E 783 25.84 -38.40 -17.54
N VAL E 784 26.29 -39.54 -17.02
CA VAL E 784 27.57 -39.54 -16.35
C VAL E 784 28.68 -39.06 -17.25
N ASP E 785 28.70 -39.55 -18.49
CA ASP E 785 29.75 -39.07 -19.39
C ASP E 785 29.70 -37.57 -19.51
N ILE E 786 28.50 -37.03 -19.63
CA ILE E 786 28.37 -35.61 -19.81
C ILE E 786 28.85 -34.86 -18.60
N ARG E 787 28.43 -35.30 -17.43
CA ARG E 787 28.82 -34.57 -16.25
C ARG E 787 30.31 -34.54 -16.07
N LEU E 788 30.98 -35.63 -16.35
CA LEU E 788 32.40 -35.60 -16.12
C LEU E 788 33.05 -34.60 -17.05
N LYS E 789 32.58 -34.52 -18.29
CA LYS E 789 33.17 -33.57 -19.23
C LYS E 789 32.93 -32.16 -18.74
N GLU E 790 31.77 -31.90 -18.18
CA GLU E 790 31.45 -30.58 -17.66
C GLU E 790 32.39 -30.20 -16.56
N ILE E 791 32.80 -31.17 -15.76
CA ILE E 791 33.69 -30.81 -14.69
C ILE E 791 34.95 -30.25 -15.29
N GLU E 792 35.44 -30.88 -16.35
CA GLU E 792 36.64 -30.33 -16.94
C GLU E 792 36.39 -28.97 -17.54
N GLU E 793 35.25 -28.82 -18.20
CA GLU E 793 34.94 -27.56 -18.88
C GLU E 793 34.97 -26.38 -17.96
N ARG E 794 34.41 -26.55 -16.79
CA ARG E 794 34.34 -25.43 -15.89
C ARG E 794 35.62 -25.11 -15.16
N PHE E 795 36.68 -25.87 -15.34
CA PHE E 795 37.85 -25.49 -14.61
C PHE E 795 38.51 -24.24 -15.16
N GLU E 796 39.01 -23.43 -14.25
CA GLU E 796 39.80 -22.25 -14.57
C GLU E 796 41.26 -22.67 -14.60
N GLN E 797 41.55 -23.64 -13.75
CA GLN E 797 42.89 -24.12 -13.51
C GLN E 797 43.23 -25.11 -14.55
N ASN E 798 43.49 -24.63 -15.76
CA ASN E 798 43.58 -25.52 -16.91
C ASN E 798 44.83 -26.35 -17.05
N ASP E 799 45.15 -27.07 -16.00
CA ASP E 799 46.13 -28.11 -15.99
C ASP E 799 45.21 -29.28 -15.85
N LYS E 800 44.14 -29.00 -15.10
CA LYS E 800 43.21 -30.01 -14.66
C LYS E 800 42.53 -30.67 -15.80
N HIS E 801 42.40 -31.97 -15.67
CA HIS E 801 41.73 -32.80 -16.63
C HIS E 801 41.66 -34.18 -16.08
N TYR E 802 40.76 -34.97 -16.61
CA TYR E 802 40.71 -36.33 -16.21
C TYR E 802 41.33 -37.27 -17.18
N LYS E 803 41.86 -38.31 -16.60
CA LYS E 803 42.28 -39.49 -17.31
C LYS E 803 41.13 -40.36 -16.96
N LEU E 804 40.70 -40.14 -15.72
CA LEU E 804 39.59 -40.77 -15.01
C LEU E 804 39.89 -42.23 -14.75
N ASN E 805 40.11 -42.97 -15.84
CA ASN E 805 40.35 -44.40 -15.83
C ASN E 805 39.03 -44.95 -15.40
N LEU E 806 38.92 -46.24 -15.24
CA LEU E 806 37.67 -46.77 -14.78
C LEU E 806 36.51 -46.27 -15.63
N THR E 807 36.69 -46.21 -16.94
CA THR E 807 35.63 -45.62 -17.74
C THR E 807 34.40 -46.47 -17.77
N GLN E 808 34.49 -47.69 -17.28
CA GLN E 808 33.31 -48.50 -17.23
C GLN E 808 33.00 -48.63 -15.76
N GLU E 809 34.06 -48.75 -14.95
CA GLU E 809 33.94 -48.98 -13.52
C GLU E 809 33.45 -47.78 -12.71
N ALA E 810 34.06 -46.62 -12.91
CA ALA E 810 33.68 -45.40 -12.21
C ALA E 810 32.37 -45.03 -12.75
N LYS E 811 32.28 -45.22 -14.05
CA LYS E 811 31.07 -44.90 -14.70
C LYS E 811 29.96 -45.74 -14.12
N ASP E 812 30.20 -47.03 -13.94
CA ASP E 812 29.19 -47.88 -13.37
C ASP E 812 28.93 -47.48 -11.96
N PHE E 813 29.97 -47.17 -11.19
CA PHE E 813 29.74 -46.80 -9.82
C PHE E 813 28.81 -45.61 -9.77
N LEU E 814 29.13 -44.57 -10.52
CA LEU E 814 28.29 -43.41 -10.46
C LEU E 814 26.92 -43.73 -10.96
N ALA E 815 26.85 -44.49 -12.03
CA ALA E 815 25.58 -44.82 -12.60
C ALA E 815 24.73 -45.66 -11.67
N LYS E 816 25.37 -46.53 -10.93
CA LYS E 816 24.71 -47.43 -10.01
C LYS E 816 24.23 -46.69 -8.79
N TYR E 817 25.13 -45.98 -8.15
CA TYR E 817 24.80 -45.30 -6.93
C TYR E 817 23.95 -44.09 -7.19
N GLY E 818 24.07 -43.52 -8.37
CA GLY E 818 23.32 -42.35 -8.71
C GLY E 818 21.97 -42.68 -9.30
N TYR E 819 21.59 -43.95 -9.33
CA TYR E 819 20.34 -44.31 -9.98
C TYR E 819 19.18 -44.07 -9.05
N SER E 820 18.96 -42.82 -8.73
CA SER E 820 17.91 -42.52 -7.81
C SER E 820 16.68 -42.33 -8.61
N ASP E 821 15.94 -43.40 -8.71
CA ASP E 821 14.78 -43.44 -9.56
C ASP E 821 13.87 -42.21 -9.43
N ASP E 822 13.71 -41.70 -8.22
CA ASP E 822 12.76 -40.62 -8.02
C ASP E 822 13.36 -39.23 -7.74
N MET E 823 14.69 -39.06 -7.90
CA MET E 823 15.29 -37.74 -7.64
C MET E 823 16.01 -37.16 -8.86
N GLY E 824 15.92 -37.88 -9.96
CA GLY E 824 16.54 -37.47 -11.22
C GLY E 824 18.05 -37.54 -11.20
N ALA E 825 18.69 -36.74 -12.05
CA ALA E 825 20.15 -36.76 -12.21
C ALA E 825 20.85 -35.96 -11.13
N ARG E 826 20.07 -35.24 -10.33
CA ARG E 826 20.67 -34.46 -9.27
C ARG E 826 21.75 -35.29 -8.59
N PRO E 827 21.36 -36.45 -8.05
CA PRO E 827 22.27 -37.29 -7.31
C PRO E 827 23.61 -37.53 -7.99
N LEU E 828 23.68 -37.44 -9.30
CA LEU E 828 24.96 -37.68 -9.92
C LEU E 828 25.86 -36.54 -9.58
N ASN E 829 25.30 -35.35 -9.54
CA ASN E 829 26.14 -34.22 -9.21
C ASN E 829 26.68 -34.45 -7.82
N ARG E 830 25.80 -34.91 -6.96
CA ARG E 830 26.20 -35.16 -5.60
C ARG E 830 27.30 -36.19 -5.52
N LEU E 831 27.15 -37.29 -6.24
CA LEU E 831 28.16 -38.31 -6.18
C LEU E 831 29.49 -37.85 -6.67
N ILE E 832 29.50 -37.06 -7.72
CA ILE E 832 30.78 -36.61 -8.18
C ILE E 832 31.45 -35.84 -7.08
N GLN E 833 30.73 -34.96 -6.40
CA GLN E 833 31.41 -34.30 -5.32
C GLN E 833 31.81 -35.27 -4.21
N ASN E 834 30.92 -36.19 -3.84
CA ASN E 834 31.23 -37.07 -2.74
C ASN E 834 32.39 -38.01 -2.99
N GLU E 835 32.52 -38.46 -4.21
CA GLU E 835 33.57 -39.40 -4.51
C GLU E 835 34.79 -38.82 -5.17
N ILE E 836 34.62 -37.85 -6.03
CA ILE E 836 35.75 -37.37 -6.78
C ILE E 836 36.25 -36.02 -6.32
N LEU E 837 35.39 -35.03 -6.28
CA LEU E 837 35.94 -33.71 -6.04
C LEU E 837 36.29 -33.44 -4.60
N ASN E 838 35.55 -33.97 -3.64
CA ASN E 838 35.93 -33.67 -2.27
C ASN E 838 37.33 -34.19 -2.02
N LYS E 839 37.61 -35.36 -2.57
CA LYS E 839 38.90 -35.96 -2.37
C LYS E 839 39.92 -35.16 -3.14
N LEU E 840 39.55 -34.73 -4.33
CA LEU E 840 40.46 -33.98 -5.13
C LEU E 840 40.87 -32.75 -4.39
N ALA E 841 39.95 -32.08 -3.72
CA ALA E 841 40.32 -30.87 -3.02
C ALA E 841 41.42 -31.17 -2.03
N LEU E 842 41.33 -32.29 -1.32
CA LEU E 842 42.42 -32.62 -0.42
C LEU E 842 43.69 -32.89 -1.18
N ARG E 843 43.57 -33.56 -2.31
CA ARG E 843 44.76 -33.87 -3.07
C ARG E 843 45.38 -32.58 -3.61
N ILE E 844 44.56 -31.60 -3.90
CA ILE E 844 45.11 -30.34 -4.36
C ILE E 844 45.81 -29.63 -3.23
N LEU E 845 45.14 -29.55 -2.10
CA LEU E 845 45.67 -28.82 -0.97
C LEU E 845 46.94 -29.41 -0.43
N LYS E 846 47.06 -30.73 -0.48
CA LYS E 846 48.27 -31.38 -0.01
C LYS E 846 49.33 -31.45 -1.10
N ASN E 847 49.02 -30.84 -2.24
CA ASN E 847 49.90 -30.80 -3.38
C ASN E 847 50.24 -32.20 -3.83
N GLU E 848 49.23 -33.05 -3.98
CA GLU E 848 49.39 -34.42 -4.44
C GLU E 848 48.96 -34.57 -5.89
N ILE E 849 48.01 -33.75 -6.32
CA ILE E 849 47.56 -33.79 -7.72
C ILE E 849 47.43 -32.42 -8.37
N LYS E 850 48.30 -32.09 -9.31
CA LYS E 850 48.14 -30.86 -10.08
C LYS E 850 47.19 -31.12 -11.24
N ASP E 851 47.42 -32.22 -11.96
CA ASP E 851 46.63 -32.62 -13.14
C ASP E 851 46.66 -34.15 -13.33
N LYS E 852 46.26 -34.64 -14.50
CA LYS E 852 46.25 -36.09 -14.76
C LYS E 852 45.43 -36.81 -13.70
N GLU E 853 44.19 -36.39 -13.55
CA GLU E 853 43.35 -36.90 -12.49
C GLU E 853 42.85 -38.30 -12.78
N THR E 854 43.11 -39.20 -11.83
CA THR E 854 42.74 -40.58 -11.98
C THR E 854 41.98 -41.10 -10.78
N VAL E 855 40.91 -41.83 -11.06
CA VAL E 855 40.07 -42.43 -10.07
C VAL E 855 40.33 -43.92 -10.06
N ASN E 856 40.43 -44.52 -8.89
CA ASN E 856 40.67 -45.94 -8.75
C ASN E 856 39.60 -46.55 -7.84
N VAL E 857 38.79 -47.44 -8.40
CA VAL E 857 37.65 -48.00 -7.69
C VAL E 857 38.08 -48.72 -6.43
N VAL E 858 37.31 -48.57 -5.38
CA VAL E 858 37.57 -49.19 -4.10
C VAL E 858 36.45 -50.15 -3.77
N LEU E 859 36.82 -51.32 -3.33
CA LEU E 859 35.83 -52.33 -3.08
C LEU E 859 35.51 -52.42 -1.60
N GLU E 874 32.92 -48.22 -3.69
CA GLU E 874 33.44 -46.91 -3.35
C GLU E 874 34.54 -46.57 -4.34
N GLU E 875 35.17 -45.41 -4.21
CA GLU E 875 36.29 -45.09 -5.11
C GLU E 875 37.21 -44.06 -4.52
N CYS E 876 38.41 -43.94 -5.08
CA CYS E 876 39.39 -43.00 -4.59
C CYS E 876 40.23 -42.36 -5.65
N LEU E 877 41.01 -41.36 -5.27
CA LEU E 877 41.91 -40.77 -6.23
C LEU E 877 43.32 -41.26 -6.06
N GLU E 878 43.98 -41.43 -7.20
CA GLU E 878 45.38 -41.78 -7.22
C GLU E 878 46.14 -40.49 -7.13
N VAL E 879 47.40 -40.53 -6.76
CA VAL E 879 48.16 -39.31 -6.64
C VAL E 879 49.41 -39.31 -7.42
N LEU E 880 50.03 -38.15 -7.46
CA LEU E 880 51.31 -38.00 -8.08
C LEU E 880 52.23 -37.77 -6.88
N PRO E 881 52.72 -38.88 -6.27
CA PRO E 881 53.35 -38.96 -4.95
C PRO E 881 54.58 -38.09 -4.80
N ASN E 882 55.05 -37.55 -5.92
CA ASN E 882 56.17 -36.64 -5.98
C ASN E 882 55.70 -35.22 -5.72
N HIS E 883 54.43 -35.13 -5.33
CA HIS E 883 53.76 -33.89 -5.01
C HIS E 883 53.63 -32.98 -6.22
N GLU E 884 53.15 -33.59 -7.29
CA GLU E 884 52.88 -32.90 -8.53
C GLU E 884 51.40 -32.73 -8.69
N GLU F 165 -12.25 52.77 -13.45
CA GLU F 165 -13.12 51.64 -13.76
C GLU F 165 -12.44 50.53 -14.53
N TYR F 166 -11.71 49.66 -13.84
CA TYR F 166 -11.11 48.50 -14.47
C TYR F 166 -12.23 47.67 -15.06
N LEU F 167 -13.35 47.61 -14.38
CA LEU F 167 -14.48 46.85 -14.86
C LEU F 167 -14.92 47.30 -16.26
N SER F 168 -14.58 48.53 -16.69
CA SER F 168 -15.01 48.96 -18.02
C SER F 168 -14.24 48.22 -19.10
N LYS F 169 -13.16 47.56 -18.71
CA LYS F 169 -12.32 46.80 -19.59
C LYS F 169 -12.49 45.31 -19.32
N TYR F 170 -12.80 44.97 -18.08
CA TYR F 170 -12.82 43.56 -17.71
C TYR F 170 -14.18 42.96 -17.35
N ALA F 171 -15.23 43.74 -17.18
CA ALA F 171 -16.51 43.17 -16.81
C ALA F 171 -17.49 43.30 -17.97
N ILE F 172 -18.06 42.19 -18.41
CA ILE F 172 -18.97 42.25 -19.54
C ILE F 172 -20.38 42.25 -19.06
N ASP F 173 -21.12 43.31 -19.39
CA ASP F 173 -22.45 43.42 -18.84
C ASP F 173 -23.38 42.53 -19.62
N MET F 174 -23.51 41.29 -19.15
CA MET F 174 -24.29 40.29 -19.85
C MET F 174 -25.72 40.74 -19.85
N THR F 175 -26.12 41.39 -18.78
CA THR F 175 -27.47 41.91 -18.67
C THR F 175 -27.76 42.91 -19.79
N GLU F 176 -26.87 43.86 -19.99
CA GLU F 176 -27.10 44.84 -21.03
C GLU F 176 -27.03 44.19 -22.41
N GLN F 177 -26.15 43.22 -22.57
CA GLN F 177 -26.08 42.56 -23.86
C GLN F 177 -27.43 41.91 -24.14
N ALA F 178 -28.07 41.36 -23.09
CA ALA F 178 -29.39 40.78 -23.29
C ALA F 178 -30.39 41.88 -23.67
N ARG F 179 -30.29 43.04 -23.02
CA ARG F 179 -31.22 44.15 -23.24
C ARG F 179 -31.24 44.55 -24.68
N GLN F 180 -30.06 44.56 -25.28
CA GLN F 180 -29.88 44.97 -26.64
C GLN F 180 -30.09 43.85 -27.66
N GLY F 181 -30.44 42.65 -27.20
CA GLY F 181 -30.68 41.52 -28.09
C GLY F 181 -29.40 40.89 -28.63
N LYS F 182 -28.30 40.99 -27.89
CA LYS F 182 -27.04 40.45 -28.37
C LYS F 182 -26.87 38.98 -28.03
N LEU F 183 -27.70 38.48 -27.12
CA LEU F 183 -27.60 37.11 -26.62
C LEU F 183 -28.78 36.26 -27.13
N ASP F 184 -28.56 34.96 -27.37
CA ASP F 184 -29.64 34.09 -27.89
C ASP F 184 -30.67 33.61 -26.84
N PRO F 185 -31.93 33.38 -27.25
CA PRO F 185 -32.94 32.65 -26.50
C PRO F 185 -32.45 31.22 -26.31
N VAL F 186 -32.81 30.57 -25.21
CA VAL F 186 -32.30 29.23 -24.96
C VAL F 186 -33.31 28.14 -24.59
N ILE F 187 -33.61 27.27 -25.56
CA ILE F 187 -34.47 26.05 -25.57
C ILE F 187 -35.45 25.64 -24.43
N GLY F 188 -35.81 26.53 -23.49
CA GLY F 188 -36.66 26.15 -22.37
C GLY F 188 -35.81 25.78 -21.15
N ARG F 189 -34.52 26.11 -21.26
CA ARG F 189 -33.48 25.88 -20.25
C ARG F 189 -33.77 26.61 -18.96
N GLU F 190 -34.69 27.57 -19.06
CA GLU F 190 -35.11 28.39 -17.96
C GLU F 190 -35.40 27.61 -16.70
N GLU F 191 -35.90 26.40 -16.81
CA GLU F 191 -36.16 25.70 -15.57
C GLU F 191 -34.91 25.66 -14.69
N GLU F 192 -33.76 25.37 -15.30
CA GLU F 192 -32.53 25.28 -14.56
C GLU F 192 -32.10 26.68 -14.10
N ILE F 193 -32.39 27.67 -14.94
CA ILE F 193 -32.07 29.03 -14.57
C ILE F 193 -32.79 29.43 -13.32
N ARG F 194 -34.05 29.05 -13.22
CA ARG F 194 -34.77 29.40 -12.03
C ARG F 194 -34.06 28.84 -10.80
N SER F 195 -33.46 27.64 -10.89
CA SER F 195 -32.76 27.17 -9.69
C SER F 195 -31.55 28.05 -9.42
N THR F 196 -30.95 28.62 -10.46
CA THR F 196 -29.78 29.49 -10.28
C THR F 196 -30.19 30.71 -9.48
N ILE F 197 -31.32 31.26 -9.86
CA ILE F 197 -31.85 32.43 -9.20
C ILE F 197 -32.19 32.12 -7.75
N ARG F 198 -32.83 30.98 -7.51
CA ARG F 198 -33.16 30.63 -6.14
C ARG F 198 -31.91 30.55 -5.30
N VAL F 199 -30.83 30.01 -5.85
CA VAL F 199 -29.62 29.96 -5.07
C VAL F 199 -29.10 31.34 -4.79
N LEU F 200 -29.08 32.21 -5.79
CA LEU F 200 -28.58 33.55 -5.56
C LEU F 200 -29.40 34.25 -4.50
N ALA F 201 -30.67 33.90 -4.41
CA ALA F 201 -31.60 34.46 -3.43
C ALA F 201 -31.27 34.02 -1.99
N ARG F 202 -30.50 32.96 -1.82
CA ARG F 202 -30.20 32.39 -0.51
C ARG F 202 -29.28 33.20 0.36
N ARG F 203 -29.38 32.95 1.66
CA ARG F 203 -28.52 33.54 2.67
C ARG F 203 -27.25 32.72 2.77
N ILE F 204 -27.44 31.41 2.73
CA ILE F 204 -26.39 30.41 2.93
C ILE F 204 -26.12 29.61 1.67
N LYS F 205 -24.84 29.40 1.31
CA LYS F 205 -24.49 28.66 0.08
C LYS F 205 -25.15 29.36 -1.10
N SER F 206 -25.00 30.66 -1.12
CA SER F 206 -25.61 31.55 -2.08
C SER F 206 -24.99 31.65 -3.47
N ASN F 207 -23.89 30.96 -3.74
CA ASN F 207 -23.29 31.08 -5.06
C ASN F 207 -23.49 29.82 -5.90
N PRO F 208 -24.39 29.76 -6.85
CA PRO F 208 -24.61 28.58 -7.62
C PRO F 208 -23.43 28.38 -8.52
N CYS F 209 -23.23 27.15 -8.92
CA CYS F 209 -22.22 26.82 -9.90
C CYS F 209 -22.79 25.88 -10.94
N LEU F 210 -22.62 26.24 -12.21
CA LEU F 210 -23.18 25.45 -13.30
C LEU F 210 -22.19 24.36 -13.61
N ILE F 211 -22.59 23.13 -13.32
CA ILE F 211 -21.69 22.01 -13.40
C ILE F 211 -22.18 20.93 -14.35
N GLY F 212 -21.32 20.55 -15.27
CA GLY F 212 -21.70 19.49 -16.21
C GLY F 212 -20.55 18.94 -17.02
N GLU F 213 -20.78 18.77 -18.31
CA GLU F 213 -19.77 18.20 -19.20
C GLU F 213 -19.70 19.04 -20.47
N PRO F 214 -18.59 19.01 -21.23
CA PRO F 214 -18.44 19.75 -22.47
C PRO F 214 -19.68 19.62 -23.32
N GLY F 215 -20.17 20.78 -23.76
CA GLY F 215 -21.41 20.90 -24.49
C GLY F 215 -22.56 21.16 -23.51
N ILE F 216 -22.20 21.43 -22.27
CA ILE F 216 -23.13 21.80 -21.22
C ILE F 216 -24.09 22.94 -21.57
N GLY F 217 -23.66 23.90 -22.37
CA GLY F 217 -24.52 25.03 -22.72
C GLY F 217 -24.43 26.08 -21.62
N LYS F 218 -23.33 26.06 -20.91
CA LYS F 218 -23.02 26.95 -19.82
C LYS F 218 -23.23 28.38 -20.19
N THR F 219 -22.65 28.78 -21.31
CA THR F 219 -22.80 30.15 -21.71
C THR F 219 -24.26 30.43 -21.99
N ALA F 220 -24.91 29.50 -22.66
CA ALA F 220 -26.31 29.68 -23.01
C ALA F 220 -27.14 29.85 -21.74
N ILE F 221 -26.80 29.12 -20.69
CA ILE F 221 -27.53 29.30 -19.46
C ILE F 221 -27.34 30.71 -18.98
N ILE F 222 -26.11 31.19 -19.01
CA ILE F 222 -25.82 32.55 -18.58
C ILE F 222 -26.54 33.56 -19.44
N GLU F 223 -26.60 33.32 -20.75
CA GLU F 223 -27.30 34.26 -21.60
C GLU F 223 -28.78 34.28 -21.21
N GLY F 224 -29.34 33.12 -20.90
CA GLY F 224 -30.72 33.04 -20.46
C GLY F 224 -30.87 33.80 -19.15
N VAL F 225 -29.87 33.68 -18.26
CA VAL F 225 -29.94 34.36 -16.97
C VAL F 225 -29.99 35.84 -17.23
N ALA F 226 -29.13 36.30 -18.12
CA ALA F 226 -29.08 37.71 -18.44
C ALA F 226 -30.42 38.19 -18.97
N GLN F 227 -31.09 37.38 -19.80
CA GLN F 227 -32.39 37.80 -20.29
C GLN F 227 -33.38 37.91 -19.14
N ARG F 228 -33.29 37.02 -18.18
CA ARG F 228 -34.21 37.11 -17.05
C ARG F 228 -33.90 38.36 -16.26
N ILE F 229 -32.63 38.74 -16.18
CA ILE F 229 -32.30 39.96 -15.47
C ILE F 229 -32.97 41.13 -16.17
N ILE F 230 -32.98 41.11 -17.50
CA ILE F 230 -33.66 42.14 -18.29
C ILE F 230 -35.15 42.15 -18.02
N ASP F 231 -35.74 40.98 -17.90
CA ASP F 231 -37.15 40.88 -17.57
C ASP F 231 -37.34 41.20 -16.09
N ASP F 232 -36.24 41.12 -15.36
CA ASP F 232 -36.13 41.32 -13.93
C ASP F 232 -36.98 40.26 -13.25
N ASP F 233 -36.92 39.04 -13.77
CA ASP F 233 -37.66 37.92 -13.22
C ASP F 233 -36.86 37.32 -12.07
N VAL F 234 -36.68 38.14 -11.05
CA VAL F 234 -35.86 37.84 -9.90
C VAL F 234 -36.55 38.26 -8.60
N PRO F 235 -36.12 37.74 -7.44
CA PRO F 235 -36.58 38.09 -6.11
C PRO F 235 -36.14 39.48 -5.75
N THR F 236 -36.88 40.12 -4.85
CA THR F 236 -36.50 41.44 -4.35
C THR F 236 -35.03 41.54 -3.97
N ILE F 237 -34.50 40.54 -3.28
CA ILE F 237 -33.10 40.54 -2.84
C ILE F 237 -32.09 40.59 -4.00
N LEU F 238 -32.49 40.07 -5.16
CA LEU F 238 -31.67 40.03 -6.36
C LEU F 238 -32.16 41.09 -7.35
N GLN F 239 -33.32 41.66 -7.08
CA GLN F 239 -33.98 42.57 -7.98
C GLN F 239 -33.14 43.75 -8.37
N GLY F 240 -33.13 43.99 -9.68
CA GLY F 240 -32.37 45.08 -10.27
C GLY F 240 -30.90 44.74 -10.46
N ALA F 241 -30.47 43.57 -9.99
CA ALA F 241 -29.07 43.19 -10.08
C ALA F 241 -28.62 43.06 -11.50
N LYS F 242 -27.36 43.33 -11.73
CA LYS F 242 -26.80 43.11 -13.05
C LYS F 242 -25.81 41.99 -13.01
N LEU F 243 -25.72 41.29 -14.13
CA LEU F 243 -24.79 40.19 -14.31
C LEU F 243 -23.65 40.57 -15.22
N PHE F 244 -22.46 40.49 -14.65
CA PHE F 244 -21.25 40.82 -15.37
C PHE F 244 -20.33 39.62 -15.48
N SER F 245 -19.84 39.33 -16.67
CA SER F 245 -18.92 38.22 -16.82
C SER F 245 -17.51 38.71 -16.72
N LEU F 246 -16.61 37.93 -16.13
CA LEU F 246 -15.25 38.44 -16.08
C LEU F 246 -14.37 38.09 -17.25
N ASP F 247 -13.62 39.09 -17.70
CA ASP F 247 -12.67 38.89 -18.77
C ASP F 247 -11.38 38.37 -18.20
N LEU F 248 -11.41 37.09 -17.85
CA LEU F 248 -10.30 36.44 -17.20
C LEU F 248 -9.13 36.41 -18.15
N ALA F 249 -9.44 36.35 -19.44
CA ALA F 249 -8.40 36.32 -20.44
C ALA F 249 -7.63 37.61 -20.44
N ALA F 250 -8.31 38.77 -20.52
CA ALA F 250 -7.58 40.03 -20.55
C ALA F 250 -6.87 40.32 -19.24
N LEU F 251 -7.53 39.95 -18.13
CA LEU F 251 -6.97 40.21 -16.82
C LEU F 251 -5.64 39.54 -16.65
N THR F 252 -5.53 38.30 -17.11
CA THR F 252 -4.28 37.57 -16.97
C THR F 252 -3.37 37.68 -18.20
N ALA F 253 -3.93 37.91 -19.40
CA ALA F 253 -3.12 38.00 -20.63
C ALA F 253 -2.17 39.17 -20.55
N GLY F 254 -2.62 40.24 -19.91
CA GLY F 254 -1.80 41.43 -19.77
C GLY F 254 -0.82 41.35 -18.59
N ALA F 255 -0.64 40.16 -18.00
CA ALA F 255 0.21 40.04 -16.81
C ALA F 255 1.69 40.07 -17.16
N LYS F 256 2.16 41.27 -17.50
CA LYS F 256 3.55 41.52 -17.88
C LYS F 256 4.49 40.98 -16.81
N TYR F 257 4.15 41.20 -15.55
CA TYR F 257 4.97 40.69 -14.48
C TYR F 257 4.16 40.34 -13.24
N LYS F 258 4.80 39.67 -12.30
CA LYS F 258 4.11 39.22 -11.11
C LYS F 258 3.48 40.40 -10.41
N GLY F 259 2.21 40.26 -10.05
CA GLY F 259 1.46 41.32 -9.39
C GLY F 259 0.50 42.07 -10.35
N ASP F 260 0.72 41.98 -11.66
CA ASP F 260 -0.16 42.72 -12.56
C ASP F 260 -1.61 42.26 -12.62
N PHE F 261 -1.86 40.97 -12.88
CA PHE F 261 -3.27 40.59 -12.96
C PHE F 261 -3.85 40.54 -11.58
N GLU F 262 -2.97 40.43 -10.61
CA GLU F 262 -3.41 40.23 -9.27
C GLU F 262 -4.08 41.51 -8.83
N GLU F 263 -3.42 42.64 -9.09
CA GLU F 263 -4.02 43.90 -8.72
C GLU F 263 -5.16 44.27 -9.63
N ARG F 264 -5.08 43.95 -10.94
CA ARG F 264 -6.23 44.29 -11.77
C ARG F 264 -7.44 43.52 -11.35
N PHE F 265 -7.25 42.26 -11.05
CA PHE F 265 -8.34 41.41 -10.64
C PHE F 265 -8.99 41.94 -9.37
N LYS F 266 -8.18 42.20 -8.35
CA LYS F 266 -8.73 42.69 -7.10
C LYS F 266 -9.38 44.04 -7.32
N GLY F 267 -8.78 44.85 -8.17
CA GLY F 267 -9.30 46.15 -8.51
C GLY F 267 -10.72 45.97 -9.00
N VAL F 268 -10.89 45.08 -9.99
CA VAL F 268 -12.20 44.85 -10.53
C VAL F 268 -13.14 44.36 -9.46
N LEU F 269 -12.72 43.43 -8.60
CA LEU F 269 -13.70 43.00 -7.62
C LEU F 269 -14.12 44.13 -6.73
N LYS F 270 -13.18 44.98 -6.32
CA LYS F 270 -13.53 46.06 -5.42
C LYS F 270 -14.44 47.05 -6.08
N GLU F 271 -14.26 47.28 -7.37
CA GLU F 271 -15.16 48.17 -8.06
C GLU F 271 -16.54 47.55 -8.17
N ILE F 272 -16.59 46.24 -8.46
CA ILE F 272 -17.83 45.49 -8.60
C ILE F 272 -18.62 45.50 -7.30
N GLU F 273 -17.92 45.39 -6.19
CA GLU F 273 -18.52 45.40 -4.87
C GLU F 273 -19.28 46.69 -4.54
N GLU F 274 -18.97 47.82 -5.18
CA GLU F 274 -19.60 49.06 -4.77
C GLU F 274 -20.37 49.81 -5.88
N SER F 275 -21.41 50.54 -5.46
CA SER F 275 -22.14 51.52 -6.28
C SER F 275 -22.96 51.03 -7.49
N LYS F 276 -22.34 50.29 -8.39
CA LYS F 276 -22.97 49.94 -9.67
C LYS F 276 -24.00 48.83 -9.62
N THR F 277 -25.08 49.07 -8.88
CA THR F 277 -26.16 48.10 -8.70
C THR F 277 -25.64 46.85 -7.99
N LEU F 278 -26.53 46.02 -7.47
CA LEU F 278 -26.05 44.76 -6.94
C LEU F 278 -25.47 43.99 -8.11
N ILE F 279 -24.26 43.49 -7.99
CA ILE F 279 -23.67 42.74 -9.08
C ILE F 279 -23.31 41.32 -8.73
N VAL F 280 -23.75 40.45 -9.61
CA VAL F 280 -23.42 39.07 -9.53
C VAL F 280 -22.45 38.84 -10.65
N LEU F 281 -21.34 38.19 -10.37
CA LEU F 281 -20.41 37.98 -11.46
C LEU F 281 -20.52 36.60 -12.02
N PHE F 282 -20.30 36.48 -13.30
CA PHE F 282 -20.20 35.16 -13.89
C PHE F 282 -18.75 34.83 -14.02
N ILE F 283 -18.38 33.74 -13.39
CA ILE F 283 -17.01 33.35 -13.44
C ILE F 283 -16.87 32.00 -14.09
N ASP F 284 -16.42 32.07 -15.33
CA ASP F 284 -16.18 30.88 -16.06
C ASP F 284 -14.88 30.41 -15.53
N GLU F 285 -14.47 29.24 -15.89
CA GLU F 285 -13.21 28.73 -15.43
C GLU F 285 -13.12 28.83 -13.92
N ILE F 286 -14.19 28.48 -13.18
CA ILE F 286 -14.12 28.65 -11.72
C ILE F 286 -12.99 27.86 -11.08
N HIS F 287 -12.54 26.81 -11.75
CA HIS F 287 -11.44 26.01 -11.26
C HIS F 287 -10.13 26.78 -11.25
N MET F 288 -10.12 27.98 -11.81
CA MET F 288 -8.94 28.83 -11.81
C MET F 288 -8.52 29.12 -10.38
N LEU F 289 -9.43 28.97 -9.41
CA LEU F 289 -9.12 29.18 -8.01
C LEU F 289 -8.02 28.25 -7.51
N MET F 290 -7.90 27.09 -8.16
CA MET F 290 -6.96 26.04 -7.80
C MET F 290 -5.67 26.15 -8.65
N GLY F 291 -5.69 27.10 -9.59
CA GLY F 291 -4.65 27.42 -10.58
C GLY F 291 -4.01 28.71 -10.12
N ASN F 292 -4.72 29.82 -10.31
CA ASN F 292 -4.29 31.11 -9.78
C ASN F 292 -4.70 31.09 -8.33
N GLY F 293 -3.96 30.28 -7.60
CA GLY F 293 -4.20 29.96 -6.22
C GLY F 293 -3.33 30.82 -5.35
N LYS F 294 -2.78 30.21 -4.31
CA LYS F 294 -2.02 30.92 -3.32
C LYS F 294 -2.90 32.04 -2.79
N ASP F 295 -2.44 33.28 -2.84
CA ASP F 295 -3.24 34.39 -2.32
C ASP F 295 -4.60 34.46 -3.03
N ASP F 296 -4.60 34.16 -4.32
CA ASP F 296 -5.80 34.26 -5.12
C ASP F 296 -6.81 33.16 -4.84
N ALA F 297 -6.38 32.06 -4.21
CA ALA F 297 -7.28 30.98 -3.85
C ALA F 297 -8.33 31.52 -2.88
N ALA F 298 -7.97 32.64 -2.22
CA ALA F 298 -8.85 33.32 -1.31
C ALA F 298 -9.35 34.60 -1.97
N ASN F 299 -8.44 35.44 -2.50
CA ASN F 299 -8.82 36.76 -3.00
C ASN F 299 -9.90 36.71 -4.05
N ILE F 300 -9.89 35.68 -4.88
CA ILE F 300 -10.85 35.59 -5.94
C ILE F 300 -12.28 35.52 -5.43
N LEU F 301 -12.50 34.82 -4.33
CA LEU F 301 -13.84 34.62 -3.82
C LEU F 301 -14.06 34.94 -2.34
N LYS F 302 -13.14 34.52 -1.48
CA LYS F 302 -13.41 34.43 -0.07
C LYS F 302 -13.62 35.77 0.62
N PRO F 303 -12.62 36.65 0.81
CA PRO F 303 -12.80 37.92 1.48
C PRO F 303 -14.06 38.64 0.98
N ALA F 304 -14.33 38.57 -0.31
CA ALA F 304 -15.52 39.26 -0.78
C ALA F 304 -16.77 38.60 -0.24
N LEU F 305 -16.81 37.26 -0.28
CA LEU F 305 -17.97 36.55 0.23
C LEU F 305 -18.09 36.73 1.73
N SER F 306 -16.96 36.95 2.42
CA SER F 306 -16.96 37.14 3.86
C SER F 306 -17.62 38.47 4.25
N ARG F 307 -17.83 39.36 3.26
CA ARG F 307 -18.48 40.64 3.45
C ARG F 307 -19.92 40.61 2.95
N GLY F 308 -20.35 39.43 2.46
CA GLY F 308 -21.68 39.29 1.87
C GLY F 308 -21.70 39.89 0.46
N GLN F 309 -20.52 40.12 -0.08
CA GLN F 309 -20.34 40.75 -1.37
C GLN F 309 -19.97 39.75 -2.40
N LEU F 310 -19.98 40.17 -3.65
CA LEU F 310 -19.55 39.32 -4.73
C LEU F 310 -20.30 38.03 -4.89
N LYS F 311 -21.62 38.06 -4.91
CA LYS F 311 -22.23 36.79 -5.20
C LYS F 311 -21.82 36.45 -6.63
N VAL F 312 -21.59 35.19 -6.89
CA VAL F 312 -21.21 34.82 -8.24
C VAL F 312 -22.00 33.65 -8.75
N ILE F 313 -22.00 33.50 -10.04
CA ILE F 313 -22.46 32.30 -10.65
C ILE F 313 -21.19 31.71 -11.18
N GLY F 314 -20.80 30.56 -10.70
CA GLY F 314 -19.57 30.00 -11.22
C GLY F 314 -19.91 28.95 -12.23
N ALA F 315 -18.93 28.45 -12.94
CA ALA F 315 -19.20 27.33 -13.81
C ALA F 315 -17.95 26.57 -14.21
N THR F 316 -18.12 25.26 -14.36
CA THR F 316 -17.08 24.36 -14.82
C THR F 316 -17.69 22.98 -15.16
N THR F 317 -16.85 21.98 -15.42
CA THR F 317 -17.39 20.65 -15.65
C THR F 317 -17.23 19.81 -14.37
N ASN F 318 -17.80 18.62 -14.37
CA ASN F 318 -17.76 17.74 -13.21
C ASN F 318 -16.36 17.45 -12.73
N ASN F 319 -15.43 17.29 -13.66
CA ASN F 319 -14.07 16.93 -13.31
C ASN F 319 -13.46 17.99 -12.41
N GLU F 320 -13.61 19.22 -12.83
CA GLU F 320 -13.03 20.31 -12.09
C GLU F 320 -13.74 20.53 -10.80
N TYR F 321 -15.07 20.57 -10.85
CA TYR F 321 -15.81 20.88 -9.65
C TYR F 321 -15.43 19.93 -8.58
N ARG F 322 -15.41 18.65 -8.91
CA ARG F 322 -15.06 17.70 -7.92
C ARG F 322 -13.68 17.98 -7.37
N SER F 323 -12.70 18.28 -8.23
CA SER F 323 -11.38 18.53 -7.67
C SER F 323 -11.36 19.80 -6.81
N ILE F 324 -12.24 20.75 -7.09
CA ILE F 324 -12.23 21.96 -6.29
C ILE F 324 -12.67 21.68 -4.89
N VAL F 325 -13.81 20.99 -4.75
CA VAL F 325 -14.35 20.74 -3.41
C VAL F 325 -13.53 19.72 -2.64
N GLU F 326 -12.89 18.80 -3.36
CA GLU F 326 -12.02 17.81 -2.74
C GLU F 326 -10.80 18.49 -2.17
N LYS F 327 -10.28 19.49 -2.89
CA LYS F 327 -9.12 20.25 -2.44
C LYS F 327 -9.49 21.38 -1.47
N ASP F 328 -10.71 21.91 -1.58
CA ASP F 328 -11.13 23.04 -0.77
C ASP F 328 -12.60 22.96 -0.36
N GLY F 329 -12.83 22.53 0.87
CA GLY F 329 -14.17 22.34 1.40
C GLY F 329 -14.94 23.65 1.56
N ALA F 330 -14.28 24.80 1.42
CA ALA F 330 -14.97 26.08 1.54
C ALA F 330 -16.07 26.16 0.51
N PHE F 331 -15.86 25.50 -0.62
CA PHE F 331 -16.82 25.57 -1.69
C PHE F 331 -18.11 24.86 -1.35
N GLU F 332 -18.11 23.97 -0.36
CA GLU F 332 -19.36 23.29 -0.02
C GLU F 332 -20.19 24.14 0.94
N ARG F 333 -19.64 25.28 1.36
CA ARG F 333 -20.33 26.19 2.25
C ARG F 333 -20.63 27.47 1.49
N ARG F 334 -19.84 27.72 0.46
CA ARG F 334 -20.00 28.93 -0.36
C ARG F 334 -20.72 28.74 -1.71
N PHE F 335 -20.76 27.52 -2.21
CA PHE F 335 -21.42 27.23 -3.49
C PHE F 335 -22.45 26.11 -3.54
N GLN F 336 -23.38 26.24 -4.48
CA GLN F 336 -24.41 25.21 -4.70
C GLN F 336 -24.14 24.45 -6.01
N LYS F 337 -24.14 23.13 -5.91
CA LYS F 337 -23.84 22.29 -7.07
C LYS F 337 -24.99 22.21 -8.07
N ILE F 338 -25.04 23.15 -9.00
CA ILE F 338 -26.14 23.13 -9.94
C ILE F 338 -25.82 22.30 -11.16
N GLU F 339 -26.25 21.06 -11.10
CA GLU F 339 -26.00 20.13 -12.19
C GLU F 339 -26.80 20.56 -13.41
N VAL F 340 -26.21 20.42 -14.59
CA VAL F 340 -26.89 20.76 -15.84
C VAL F 340 -27.11 19.57 -16.78
N ALA F 341 -28.37 19.36 -17.17
CA ALA F 341 -28.78 18.25 -18.05
C ALA F 341 -28.45 18.43 -19.53
N GLU F 342 -28.29 17.30 -20.23
CA GLU F 342 -28.15 17.34 -21.68
C GLU F 342 -29.55 17.61 -22.25
N PRO F 343 -29.73 18.48 -23.24
CA PRO F 343 -31.02 18.78 -23.84
C PRO F 343 -31.54 17.65 -24.71
N SER F 344 -32.84 17.65 -24.91
CA SER F 344 -33.48 16.73 -25.82
C SER F 344 -33.04 17.00 -27.21
N VAL F 345 -32.97 15.98 -28.06
CA VAL F 345 -32.64 16.26 -29.44
C VAL F 345 -33.64 17.25 -30.05
N ARG F 346 -34.85 17.33 -29.51
CA ARG F 346 -35.80 18.27 -30.06
C ARG F 346 -35.37 19.71 -29.74
N GLN F 347 -34.77 19.87 -28.56
CA GLN F 347 -34.25 21.15 -28.11
C GLN F 347 -33.01 21.46 -28.89
N THR F 348 -32.24 20.43 -29.15
CA THR F 348 -31.01 20.60 -29.89
C THR F 348 -31.35 21.11 -31.25
N VAL F 349 -32.36 20.55 -31.86
CA VAL F 349 -32.76 21.03 -33.14
C VAL F 349 -33.23 22.45 -33.01
N ALA F 350 -34.00 22.77 -31.96
CA ALA F 350 -34.39 24.16 -31.80
C ALA F 350 -33.15 25.05 -31.74
N ILE F 351 -32.05 24.58 -31.13
CA ILE F 351 -30.83 25.39 -31.06
C ILE F 351 -30.35 25.61 -32.46
N LEU F 352 -30.28 24.52 -33.20
CA LEU F 352 -29.77 24.51 -34.53
C LEU F 352 -30.61 25.39 -35.44
N ARG F 353 -31.93 25.40 -35.25
CA ARG F 353 -32.82 26.24 -36.04
C ARG F 353 -32.58 27.70 -35.70
N GLY F 354 -32.34 28.00 -34.43
CA GLY F 354 -32.05 29.36 -34.05
C GLY F 354 -30.75 29.81 -34.71
N LEU F 355 -29.79 28.88 -34.77
CA LEU F 355 -28.49 29.16 -35.35
C LEU F 355 -28.45 28.94 -36.85
N GLN F 356 -29.46 28.28 -37.40
CA GLN F 356 -29.52 28.00 -38.82
C GLN F 356 -29.09 29.18 -39.70
N PRO F 357 -29.64 30.41 -39.55
CA PRO F 357 -29.26 31.54 -40.37
C PRO F 357 -27.86 32.01 -40.04
N LYS F 358 -27.35 31.70 -38.87
CA LYS F 358 -26.03 32.16 -38.57
C LYS F 358 -25.11 31.28 -39.37
N TYR F 359 -25.42 29.99 -39.40
CA TYR F 359 -24.62 29.04 -40.15
C TYR F 359 -24.70 29.35 -41.62
N GLU F 360 -25.90 29.72 -42.10
CA GLU F 360 -26.01 30.04 -43.50
C GLU F 360 -25.10 31.21 -43.82
N ILE F 361 -25.14 32.25 -43.00
CA ILE F 361 -24.29 33.42 -43.18
C ILE F 361 -22.82 33.10 -43.07
N HIS F 362 -22.46 32.29 -42.10
CA HIS F 362 -21.08 31.92 -41.85
C HIS F 362 -20.43 31.23 -43.03
N HIS F 363 -21.18 30.40 -43.72
CA HIS F 363 -20.64 29.60 -44.80
C HIS F 363 -21.14 29.93 -46.21
N GLY F 364 -22.28 30.59 -46.31
CA GLY F 364 -22.94 30.83 -47.59
C GLY F 364 -23.68 29.56 -47.99
N VAL F 365 -24.05 28.79 -46.98
CA VAL F 365 -24.70 27.50 -47.19
C VAL F 365 -25.98 27.32 -46.41
N ARG F 366 -27.07 27.09 -47.11
CA ARG F 366 -28.39 26.92 -46.52
C ARG F 366 -28.43 25.61 -45.78
N ILE F 367 -29.00 25.56 -44.60
CA ILE F 367 -29.05 24.24 -43.98
C ILE F 367 -30.46 23.72 -44.03
N LEU F 368 -30.63 22.55 -44.61
CA LEU F 368 -31.92 21.94 -44.73
C LEU F 368 -32.44 21.69 -43.32
N ASP F 369 -33.70 22.00 -43.04
CA ASP F 369 -34.14 21.76 -41.67
C ASP F 369 -33.87 20.33 -41.22
N SER F 370 -34.10 19.34 -42.10
CA SER F 370 -33.90 17.96 -41.72
C SER F 370 -32.40 17.65 -41.50
N ALA F 371 -31.53 18.55 -41.95
CA ALA F 371 -30.12 18.39 -41.72
C ALA F 371 -29.84 18.82 -40.29
N LEU F 372 -30.57 19.83 -39.82
CA LEU F 372 -30.34 20.29 -38.46
C LEU F 372 -30.75 19.11 -37.56
N VAL F 373 -31.83 18.45 -37.97
CA VAL F 373 -32.35 17.30 -37.25
C VAL F 373 -31.39 16.14 -37.23
N THR F 374 -30.85 15.79 -38.39
CA THR F 374 -29.96 14.67 -38.39
C THR F 374 -28.70 14.98 -37.61
N ALA F 375 -28.26 16.24 -37.56
CA ALA F 375 -27.05 16.50 -36.80
C ALA F 375 -27.23 16.09 -35.36
N ALA F 376 -28.40 16.41 -34.80
CA ALA F 376 -28.64 16.02 -33.42
C ALA F 376 -28.66 14.51 -33.28
N GLN F 377 -29.26 13.83 -34.26
CA GLN F 377 -29.38 12.38 -34.20
C GLN F 377 -28.02 11.71 -34.27
N LEU F 378 -27.19 12.20 -35.20
CA LEU F 378 -25.89 11.64 -35.43
C LEU F 378 -24.98 11.88 -34.26
N ALA F 379 -24.98 13.11 -33.76
CA ALA F 379 -24.10 13.47 -32.69
C ALA F 379 -24.38 12.62 -31.47
N LYS F 380 -25.66 12.42 -31.16
CA LYS F 380 -25.95 11.60 -30.00
C LYS F 380 -25.53 10.18 -30.26
N ARG F 381 -25.72 9.70 -31.49
CA ARG F 381 -25.39 8.33 -31.76
C ARG F 381 -23.89 8.03 -31.66
N TYR F 382 -23.03 8.87 -32.25
CA TYR F 382 -21.60 8.51 -32.26
C TYR F 382 -20.73 9.13 -31.16
N LEU F 383 -21.21 10.13 -30.43
CA LEU F 383 -20.40 10.75 -29.39
C LEU F 383 -21.09 10.74 -28.05
N PRO F 384 -21.32 9.59 -27.44
CA PRO F 384 -22.09 9.51 -26.23
C PRO F 384 -21.47 10.30 -25.09
N TYR F 385 -20.16 10.52 -25.17
CA TYR F 385 -19.45 11.21 -24.11
C TYR F 385 -19.39 12.73 -24.30
N ARG F 386 -20.05 13.26 -25.32
CA ARG F 386 -20.10 14.72 -25.56
C ARG F 386 -21.55 15.18 -25.60
N ARG F 387 -21.83 16.36 -25.08
CA ARG F 387 -23.20 16.80 -25.07
C ARG F 387 -23.60 17.40 -26.44
N LEU F 388 -24.88 17.29 -26.78
CA LEU F 388 -25.41 17.80 -28.05
C LEU F 388 -25.13 19.27 -28.40
N PRO F 389 -25.17 20.26 -27.48
CA PRO F 389 -24.87 21.65 -27.79
C PRO F 389 -23.47 21.83 -28.38
N ASP F 390 -22.57 20.88 -28.19
CA ASP F 390 -21.25 20.98 -28.78
C ASP F 390 -21.28 20.19 -30.07
N SER F 391 -21.56 18.91 -29.93
CA SER F 391 -21.41 18.01 -31.04
C SER F 391 -22.42 18.14 -32.19
N ALA F 392 -23.66 18.54 -31.91
CA ALA F 392 -24.61 18.65 -33.00
C ALA F 392 -24.28 19.90 -33.79
N LEU F 393 -23.76 20.88 -33.07
CA LEU F 393 -23.46 22.14 -33.70
C LEU F 393 -22.21 21.95 -34.53
N ASP F 394 -21.28 21.13 -34.03
CA ASP F 394 -20.12 20.81 -34.86
C ASP F 394 -20.54 20.12 -36.13
N LEU F 395 -21.45 19.18 -36.07
CA LEU F 395 -21.82 18.56 -37.32
C LEU F 395 -22.39 19.54 -38.31
N VAL F 396 -23.18 20.49 -37.84
CA VAL F 396 -23.69 21.45 -38.80
C VAL F 396 -22.60 22.36 -39.32
N ASP F 397 -21.77 22.91 -38.43
CA ASP F 397 -20.72 23.84 -38.87
C ASP F 397 -19.67 23.15 -39.75
N ILE F 398 -19.40 21.88 -39.48
CA ILE F 398 -18.46 21.11 -40.26
C ILE F 398 -19.05 20.85 -41.62
N SER F 399 -20.30 20.41 -41.66
CA SER F 399 -20.94 20.11 -42.92
C SER F 399 -21.12 21.34 -43.76
N CYS F 400 -21.47 22.45 -43.14
CA CYS F 400 -21.65 23.69 -43.86
C CYS F 400 -20.33 24.10 -44.42
N ALA F 401 -19.27 23.98 -43.60
CA ALA F 401 -17.94 24.28 -44.09
C ALA F 401 -17.66 23.34 -45.24
N GLY F 402 -18.06 22.08 -45.10
CA GLY F 402 -17.88 21.07 -46.11
C GLY F 402 -18.47 21.51 -47.43
N VAL F 403 -19.74 21.89 -47.42
CA VAL F 403 -20.39 22.32 -48.64
C VAL F 403 -19.73 23.56 -49.17
N ALA F 404 -19.43 24.53 -48.32
CA ALA F 404 -18.81 25.75 -48.78
C ALA F 404 -17.49 25.43 -49.45
N VAL F 405 -16.73 24.54 -48.85
CA VAL F 405 -15.46 24.08 -49.37
C VAL F 405 -15.62 23.39 -50.69
N ALA F 406 -16.62 22.54 -50.79
CA ALA F 406 -16.86 21.87 -52.04
C ALA F 406 -17.16 22.90 -53.12
N ARG F 407 -17.97 23.89 -52.80
CA ARG F 407 -18.36 24.90 -53.76
C ARG F 407 -17.20 25.83 -54.09
N ASP F 408 -16.34 26.11 -53.11
CA ASP F 408 -15.16 26.92 -53.34
C ASP F 408 -14.26 26.21 -54.34
N SER F 409 -14.21 24.88 -54.26
CA SER F 409 -13.42 24.09 -55.19
C SER F 409 -14.09 23.97 -56.57
N LYS F 410 -15.43 23.82 -56.56
CA LYS F 410 -16.30 23.61 -57.73
C LYS F 410 -17.64 23.02 -57.30
N GLN F 538 -28.28 23.84 -55.23
CA GLN F 538 -28.15 24.95 -54.28
C GLN F 538 -27.03 24.73 -53.29
N ASN F 539 -26.56 25.82 -52.71
CA ASN F 539 -25.52 25.69 -51.71
C ASN F 539 -26.20 25.36 -50.42
N VAL F 540 -26.49 24.08 -50.24
CA VAL F 540 -27.26 23.62 -49.10
C VAL F 540 -26.70 22.35 -48.47
N VAL F 541 -26.79 22.28 -47.14
CA VAL F 541 -26.43 21.07 -46.43
C VAL F 541 -27.63 20.17 -46.34
N ASP F 542 -27.50 18.96 -46.84
CA ASP F 542 -28.57 18.01 -46.78
C ASP F 542 -28.40 17.15 -45.53
N SER F 543 -29.39 16.35 -45.22
CA SER F 543 -29.26 15.46 -44.08
C SER F 543 -28.15 14.49 -44.37
N ASP F 544 -28.12 14.03 -45.59
CA ASP F 544 -27.12 13.09 -45.98
C ASP F 544 -25.75 13.75 -46.14
N THR F 545 -25.73 15.07 -46.33
CA THR F 545 -24.45 15.76 -46.39
C THR F 545 -23.81 15.57 -45.04
N ILE F 546 -24.60 15.79 -44.00
CA ILE F 546 -24.10 15.67 -42.66
C ILE F 546 -23.76 14.22 -42.37
N SER F 547 -24.59 13.28 -42.83
CA SER F 547 -24.27 11.87 -42.63
C SER F 547 -22.91 11.51 -43.21
N GLU F 548 -22.64 11.96 -44.43
CA GLU F 548 -21.36 11.69 -45.05
C GLU F 548 -20.27 12.41 -44.26
N THR F 549 -20.58 13.59 -43.73
CA THR F 549 -19.60 14.29 -42.91
C THR F 549 -19.25 13.44 -41.72
N ALA F 550 -20.25 12.93 -40.99
CA ALA F 550 -20.00 12.12 -39.81
C ALA F 550 -19.20 10.90 -40.17
N ALA F 551 -19.52 10.29 -41.32
CA ALA F 551 -18.79 9.12 -41.71
C ALA F 551 -17.33 9.42 -41.97
N ARG F 552 -17.05 10.53 -42.63
CA ARG F 552 -15.67 10.85 -42.96
C ARG F 552 -14.94 11.47 -41.78
N LEU F 553 -15.69 12.11 -40.92
CA LEU F 553 -15.21 12.77 -39.73
C LEU F 553 -14.69 11.77 -38.73
N THR F 554 -15.46 10.71 -38.53
CA THR F 554 -15.13 9.71 -37.54
C THR F 554 -14.51 8.45 -38.13
N GLY F 555 -14.75 8.21 -39.42
CA GLY F 555 -14.30 6.98 -40.07
C GLY F 555 -15.32 5.85 -39.88
N ILE F 556 -16.37 6.15 -39.12
CA ILE F 556 -17.42 5.20 -38.82
C ILE F 556 -18.70 5.66 -39.52
N PRO F 557 -19.33 4.84 -40.36
CA PRO F 557 -20.50 5.19 -41.13
C PRO F 557 -21.74 5.27 -40.25
N VAL F 558 -21.79 6.29 -39.41
CA VAL F 558 -22.77 6.47 -38.34
C VAL F 558 -24.21 6.31 -38.79
N LYS F 559 -24.55 6.91 -39.92
CA LYS F 559 -25.90 6.81 -40.44
C LYS F 559 -26.00 6.04 -41.73
N LYS F 560 -24.99 5.23 -42.09
CA LYS F 560 -25.14 4.51 -43.35
C LYS F 560 -25.93 3.25 -43.09
N LEU F 561 -27.17 3.45 -42.71
CA LEU F 561 -28.02 2.37 -42.30
C LEU F 561 -28.71 1.85 -43.51
N SER F 562 -27.92 1.24 -44.37
CA SER F 562 -28.43 0.72 -45.61
C SER F 562 -29.41 -0.34 -45.21
N GLU F 563 -30.29 -0.75 -46.11
CA GLU F 563 -31.22 -1.80 -45.73
C GLU F 563 -30.46 -3.01 -45.17
N SER F 564 -29.30 -3.33 -45.77
CA SER F 564 -28.49 -4.46 -45.36
C SER F 564 -27.94 -4.31 -43.93
N GLU F 565 -27.90 -3.09 -43.39
CA GLU F 565 -27.43 -2.87 -42.04
C GLU F 565 -28.46 -3.45 -41.08
N ASN F 566 -29.73 -3.33 -41.45
CA ASN F 566 -30.77 -3.85 -40.62
C ASN F 566 -31.03 -5.31 -40.98
N GLU F 567 -30.93 -5.64 -42.26
CA GLU F 567 -31.21 -7.00 -42.67
C GLU F 567 -30.16 -7.93 -42.09
N LYS F 568 -28.88 -7.54 -42.07
CA LYS F 568 -27.93 -8.45 -41.46
C LYS F 568 -28.29 -8.68 -40.01
N LEU F 569 -28.96 -7.71 -39.35
CA LEU F 569 -29.35 -7.87 -37.95
C LEU F 569 -30.44 -8.91 -37.87
N ILE F 570 -31.29 -8.94 -38.89
CA ILE F 570 -32.35 -9.93 -38.95
C ILE F 570 -31.70 -11.29 -39.05
N HIS F 571 -30.63 -11.34 -39.85
CA HIS F 571 -29.88 -12.54 -40.07
C HIS F 571 -28.62 -12.62 -39.21
N MET F 572 -28.52 -11.85 -38.15
CA MET F 572 -27.30 -11.89 -37.35
C MET F 572 -27.05 -13.30 -36.84
N GLU F 573 -28.09 -13.97 -36.34
CA GLU F 573 -27.91 -15.35 -35.89
C GLU F 573 -27.38 -16.23 -37.02
N ARG F 574 -27.84 -16.00 -38.24
CA ARG F 574 -27.38 -16.81 -39.34
C ARG F 574 -25.92 -16.47 -39.67
N ASP F 575 -25.65 -15.20 -39.92
CA ASP F 575 -24.33 -14.77 -40.32
C ASP F 575 -23.30 -15.12 -39.26
N LEU F 576 -23.63 -14.88 -37.99
CA LEU F 576 -22.70 -15.16 -36.93
C LEU F 576 -22.36 -16.62 -36.84
N SER F 577 -23.28 -17.53 -37.24
CA SER F 577 -23.01 -18.96 -37.09
C SER F 577 -21.93 -19.46 -38.05
N SER F 578 -21.53 -18.59 -39.01
CA SER F 578 -20.48 -18.86 -39.96
C SER F 578 -19.21 -18.06 -39.61
N GLU F 579 -19.29 -17.23 -38.57
CA GLU F 579 -18.20 -16.36 -38.13
C GLU F 579 -17.60 -17.01 -36.90
N VAL F 580 -18.48 -17.44 -36.00
CA VAL F 580 -18.10 -18.29 -34.91
C VAL F 580 -18.95 -19.44 -35.29
N VAL F 581 -18.50 -20.62 -35.07
CA VAL F 581 -19.34 -21.66 -35.53
C VAL F 581 -20.37 -22.16 -34.59
N GLY F 582 -21.58 -22.23 -35.10
CA GLY F 582 -22.69 -22.74 -34.36
C GLY F 582 -22.96 -21.87 -33.17
N GLN F 583 -23.03 -22.48 -31.99
CA GLN F 583 -23.34 -21.74 -30.78
C GLN F 583 -24.57 -20.92 -31.06
N MET F 584 -25.58 -21.56 -31.68
CA MET F 584 -26.78 -20.88 -32.13
C MET F 584 -27.55 -20.22 -31.01
N ASP F 585 -27.44 -20.75 -29.82
CA ASP F 585 -28.19 -20.22 -28.72
C ASP F 585 -27.51 -18.98 -28.17
N ALA F 586 -26.17 -18.93 -28.28
CA ALA F 586 -25.42 -17.82 -27.73
C ALA F 586 -25.50 -16.66 -28.67
N ILE F 587 -25.39 -16.94 -29.96
CA ILE F 587 -25.43 -15.89 -30.93
C ILE F 587 -26.86 -15.37 -31.01
N LYS F 588 -27.86 -16.21 -30.73
CA LYS F 588 -29.26 -15.79 -30.67
C LYS F 588 -29.44 -14.79 -29.55
N ALA F 589 -28.89 -15.10 -28.37
CA ALA F 589 -29.00 -14.18 -27.23
C ALA F 589 -28.42 -12.83 -27.57
N VAL F 590 -27.26 -12.86 -28.25
CA VAL F 590 -26.63 -11.63 -28.63
C VAL F 590 -27.44 -10.89 -29.66
N SER F 591 -27.91 -11.62 -30.66
CA SER F 591 -28.65 -11.04 -31.73
C SER F 591 -29.88 -10.36 -31.20
N ASN F 592 -30.58 -10.99 -30.28
CA ASN F 592 -31.78 -10.36 -29.76
C ASN F 592 -31.46 -9.10 -29.01
N ALA F 593 -30.43 -9.13 -28.19
CA ALA F 593 -30.09 -7.93 -27.43
C ALA F 593 -29.68 -6.78 -28.34
N VAL F 594 -28.92 -7.11 -29.38
CA VAL F 594 -28.47 -6.07 -30.29
C VAL F 594 -29.63 -5.58 -31.15
N ARG F 595 -30.47 -6.50 -31.62
CA ARG F 595 -31.64 -6.14 -32.41
C ARG F 595 -32.55 -5.22 -31.59
N LEU F 596 -32.77 -5.54 -30.31
CA LEU F 596 -33.57 -4.69 -29.45
C LEU F 596 -32.91 -3.35 -29.20
N SER F 597 -31.59 -3.32 -29.04
CA SER F 597 -30.93 -2.06 -28.83
C SER F 597 -31.02 -1.19 -30.08
N ARG F 598 -30.67 -1.76 -31.23
CA ARG F 598 -30.65 -1.03 -32.48
C ARG F 598 -32.02 -0.49 -32.87
N SER F 599 -33.07 -1.28 -32.62
CA SER F 599 -34.44 -0.90 -32.91
C SER F 599 -35.07 0.05 -31.87
N GLY F 600 -34.38 0.29 -30.75
CA GLY F 600 -34.91 1.14 -29.70
C GLY F 600 -35.98 0.48 -28.84
N LEU F 601 -35.95 -0.84 -28.72
CA LEU F 601 -36.94 -1.57 -27.95
C LEU F 601 -36.40 -2.02 -26.61
N ALA F 602 -35.10 -2.22 -26.56
CA ALA F 602 -34.47 -2.64 -25.32
C ALA F 602 -34.78 -1.57 -24.31
N ASN F 603 -34.89 -1.92 -23.05
CA ASN F 603 -35.14 -0.86 -22.08
C ASN F 603 -34.12 0.23 -22.38
N PRO F 604 -34.51 1.47 -22.68
CA PRO F 604 -33.63 2.58 -23.03
C PRO F 604 -32.42 2.75 -22.11
N ARG F 605 -32.51 2.28 -20.88
CA ARG F 605 -31.42 2.40 -19.90
C ARG F 605 -30.49 1.18 -19.94
N GLN F 606 -30.66 0.32 -20.92
CA GLN F 606 -29.88 -0.90 -21.05
C GLN F 606 -29.05 -1.04 -22.32
N PRO F 607 -27.75 -0.71 -22.31
CA PRO F 607 -26.85 -0.86 -23.43
C PRO F 607 -26.89 -2.34 -23.73
N ALA F 608 -26.73 -2.78 -24.97
CA ALA F 608 -26.67 -4.24 -25.10
C ALA F 608 -25.51 -4.65 -24.21
N SER F 609 -25.69 -5.68 -23.43
CA SER F 609 -24.65 -6.09 -22.51
C SER F 609 -24.81 -7.52 -22.14
N PHE F 610 -23.69 -8.21 -22.09
CA PHE F 610 -23.73 -9.61 -21.82
C PHE F 610 -22.73 -10.09 -20.80
N LEU F 611 -23.11 -11.15 -20.10
CA LEU F 611 -22.17 -11.88 -19.27
C LEU F 611 -22.01 -13.23 -19.88
N PHE F 612 -20.83 -13.55 -20.38
CA PHE F 612 -20.72 -14.82 -21.05
C PHE F 612 -20.04 -15.87 -20.21
N LEU F 613 -20.72 -17.01 -20.19
CA LEU F 613 -20.31 -18.19 -19.47
C LEU F 613 -19.99 -19.28 -20.48
N GLY F 614 -18.99 -20.09 -20.18
CA GLY F 614 -18.60 -21.13 -21.11
C GLY F 614 -17.25 -21.69 -20.75
N LEU F 615 -16.87 -22.73 -21.46
CA LEU F 615 -15.62 -23.44 -21.25
C LEU F 615 -14.60 -22.85 -22.21
N SER F 616 -13.31 -23.06 -21.98
CA SER F 616 -12.38 -22.48 -22.93
C SER F 616 -12.60 -23.11 -24.29
N GLY F 617 -12.29 -22.38 -25.35
CA GLY F 617 -12.43 -22.94 -26.68
C GLY F 617 -13.86 -22.90 -27.17
N SER F 618 -14.75 -22.28 -26.36
CA SER F 618 -16.18 -22.16 -26.68
C SER F 618 -16.49 -21.10 -27.70
N GLY F 619 -15.58 -20.16 -27.86
CA GLY F 619 -15.79 -19.03 -28.74
C GLY F 619 -16.21 -17.81 -27.95
N LYS F 620 -16.17 -17.88 -26.64
CA LYS F 620 -16.52 -16.70 -25.85
C LYS F 620 -15.78 -15.45 -26.35
N THR F 621 -14.47 -15.56 -26.59
CA THR F 621 -13.76 -14.39 -27.08
C THR F 621 -14.11 -14.12 -28.54
N GLU F 622 -14.20 -15.18 -29.33
CA GLU F 622 -14.40 -15.00 -30.75
C GLU F 622 -15.73 -14.36 -31.02
N LEU F 623 -16.75 -14.70 -30.27
CA LEU F 623 -18.02 -14.11 -30.52
C LEU F 623 -17.92 -12.66 -30.19
N ALA F 624 -17.27 -12.33 -29.09
CA ALA F 624 -17.17 -10.92 -28.78
C ALA F 624 -16.54 -10.15 -29.95
N LYS F 625 -15.50 -10.72 -30.56
CA LYS F 625 -14.84 -10.07 -31.68
C LYS F 625 -15.70 -10.06 -32.94
N LYS F 626 -16.42 -11.16 -33.19
CA LYS F 626 -17.21 -11.27 -34.41
C LYS F 626 -18.40 -10.35 -34.32
N VAL F 627 -18.88 -10.10 -33.12
CA VAL F 627 -19.94 -9.12 -32.95
C VAL F 627 -19.39 -7.76 -33.31
N ALA F 628 -18.19 -7.40 -32.82
CA ALA F 628 -17.63 -6.10 -33.19
C ALA F 628 -17.40 -6.00 -34.71
N GLY F 629 -16.97 -7.12 -35.29
CA GLY F 629 -16.75 -7.22 -36.71
C GLY F 629 -18.04 -6.98 -37.47
N PHE F 630 -19.02 -7.80 -37.19
CA PHE F 630 -20.32 -7.79 -37.80
C PHE F 630 -21.04 -6.44 -37.67
N LEU F 631 -21.05 -5.88 -36.46
CA LEU F 631 -21.78 -4.65 -36.15
C LEU F 631 -21.09 -3.34 -36.46
N PHE F 632 -19.77 -3.26 -36.32
CA PHE F 632 -19.12 -1.97 -36.53
C PHE F 632 -18.13 -2.05 -37.67
N ASN F 633 -18.21 -3.16 -38.41
CA ASN F 633 -17.38 -3.50 -39.56
C ASN F 633 -15.91 -3.64 -39.22
N ASP F 634 -15.60 -3.96 -37.96
CA ASP F 634 -14.20 -4.09 -37.57
C ASP F 634 -14.09 -4.80 -36.24
N GLU F 635 -13.42 -5.94 -36.22
CA GLU F 635 -13.30 -6.74 -35.02
C GLU F 635 -12.55 -5.98 -33.93
N ASP F 636 -11.75 -4.98 -34.32
CA ASP F 636 -11.01 -4.14 -33.39
C ASP F 636 -11.95 -3.24 -32.58
N MET F 637 -13.23 -3.12 -32.95
CA MET F 637 -14.16 -2.27 -32.19
C MET F 637 -14.59 -2.91 -30.88
N MET F 638 -13.61 -3.05 -30.02
CA MET F 638 -13.70 -3.63 -28.72
C MET F 638 -12.68 -2.99 -27.78
N ILE F 639 -12.96 -3.00 -26.49
CA ILE F 639 -12.02 -2.44 -25.51
C ILE F 639 -11.65 -3.41 -24.41
N ARG F 640 -10.41 -3.85 -24.34
CA ARG F 640 -10.09 -4.82 -23.28
C ARG F 640 -9.85 -4.20 -21.91
N VAL F 641 -10.45 -4.85 -20.91
CA VAL F 641 -10.29 -4.53 -19.50
C VAL F 641 -9.90 -5.76 -18.69
N ASP F 642 -8.77 -5.66 -18.00
CA ASP F 642 -8.25 -6.80 -17.27
C ASP F 642 -8.84 -6.97 -15.89
N CYS F 643 -10.12 -7.35 -15.86
CA CYS F 643 -10.87 -7.51 -14.61
C CYS F 643 -10.27 -8.51 -13.65
N SER F 644 -9.72 -9.56 -14.23
CA SER F 644 -9.01 -10.60 -13.52
C SER F 644 -7.84 -10.05 -12.69
N GLU F 645 -7.39 -8.80 -12.95
CA GLU F 645 -6.28 -8.19 -12.25
C GLU F 645 -6.65 -6.89 -11.52
N LEU F 646 -7.91 -6.71 -11.13
CA LEU F 646 -8.29 -5.45 -10.48
C LEU F 646 -8.42 -5.46 -8.95
N SER F 647 -8.01 -4.31 -8.37
CA SER F 647 -8.08 -3.92 -6.96
C SER F 647 -8.33 -2.42 -6.94
N GLU F 648 -9.32 -1.94 -6.18
CA GLU F 648 -9.77 -0.53 -6.25
C GLU F 648 -8.72 0.56 -6.21
N LYS F 649 -7.63 0.34 -5.48
CA LYS F 649 -6.58 1.34 -5.35
C LYS F 649 -6.01 1.74 -6.69
N TYR F 650 -6.05 0.82 -7.64
CA TYR F 650 -5.53 1.05 -8.97
C TYR F 650 -6.61 0.86 -10.03
N ALA F 651 -7.62 0.04 -9.73
CA ALA F 651 -8.70 -0.27 -10.69
C ALA F 651 -9.36 1.00 -11.12
N VAL F 652 -9.46 1.94 -10.18
CA VAL F 652 -10.02 3.24 -10.43
C VAL F 652 -9.35 3.97 -11.60
N SER F 653 -8.08 3.64 -11.91
CA SER F 653 -7.37 4.27 -13.01
C SER F 653 -7.05 3.26 -14.13
N LYS F 654 -7.10 1.96 -13.80
CA LYS F 654 -6.74 0.87 -14.70
C LYS F 654 -7.85 0.50 -15.69
N LEU F 655 -9.11 0.60 -15.25
CA LEU F 655 -10.33 0.30 -16.02
C LEU F 655 -10.46 1.07 -17.36
N LEU F 671 -10.33 4.00 -14.87
CA LEU F 671 -11.47 4.48 -15.60
C LEU F 671 -10.98 5.42 -16.70
N THR F 672 -10.72 4.87 -17.90
CA THR F 672 -10.04 5.68 -18.92
C THR F 672 -10.74 5.98 -20.25
N ASN F 673 -9.96 6.68 -21.06
CA ASN F 673 -10.33 7.28 -22.33
C ASN F 673 -10.54 6.38 -23.51
N GLN F 674 -10.50 5.08 -23.32
CA GLN F 674 -10.75 4.22 -24.46
C GLN F 674 -12.16 4.47 -24.99
N LEU F 675 -13.08 4.84 -24.10
CA LEU F 675 -14.45 5.07 -24.53
C LEU F 675 -14.62 6.34 -25.37
N GLN F 676 -13.56 7.14 -25.48
CA GLN F 676 -13.57 8.38 -26.23
C GLN F 676 -13.17 8.14 -27.68
N TYR F 677 -12.57 6.97 -27.93
CA TYR F 677 -12.04 6.67 -29.24
C TYR F 677 -12.84 5.58 -29.89
N LYS F 678 -13.39 4.70 -29.07
CA LYS F 678 -14.22 3.65 -29.59
C LYS F 678 -15.56 3.62 -28.84
N PRO F 679 -16.41 4.64 -29.00
CA PRO F 679 -17.68 4.84 -28.32
C PRO F 679 -18.74 3.81 -28.68
N TYR F 680 -18.53 3.10 -29.78
CA TYR F 680 -19.44 2.05 -30.22
C TYR F 680 -18.86 0.68 -29.96
N SER F 681 -17.76 0.61 -29.26
CA SER F 681 -17.08 -0.65 -29.08
C SER F 681 -17.80 -1.69 -28.27
N VAL F 682 -17.27 -2.89 -28.37
CA VAL F 682 -17.69 -4.00 -27.57
C VAL F 682 -16.69 -4.13 -26.40
N LEU F 683 -17.08 -3.71 -25.22
CA LEU F 683 -16.10 -3.65 -24.15
C LEU F 683 -15.85 -5.08 -23.71
N LEU F 684 -14.59 -5.47 -23.50
CA LEU F 684 -14.27 -6.84 -23.12
C LEU F 684 -13.68 -6.91 -21.72
N PHE F 685 -14.49 -7.25 -20.75
CA PHE F 685 -14.05 -7.28 -19.37
C PHE F 685 -13.75 -8.71 -18.95
N ASP F 686 -12.47 -9.03 -18.83
CA ASP F 686 -12.10 -10.42 -18.58
C ASP F 686 -11.99 -10.85 -17.14
N GLU F 687 -12.84 -11.83 -16.80
CA GLU F 687 -13.00 -12.42 -15.46
C GLU F 687 -13.52 -11.41 -14.48
N VAL F 688 -14.71 -10.93 -14.75
CA VAL F 688 -15.32 -9.92 -13.91
C VAL F 688 -15.68 -10.51 -12.58
N GLU F 689 -15.83 -11.82 -12.57
CA GLU F 689 -16.08 -12.60 -11.38
C GLU F 689 -15.10 -12.33 -10.27
N LYS F 690 -13.83 -12.09 -10.62
CA LYS F 690 -12.82 -11.87 -9.60
C LYS F 690 -12.45 -10.41 -9.51
N ALA F 691 -13.22 -9.56 -10.17
CA ALA F 691 -12.97 -8.14 -10.15
C ALA F 691 -13.24 -7.61 -8.77
N HIS F 692 -12.52 -6.58 -8.41
CA HIS F 692 -12.78 -5.93 -7.17
C HIS F 692 -14.20 -5.36 -7.19
N PRO F 693 -14.96 -5.34 -6.08
CA PRO F 693 -16.26 -4.72 -5.99
C PRO F 693 -16.31 -3.32 -6.59
N ASP F 694 -15.20 -2.55 -6.56
CA ASP F 694 -15.21 -1.22 -7.17
C ASP F 694 -15.49 -1.28 -8.66
N VAL F 695 -14.98 -2.31 -9.28
CA VAL F 695 -15.12 -2.47 -10.71
C VAL F 695 -16.53 -2.79 -10.99
N LEU F 696 -17.03 -3.71 -10.20
CA LEU F 696 -18.36 -4.21 -10.34
C LEU F 696 -19.36 -3.07 -10.06
N THR F 697 -19.05 -2.23 -9.10
CA THR F 697 -19.91 -1.11 -8.78
C THR F 697 -19.97 -0.13 -9.95
N VAL F 698 -18.81 0.20 -10.53
CA VAL F 698 -18.83 1.09 -11.68
C VAL F 698 -19.58 0.39 -12.80
N MET F 699 -19.40 -0.92 -12.95
CA MET F 699 -20.15 -1.63 -13.96
C MET F 699 -21.65 -1.42 -13.76
N LEU F 700 -22.12 -1.36 -12.53
CA LEU F 700 -23.54 -1.12 -12.38
C LEU F 700 -23.89 0.25 -12.97
N GLN F 701 -23.00 1.23 -12.79
CA GLN F 701 -23.27 2.56 -13.35
C GLN F 701 -23.28 2.47 -14.88
N MET F 702 -22.34 1.69 -15.42
CA MET F 702 -22.19 1.47 -16.86
C MET F 702 -23.42 0.82 -17.43
N LEU F 703 -23.87 -0.21 -16.77
CA LEU F 703 -25.02 -0.93 -17.25
C LEU F 703 -26.22 0.01 -17.25
N ASP F 704 -26.29 0.94 -16.32
CA ASP F 704 -27.42 1.83 -16.32
C ASP F 704 -27.15 3.02 -17.27
N ASP F 705 -27.59 2.82 -18.50
CA ASP F 705 -27.45 3.71 -19.66
C ASP F 705 -26.02 4.12 -20.01
N GLY F 706 -25.04 3.24 -19.80
CA GLY F 706 -23.69 3.53 -20.22
C GLY F 706 -22.98 4.56 -19.35
N ARG F 707 -23.52 4.87 -18.16
CA ARG F 707 -22.94 5.95 -17.38
C ARG F 707 -21.66 5.59 -16.67
N ILE F 708 -20.63 5.33 -17.44
CA ILE F 708 -19.34 4.96 -16.89
C ILE F 708 -18.68 6.19 -16.33
N THR F 709 -18.27 6.17 -15.06
CA THR F 709 -17.55 7.30 -14.52
C THR F 709 -16.14 7.21 -15.05
N SER F 710 -15.55 8.31 -15.52
CA SER F 710 -14.19 8.25 -16.02
C SER F 710 -13.34 9.43 -15.58
N GLY F 711 -12.02 9.25 -15.61
CA GLY F 711 -11.15 10.35 -15.29
C GLY F 711 -11.41 10.88 -13.89
N GLN F 712 -11.72 12.16 -13.82
CA GLN F 712 -11.97 12.86 -12.56
C GLN F 712 -13.47 12.98 -12.23
N GLY F 713 -14.33 12.29 -12.99
CA GLY F 713 -15.78 12.36 -12.78
C GLY F 713 -16.59 12.60 -14.07
N LYS F 714 -15.98 12.31 -15.21
CA LYS F 714 -16.59 12.46 -16.53
C LYS F 714 -17.46 11.25 -16.88
N THR F 715 -18.72 11.45 -17.25
CA THR F 715 -19.56 10.30 -17.55
C THR F 715 -19.54 9.96 -19.05
N ILE F 716 -19.40 8.68 -19.40
CA ILE F 716 -19.41 8.28 -20.80
C ILE F 716 -20.78 8.17 -21.47
N ASP F 717 -21.77 7.57 -20.80
CA ASP F 717 -23.12 7.38 -21.36
C ASP F 717 -23.13 6.59 -22.65
N CYS F 718 -22.28 5.57 -22.76
CA CYS F 718 -22.28 4.83 -24.03
C CYS F 718 -23.35 3.78 -24.10
N SER F 719 -24.59 4.17 -24.18
CA SER F 719 -25.62 3.13 -24.28
C SER F 719 -25.68 2.55 -25.70
N ASN F 720 -24.87 3.13 -26.59
CA ASN F 720 -24.73 2.70 -27.96
C ASN F 720 -23.53 1.74 -28.07
N CYS F 721 -22.82 1.52 -26.95
CA CYS F 721 -21.69 0.59 -26.96
C CYS F 721 -22.25 -0.73 -26.52
N ILE F 722 -21.49 -1.78 -26.68
CA ILE F 722 -21.91 -3.08 -26.25
C ILE F 722 -20.99 -3.51 -25.17
N VAL F 723 -21.52 -4.04 -24.10
CA VAL F 723 -20.62 -4.47 -23.08
C VAL F 723 -20.54 -5.96 -22.91
N ILE F 724 -19.35 -6.48 -23.04
CA ILE F 724 -19.11 -7.87 -22.82
C ILE F 724 -18.24 -8.16 -21.63
N MET F 725 -18.79 -8.94 -20.75
CA MET F 725 -18.12 -9.34 -19.55
C MET F 725 -18.00 -10.83 -19.56
N THR F 726 -16.89 -11.33 -19.05
CA THR F 726 -16.73 -12.77 -19.01
C THR F 726 -16.50 -13.29 -17.61
N SER F 727 -16.89 -14.55 -17.45
CA SER F 727 -16.75 -15.31 -16.22
C SER F 727 -16.75 -16.79 -16.49
N ASN F 728 -16.09 -17.53 -15.63
CA ASN F 728 -16.10 -18.98 -15.72
C ASN F 728 -16.91 -19.56 -14.59
N LEU F 729 -17.66 -18.73 -13.90
CA LEU F 729 -18.43 -19.19 -12.76
C LEU F 729 -19.38 -20.28 -13.15
N GLY F 730 -20.12 -20.05 -14.21
CA GLY F 730 -21.11 -20.99 -14.69
C GLY F 730 -20.48 -22.29 -15.19
N ALA F 731 -19.15 -22.30 -15.39
CA ALA F 731 -18.45 -23.47 -15.87
C ALA F 731 -18.70 -24.64 -14.96
N GLU F 732 -19.00 -24.34 -13.68
CA GLU F 732 -19.26 -25.37 -12.70
C GLU F 732 -20.24 -26.41 -13.21
N PHE F 733 -21.23 -25.96 -13.98
CA PHE F 733 -22.24 -26.87 -14.50
C PHE F 733 -22.18 -26.99 -16.01
N ILE F 734 -21.61 -26.01 -16.68
CA ILE F 734 -21.53 -26.05 -18.15
C ILE F 734 -20.72 -27.28 -18.50
N ASN F 735 -19.70 -27.53 -17.68
CA ASN F 735 -18.80 -28.65 -17.81
C ASN F 735 -19.48 -30.01 -17.62
N SER F 736 -20.80 -30.03 -17.40
CA SER F 736 -21.53 -31.27 -17.33
C SER F 736 -21.55 -31.91 -18.71
N GLN F 737 -21.36 -31.09 -19.76
CA GLN F 737 -21.28 -31.60 -21.12
C GLN F 737 -22.41 -32.59 -21.43
N GLN F 738 -23.64 -32.24 -21.13
CA GLN F 738 -24.71 -33.21 -21.31
C GLN F 738 -25.22 -33.29 -22.74
N GLY F 739 -24.40 -33.90 -23.58
CA GLY F 739 -24.73 -34.04 -24.98
C GLY F 739 -24.05 -32.98 -25.83
N SER F 740 -24.71 -31.84 -25.97
CA SER F 740 -24.23 -30.73 -26.78
C SER F 740 -24.80 -29.40 -26.24
N LYS F 741 -26.03 -29.15 -26.59
CA LYS F 741 -26.75 -27.96 -26.15
C LYS F 741 -26.85 -28.02 -24.64
N ILE F 742 -26.73 -26.88 -23.97
CA ILE F 742 -26.87 -26.90 -22.52
C ILE F 742 -28.26 -27.46 -22.22
N GLN F 743 -28.30 -28.44 -21.33
CA GLN F 743 -29.51 -29.14 -20.98
C GLN F 743 -30.24 -28.62 -19.78
N GLU F 744 -31.41 -29.20 -19.59
CA GLU F 744 -32.25 -28.90 -18.47
C GLU F 744 -31.46 -29.27 -17.26
N SER F 745 -31.79 -28.68 -16.13
CA SER F 745 -31.10 -28.86 -14.85
C SER F 745 -29.74 -28.17 -14.89
N THR F 746 -28.87 -28.55 -15.81
CA THR F 746 -27.58 -27.90 -15.94
C THR F 746 -27.73 -26.40 -16.02
N LYS F 747 -28.60 -25.91 -16.91
CA LYS F 747 -28.77 -24.48 -17.07
C LYS F 747 -29.31 -23.77 -15.83
N ASN F 748 -29.99 -24.50 -14.96
CA ASN F 748 -30.57 -23.90 -13.79
C ASN F 748 -29.48 -23.80 -12.77
N LEU F 749 -28.68 -24.84 -12.75
CA LEU F 749 -27.57 -24.94 -11.86
C LEU F 749 -26.58 -23.86 -12.26
N VAL F 750 -26.46 -23.61 -13.57
CA VAL F 750 -25.58 -22.54 -14.00
C VAL F 750 -26.06 -21.25 -13.42
N MET F 751 -27.35 -20.95 -13.50
CA MET F 751 -27.74 -19.69 -12.88
C MET F 751 -27.51 -19.70 -11.38
N GLY F 752 -27.63 -20.88 -10.77
CA GLY F 752 -27.35 -20.98 -9.35
C GLY F 752 -25.89 -20.59 -9.12
N ALA F 753 -25.00 -21.03 -10.02
CA ALA F 753 -23.59 -20.69 -9.94
C ALA F 753 -23.38 -19.20 -10.19
N VAL F 754 -24.09 -18.63 -11.15
CA VAL F 754 -23.89 -17.24 -11.50
C VAL F 754 -24.16 -16.33 -10.33
N ARG F 755 -25.23 -16.65 -9.63
CA ARG F 755 -25.69 -15.89 -8.50
C ARG F 755 -24.72 -15.95 -7.30
N GLN F 756 -23.67 -16.77 -7.37
CA GLN F 756 -22.66 -16.83 -6.33
C GLN F 756 -21.91 -15.51 -6.23
N HIS F 757 -21.75 -14.84 -7.36
CA HIS F 757 -21.02 -13.59 -7.34
C HIS F 757 -21.78 -12.48 -8.02
N PHE F 758 -22.74 -12.81 -8.84
CA PHE F 758 -23.44 -11.76 -9.53
C PHE F 758 -24.76 -11.49 -8.89
N ARG F 759 -24.81 -10.38 -8.20
CA ARG F 759 -25.98 -9.98 -7.48
C ARG F 759 -27.03 -9.62 -8.52
N PRO F 760 -28.33 -9.59 -8.16
CA PRO F 760 -29.44 -9.12 -8.99
C PRO F 760 -29.14 -7.76 -9.59
N GLU F 761 -28.26 -7.03 -8.92
CA GLU F 761 -27.80 -5.73 -9.33
C GLU F 761 -27.22 -5.80 -10.74
N PHE F 762 -26.62 -6.94 -11.08
CA PHE F 762 -26.01 -7.13 -12.38
C PHE F 762 -26.91 -7.96 -13.23
N LEU F 763 -27.47 -9.00 -12.64
CA LEU F 763 -28.21 -9.96 -13.43
C LEU F 763 -29.47 -9.38 -14.03
N ASN F 764 -30.05 -8.39 -13.38
CA ASN F 764 -31.26 -7.78 -13.89
C ASN F 764 -30.96 -6.49 -14.66
N ARG F 765 -29.69 -6.25 -15.00
CA ARG F 765 -29.33 -5.08 -15.79
C ARG F 765 -28.72 -5.50 -17.12
N ILE F 766 -27.98 -6.60 -17.09
CA ILE F 766 -27.29 -7.16 -18.26
C ILE F 766 -28.36 -7.68 -19.23
N SER F 767 -28.23 -7.38 -20.53
CA SER F 767 -29.28 -7.77 -21.47
C SER F 767 -29.40 -9.26 -21.61
N SER F 768 -28.32 -9.97 -21.39
CA SER F 768 -28.43 -11.42 -21.34
C SER F 768 -27.24 -12.04 -20.67
N ILE F 769 -27.52 -13.07 -19.94
CA ILE F 769 -26.45 -13.87 -19.43
C ILE F 769 -26.40 -14.83 -20.57
N VAL F 770 -25.24 -15.10 -21.10
CA VAL F 770 -25.15 -15.94 -22.25
C VAL F 770 -24.35 -17.17 -21.97
N ILE F 771 -24.93 -18.32 -22.23
CA ILE F 771 -24.21 -19.55 -21.96
C ILE F 771 -23.89 -20.25 -23.26
N PHE F 772 -22.63 -20.53 -23.48
CA PHE F 772 -22.22 -21.25 -24.68
C PHE F 772 -22.42 -22.73 -24.52
N ASN F 773 -22.69 -23.39 -25.62
CA ASN F 773 -22.93 -24.81 -25.63
C ASN F 773 -21.64 -25.57 -25.77
N LYS F 774 -21.68 -26.86 -25.54
CA LYS F 774 -20.52 -27.64 -25.85
C LYS F 774 -20.25 -27.38 -27.31
N LEU F 775 -19.05 -27.03 -27.66
CA LEU F 775 -18.88 -26.77 -29.07
C LEU F 775 -18.81 -28.14 -29.73
N SER F 776 -19.92 -28.51 -30.35
CA SER F 776 -20.19 -29.83 -30.94
C SER F 776 -19.37 -30.22 -32.13
N ARG F 777 -19.35 -31.51 -32.43
CA ARG F 777 -18.66 -32.06 -33.59
C ARG F 777 -19.18 -31.47 -34.91
N LYS F 778 -20.46 -31.14 -34.95
CA LYS F 778 -21.01 -30.52 -36.13
C LYS F 778 -20.28 -29.20 -36.34
N ALA F 779 -20.16 -28.44 -35.24
CA ALA F 779 -19.46 -27.16 -35.29
C ALA F 779 -18.02 -27.37 -35.69
N ILE F 780 -17.42 -28.44 -35.21
CA ILE F 780 -16.03 -28.69 -35.50
C ILE F 780 -15.80 -28.82 -36.98
N HIS F 781 -16.68 -29.49 -37.70
CA HIS F 781 -16.43 -29.58 -39.12
C HIS F 781 -16.36 -28.21 -39.77
N LYS F 782 -17.26 -27.32 -39.37
CA LYS F 782 -17.23 -25.97 -39.94
C LYS F 782 -16.02 -25.18 -39.44
N ILE F 783 -15.64 -25.38 -38.18
CA ILE F 783 -14.53 -24.65 -37.61
C ILE F 783 -13.27 -25.00 -38.32
N VAL F 784 -13.09 -26.27 -38.60
CA VAL F 784 -11.91 -26.66 -39.31
C VAL F 784 -11.79 -25.92 -40.61
N ASP F 785 -12.86 -25.78 -41.36
CA ASP F 785 -12.73 -25.02 -42.59
C ASP F 785 -12.20 -23.62 -42.30
N ILE F 786 -12.68 -23.00 -41.22
CA ILE F 786 -12.24 -21.66 -40.88
C ILE F 786 -10.77 -21.61 -40.52
N ARG F 787 -10.32 -22.55 -39.71
CA ARG F 787 -8.92 -22.55 -39.31
C ARG F 787 -8.01 -22.82 -40.47
N LEU F 788 -8.42 -23.69 -41.36
CA LEU F 788 -7.54 -24.00 -42.46
C LEU F 788 -7.38 -22.75 -43.30
N LYS F 789 -8.48 -21.99 -43.45
CA LYS F 789 -8.44 -20.74 -44.16
C LYS F 789 -7.51 -19.79 -43.43
N GLU F 790 -7.67 -19.69 -42.11
CA GLU F 790 -6.82 -18.82 -41.31
C GLU F 790 -5.36 -19.09 -41.51
N ILE F 791 -4.98 -20.35 -41.56
CA ILE F 791 -3.58 -20.66 -41.71
C ILE F 791 -3.04 -20.07 -43.00
N GLU F 792 -3.80 -20.15 -44.07
CA GLU F 792 -3.31 -19.51 -45.28
C GLU F 792 -3.22 -17.99 -45.05
N GLU F 793 -4.23 -17.43 -44.40
CA GLU F 793 -4.25 -15.98 -44.19
C GLU F 793 -3.08 -15.52 -43.33
N ARG F 794 -2.70 -16.35 -42.40
CA ARG F 794 -1.59 -16.14 -41.49
C ARG F 794 -0.27 -15.97 -42.19
N PHE F 795 -0.16 -16.51 -43.38
CA PHE F 795 1.12 -16.48 -44.02
C PHE F 795 1.47 -15.18 -44.66
N GLU F 796 1.99 -14.31 -43.81
CA GLU F 796 2.42 -12.98 -44.20
C GLU F 796 3.50 -13.04 -45.29
N GLN F 797 4.22 -14.16 -45.35
CA GLN F 797 5.22 -14.35 -46.35
C GLN F 797 4.55 -15.11 -47.47
N ASN F 798 4.41 -14.45 -48.60
CA ASN F 798 3.62 -14.94 -49.72
C ASN F 798 4.02 -16.29 -50.27
N ASP F 799 5.28 -16.66 -50.13
CA ASP F 799 5.72 -17.97 -50.63
C ASP F 799 5.03 -19.11 -49.93
N LYS F 800 4.56 -18.90 -48.71
CA LYS F 800 4.00 -20.02 -48.01
C LYS F 800 2.54 -20.20 -48.39
N HIS F 801 2.33 -20.71 -49.59
CA HIS F 801 1.00 -20.88 -50.14
C HIS F 801 0.74 -22.37 -50.28
N TYR F 802 -0.38 -22.86 -49.72
CA TYR F 802 -0.64 -24.31 -49.75
C TYR F 802 -2.05 -24.76 -50.09
N LYS F 803 -2.15 -26.03 -50.48
CA LYS F 803 -3.45 -26.66 -50.71
C LYS F 803 -3.59 -27.90 -49.84
N LEU F 804 -4.82 -28.24 -49.50
CA LEU F 804 -5.04 -29.39 -48.64
C LEU F 804 -5.68 -30.55 -49.38
N ASN F 805 -4.88 -31.57 -49.62
CA ASN F 805 -5.37 -32.70 -50.37
C ASN F 805 -6.26 -33.41 -49.40
N LEU F 806 -7.35 -33.99 -49.84
CA LEU F 806 -8.18 -34.67 -48.88
C LEU F 806 -8.51 -33.74 -47.74
N THR F 807 -8.88 -32.50 -48.05
CA THR F 807 -9.22 -31.55 -47.01
C THR F 807 -10.18 -32.19 -46.03
N GLN F 808 -11.16 -32.93 -46.54
CA GLN F 808 -12.14 -33.61 -45.71
C GLN F 808 -11.50 -34.63 -44.77
N GLU F 809 -10.44 -35.28 -45.20
CA GLU F 809 -9.84 -36.24 -44.32
C GLU F 809 -9.07 -35.49 -43.28
N ALA F 810 -8.49 -34.37 -43.69
CA ALA F 810 -7.76 -33.58 -42.72
C ALA F 810 -8.75 -33.14 -41.66
N LYS F 811 -9.93 -32.74 -42.11
CA LYS F 811 -11.00 -32.33 -41.24
C LYS F 811 -11.36 -33.45 -40.32
N ASP F 812 -11.43 -34.67 -40.84
CA ASP F 812 -11.76 -35.81 -40.03
C ASP F 812 -10.75 -35.94 -38.94
N PHE F 813 -9.47 -35.89 -39.29
CA PHE F 813 -8.46 -36.02 -38.27
C PHE F 813 -8.54 -34.87 -37.28
N LEU F 814 -8.79 -33.67 -37.76
CA LEU F 814 -8.90 -32.55 -36.85
C LEU F 814 -10.07 -32.73 -35.89
N ALA F 815 -11.16 -33.27 -36.36
CA ALA F 815 -12.30 -33.49 -35.49
C ALA F 815 -12.15 -34.77 -34.65
N LYS F 816 -11.48 -35.77 -35.19
CA LYS F 816 -11.36 -37.08 -34.58
C LYS F 816 -10.20 -37.24 -33.61
N TYR F 817 -9.02 -36.78 -34.00
CA TYR F 817 -7.83 -36.93 -33.19
C TYR F 817 -7.41 -35.59 -32.61
N GLY F 818 -8.20 -34.58 -32.89
CA GLY F 818 -7.98 -33.22 -32.44
C GLY F 818 -9.04 -32.83 -31.43
N TYR F 819 -10.13 -32.30 -31.92
CA TYR F 819 -11.25 -31.90 -31.08
C TYR F 819 -11.58 -32.72 -29.86
N SER F 820 -10.91 -32.43 -28.76
CA SER F 820 -11.36 -32.93 -27.49
C SER F 820 -12.68 -32.30 -27.15
N ASP F 821 -13.58 -33.13 -26.70
CA ASP F 821 -14.89 -32.73 -26.26
C ASP F 821 -14.86 -31.66 -25.17
N ASP F 822 -13.78 -31.63 -24.39
CA ASP F 822 -13.68 -30.73 -23.26
C ASP F 822 -12.88 -29.44 -23.48
N MET F 823 -12.36 -29.21 -24.69
CA MET F 823 -11.54 -28.02 -24.93
C MET F 823 -12.04 -27.21 -26.11
N GLY F 824 -13.24 -27.53 -26.56
CA GLY F 824 -13.82 -26.85 -27.68
C GLY F 824 -12.94 -26.95 -28.90
N ALA F 825 -12.66 -25.80 -29.51
CA ALA F 825 -11.84 -25.74 -30.72
C ALA F 825 -10.34 -25.63 -30.44
N ARG F 826 -9.96 -25.55 -29.17
CA ARG F 826 -8.55 -25.45 -28.82
C ARG F 826 -7.67 -26.46 -29.57
N PRO F 827 -8.01 -27.75 -29.46
CA PRO F 827 -7.33 -28.87 -30.04
C PRO F 827 -7.23 -28.81 -31.54
N LEU F 828 -8.05 -28.01 -32.20
CA LEU F 828 -7.97 -27.98 -33.64
C LEU F 828 -6.78 -27.12 -33.97
N ASN F 829 -6.59 -26.09 -33.18
CA ASN F 829 -5.48 -25.21 -33.45
C ASN F 829 -4.21 -25.96 -33.11
N ARG F 830 -4.27 -26.70 -32.00
CA ARG F 830 -3.11 -27.45 -31.60
C ARG F 830 -2.79 -28.57 -32.55
N LEU F 831 -3.78 -29.29 -33.02
CA LEU F 831 -3.46 -30.41 -33.88
C LEU F 831 -2.90 -29.96 -35.20
N ILE F 832 -3.44 -28.89 -35.76
CA ILE F 832 -2.87 -28.45 -37.01
C ILE F 832 -1.41 -28.14 -36.78
N GLN F 833 -1.12 -27.42 -35.72
CA GLN F 833 0.27 -27.16 -35.52
C GLN F 833 1.09 -28.40 -35.27
N ASN F 834 0.57 -29.31 -34.44
CA ASN F 834 1.30 -30.49 -34.04
C ASN F 834 1.69 -31.40 -35.18
N GLU F 835 0.80 -31.60 -36.14
CA GLU F 835 1.11 -32.51 -37.23
C GLU F 835 1.34 -31.86 -38.58
N ILE F 836 0.91 -30.62 -38.78
CA ILE F 836 1.10 -29.99 -40.08
C ILE F 836 2.21 -28.96 -40.04
N LEU F 837 2.05 -27.96 -39.19
CA LEU F 837 2.99 -26.86 -39.26
C LEU F 837 4.36 -27.32 -38.81
N ASN F 838 4.42 -28.17 -37.80
CA ASN F 838 5.72 -28.62 -37.33
C ASN F 838 6.48 -29.34 -38.41
N LYS F 839 5.77 -30.18 -39.15
CA LYS F 839 6.45 -30.95 -40.14
C LYS F 839 6.85 -30.02 -41.28
N LEU F 840 6.00 -29.03 -41.56
CA LEU F 840 6.34 -28.10 -42.60
C LEU F 840 7.57 -27.33 -42.27
N ALA F 841 7.69 -26.90 -41.04
CA ALA F 841 8.85 -26.11 -40.70
C ALA F 841 10.10 -26.87 -41.03
N LEU F 842 10.11 -28.16 -40.74
CA LEU F 842 11.30 -28.91 -41.05
C LEU F 842 11.52 -28.96 -42.57
N ARG F 843 10.47 -29.28 -43.32
CA ARG F 843 10.61 -29.42 -44.77
C ARG F 843 11.00 -28.10 -45.43
N ILE F 844 10.58 -27.01 -44.82
CA ILE F 844 10.96 -25.70 -45.29
C ILE F 844 12.44 -25.49 -45.06
N LEU F 845 12.90 -25.75 -43.85
CA LEU F 845 14.29 -25.54 -43.51
C LEU F 845 15.21 -26.49 -44.26
N LYS F 846 14.69 -27.66 -44.61
CA LYS F 846 15.43 -28.65 -45.39
C LYS F 846 15.40 -28.35 -46.88
N ASN F 847 14.76 -27.26 -47.28
CA ASN F 847 14.63 -26.89 -48.66
C ASN F 847 13.92 -27.94 -49.50
N GLU F 848 12.91 -28.57 -48.93
CA GLU F 848 12.11 -29.52 -49.68
C GLU F 848 10.90 -28.81 -50.25
N ILE F 849 10.42 -27.80 -49.54
CA ILE F 849 9.22 -27.10 -49.96
C ILE F 849 9.33 -25.59 -50.12
N LYS F 850 9.03 -25.09 -51.31
CA LYS F 850 9.08 -23.65 -51.60
C LYS F 850 7.74 -22.93 -51.62
N ASP F 851 6.83 -23.37 -52.48
CA ASP F 851 5.54 -22.69 -52.68
C ASP F 851 4.56 -23.62 -53.39
N LYS F 852 3.25 -23.37 -53.19
CA LYS F 852 2.15 -24.16 -53.79
C LYS F 852 2.27 -25.60 -53.31
N GLU F 853 2.56 -25.72 -52.04
CA GLU F 853 2.75 -26.97 -51.35
C GLU F 853 1.45 -27.61 -51.06
N THR F 854 1.44 -28.91 -50.81
CA THR F 854 0.17 -29.48 -50.47
C THR F 854 0.28 -30.40 -49.25
N VAL F 855 -0.86 -30.73 -48.67
CA VAL F 855 -0.92 -31.62 -47.52
C VAL F 855 -1.75 -32.88 -47.75
N ASN F 856 -1.20 -34.05 -47.39
CA ASN F 856 -1.90 -35.33 -47.49
C ASN F 856 -2.26 -35.87 -46.09
N VAL F 857 -2.98 -37.01 -46.04
CA VAL F 857 -3.39 -37.63 -44.77
C VAL F 857 -3.16 -39.15 -44.73
N VAL F 858 -2.44 -39.66 -43.72
CA VAL F 858 -2.20 -41.09 -43.59
C VAL F 858 -2.45 -41.50 -42.14
N LEU F 859 -2.30 -42.79 -41.84
CA LEU F 859 -2.41 -43.34 -40.49
C LEU F 859 -2.04 -44.82 -40.53
N GLU F 874 -2.09 -40.00 -38.74
CA GLU F 874 -0.84 -39.30 -38.91
C GLU F 874 -0.89 -38.41 -40.16
N GLU F 875 -0.94 -37.11 -39.98
CA GLU F 875 -1.03 -36.26 -41.16
C GLU F 875 0.25 -36.44 -41.97
N CYS F 876 0.15 -36.28 -43.29
CA CYS F 876 1.30 -36.44 -44.15
C CYS F 876 1.51 -35.29 -45.08
N LEU F 877 2.48 -34.48 -44.81
CA LEU F 877 2.70 -33.37 -45.71
C LEU F 877 3.27 -33.91 -46.98
N GLU F 878 2.94 -33.29 -48.09
CA GLU F 878 3.58 -33.68 -49.31
C GLU F 878 4.94 -33.07 -49.41
N VAL F 879 5.65 -33.57 -50.38
CA VAL F 879 6.98 -33.05 -50.66
C VAL F 879 7.07 -32.52 -52.07
N LEU F 880 7.45 -31.27 -52.20
CA LEU F 880 7.58 -30.67 -53.49
C LEU F 880 8.93 -30.98 -54.08
N PRO F 881 9.11 -30.81 -55.39
CA PRO F 881 10.39 -30.86 -56.01
C PRO F 881 11.23 -29.89 -55.25
N ASN F 882 12.54 -30.09 -55.25
CA ASN F 882 13.43 -29.28 -54.46
C ASN F 882 13.09 -27.80 -54.54
N HIS F 883 13.20 -27.15 -53.39
CA HIS F 883 12.91 -25.74 -53.20
C HIS F 883 13.60 -24.90 -54.24
N GLU F 884 12.85 -23.95 -54.80
CA GLU F 884 13.34 -23.02 -55.81
C GLU F 884 13.33 -21.60 -55.26
N UNK G 1 19.75 44.64 -19.32
CA UNK G 1 19.28 45.10 -18.00
C UNK G 1 19.12 43.93 -17.03
N UNK G 2 18.12 43.11 -17.28
CA UNK G 2 17.83 41.94 -16.48
C UNK G 2 16.91 41.00 -17.24
N UNK G 3 16.90 39.76 -16.80
CA UNK G 3 15.98 38.73 -17.27
C UNK G 3 16.22 37.50 -16.44
N UNK G 4 17.50 37.12 -16.39
CA UNK G 4 17.92 35.96 -15.62
C UNK G 4 17.15 34.72 -16.03
N UNK G 5 17.23 33.72 -15.18
CA UNK G 5 16.56 32.45 -15.29
C UNK G 5 16.76 31.78 -13.96
N UNK G 6 15.95 30.82 -13.57
CA UNK G 6 16.27 30.09 -12.35
C UNK G 6 15.55 28.80 -12.25
N UNK G 7 16.17 27.85 -11.59
CA UNK G 7 15.51 26.60 -11.28
C UNK G 7 14.65 26.81 -10.07
N UNK G 8 13.80 25.84 -9.78
CA UNK G 8 12.97 25.89 -8.59
C UNK G 8 12.71 24.49 -8.08
N UNK G 9 12.44 24.40 -6.79
CA UNK G 9 12.26 23.11 -6.15
C UNK G 9 10.95 22.40 -6.39
N UNK G 10 10.78 21.90 -7.59
CA UNK G 10 9.60 21.07 -7.84
C UNK G 10 9.84 19.80 -7.04
N UNK G 11 8.81 19.20 -6.45
CA UNK G 11 9.04 17.99 -5.67
C UNK G 11 7.79 17.19 -5.38
N UNK G 12 7.97 15.92 -5.02
CA UNK G 12 6.87 15.09 -4.58
C UNK G 12 7.36 13.99 -3.66
N UNK G 13 6.48 13.54 -2.76
CA UNK G 13 6.74 12.40 -1.87
C UNK G 13 6.31 11.08 -2.51
N UNK G 14 5.81 11.16 -3.73
CA UNK G 14 5.26 10.03 -4.46
C UNK G 14 4.20 9.35 -3.61
N UNK G 15 4.19 8.04 -3.55
CA UNK G 15 3.16 7.33 -2.81
C UNK G 15 3.52 5.89 -2.61
N UNK G 16 2.86 5.22 -1.69
CA UNK G 16 3.10 3.78 -1.60
C UNK G 16 1.88 3.06 -1.07
N UNK G 17 1.59 1.90 -1.65
CA UNK G 17 0.44 1.09 -1.25
C UNK G 17 0.75 0.22 -0.06
N UNK G 18 -0.23 0.03 0.80
CA UNK G 18 -0.05 -0.78 1.98
C UNK G 18 -0.27 -2.28 1.83
N UNK G 19 -0.74 -2.72 0.67
CA UNK G 19 -0.98 -4.15 0.34
C UNK G 19 -2.03 -4.89 1.19
N UNK G 20 -1.83 -4.97 2.49
CA UNK G 20 -2.70 -5.74 3.39
C UNK G 20 -2.75 -7.18 2.97
N UNK G 21 -3.93 -7.63 2.56
CA UNK G 21 -4.24 -8.99 2.14
C UNK G 21 -4.29 -9.91 3.32
N UNK G 22 -5.25 -10.80 3.32
CA UNK G 22 -5.38 -11.73 4.41
C UNK G 22 -6.21 -12.87 3.98
N UNK G 23 -6.01 -13.99 4.61
CA UNK G 23 -6.87 -15.10 4.31
C UNK G 23 -6.82 -16.11 5.41
N UNK G 24 -7.88 -16.89 5.47
CA UNK G 24 -8.01 -17.98 6.39
C UNK G 24 -9.26 -18.75 6.08
N UNK G 25 -10.37 -18.34 6.72
CA UNK G 25 -11.65 -19.01 6.59
C UNK G 25 -11.50 -20.48 6.97
N UNK G 26 -10.64 -20.72 7.97
CA UNK G 26 -10.30 -22.05 8.44
C UNK G 26 -11.13 -22.45 9.65
#